data_1ZCF
#
_entry.id   1ZCF
#
_cell.length_a   76.643
_cell.length_b   141.992
_cell.length_c   260.391
_cell.angle_alpha   90.00
_cell.angle_beta   90.00
_cell.angle_gamma   90.00
#
_symmetry.space_group_name_H-M   'P 21 21 21'
#
_entity_poly.entity_id   1
_entity_poly.type   'polypeptide(L)'
_entity_poly.pdbx_seq_one_letter_code
;AENLPNIVILATGGTIAGSAAANTQTTGYKAGALGVETLIQAVPELKTLANIKGEQVASIGSENMTSDVLLTLSKRVNEL
LARSDVDGVVITHGTDTLDESPYFLNLTVKSDKPVVFVAAMRPATAISADGPMNLYGAVKVAADKNSRGRGVLVVLNDRI
GSARFISKTNASTLDTFKAPEEGYLGVIIGDKIYYQTRLDKVHTTRSVFDVTNVDKLPAVDIIYGYQDDPEYMYDASIKH
GVKGIVYAGMGAGSVSKRGDAGIRKAESKGIVVVRSSRTGSGIVPPDAGQPGLVADSLSPAKSRILLMLALTKTTNPAVI
QDYFHAY
;
_entity_poly.pdbx_strand_id   A,B,C,D,E,F,G,H
#
# COMPACT_ATOMS: atom_id res chain seq x y z
N ASN A 3 -29.14 1.31 10.02
CA ASN A 3 -30.39 0.62 9.61
C ASN A 3 -30.59 0.67 8.10
N LEU A 4 -29.60 0.14 7.37
CA LEU A 4 -29.63 0.12 5.91
C LEU A 4 -30.74 -0.77 5.37
N PRO A 5 -31.26 -0.45 4.17
CA PRO A 5 -32.34 -1.21 3.55
C PRO A 5 -31.98 -2.64 3.12
N ASN A 6 -33.03 -3.37 2.79
CA ASN A 6 -32.89 -4.75 2.36
C ASN A 6 -33.13 -4.81 0.85
N ILE A 7 -32.15 -5.34 0.13
CA ILE A 7 -32.25 -5.44 -1.32
C ILE A 7 -32.01 -6.84 -1.87
N VAL A 8 -32.92 -7.27 -2.74
CA VAL A 8 -32.85 -8.58 -3.36
C VAL A 8 -32.34 -8.48 -4.79
N ILE A 9 -31.58 -9.49 -5.20
CA ILE A 9 -31.02 -9.54 -6.55
C ILE A 9 -31.52 -10.76 -7.33
N LEU A 10 -32.38 -10.51 -8.31
CA LEU A 10 -32.89 -11.60 -9.11
C LEU A 10 -31.97 -11.78 -10.32
N ALA A 11 -31.25 -12.88 -10.32
CA ALA A 11 -30.32 -13.17 -11.41
C ALA A 11 -30.97 -13.89 -12.59
N THR A 12 -30.48 -13.60 -13.79
CA THR A 12 -31.00 -14.23 -15.01
C THR A 12 -29.80 -14.69 -15.85
N GLY A 13 -28.61 -14.46 -15.31
CA GLY A 13 -27.39 -14.83 -16.01
C GLY A 13 -26.87 -13.65 -16.80
N GLY A 14 -26.63 -13.85 -18.10
CA GLY A 14 -26.16 -12.77 -18.95
C GLY A 14 -24.67 -12.69 -19.17
N THR A 15 -24.25 -11.64 -19.90
CA THR A 15 -22.84 -11.43 -20.20
C THR A 15 -22.00 -11.00 -18.99
N ILE A 16 -22.67 -10.57 -17.92
CA ILE A 16 -21.97 -10.15 -16.69
C ILE A 16 -21.60 -11.37 -15.86
N ALA A 17 -22.04 -12.53 -16.32
CA ALA A 17 -21.74 -13.79 -15.63
C ALA A 17 -20.93 -14.73 -16.52
N GLY A 18 -20.44 -14.21 -17.65
CA GLY A 18 -19.67 -15.02 -18.59
C GLY A 18 -18.20 -15.24 -18.27
N SER A 19 -17.64 -16.33 -18.80
CA SER A 19 -16.23 -16.67 -18.55
C SER A 19 -15.49 -17.13 -19.81
N ALA A 20 -14.16 -17.13 -19.73
CA ALA A 20 -13.30 -17.55 -20.84
C ALA A 20 -11.94 -18.06 -20.34
N ALA A 21 -11.00 -18.26 -21.26
CA ALA A 21 -9.67 -18.75 -20.93
C ALA A 21 -8.68 -17.65 -20.54
N ALA A 22 -8.03 -17.07 -21.55
CA ALA A 22 -7.06 -16.00 -21.35
C ALA A 22 -7.65 -14.70 -20.84
N ASN A 23 -6.83 -13.97 -20.09
CA ASN A 23 -7.20 -12.70 -19.49
C ASN A 23 -7.64 -11.67 -20.53
N THR A 24 -7.25 -11.89 -21.79
CA THR A 24 -7.58 -10.97 -22.87
C THR A 24 -8.80 -11.38 -23.71
N GLN A 25 -9.47 -12.44 -23.28
CA GLN A 25 -10.63 -12.93 -24.01
C GLN A 25 -11.85 -12.03 -23.82
N THR A 26 -12.42 -11.59 -24.94
CA THR A 26 -13.61 -10.74 -24.93
C THR A 26 -14.40 -10.90 -26.24
N THR A 27 -14.48 -12.14 -26.74
CA THR A 27 -15.19 -12.42 -27.99
C THR A 27 -15.71 -13.86 -28.07
N GLY A 28 -15.03 -14.78 -27.40
CA GLY A 28 -15.45 -16.17 -27.42
C GLY A 28 -15.50 -16.74 -26.01
N TYR A 29 -16.67 -16.64 -25.39
CA TYR A 29 -16.84 -17.13 -24.02
C TYR A 29 -18.25 -17.67 -23.79
N LYS A 30 -18.42 -18.45 -22.72
CA LYS A 30 -19.73 -18.99 -22.38
C LYS A 30 -20.39 -17.93 -21.50
N ALA A 31 -21.71 -17.85 -21.58
CA ALA A 31 -22.44 -16.87 -20.80
C ALA A 31 -23.26 -17.47 -19.65
N GLY A 32 -23.60 -16.62 -18.69
CA GLY A 32 -24.38 -17.05 -17.55
C GLY A 32 -23.72 -18.12 -16.70
N ALA A 33 -22.56 -18.60 -17.15
CA ALA A 33 -21.80 -19.64 -16.47
C ALA A 33 -21.62 -19.46 -14.96
N LEU A 34 -21.72 -18.23 -14.46
CA LEU A 34 -21.56 -17.99 -13.03
C LEU A 34 -22.87 -17.72 -12.32
N GLY A 35 -22.83 -17.80 -10.99
CA GLY A 35 -24.02 -17.58 -10.20
C GLY A 35 -24.03 -16.34 -9.34
N VAL A 36 -25.24 -15.92 -8.96
CA VAL A 36 -25.44 -14.76 -8.12
C VAL A 36 -24.56 -14.85 -6.88
N GLU A 37 -24.36 -16.08 -6.40
CA GLU A 37 -23.55 -16.29 -5.22
C GLU A 37 -22.14 -15.69 -5.36
N THR A 38 -21.38 -16.22 -6.31
CA THR A 38 -20.00 -15.76 -6.53
C THR A 38 -19.81 -14.30 -6.96
N LEU A 39 -20.75 -13.75 -7.71
CA LEU A 39 -20.63 -12.35 -8.17
C LEU A 39 -20.61 -11.35 -7.01
N ILE A 40 -21.26 -11.72 -5.91
CA ILE A 40 -21.29 -10.88 -4.73
C ILE A 40 -19.98 -11.05 -3.96
N GLN A 41 -19.48 -12.27 -3.96
CA GLN A 41 -18.23 -12.61 -3.28
C GLN A 41 -17.12 -11.75 -3.85
N ALA A 42 -17.30 -11.34 -5.10
CA ALA A 42 -16.31 -10.51 -5.78
C ALA A 42 -16.34 -9.05 -5.33
N VAL A 43 -17.49 -8.58 -4.84
CA VAL A 43 -17.61 -7.18 -4.41
C VAL A 43 -18.05 -6.97 -2.94
N PRO A 44 -17.11 -7.14 -2.00
CA PRO A 44 -17.29 -6.98 -0.54
C PRO A 44 -17.85 -5.64 -0.11
N GLU A 45 -17.41 -4.60 -0.81
CA GLU A 45 -17.83 -3.24 -0.52
C GLU A 45 -19.34 -3.09 -0.54
N LEU A 46 -20.04 -4.05 -1.13
CA LEU A 46 -21.49 -3.97 -1.16
C LEU A 46 -22.08 -4.00 0.24
N LYS A 47 -21.50 -4.86 1.09
CA LYS A 47 -21.94 -4.99 2.47
C LYS A 47 -22.17 -3.61 3.10
N THR A 48 -21.33 -2.67 2.70
CA THR A 48 -21.39 -1.29 3.18
C THR A 48 -22.72 -0.59 2.90
N LEU A 49 -23.39 -1.00 1.82
CA LEU A 49 -24.64 -0.34 1.43
C LEU A 49 -25.96 -0.90 1.95
N ALA A 50 -26.12 -2.22 1.96
CA ALA A 50 -27.38 -2.80 2.43
C ALA A 50 -27.31 -4.30 2.65
N ASN A 51 -28.40 -4.85 3.19
CA ASN A 51 -28.53 -6.29 3.47
C ASN A 51 -29.00 -6.97 2.20
N ILE A 52 -28.13 -7.76 1.58
CA ILE A 52 -28.46 -8.41 0.31
C ILE A 52 -28.70 -9.92 0.27
N LYS A 53 -29.59 -10.30 -0.65
CA LYS A 53 -29.95 -11.69 -0.91
C LYS A 53 -29.87 -11.88 -2.42
N GLY A 54 -29.67 -13.13 -2.85
CA GLY A 54 -29.58 -13.42 -4.26
C GLY A 54 -30.56 -14.51 -4.65
N GLU A 55 -31.06 -14.46 -5.88
CA GLU A 55 -32.03 -15.45 -6.32
C GLU A 55 -31.99 -15.67 -7.82
N GLN A 56 -31.60 -16.89 -8.22
CA GLN A 56 -31.48 -17.28 -9.62
C GLN A 56 -32.84 -17.59 -10.28
N VAL A 57 -33.07 -17.05 -11.46
CA VAL A 57 -34.32 -17.26 -12.18
C VAL A 57 -34.05 -17.89 -13.55
N ALA A 58 -32.80 -17.78 -13.99
CA ALA A 58 -32.37 -18.32 -15.27
C ALA A 58 -30.85 -18.28 -15.42
N SER A 59 -30.38 -18.80 -16.55
CA SER A 59 -28.96 -18.83 -16.85
C SER A 59 -28.67 -18.81 -18.34
N ILE A 60 -29.48 -18.06 -19.08
CA ILE A 60 -29.31 -17.96 -20.52
C ILE A 60 -28.80 -16.57 -20.86
N GLY A 61 -28.72 -16.30 -22.17
CA GLY A 61 -28.28 -15.01 -22.67
C GLY A 61 -29.42 -14.21 -23.29
N SER A 62 -29.25 -12.88 -23.33
CA SER A 62 -30.25 -11.99 -23.87
C SER A 62 -30.78 -12.38 -25.24
N GLU A 63 -30.04 -13.24 -25.93
CA GLU A 63 -30.47 -13.69 -27.24
C GLU A 63 -31.66 -14.66 -27.11
N ASN A 64 -31.71 -15.40 -25.99
CA ASN A 64 -32.77 -16.38 -25.77
C ASN A 64 -33.85 -16.04 -24.74
N MET A 65 -34.14 -14.76 -24.57
CA MET A 65 -35.17 -14.36 -23.62
C MET A 65 -36.55 -14.40 -24.30
N THR A 66 -37.37 -15.36 -23.91
CA THR A 66 -38.70 -15.51 -24.46
C THR A 66 -39.67 -14.76 -23.56
N SER A 67 -40.85 -14.45 -24.09
CA SER A 67 -41.85 -13.72 -23.32
C SER A 67 -42.39 -14.56 -22.17
N ASP A 68 -42.24 -15.87 -22.28
CA ASP A 68 -42.72 -16.75 -21.21
C ASP A 68 -42.07 -16.26 -19.91
N VAL A 69 -40.74 -16.26 -19.91
CA VAL A 69 -39.97 -15.84 -18.75
C VAL A 69 -40.40 -14.48 -18.22
N LEU A 70 -40.52 -13.50 -19.11
CA LEU A 70 -40.90 -12.14 -18.74
C LEU A 70 -42.15 -12.05 -17.88
N LEU A 71 -43.18 -12.78 -18.29
CA LEU A 71 -44.45 -12.83 -17.59
C LEU A 71 -44.24 -13.44 -16.20
N THR A 72 -43.27 -14.36 -16.12
CA THR A 72 -42.93 -15.02 -14.86
C THR A 72 -42.21 -14.00 -13.98
N LEU A 73 -41.26 -13.29 -14.56
CA LEU A 73 -40.47 -12.30 -13.82
C LEU A 73 -41.36 -11.15 -13.35
N SER A 74 -42.19 -10.65 -14.26
CA SER A 74 -43.10 -9.56 -13.99
C SER A 74 -43.84 -9.76 -12.67
N LYS A 75 -44.31 -10.98 -12.43
CA LYS A 75 -45.07 -11.27 -11.22
C LYS A 75 -44.23 -11.44 -9.95
N ARG A 76 -43.11 -12.16 -10.06
CA ARG A 76 -42.26 -12.38 -8.89
C ARG A 76 -41.75 -11.07 -8.29
N VAL A 77 -41.68 -10.04 -9.12
CA VAL A 77 -41.22 -8.75 -8.65
C VAL A 77 -42.33 -8.07 -7.86
N ASN A 78 -43.54 -8.05 -8.42
CA ASN A 78 -44.68 -7.44 -7.75
C ASN A 78 -44.89 -8.12 -6.41
N GLU A 79 -44.89 -9.44 -6.44
CA GLU A 79 -45.06 -10.23 -5.23
C GLU A 79 -44.00 -9.85 -4.21
N LEU A 80 -42.78 -9.67 -4.69
CA LEU A 80 -41.65 -9.34 -3.86
C LEU A 80 -41.59 -7.86 -3.39
N LEU A 81 -42.33 -6.98 -4.06
CA LEU A 81 -42.32 -5.55 -3.69
C LEU A 81 -43.47 -5.13 -2.77
N ALA A 82 -44.50 -5.98 -2.70
CA ALA A 82 -45.66 -5.69 -1.87
C ALA A 82 -45.41 -5.91 -0.38
N ARG A 83 -44.24 -6.45 -0.05
CA ARG A 83 -43.86 -6.72 1.33
C ARG A 83 -43.31 -5.45 1.97
N SER A 84 -42.78 -5.59 3.18
CA SER A 84 -42.23 -4.45 3.90
C SER A 84 -40.75 -4.69 4.21
N ASP A 85 -40.33 -5.94 4.14
CA ASP A 85 -38.94 -6.28 4.40
C ASP A 85 -38.17 -6.24 3.08
N VAL A 86 -38.79 -5.63 2.07
CA VAL A 86 -38.21 -5.48 0.74
C VAL A 86 -38.21 -4.00 0.35
N ASP A 87 -37.04 -3.41 0.22
CA ASP A 87 -36.95 -1.99 -0.12
C ASP A 87 -36.68 -1.73 -1.60
N GLY A 88 -35.66 -2.39 -2.15
CA GLY A 88 -35.32 -2.21 -3.54
C GLY A 88 -34.81 -3.51 -4.12
N VAL A 89 -35.02 -3.72 -5.41
CA VAL A 89 -34.57 -4.95 -6.07
C VAL A 89 -33.79 -4.66 -7.37
N VAL A 90 -32.71 -5.39 -7.59
CA VAL A 90 -31.88 -5.23 -8.78
C VAL A 90 -32.00 -6.47 -9.68
N ILE A 91 -31.89 -6.28 -10.99
CA ILE A 91 -31.99 -7.39 -11.94
C ILE A 91 -30.78 -7.47 -12.89
N THR A 92 -30.02 -8.55 -12.80
CA THR A 92 -28.85 -8.74 -13.67
C THR A 92 -29.29 -9.37 -14.99
N HIS A 93 -29.00 -8.71 -16.11
CA HIS A 93 -29.43 -9.14 -17.46
C HIS A 93 -28.28 -9.15 -18.48
N GLY A 94 -28.53 -9.65 -19.68
CA GLY A 94 -27.50 -9.65 -20.71
C GLY A 94 -27.55 -8.28 -21.38
N THR A 95 -27.10 -8.12 -22.61
CA THR A 95 -27.18 -6.80 -23.24
C THR A 95 -27.90 -6.79 -24.58
N ASP A 96 -27.96 -7.95 -25.22
CA ASP A 96 -28.58 -8.06 -26.53
C ASP A 96 -30.05 -7.61 -26.61
N THR A 97 -30.85 -7.90 -25.57
CA THR A 97 -32.25 -7.46 -25.54
C THR A 97 -32.63 -6.69 -24.27
N LEU A 98 -31.78 -5.74 -23.90
CA LEU A 98 -32.06 -4.93 -22.73
C LEU A 98 -32.91 -3.75 -23.19
N ASP A 99 -33.30 -3.79 -24.46
CA ASP A 99 -34.16 -2.76 -25.04
C ASP A 99 -35.57 -3.10 -24.60
N GLU A 100 -35.91 -4.38 -24.71
CA GLU A 100 -37.22 -4.92 -24.36
C GLU A 100 -37.52 -5.05 -22.85
N SER A 101 -37.11 -6.16 -22.26
CA SER A 101 -37.35 -6.43 -20.85
C SER A 101 -37.64 -5.23 -19.92
N PRO A 102 -36.75 -4.24 -19.85
CA PRO A 102 -37.05 -3.11 -18.94
C PRO A 102 -38.36 -2.36 -19.20
N TYR A 103 -38.74 -2.24 -20.46
CA TYR A 103 -39.96 -1.54 -20.81
C TYR A 103 -41.17 -2.40 -20.56
N PHE A 104 -40.97 -3.71 -20.46
CA PHE A 104 -42.06 -4.61 -20.19
C PHE A 104 -42.50 -4.40 -18.75
N LEU A 105 -41.52 -4.52 -17.84
CA LEU A 105 -41.78 -4.35 -16.42
C LEU A 105 -42.25 -2.93 -16.11
N ASN A 106 -41.82 -1.96 -16.90
CA ASN A 106 -42.20 -0.55 -16.70
C ASN A 106 -43.70 -0.33 -16.92
N LEU A 107 -44.37 -1.31 -17.54
CA LEU A 107 -45.80 -1.22 -17.80
C LEU A 107 -46.62 -2.17 -16.93
N THR A 108 -45.95 -3.11 -16.26
CA THR A 108 -46.65 -4.09 -15.43
C THR A 108 -46.41 -4.07 -13.92
N VAL A 109 -45.29 -3.51 -13.44
CA VAL A 109 -45.08 -3.50 -12.00
C VAL A 109 -45.95 -2.41 -11.40
N LYS A 110 -46.66 -2.75 -10.33
CA LYS A 110 -47.57 -1.82 -9.67
C LYS A 110 -47.03 -1.38 -8.31
N SER A 111 -46.14 -0.39 -8.31
CA SER A 111 -45.56 0.11 -7.08
C SER A 111 -44.79 1.41 -7.29
N ASP A 112 -43.93 1.76 -6.35
CA ASP A 112 -43.13 2.96 -6.43
C ASP A 112 -41.70 2.68 -6.00
N LYS A 113 -41.43 1.44 -5.60
CA LYS A 113 -40.09 1.04 -5.15
C LYS A 113 -39.13 0.89 -6.33
N PRO A 114 -37.85 1.24 -6.14
CA PRO A 114 -36.88 1.11 -7.23
C PRO A 114 -36.82 -0.29 -7.82
N VAL A 115 -36.60 -0.35 -9.13
CA VAL A 115 -36.47 -1.59 -9.87
C VAL A 115 -35.40 -1.25 -10.92
N VAL A 116 -34.17 -1.72 -10.73
CA VAL A 116 -33.10 -1.40 -11.67
C VAL A 116 -32.41 -2.57 -12.36
N PHE A 117 -32.11 -2.39 -13.64
CA PHE A 117 -31.44 -3.41 -14.44
C PHE A 117 -29.96 -3.03 -14.52
N VAL A 118 -29.08 -4.03 -14.56
CA VAL A 118 -27.65 -3.79 -14.67
C VAL A 118 -26.97 -4.94 -15.42
N ALA A 119 -26.02 -4.58 -16.28
CA ALA A 119 -25.28 -5.56 -17.07
C ALA A 119 -23.85 -5.07 -17.31
N ALA A 120 -23.10 -5.81 -18.11
CA ALA A 120 -21.72 -5.44 -18.41
C ALA A 120 -21.40 -5.89 -19.83
N MET A 121 -20.59 -5.13 -20.55
CA MET A 121 -20.27 -5.53 -21.91
C MET A 121 -19.08 -6.47 -22.04
N ARG A 122 -18.32 -6.65 -20.97
CA ARG A 122 -17.15 -7.54 -21.01
C ARG A 122 -17.34 -8.81 -20.15
N PRO A 123 -16.50 -9.83 -20.39
CA PRO A 123 -16.63 -11.06 -19.59
C PRO A 123 -16.05 -10.71 -18.24
N ALA A 124 -16.34 -11.53 -17.24
CA ALA A 124 -15.84 -11.29 -15.90
C ALA A 124 -14.34 -11.54 -15.77
N THR A 125 -13.83 -12.39 -16.65
CA THR A 125 -12.43 -12.77 -16.67
C THR A 125 -11.56 -11.75 -17.40
N ALA A 126 -12.21 -10.75 -18.00
CA ALA A 126 -11.51 -9.73 -18.79
C ALA A 126 -10.76 -8.64 -18.01
N ILE A 127 -9.71 -8.10 -18.64
CA ILE A 127 -8.89 -7.04 -18.07
C ILE A 127 -9.73 -5.78 -17.96
N SER A 128 -9.66 -5.10 -16.82
CA SER A 128 -10.44 -3.88 -16.63
C SER A 128 -11.94 -4.13 -16.81
N ALA A 129 -12.39 -5.32 -16.41
CA ALA A 129 -13.81 -5.69 -16.53
C ALA A 129 -14.74 -4.64 -15.91
N ASP A 130 -15.79 -4.27 -16.65
CA ASP A 130 -16.76 -3.25 -16.19
C ASP A 130 -17.95 -3.71 -15.34
N GLY A 131 -18.01 -4.99 -15.00
CA GLY A 131 -19.12 -5.49 -14.20
C GLY A 131 -19.20 -5.06 -12.74
N PRO A 132 -18.10 -5.19 -11.96
CA PRO A 132 -18.01 -4.81 -10.54
C PRO A 132 -18.46 -3.39 -10.22
N MET A 133 -17.83 -2.41 -10.84
CA MET A 133 -18.20 -1.01 -10.59
C MET A 133 -19.64 -0.74 -11.02
N ASN A 134 -20.12 -1.53 -11.97
CA ASN A 134 -21.48 -1.37 -12.47
C ASN A 134 -22.51 -1.84 -11.45
N LEU A 135 -22.25 -3.01 -10.85
CA LEU A 135 -23.15 -3.59 -9.84
C LEU A 135 -23.16 -2.76 -8.58
N TYR A 136 -22.00 -2.17 -8.28
CA TYR A 136 -21.87 -1.33 -7.11
C TYR A 136 -22.77 -0.11 -7.26
N GLY A 137 -22.72 0.51 -8.42
CA GLY A 137 -23.55 1.68 -8.65
C GLY A 137 -25.02 1.34 -8.76
N ALA A 138 -25.33 0.09 -9.11
CA ALA A 138 -26.70 -0.38 -9.25
C ALA A 138 -27.41 -0.58 -7.90
N VAL A 139 -26.71 -1.22 -6.96
CA VAL A 139 -27.26 -1.46 -5.63
C VAL A 139 -27.38 -0.10 -4.94
N LYS A 140 -26.40 0.75 -5.24
CA LYS A 140 -26.28 2.11 -4.73
C LYS A 140 -27.57 2.95 -4.93
N VAL A 141 -28.09 2.94 -6.15
CA VAL A 141 -29.31 3.68 -6.46
C VAL A 141 -30.51 3.06 -5.78
N ALA A 142 -30.67 1.75 -5.91
CA ALA A 142 -31.80 1.04 -5.30
C ALA A 142 -31.93 1.39 -3.81
N ALA A 143 -30.83 1.23 -3.08
CA ALA A 143 -30.81 1.52 -1.66
C ALA A 143 -31.27 2.94 -1.32
N ASP A 144 -30.99 3.89 -2.21
CA ASP A 144 -31.36 5.29 -1.99
C ASP A 144 -32.88 5.51 -2.03
N LYS A 145 -33.37 6.50 -1.28
CA LYS A 145 -34.80 6.76 -1.21
C LYS A 145 -35.35 7.76 -2.21
N ASN A 146 -34.48 8.58 -2.78
CA ASN A 146 -34.95 9.58 -3.73
C ASN A 146 -35.07 8.99 -5.14
N SER A 147 -35.19 7.67 -5.21
CA SER A 147 -35.30 6.96 -6.47
C SER A 147 -36.70 6.42 -6.74
N ARG A 148 -37.65 6.74 -5.86
CA ARG A 148 -39.02 6.25 -6.00
C ARG A 148 -39.88 7.08 -6.95
N GLY A 149 -40.87 6.44 -7.53
CA GLY A 149 -41.76 7.12 -8.46
C GLY A 149 -41.13 7.67 -9.71
N ARG A 150 -39.92 7.23 -10.03
CA ARG A 150 -39.21 7.70 -11.21
C ARG A 150 -39.27 6.76 -12.43
N GLY A 151 -39.85 5.57 -12.26
CA GLY A 151 -39.94 4.61 -13.36
C GLY A 151 -38.77 3.64 -13.43
N VAL A 152 -38.95 2.50 -14.06
CA VAL A 152 -37.87 1.51 -14.19
C VAL A 152 -36.57 2.15 -14.71
N LEU A 153 -35.44 1.80 -14.10
CA LEU A 153 -34.12 2.38 -14.45
C LEU A 153 -33.07 1.43 -14.99
N VAL A 154 -32.28 1.91 -15.95
CA VAL A 154 -31.20 1.10 -16.54
C VAL A 154 -29.88 1.78 -16.13
N VAL A 155 -28.94 1.00 -15.59
CA VAL A 155 -27.65 1.51 -15.10
C VAL A 155 -26.38 0.82 -15.63
N LEU A 156 -25.56 1.60 -16.35
CA LEU A 156 -24.30 1.12 -16.96
C LEU A 156 -23.28 2.24 -17.21
N ASN A 157 -22.01 1.96 -16.94
CA ASN A 157 -20.94 2.91 -17.18
C ASN A 157 -21.17 4.25 -16.49
N ASP A 158 -21.66 4.21 -15.26
CA ASP A 158 -21.91 5.42 -14.46
C ASP A 158 -23.16 6.23 -14.83
N ARG A 159 -24.10 5.66 -15.59
CA ARG A 159 -25.31 6.41 -15.97
C ARG A 159 -26.64 5.80 -15.55
N ILE A 160 -27.63 6.67 -15.36
CA ILE A 160 -28.95 6.22 -14.96
C ILE A 160 -29.95 6.73 -15.98
N GLY A 161 -30.37 5.87 -16.91
CA GLY A 161 -31.33 6.27 -17.94
C GLY A 161 -32.67 5.60 -17.83
N SER A 162 -33.69 6.21 -18.43
CA SER A 162 -35.05 5.66 -18.39
C SER A 162 -35.30 4.51 -19.35
N ALA A 163 -36.26 3.66 -19.00
CA ALA A 163 -36.60 2.51 -19.84
C ALA A 163 -37.47 2.85 -21.07
N ARG A 164 -38.16 3.97 -21.03
CA ARG A 164 -38.99 4.33 -22.18
C ARG A 164 -38.11 4.94 -23.25
N PHE A 165 -36.85 5.23 -22.93
CA PHE A 165 -35.94 5.85 -23.88
C PHE A 165 -34.63 5.10 -24.23
N ILE A 166 -33.98 4.53 -23.23
CA ILE A 166 -32.71 3.86 -23.43
C ILE A 166 -32.66 2.77 -24.50
N SER A 167 -31.48 2.63 -25.11
CA SER A 167 -31.23 1.66 -26.18
C SER A 167 -29.76 1.42 -26.45
N LYS A 168 -29.46 0.21 -26.92
CA LYS A 168 -28.09 -0.18 -27.23
C LYS A 168 -27.67 0.49 -28.54
N THR A 169 -26.89 1.57 -28.44
CA THR A 169 -26.46 2.33 -29.61
C THR A 169 -25.39 1.66 -30.45
N ASN A 170 -24.22 1.43 -29.85
CA ASN A 170 -23.14 0.80 -30.57
C ASN A 170 -23.24 -0.70 -30.35
N ALA A 171 -22.55 -1.46 -31.20
CA ALA A 171 -22.59 -2.90 -31.10
C ALA A 171 -21.57 -3.54 -30.15
N SER A 172 -20.38 -2.95 -30.02
CA SER A 172 -19.32 -3.51 -29.16
C SER A 172 -18.70 -2.61 -28.09
N THR A 173 -18.85 -1.29 -28.23
CA THR A 173 -18.28 -0.33 -27.29
C THR A 173 -18.75 -0.52 -25.86
N LEU A 174 -17.99 0.05 -24.93
CA LEU A 174 -18.29 -0.07 -23.50
C LEU A 174 -19.31 0.99 -23.06
N ASP A 175 -19.39 2.06 -23.85
CA ASP A 175 -20.31 3.15 -23.57
C ASP A 175 -21.43 3.15 -24.62
N THR A 176 -22.00 1.98 -24.90
CA THR A 176 -23.03 1.89 -25.91
C THR A 176 -24.38 2.55 -25.65
N PHE A 177 -24.95 2.33 -24.48
CA PHE A 177 -26.27 2.84 -24.14
C PHE A 177 -26.50 4.36 -24.08
N LYS A 178 -27.25 4.86 -25.05
CA LYS A 178 -27.53 6.29 -25.18
C LYS A 178 -29.00 6.58 -25.54
N ALA A 179 -29.33 7.88 -25.61
CA ALA A 179 -30.67 8.34 -25.95
C ALA A 179 -30.47 9.71 -26.59
N PRO A 180 -29.82 9.73 -27.75
CA PRO A 180 -29.51 10.92 -28.54
C PRO A 180 -30.34 12.16 -28.26
N GLU A 181 -31.65 12.04 -28.41
CA GLU A 181 -32.55 13.18 -28.21
C GLU A 181 -33.14 13.38 -26.80
N GLU A 182 -33.15 12.33 -25.99
CA GLU A 182 -33.73 12.41 -24.65
C GLU A 182 -32.73 12.60 -23.51
N GLY A 183 -31.61 11.88 -23.55
CA GLY A 183 -30.61 12.01 -22.51
C GLY A 183 -30.74 11.08 -21.30
N TYR A 184 -29.85 11.27 -20.32
CA TYR A 184 -29.85 10.49 -19.09
C TYR A 184 -30.63 11.22 -17.99
N LEU A 185 -31.18 10.46 -17.04
CA LEU A 185 -31.91 11.06 -15.94
C LEU A 185 -30.94 11.49 -14.86
N GLY A 186 -29.89 10.70 -14.64
CA GLY A 186 -28.91 11.03 -13.63
C GLY A 186 -27.54 10.39 -13.86
N VAL A 187 -26.58 10.77 -13.03
CA VAL A 187 -25.20 10.26 -13.12
C VAL A 187 -24.61 9.91 -11.75
N ILE A 188 -23.51 9.15 -11.74
CA ILE A 188 -22.86 8.75 -10.48
C ILE A 188 -21.35 9.07 -10.40
N ILE A 189 -21.00 10.21 -9.80
CA ILE A 189 -19.60 10.62 -9.67
C ILE A 189 -19.10 10.81 -8.23
N GLY A 190 -18.06 10.08 -7.86
CA GLY A 190 -17.50 10.19 -6.54
C GLY A 190 -18.40 9.75 -5.38
N ASP A 191 -19.01 8.59 -5.53
CA ASP A 191 -19.91 8.02 -4.53
C ASP A 191 -21.12 8.86 -4.17
N LYS A 192 -21.61 9.65 -5.12
CA LYS A 192 -22.78 10.47 -4.88
C LYS A 192 -23.67 10.48 -6.09
N ILE A 193 -24.98 10.42 -5.86
CA ILE A 193 -25.95 10.40 -6.94
C ILE A 193 -26.43 11.81 -7.28
N TYR A 194 -26.64 12.04 -8.57
CA TYR A 194 -27.12 13.34 -9.07
C TYR A 194 -28.28 13.14 -10.06
N TYR A 195 -29.47 13.65 -9.74
CA TYR A 195 -30.62 13.55 -10.65
C TYR A 195 -30.80 14.91 -11.34
N GLN A 196 -31.50 14.93 -12.47
CA GLN A 196 -31.69 16.16 -13.22
C GLN A 196 -32.93 16.12 -14.09
N THR A 197 -33.34 14.94 -14.53
CA THR A 197 -34.49 14.82 -15.40
C THR A 197 -35.53 13.83 -14.91
N ARG A 198 -36.80 14.13 -15.21
CA ARG A 198 -37.92 13.28 -14.87
C ARG A 198 -38.68 12.88 -16.12
N LEU A 199 -39.09 11.62 -16.18
CA LEU A 199 -39.85 11.07 -17.30
C LEU A 199 -41.21 11.77 -17.35
N ASP A 200 -41.72 12.05 -18.55
CA ASP A 200 -43.01 12.71 -18.63
C ASP A 200 -44.07 11.86 -19.33
N LYS A 201 -44.23 10.63 -18.88
CA LYS A 201 -45.22 9.74 -19.46
C LYS A 201 -45.83 8.82 -18.38
N VAL A 202 -46.95 8.18 -18.70
CA VAL A 202 -47.63 7.29 -17.76
C VAL A 202 -46.87 6.01 -17.58
N HIS A 203 -46.70 5.57 -16.33
CA HIS A 203 -45.96 4.34 -16.06
C HIS A 203 -46.32 3.67 -14.74
N THR A 204 -45.66 2.55 -14.46
CA THR A 204 -45.85 1.75 -13.23
C THR A 204 -47.24 1.77 -12.60
N THR A 205 -47.47 2.71 -11.69
CA THR A 205 -48.75 2.83 -11.03
C THR A 205 -49.84 3.24 -11.99
N ARG A 206 -49.84 4.51 -12.39
CA ARG A 206 -50.83 5.04 -13.33
C ARG A 206 -51.09 4.16 -14.56
N SER A 207 -50.30 3.11 -14.79
CA SER A 207 -50.50 2.24 -15.95
C SER A 207 -51.81 1.50 -15.86
N VAL A 208 -52.36 1.14 -17.01
CA VAL A 208 -53.64 0.44 -17.07
C VAL A 208 -53.49 -1.03 -17.52
N PHE A 209 -52.32 -1.60 -17.24
CA PHE A 209 -52.01 -2.97 -17.65
C PHE A 209 -51.66 -3.90 -16.50
N ASP A 210 -52.27 -5.07 -16.47
CA ASP A 210 -52.01 -6.05 -15.43
C ASP A 210 -51.98 -7.47 -16.01
N VAL A 211 -50.85 -8.14 -15.86
CA VAL A 211 -50.71 -9.51 -16.36
C VAL A 211 -50.72 -10.54 -15.24
N THR A 212 -51.25 -10.15 -14.08
CA THR A 212 -51.31 -11.05 -12.93
C THR A 212 -52.11 -12.32 -13.22
N ASN A 213 -53.13 -12.19 -14.07
CA ASN A 213 -53.97 -13.32 -14.44
C ASN A 213 -53.82 -13.67 -15.92
N VAL A 214 -52.59 -13.63 -16.41
CA VAL A 214 -52.32 -13.97 -17.81
C VAL A 214 -51.42 -15.19 -17.84
N ASP A 215 -51.65 -16.06 -18.81
CA ASP A 215 -50.89 -17.29 -18.96
C ASP A 215 -50.06 -17.29 -20.23
N LYS A 216 -50.63 -16.74 -21.30
CA LYS A 216 -49.93 -16.67 -22.57
C LYS A 216 -50.24 -15.34 -23.23
N LEU A 217 -49.22 -14.73 -23.84
CA LEU A 217 -49.40 -13.45 -24.51
C LEU A 217 -49.61 -13.67 -26.00
N PRO A 218 -50.08 -12.63 -26.71
CA PRO A 218 -50.33 -12.68 -28.14
C PRO A 218 -49.04 -12.48 -28.94
N ALA A 219 -48.88 -13.25 -30.01
CA ALA A 219 -47.70 -13.17 -30.87
C ALA A 219 -47.69 -11.94 -31.77
N VAL A 220 -46.54 -11.27 -31.85
CA VAL A 220 -46.41 -10.09 -32.69
C VAL A 220 -45.07 -10.19 -33.41
N ASP A 221 -45.06 -10.02 -34.73
CA ASP A 221 -43.82 -10.08 -35.52
C ASP A 221 -43.42 -8.71 -36.09
N ILE A 222 -42.14 -8.58 -36.41
CA ILE A 222 -41.62 -7.34 -36.97
C ILE A 222 -41.12 -7.59 -38.38
N ILE A 223 -41.49 -6.71 -39.31
CA ILE A 223 -41.06 -6.79 -40.71
C ILE A 223 -40.26 -5.54 -41.02
N TYR A 224 -39.08 -5.73 -41.60
CA TYR A 224 -38.19 -4.64 -41.92
C TYR A 224 -38.63 -3.91 -43.18
N GLY A 225 -38.01 -2.76 -43.45
CA GLY A 225 -38.32 -1.99 -44.63
C GLY A 225 -37.08 -1.64 -45.43
N TYR A 226 -37.08 -1.99 -46.71
CA TYR A 226 -35.95 -1.70 -47.60
C TYR A 226 -36.35 -1.54 -49.07
N GLN A 227 -35.39 -1.19 -49.92
CA GLN A 227 -35.68 -0.96 -51.32
C GLN A 227 -36.53 -1.98 -52.04
N ASP A 228 -35.98 -3.14 -52.39
CA ASP A 228 -36.80 -4.11 -53.11
C ASP A 228 -37.42 -5.18 -52.18
N ASP A 229 -38.28 -4.72 -51.26
CA ASP A 229 -38.91 -5.62 -50.29
C ASP A 229 -40.03 -6.53 -50.81
N PRO A 230 -40.01 -7.80 -50.37
CA PRO A 230 -40.95 -8.88 -50.69
C PRO A 230 -42.31 -8.70 -50.05
N GLU A 231 -43.35 -9.13 -50.77
CA GLU A 231 -44.73 -9.08 -50.27
C GLU A 231 -45.05 -10.45 -49.68
N TYR A 232 -44.35 -11.46 -50.19
CA TYR A 232 -44.55 -12.82 -49.73
C TYR A 232 -44.10 -12.98 -48.30
N MET A 233 -43.66 -11.87 -47.71
CA MET A 233 -43.21 -11.85 -46.34
C MET A 233 -44.38 -11.58 -45.40
N TYR A 234 -45.38 -10.87 -45.92
CA TYR A 234 -46.56 -10.55 -45.12
C TYR A 234 -47.51 -11.74 -45.03
N ASP A 235 -47.57 -12.53 -46.09
CA ASP A 235 -48.45 -13.69 -46.10
C ASP A 235 -47.93 -14.71 -45.09
N ALA A 236 -46.60 -14.85 -45.02
CA ALA A 236 -45.96 -15.79 -44.11
C ALA A 236 -46.50 -15.66 -42.69
N SER A 237 -46.77 -14.43 -42.28
CA SER A 237 -47.31 -14.16 -40.95
C SER A 237 -48.83 -14.34 -40.96
N ILE A 238 -49.49 -13.69 -41.90
CA ILE A 238 -50.96 -13.78 -42.04
C ILE A 238 -51.42 -15.23 -42.08
N LYS A 239 -50.62 -16.06 -42.74
CA LYS A 239 -50.91 -17.47 -42.89
C LYS A 239 -50.46 -18.27 -41.68
N HIS A 240 -50.09 -17.58 -40.61
CA HIS A 240 -49.63 -18.25 -39.40
C HIS A 240 -50.35 -17.83 -38.13
N GLY A 241 -51.31 -16.92 -38.25
CA GLY A 241 -52.06 -16.50 -37.09
C GLY A 241 -51.40 -15.48 -36.19
N VAL A 242 -50.79 -14.48 -36.82
CA VAL A 242 -50.15 -13.41 -36.07
C VAL A 242 -51.25 -12.47 -35.59
N LYS A 243 -51.09 -11.93 -34.40
CA LYS A 243 -52.09 -11.01 -33.86
C LYS A 243 -51.73 -9.56 -34.16
N GLY A 244 -50.43 -9.30 -34.38
CA GLY A 244 -50.01 -7.95 -34.70
C GLY A 244 -48.71 -7.85 -35.47
N ILE A 245 -48.55 -6.75 -36.20
CA ILE A 245 -47.32 -6.52 -36.98
C ILE A 245 -46.79 -5.12 -36.79
N VAL A 246 -45.50 -5.03 -36.50
CA VAL A 246 -44.84 -3.74 -36.36
C VAL A 246 -43.99 -3.59 -37.62
N TYR A 247 -44.15 -2.46 -38.32
CA TYR A 247 -43.40 -2.17 -39.54
C TYR A 247 -42.19 -1.25 -39.32
N ALA A 248 -40.98 -1.79 -39.39
CA ALA A 248 -39.77 -0.99 -39.23
C ALA A 248 -39.53 -0.27 -40.57
N GLY A 249 -40.30 0.79 -40.80
CA GLY A 249 -40.22 1.51 -42.06
C GLY A 249 -39.05 2.42 -42.34
N MET A 250 -38.70 2.53 -43.62
CA MET A 250 -37.62 3.38 -44.07
C MET A 250 -38.16 4.79 -43.92
N GLY A 251 -37.30 5.76 -43.65
CA GLY A 251 -37.77 7.12 -43.46
C GLY A 251 -38.70 7.11 -42.26
N ALA A 252 -39.74 7.94 -42.29
CA ALA A 252 -40.69 7.98 -41.19
C ALA A 252 -41.81 6.99 -41.50
N GLY A 253 -41.54 5.70 -41.29
CA GLY A 253 -42.54 4.69 -41.56
C GLY A 253 -42.97 4.49 -43.00
N SER A 254 -42.32 5.17 -43.94
CA SER A 254 -42.67 5.05 -45.36
C SER A 254 -42.76 3.61 -45.89
N VAL A 255 -43.89 3.30 -46.52
CA VAL A 255 -44.14 1.97 -47.08
C VAL A 255 -44.02 1.97 -48.60
N SER A 256 -43.56 0.86 -49.18
CA SER A 256 -43.43 0.77 -50.63
C SER A 256 -44.67 0.12 -51.21
N LYS A 257 -44.90 0.34 -52.51
CA LYS A 257 -46.06 -0.24 -53.21
C LYS A 257 -46.34 -1.67 -52.76
N ARG A 258 -45.30 -2.49 -52.71
CA ARG A 258 -45.47 -3.87 -52.30
C ARG A 258 -45.88 -3.87 -50.85
N GLY A 259 -45.21 -3.06 -50.04
CA GLY A 259 -45.53 -3.01 -48.62
C GLY A 259 -46.94 -2.52 -48.30
N ASP A 260 -47.46 -1.65 -49.16
CA ASP A 260 -48.78 -1.07 -48.98
C ASP A 260 -49.83 -2.16 -49.13
N ALA A 261 -49.60 -3.08 -50.07
CA ALA A 261 -50.50 -4.21 -50.33
C ALA A 261 -50.51 -5.19 -49.16
N GLY A 262 -49.33 -5.66 -48.80
CA GLY A 262 -49.22 -6.58 -47.68
C GLY A 262 -49.90 -6.03 -46.44
N ILE A 263 -49.86 -4.71 -46.26
CA ILE A 263 -50.49 -4.09 -45.08
C ILE A 263 -52.00 -4.20 -45.13
N ARG A 264 -52.60 -3.54 -46.11
CA ARG A 264 -54.04 -3.57 -46.26
C ARG A 264 -54.49 -5.02 -46.19
N LYS A 265 -53.82 -5.84 -46.97
CA LYS A 265 -54.07 -7.27 -47.04
C LYS A 265 -54.30 -7.85 -45.65
N ALA A 266 -53.49 -7.41 -44.69
CA ALA A 266 -53.57 -7.90 -43.32
C ALA A 266 -54.55 -7.14 -42.43
N GLU A 267 -54.56 -5.82 -42.56
CA GLU A 267 -55.44 -5.01 -41.75
C GLU A 267 -56.88 -5.43 -42.06
N SER A 268 -57.09 -6.00 -43.25
CA SER A 268 -58.42 -6.43 -43.65
C SER A 268 -58.74 -7.81 -43.09
N LYS A 269 -57.77 -8.71 -43.11
CA LYS A 269 -58.02 -10.04 -42.58
C LYS A 269 -58.48 -9.84 -41.14
N GLY A 270 -57.78 -8.99 -40.40
CA GLY A 270 -58.18 -8.76 -39.02
C GLY A 270 -57.15 -8.22 -38.04
N ILE A 271 -55.86 -8.50 -38.25
CA ILE A 271 -54.87 -8.02 -37.29
C ILE A 271 -54.68 -6.51 -37.26
N VAL A 272 -53.87 -6.07 -36.32
CA VAL A 272 -53.55 -4.66 -36.11
C VAL A 272 -52.11 -4.41 -36.57
N VAL A 273 -51.85 -3.24 -37.14
CA VAL A 273 -50.49 -2.93 -37.58
C VAL A 273 -50.07 -1.51 -37.23
N VAL A 274 -48.85 -1.39 -36.73
CA VAL A 274 -48.27 -0.11 -36.35
C VAL A 274 -47.00 0.21 -37.16
N ARG A 275 -46.82 1.49 -37.45
CA ARG A 275 -45.67 1.96 -38.23
C ARG A 275 -44.61 2.69 -37.43
N SER A 276 -43.42 2.10 -37.32
CA SER A 276 -42.30 2.76 -36.65
C SER A 276 -41.15 3.01 -37.66
N SER A 277 -40.02 3.50 -37.16
CA SER A 277 -38.88 3.83 -38.01
C SER A 277 -37.68 2.91 -37.84
N ARG A 278 -36.87 2.79 -38.89
CA ARG A 278 -35.66 1.97 -38.87
C ARG A 278 -34.46 2.89 -38.63
N THR A 279 -34.72 4.18 -38.43
CA THR A 279 -33.67 5.16 -38.23
C THR A 279 -33.05 5.11 -36.85
N GLY A 280 -33.85 4.80 -35.83
CA GLY A 280 -33.34 4.72 -34.47
C GLY A 280 -33.83 5.81 -33.54
N SER A 281 -34.49 6.83 -34.09
CA SER A 281 -35.01 7.94 -33.30
C SER A 281 -35.93 8.87 -34.10
N GLY A 282 -36.69 9.71 -33.39
CA GLY A 282 -37.60 10.66 -34.03
C GLY A 282 -39.05 10.22 -33.99
N ILE A 283 -40.00 11.05 -34.41
CA ILE A 283 -41.40 10.63 -34.38
C ILE A 283 -42.02 10.44 -35.76
N VAL A 284 -42.89 9.43 -35.88
CA VAL A 284 -43.59 9.14 -37.13
C VAL A 284 -44.92 9.85 -36.99
N PRO A 285 -45.18 10.86 -37.84
CA PRO A 285 -46.43 11.61 -37.80
C PRO A 285 -47.63 10.84 -38.35
N PRO A 286 -48.83 11.39 -38.16
CA PRO A 286 -50.07 10.76 -38.64
C PRO A 286 -50.20 11.02 -40.13
N ASP A 287 -50.77 10.06 -40.85
CA ASP A 287 -50.96 10.23 -42.30
C ASP A 287 -52.13 9.39 -42.80
N ALA A 288 -53.15 10.09 -43.25
CA ALA A 288 -54.37 9.49 -43.77
C ALA A 288 -54.12 8.81 -45.11
N GLY A 289 -53.10 9.28 -45.81
CA GLY A 289 -52.77 8.71 -47.10
C GLY A 289 -52.11 7.36 -46.98
N GLN A 290 -51.69 6.97 -45.78
CA GLN A 290 -51.03 5.68 -45.59
C GLN A 290 -51.75 4.80 -44.60
N PRO A 291 -51.72 3.48 -44.84
CA PRO A 291 -52.36 2.45 -44.00
C PRO A 291 -51.72 2.28 -42.62
N GLY A 292 -52.33 1.45 -41.78
CA GLY A 292 -51.83 1.18 -40.44
C GLY A 292 -51.85 2.29 -39.40
N LEU A 293 -51.44 1.95 -38.18
CA LEU A 293 -51.39 2.92 -37.10
C LEU A 293 -49.96 3.45 -37.05
N VAL A 294 -49.73 4.53 -36.32
CA VAL A 294 -48.37 5.09 -36.20
C VAL A 294 -47.85 5.00 -34.80
N ALA A 295 -46.61 4.54 -34.66
CA ALA A 295 -45.99 4.46 -33.34
C ALA A 295 -45.77 5.92 -33.00
N ASP A 296 -45.36 6.22 -31.79
CA ASP A 296 -45.16 7.62 -31.47
C ASP A 296 -43.73 7.84 -31.91
N SER A 297 -42.81 7.47 -31.03
CA SER A 297 -41.40 7.59 -31.31
C SER A 297 -40.74 6.40 -30.62
N LEU A 298 -41.48 5.29 -30.64
CA LEU A 298 -41.03 4.04 -30.06
C LEU A 298 -40.34 3.21 -31.16
N SER A 299 -39.25 2.57 -30.80
CA SER A 299 -38.51 1.76 -31.75
C SER A 299 -39.31 0.51 -32.01
N PRO A 300 -38.98 -0.20 -33.09
CA PRO A 300 -39.70 -1.44 -33.42
C PRO A 300 -39.71 -2.35 -32.20
N ALA A 301 -38.55 -2.51 -31.57
CA ALA A 301 -38.40 -3.37 -30.39
C ALA A 301 -39.41 -3.06 -29.28
N LYS A 302 -39.47 -1.80 -28.89
CA LYS A 302 -40.38 -1.38 -27.84
C LYS A 302 -41.84 -1.35 -28.32
N SER A 303 -42.05 -0.99 -29.58
CA SER A 303 -43.40 -0.95 -30.15
C SER A 303 -44.12 -2.27 -29.99
N ARG A 304 -43.40 -3.36 -30.22
CA ARG A 304 -43.94 -4.71 -30.11
C ARG A 304 -44.46 -4.97 -28.70
N ILE A 305 -43.60 -4.84 -27.70
CA ILE A 305 -44.02 -5.07 -26.32
C ILE A 305 -45.33 -4.35 -26.01
N LEU A 306 -45.40 -3.07 -26.36
CA LEU A 306 -46.61 -2.30 -26.11
C LEU A 306 -47.81 -2.91 -26.82
N LEU A 307 -47.70 -3.10 -28.14
CA LEU A 307 -48.80 -3.68 -28.90
C LEU A 307 -49.25 -4.99 -28.26
N MET A 308 -48.28 -5.86 -28.01
CA MET A 308 -48.51 -7.15 -27.40
C MET A 308 -49.29 -7.08 -26.08
N LEU A 309 -48.99 -6.10 -25.24
CA LEU A 309 -49.69 -5.98 -23.97
C LEU A 309 -51.04 -5.31 -24.11
N ALA A 310 -51.19 -4.47 -25.13
CA ALA A 310 -52.46 -3.79 -25.36
C ALA A 310 -53.48 -4.72 -26.01
N LEU A 311 -52.97 -5.81 -26.57
CA LEU A 311 -53.84 -6.78 -27.20
C LEU A 311 -54.46 -7.74 -26.20
N THR A 312 -54.24 -7.49 -24.91
CA THR A 312 -54.81 -8.33 -23.86
C THR A 312 -56.02 -7.60 -23.30
N LYS A 313 -56.21 -6.36 -23.75
CA LYS A 313 -57.32 -5.52 -23.31
C LYS A 313 -58.35 -5.32 -24.42
N THR A 314 -58.10 -4.32 -25.26
CA THR A 314 -59.00 -4.02 -26.37
C THR A 314 -58.48 -4.52 -27.70
N THR A 315 -59.26 -4.28 -28.76
CA THR A 315 -58.94 -4.66 -30.12
C THR A 315 -59.27 -3.51 -31.06
N ASN A 316 -59.85 -2.46 -30.49
CA ASN A 316 -60.25 -1.30 -31.26
C ASN A 316 -59.08 -0.44 -31.65
N PRO A 317 -58.86 -0.31 -32.96
CA PRO A 317 -57.77 0.48 -33.54
C PRO A 317 -57.61 1.84 -32.90
N ALA A 318 -58.71 2.58 -32.83
CA ALA A 318 -58.68 3.93 -32.28
C ALA A 318 -58.25 3.97 -30.81
N VAL A 319 -58.53 2.90 -30.08
CA VAL A 319 -58.18 2.88 -28.67
C VAL A 319 -56.68 2.72 -28.53
N ILE A 320 -56.14 1.74 -29.23
CA ILE A 320 -54.71 1.46 -29.19
C ILE A 320 -53.87 2.66 -29.63
N GLN A 321 -54.28 3.33 -30.71
CA GLN A 321 -53.51 4.47 -31.18
C GLN A 321 -53.29 5.47 -30.06
N ASP A 322 -54.21 5.46 -29.09
CA ASP A 322 -54.10 6.37 -27.96
C ASP A 322 -53.09 5.96 -26.89
N TYR A 323 -52.73 4.69 -26.84
CA TYR A 323 -51.75 4.24 -25.86
C TYR A 323 -50.34 4.63 -26.32
N PHE A 324 -50.11 4.53 -27.63
CA PHE A 324 -48.80 4.85 -28.20
C PHE A 324 -48.41 6.30 -27.98
N HIS A 325 -49.40 7.17 -27.82
CA HIS A 325 -49.13 8.57 -27.60
C HIS A 325 -48.82 8.86 -26.12
N ALA A 326 -49.39 8.02 -25.24
CA ALA A 326 -49.27 8.17 -23.78
C ALA A 326 -48.19 7.39 -23.00
N TYR A 327 -47.72 6.27 -23.53
CA TYR A 327 -46.69 5.50 -22.85
C TYR A 327 -45.35 5.59 -23.56
N ASN B 3 11.69 -13.41 -33.22
CA ASN B 3 12.01 -12.07 -32.64
C ASN B 3 10.81 -11.13 -32.67
N LEU B 4 10.65 -10.34 -31.61
CA LEU B 4 9.55 -9.39 -31.49
C LEU B 4 10.04 -7.94 -31.59
N PRO B 5 9.11 -7.00 -31.84
CA PRO B 5 9.43 -5.58 -31.97
C PRO B 5 10.07 -4.92 -30.75
N ASN B 6 10.64 -3.73 -30.99
CA ASN B 6 11.32 -2.96 -29.96
C ASN B 6 10.60 -1.64 -29.65
N ILE B 7 9.92 -1.62 -28.51
CA ILE B 7 9.19 -0.43 -28.06
C ILE B 7 9.67 0.04 -26.71
N VAL B 8 9.68 1.34 -26.54
CA VAL B 8 10.11 1.94 -25.30
C VAL B 8 8.92 2.72 -24.77
N ILE B 9 8.78 2.76 -23.44
CA ILE B 9 7.66 3.48 -22.83
C ILE B 9 8.11 4.57 -21.86
N LEU B 10 8.16 5.80 -22.34
CA LEU B 10 8.53 6.97 -21.55
C LEU B 10 7.40 7.39 -20.64
N ALA B 11 7.65 7.42 -19.33
CA ALA B 11 6.62 7.78 -18.36
C ALA B 11 6.62 9.23 -17.87
N THR B 12 5.48 9.65 -17.35
CA THR B 12 5.27 11.01 -16.81
C THR B 12 4.35 10.92 -15.60
N GLY B 13 3.63 9.81 -15.47
CA GLY B 13 2.73 9.61 -14.35
C GLY B 13 1.55 10.55 -14.27
N GLY B 14 0.34 9.99 -14.16
CA GLY B 14 -0.86 10.80 -14.08
C GLY B 14 -1.96 10.08 -13.34
N THR B 15 -3.11 9.87 -13.99
CA THR B 15 -4.21 9.17 -13.34
C THR B 15 -3.92 7.66 -13.42
N ILE B 16 -3.36 7.23 -14.55
CA ILE B 16 -3.04 5.83 -14.82
C ILE B 16 -2.08 5.20 -13.81
N ALA B 17 -1.29 6.04 -13.15
CA ALA B 17 -0.34 5.58 -12.15
C ALA B 17 -0.46 6.47 -10.92
N GLY B 18 -1.58 6.33 -10.21
CA GLY B 18 -1.83 7.10 -9.01
C GLY B 18 -2.70 6.30 -8.04
N SER B 19 -2.19 6.07 -6.84
CA SER B 19 -2.91 5.30 -5.83
C SER B 19 -3.96 6.09 -5.05
N ALA B 20 -5.06 5.42 -4.70
CA ALA B 20 -6.15 6.04 -3.95
C ALA B 20 -6.14 5.52 -2.52
N ALA B 21 -6.87 6.20 -1.63
CA ALA B 21 -6.95 5.81 -0.22
C ALA B 21 -7.73 4.51 0.02
N ALA B 22 -8.74 4.27 -0.80
CA ALA B 22 -9.56 3.08 -0.66
C ALA B 22 -9.87 2.42 -2.00
N ASN B 23 -10.91 1.60 -2.01
CA ASN B 23 -11.34 0.87 -3.19
C ASN B 23 -12.26 1.71 -4.09
N THR B 24 -13.47 2.00 -3.61
CA THR B 24 -14.44 2.77 -4.38
C THR B 24 -14.10 4.24 -4.49
N GLN B 25 -13.08 4.68 -3.76
CA GLN B 25 -12.69 6.08 -3.81
C GLN B 25 -12.04 6.38 -5.15
N THR B 26 -12.66 7.28 -5.89
CA THR B 26 -12.17 7.69 -7.20
C THR B 26 -12.31 9.20 -7.34
N THR B 27 -12.07 9.91 -6.23
CA THR B 27 -12.18 11.37 -6.22
C THR B 27 -10.99 12.01 -5.49
N GLY B 28 -10.53 11.37 -4.43
CA GLY B 28 -9.39 11.89 -3.68
C GLY B 28 -8.20 10.96 -3.82
N TYR B 29 -7.13 11.46 -4.45
CA TYR B 29 -5.95 10.62 -4.64
C TYR B 29 -4.68 11.41 -5.01
N LYS B 30 -3.60 10.67 -5.24
CA LYS B 30 -2.31 11.23 -5.61
C LYS B 30 -1.86 10.62 -6.94
N ALA B 31 -1.34 11.46 -7.83
CA ALA B 31 -0.85 10.98 -9.13
C ALA B 31 0.68 11.03 -9.13
N GLY B 32 1.28 10.38 -10.13
CA GLY B 32 2.74 10.37 -10.21
C GLY B 32 3.35 9.84 -8.92
N ALA B 33 2.76 8.78 -8.38
CA ALA B 33 3.23 8.15 -7.15
C ALA B 33 3.81 6.76 -7.43
N LEU B 34 3.38 6.17 -8.54
CA LEU B 34 3.84 4.85 -8.94
C LEU B 34 4.75 4.93 -10.17
N GLY B 35 5.98 4.45 -10.01
CA GLY B 35 6.94 4.47 -11.11
C GLY B 35 6.57 3.52 -12.24
N VAL B 36 7.30 3.62 -13.33
CA VAL B 36 7.04 2.77 -14.49
C VAL B 36 7.04 1.29 -14.11
N GLU B 37 8.20 0.78 -13.71
CA GLU B 37 8.40 -0.61 -13.32
C GLU B 37 7.13 -1.35 -12.90
N THR B 38 6.53 -0.89 -11.80
CA THR B 38 5.31 -1.52 -11.29
C THR B 38 4.19 -1.62 -12.32
N LEU B 39 3.99 -0.56 -13.10
CA LEU B 39 2.94 -0.58 -14.11
C LEU B 39 3.27 -1.71 -15.08
N ILE B 40 4.55 -1.87 -15.36
CA ILE B 40 5.03 -2.91 -16.26
C ILE B 40 4.66 -4.28 -15.68
N GLN B 41 4.71 -4.40 -14.35
CA GLN B 41 4.40 -5.65 -13.66
C GLN B 41 2.91 -5.99 -13.69
N ALA B 42 2.08 -5.02 -13.34
CA ALA B 42 0.63 -5.19 -13.27
C ALA B 42 0.02 -5.94 -14.45
N VAL B 43 0.72 -5.94 -15.59
CA VAL B 43 0.23 -6.61 -16.78
C VAL B 43 1.32 -7.43 -17.46
N PRO B 44 1.50 -8.70 -17.05
CA PRO B 44 2.51 -9.58 -17.63
C PRO B 44 2.14 -10.05 -19.04
N GLU B 45 0.94 -9.69 -19.50
CA GLU B 45 0.48 -10.10 -20.83
C GLU B 45 1.11 -9.21 -21.91
N LEU B 46 1.64 -8.07 -21.48
CA LEU B 46 2.28 -7.11 -22.38
C LEU B 46 3.48 -7.65 -23.14
N LYS B 47 4.15 -8.65 -22.57
CA LYS B 47 5.33 -9.22 -23.20
C LYS B 47 5.02 -10.12 -24.39
N THR B 48 3.74 -10.32 -24.67
CA THR B 48 3.36 -11.15 -25.79
C THR B 48 3.31 -10.31 -27.06
N LEU B 49 3.28 -9.00 -26.87
CA LEU B 49 3.18 -8.06 -27.97
C LEU B 49 4.49 -7.45 -28.45
N ALA B 50 5.43 -7.24 -27.55
CA ALA B 50 6.71 -6.64 -27.94
C ALA B 50 7.76 -6.70 -26.84
N ASN B 51 8.91 -6.09 -27.10
CA ASN B 51 10.03 -6.04 -26.15
C ASN B 51 9.93 -4.68 -25.50
N ILE B 52 9.55 -4.69 -24.23
CA ILE B 52 9.37 -3.45 -23.51
C ILE B 52 10.58 -2.93 -22.78
N LYS B 53 10.73 -1.61 -22.80
CA LYS B 53 11.83 -0.92 -22.12
C LYS B 53 11.15 0.31 -21.53
N GLY B 54 11.53 0.71 -20.32
CA GLY B 54 10.89 1.87 -19.72
C GLY B 54 11.81 2.77 -18.93
N GLU B 55 11.56 4.07 -18.98
CA GLU B 55 12.38 5.02 -18.24
C GLU B 55 11.59 6.27 -17.85
N GLN B 56 11.61 6.61 -16.56
CA GLN B 56 10.88 7.77 -16.04
C GLN B 56 11.52 9.11 -16.41
N VAL B 57 10.67 10.12 -16.61
CA VAL B 57 11.10 11.45 -17.00
C VAL B 57 10.44 12.59 -16.23
N ALA B 58 9.22 12.38 -15.78
CA ALA B 58 8.51 13.44 -15.07
C ALA B 58 7.92 13.07 -13.72
N SER B 59 7.00 12.11 -13.72
CA SER B 59 6.33 11.68 -12.49
C SER B 59 5.72 12.88 -11.77
N ILE B 60 4.81 13.58 -12.46
CA ILE B 60 4.13 14.75 -11.92
C ILE B 60 2.70 14.83 -12.48
N GLY B 61 1.81 15.46 -11.71
CA GLY B 61 0.42 15.62 -12.13
C GLY B 61 0.30 16.39 -13.43
N SER B 62 -0.65 15.99 -14.25
CA SER B 62 -0.88 16.61 -15.56
C SER B 62 -1.08 18.13 -15.56
N GLU B 63 -1.83 18.64 -14.58
CA GLU B 63 -2.10 20.06 -14.53
C GLU B 63 -0.92 20.98 -14.18
N ASN B 64 0.25 20.41 -13.90
CA ASN B 64 1.40 21.24 -13.57
C ASN B 64 2.55 21.14 -14.55
N MET B 65 2.28 20.69 -15.77
CA MET B 65 3.34 20.60 -16.75
C MET B 65 3.55 21.86 -17.58
N THR B 66 4.81 22.31 -17.63
CA THR B 66 5.21 23.51 -18.35
C THR B 66 5.86 23.21 -19.70
N SER B 67 5.99 24.24 -20.54
CA SER B 67 6.57 24.06 -21.86
C SER B 67 8.05 23.67 -21.85
N ASP B 68 8.82 24.23 -20.92
CA ASP B 68 10.25 23.91 -20.83
C ASP B 68 10.45 22.40 -20.71
N VAL B 69 9.41 21.68 -20.28
CA VAL B 69 9.46 20.23 -20.13
C VAL B 69 9.09 19.55 -21.44
N LEU B 70 8.17 20.14 -22.19
CA LEU B 70 7.75 19.58 -23.47
C LEU B 70 8.96 19.41 -24.38
N LEU B 71 9.74 20.50 -24.52
CA LEU B 71 10.96 20.48 -25.34
C LEU B 71 11.75 19.23 -25.01
N THR B 72 12.18 19.16 -23.77
CA THR B 72 12.93 18.03 -23.27
C THR B 72 12.36 16.72 -23.83
N LEU B 73 11.03 16.63 -23.89
CA LEU B 73 10.38 15.42 -24.38
C LEU B 73 10.57 15.21 -25.89
N SER B 74 10.35 16.25 -26.67
CA SER B 74 10.48 16.15 -28.12
C SER B 74 11.91 15.76 -28.49
N LYS B 75 12.88 16.42 -27.89
CA LYS B 75 14.29 16.11 -28.17
C LYS B 75 14.57 14.66 -27.79
N ARG B 76 14.03 14.23 -26.66
CA ARG B 76 14.25 12.88 -26.18
C ARG B 76 13.70 11.80 -27.11
N VAL B 77 12.48 12.00 -27.61
CA VAL B 77 11.85 11.01 -28.50
C VAL B 77 12.44 10.91 -29.91
N ASN B 78 12.91 12.04 -30.43
CA ASN B 78 13.53 12.07 -31.75
C ASN B 78 14.81 11.24 -31.70
N GLU B 79 15.67 11.51 -30.72
CA GLU B 79 16.91 10.78 -30.61
C GLU B 79 16.70 9.28 -30.40
N LEU B 80 15.52 8.89 -29.90
CA LEU B 80 15.25 7.47 -29.70
C LEU B 80 14.70 6.86 -30.98
N LEU B 81 14.08 7.67 -31.82
CA LEU B 81 13.50 7.14 -33.06
C LEU B 81 14.50 6.95 -34.18
N ALA B 82 15.65 7.63 -34.09
CA ALA B 82 16.68 7.54 -35.11
C ALA B 82 17.50 6.26 -35.01
N ARG B 83 17.41 5.58 -33.87
CA ARG B 83 18.15 4.35 -33.66
C ARG B 83 17.56 3.15 -34.40
N SER B 84 18.38 2.55 -35.27
CA SER B 84 18.00 1.39 -36.07
C SER B 84 17.48 0.17 -35.31
N ASP B 85 17.26 0.34 -34.01
CA ASP B 85 16.80 -0.78 -33.21
C ASP B 85 15.59 -0.44 -32.35
N VAL B 86 14.81 0.55 -32.78
CA VAL B 86 13.59 0.98 -32.06
C VAL B 86 12.40 1.14 -33.02
N ASP B 87 11.32 0.40 -32.77
CA ASP B 87 10.15 0.46 -33.65
C ASP B 87 9.03 1.44 -33.29
N GLY B 88 8.86 1.75 -32.01
CA GLY B 88 7.82 2.69 -31.61
C GLY B 88 7.87 3.19 -30.17
N VAL B 89 7.21 4.30 -29.91
CA VAL B 89 7.19 4.87 -28.56
C VAL B 89 5.78 4.93 -27.96
N VAL B 90 5.70 4.92 -26.63
CA VAL B 90 4.41 4.98 -25.94
C VAL B 90 4.58 5.86 -24.71
N ILE B 91 3.93 7.01 -24.71
CA ILE B 91 4.05 7.94 -23.59
C ILE B 91 2.85 7.95 -22.65
N THR B 92 3.10 8.02 -21.35
CA THR B 92 2.01 8.06 -20.39
C THR B 92 1.87 9.52 -19.97
N HIS B 93 0.65 9.94 -19.66
CA HIS B 93 0.42 11.34 -19.32
C HIS B 93 -0.90 11.45 -18.55
N GLY B 94 -1.13 12.60 -17.94
CA GLY B 94 -2.39 12.77 -17.23
C GLY B 94 -3.45 13.13 -18.25
N THR B 95 -4.69 13.26 -17.82
CA THR B 95 -5.75 13.60 -18.76
C THR B 95 -6.05 15.08 -18.83
N ASP B 96 -5.81 15.80 -17.73
CA ASP B 96 -6.09 17.23 -17.65
C ASP B 96 -5.63 18.09 -18.82
N THR B 97 -4.34 18.04 -19.14
CA THR B 97 -3.85 18.82 -20.27
C THR B 97 -3.38 17.94 -21.44
N LEU B 98 -4.12 16.86 -21.68
CA LEU B 98 -3.82 15.93 -22.76
C LEU B 98 -4.33 16.51 -24.10
N ASP B 99 -4.86 17.73 -24.05
CA ASP B 99 -5.40 18.44 -25.23
C ASP B 99 -4.23 19.17 -25.90
N GLU B 100 -3.25 19.57 -25.09
CA GLU B 100 -2.09 20.29 -25.59
C GLU B 100 -0.91 19.41 -25.99
N SER B 101 -0.33 18.75 -24.99
CA SER B 101 0.84 17.91 -25.19
C SER B 101 0.94 17.12 -26.49
N PRO B 102 -0.06 16.28 -26.82
CA PRO B 102 -0.02 15.49 -28.05
C PRO B 102 0.21 16.30 -29.32
N TYR B 103 -0.52 17.42 -29.44
CA TYR B 103 -0.43 18.30 -30.60
C TYR B 103 0.99 18.90 -30.74
N PHE B 104 1.67 19.11 -29.62
CA PHE B 104 3.02 19.67 -29.67
C PHE B 104 3.96 18.69 -30.36
N LEU B 105 4.02 17.44 -29.89
CA LEU B 105 4.92 16.50 -30.55
C LEU B 105 4.49 16.24 -31.99
N ASN B 106 3.18 16.21 -32.25
CA ASN B 106 2.67 15.98 -33.59
C ASN B 106 3.20 17.01 -34.57
N LEU B 107 3.73 18.11 -34.04
CA LEU B 107 4.28 19.16 -34.90
C LEU B 107 5.81 19.20 -34.89
N THR B 108 6.42 18.52 -33.94
CA THR B 108 7.87 18.54 -33.81
C THR B 108 8.63 17.23 -34.00
N VAL B 109 7.95 16.10 -33.87
CA VAL B 109 8.62 14.81 -34.06
C VAL B 109 8.87 14.59 -35.55
N LYS B 110 10.08 14.18 -35.93
CA LYS B 110 10.42 13.99 -37.33
C LYS B 110 10.61 12.56 -37.83
N SER B 111 9.66 11.68 -37.54
CA SER B 111 9.78 10.28 -37.97
C SER B 111 8.43 9.61 -38.12
N ASP B 112 8.28 8.86 -39.19
CA ASP B 112 7.02 8.18 -39.46
C ASP B 112 6.78 7.00 -38.51
N LYS B 113 7.74 6.69 -37.63
CA LYS B 113 7.52 5.58 -36.70
C LYS B 113 6.48 6.05 -35.69
N PRO B 114 5.62 5.14 -35.23
CA PRO B 114 4.54 5.38 -34.26
C PRO B 114 4.87 6.04 -32.91
N VAL B 115 4.04 6.99 -32.53
CA VAL B 115 4.15 7.69 -31.25
C VAL B 115 2.71 7.70 -30.64
N VAL B 116 2.55 6.98 -29.52
CA VAL B 116 1.25 6.85 -28.85
C VAL B 116 1.15 7.38 -27.43
N PHE B 117 0.19 8.27 -27.18
CA PHE B 117 -0.01 8.77 -25.83
C PHE B 117 -1.01 7.86 -25.13
N VAL B 118 -1.04 7.90 -23.80
CA VAL B 118 -1.97 7.06 -23.07
C VAL B 118 -2.22 7.55 -21.63
N ALA B 119 -3.47 7.44 -21.19
CA ALA B 119 -3.82 7.90 -19.86
C ALA B 119 -5.00 7.11 -19.33
N ALA B 120 -5.40 7.42 -18.09
CA ALA B 120 -6.54 6.75 -17.44
C ALA B 120 -7.41 7.77 -16.70
N MET B 121 -8.66 7.39 -16.41
CA MET B 121 -9.62 8.25 -15.72
C MET B 121 -9.97 7.84 -14.27
N ARG B 122 -9.42 6.74 -13.80
CA ARG B 122 -9.70 6.28 -12.44
C ARG B 122 -8.37 5.96 -11.76
N PRO B 123 -8.38 5.84 -10.43
CA PRO B 123 -7.09 5.51 -9.79
C PRO B 123 -6.80 4.04 -10.11
N ALA B 124 -5.53 3.65 -10.14
CA ALA B 124 -5.19 2.25 -10.42
C ALA B 124 -5.79 1.34 -9.37
N THR B 125 -6.40 1.96 -8.34
CA THR B 125 -7.01 1.22 -7.25
C THR B 125 -8.53 1.23 -7.31
N ALA B 126 -9.09 1.83 -8.35
CA ALA B 126 -10.54 1.89 -8.52
C ALA B 126 -11.08 0.47 -8.72
N ILE B 127 -12.38 0.29 -8.57
CA ILE B 127 -12.98 -1.03 -8.74
C ILE B 127 -12.76 -1.64 -10.13
N SER B 128 -12.99 -0.84 -11.16
CA SER B 128 -12.79 -1.35 -12.53
C SER B 128 -11.82 -0.47 -13.30
N ALA B 129 -10.64 -0.23 -12.72
CA ALA B 129 -9.60 0.60 -13.32
C ALA B 129 -9.40 0.31 -14.80
N ASP B 130 -9.26 1.36 -15.60
CA ASP B 130 -9.07 1.25 -17.03
C ASP B 130 -7.62 1.27 -17.48
N GLY B 131 -6.76 1.88 -16.67
CA GLY B 131 -5.34 1.96 -16.99
C GLY B 131 -4.77 0.67 -17.55
N PRO B 132 -5.15 -0.50 -16.99
CA PRO B 132 -4.65 -1.79 -17.45
C PRO B 132 -4.93 -2.10 -18.92
N MET B 133 -6.21 -2.20 -19.25
CA MET B 133 -6.62 -2.50 -20.61
C MET B 133 -6.18 -1.43 -21.60
N ASN B 134 -6.19 -0.17 -21.20
CA ASN B 134 -5.77 0.91 -22.09
C ASN B 134 -4.29 0.85 -22.48
N LEU B 135 -3.45 0.35 -21.58
CA LEU B 135 -2.03 0.26 -21.83
C LEU B 135 -1.75 -0.84 -22.84
N TYR B 136 -2.27 -2.04 -22.55
CA TYR B 136 -2.12 -3.18 -23.43
C TYR B 136 -2.60 -2.74 -24.81
N GLY B 137 -3.70 -2.00 -24.84
CA GLY B 137 -4.28 -1.50 -26.07
C GLY B 137 -3.43 -0.48 -26.80
N ALA B 138 -2.67 0.31 -26.06
CA ALA B 138 -1.81 1.31 -26.67
C ALA B 138 -0.63 0.60 -27.32
N VAL B 139 -0.01 -0.28 -26.55
CA VAL B 139 1.14 -1.01 -27.06
C VAL B 139 0.80 -1.84 -28.29
N LYS B 140 -0.38 -2.44 -28.30
CA LYS B 140 -0.77 -3.25 -29.45
C LYS B 140 -0.67 -2.38 -30.70
N VAL B 141 -1.25 -1.18 -30.62
CA VAL B 141 -1.25 -0.22 -31.73
C VAL B 141 0.16 0.16 -32.20
N ALA B 142 1.00 0.59 -31.26
CA ALA B 142 2.36 0.98 -31.56
C ALA B 142 3.10 -0.13 -32.29
N ALA B 143 2.90 -1.36 -31.83
CA ALA B 143 3.58 -2.49 -32.44
C ALA B 143 2.99 -2.91 -33.79
N ASP B 144 1.95 -2.22 -34.24
CA ASP B 144 1.36 -2.58 -35.53
C ASP B 144 2.29 -1.98 -36.58
N LYS B 145 2.29 -2.57 -37.77
CA LYS B 145 3.13 -2.13 -38.87
C LYS B 145 2.33 -1.16 -39.76
N ASN B 146 1.04 -1.02 -39.45
CA ASN B 146 0.16 -0.15 -40.23
C ASN B 146 -0.14 1.17 -39.58
N SER B 147 0.33 1.38 -38.35
CA SER B 147 0.07 2.62 -37.64
C SER B 147 1.10 3.66 -38.06
N ARG B 148 2.04 3.24 -38.89
CA ARG B 148 3.08 4.13 -39.35
C ARG B 148 2.53 5.25 -40.24
N GLY B 149 3.09 6.44 -40.12
CA GLY B 149 2.67 7.56 -40.94
C GLY B 149 1.24 8.08 -40.77
N ARG B 150 0.74 8.05 -39.54
CA ARG B 150 -0.63 8.53 -39.30
C ARG B 150 -0.70 9.70 -38.34
N GLY B 151 0.44 10.28 -37.96
CA GLY B 151 0.45 11.38 -37.00
C GLY B 151 0.37 10.87 -35.56
N VAL B 152 0.65 11.74 -34.59
CA VAL B 152 0.60 11.32 -33.20
C VAL B 152 -0.77 10.74 -32.83
N LEU B 153 -0.76 9.64 -32.08
CA LEU B 153 -2.00 8.97 -31.69
C LEU B 153 -2.31 8.99 -30.18
N VAL B 154 -3.60 8.97 -29.86
CA VAL B 154 -4.04 8.96 -28.46
C VAL B 154 -5.04 7.81 -28.28
N VAL B 155 -4.78 6.95 -27.30
CA VAL B 155 -5.62 5.79 -27.07
C VAL B 155 -6.39 5.79 -25.74
N LEU B 156 -7.67 5.46 -25.79
CA LEU B 156 -8.50 5.43 -24.59
C LEU B 156 -9.88 4.83 -24.87
N ASN B 157 -10.36 4.01 -23.94
CA ASN B 157 -11.69 3.43 -24.07
C ASN B 157 -11.83 2.66 -25.38
N ASP B 158 -10.75 2.00 -25.79
CA ASP B 158 -10.78 1.21 -27.03
C ASP B 158 -10.94 2.03 -28.30
N ARG B 159 -10.51 3.30 -28.26
CA ARG B 159 -10.63 4.19 -29.42
C ARG B 159 -9.26 4.73 -29.88
N ILE B 160 -9.12 4.96 -31.19
CA ILE B 160 -7.87 5.49 -31.74
C ILE B 160 -8.20 6.86 -32.32
N GLY B 161 -7.65 7.93 -31.72
CA GLY B 161 -7.92 9.27 -32.21
C GLY B 161 -6.72 10.15 -32.55
N SER B 162 -6.94 11.13 -33.42
CA SER B 162 -5.90 12.06 -33.85
C SER B 162 -5.71 13.30 -32.99
N ALA B 163 -4.46 13.51 -32.60
CA ALA B 163 -4.07 14.62 -31.77
C ALA B 163 -4.65 15.94 -32.23
N ARG B 164 -4.80 16.11 -33.54
CA ARG B 164 -5.32 17.35 -34.14
C ARG B 164 -6.81 17.62 -33.89
N PHE B 165 -7.54 16.58 -33.54
CA PHE B 165 -8.99 16.68 -33.34
C PHE B 165 -9.52 16.35 -31.93
N ILE B 166 -8.95 15.30 -31.33
CA ILE B 166 -9.37 14.82 -30.00
C ILE B 166 -9.12 15.74 -28.83
N SER B 167 -10.10 15.77 -27.92
CA SER B 167 -10.07 16.57 -26.70
C SER B 167 -11.03 15.97 -25.65
N LYS B 168 -10.91 16.43 -24.41
CA LYS B 168 -11.74 15.97 -23.29
C LYS B 168 -13.02 16.79 -23.15
N THR B 169 -14.12 16.27 -23.72
CA THR B 169 -15.43 16.92 -23.72
C THR B 169 -16.21 16.90 -22.42
N ASN B 170 -16.02 15.84 -21.62
CA ASN B 170 -16.70 15.74 -20.33
C ASN B 170 -15.69 15.87 -19.20
N ALA B 171 -16.15 16.26 -18.02
CA ALA B 171 -15.27 16.46 -16.89
C ALA B 171 -14.94 15.20 -16.09
N SER B 172 -15.86 14.23 -16.03
CA SER B 172 -15.61 13.04 -15.23
C SER B 172 -15.81 11.66 -15.85
N THR B 173 -16.69 11.54 -16.85
CA THR B 173 -16.96 10.25 -17.48
C THR B 173 -15.73 9.70 -18.23
N LEU B 174 -15.67 8.39 -18.38
CA LEU B 174 -14.53 7.78 -19.03
C LEU B 174 -14.58 7.64 -20.56
N ASP B 175 -15.67 8.09 -21.17
CA ASP B 175 -15.82 8.08 -22.63
C ASP B 175 -15.80 9.56 -23.04
N THR B 176 -15.09 10.33 -22.21
CA THR B 176 -14.94 11.78 -22.34
C THR B 176 -14.22 12.31 -23.59
N PHE B 177 -13.19 11.60 -24.05
CA PHE B 177 -12.47 12.05 -25.24
C PHE B 177 -13.16 11.72 -26.59
N LYS B 178 -13.67 12.74 -27.27
CA LYS B 178 -14.30 12.54 -28.57
C LYS B 178 -14.15 13.78 -29.45
N ALA B 179 -14.56 13.67 -30.70
CA ALA B 179 -14.48 14.77 -31.66
C ALA B 179 -15.75 14.74 -32.49
N PRO B 180 -16.85 15.26 -31.94
CA PRO B 180 -18.19 15.34 -32.53
C PRO B 180 -18.23 15.42 -34.07
N GLU B 181 -17.62 16.46 -34.64
CA GLU B 181 -17.61 16.63 -36.08
C GLU B 181 -16.58 15.78 -36.84
N GLU B 182 -15.49 15.40 -36.18
CA GLU B 182 -14.42 14.64 -36.84
C GLU B 182 -14.37 13.12 -36.62
N GLY B 183 -14.93 12.60 -35.54
CA GLY B 183 -14.91 11.16 -35.32
C GLY B 183 -13.55 10.59 -34.97
N TYR B 184 -13.36 9.28 -35.11
CA TYR B 184 -12.08 8.63 -34.78
C TYR B 184 -11.38 7.99 -35.96
N LEU B 185 -10.05 7.88 -35.88
CA LEU B 185 -9.25 7.27 -36.94
C LEU B 185 -9.40 5.76 -36.98
N GLY B 186 -9.57 5.14 -35.82
CA GLY B 186 -9.71 3.69 -35.78
C GLY B 186 -10.27 3.24 -34.45
N VAL B 187 -10.51 1.93 -34.31
CA VAL B 187 -11.05 1.32 -33.08
C VAL B 187 -10.51 -0.11 -32.88
N ILE B 188 -10.36 -0.55 -31.63
CA ILE B 188 -9.82 -1.88 -31.30
C ILE B 188 -10.82 -2.88 -30.72
N ILE B 189 -11.39 -3.74 -31.56
CA ILE B 189 -12.37 -4.69 -31.04
C ILE B 189 -12.06 -6.15 -31.27
N GLY B 190 -11.89 -6.86 -30.16
CA GLY B 190 -11.60 -8.29 -30.19
C GLY B 190 -10.15 -8.58 -30.48
N ASP B 191 -9.26 -7.89 -29.77
CA ASP B 191 -7.83 -8.06 -29.97
C ASP B 191 -7.46 -7.79 -31.43
N LYS B 192 -8.29 -7.01 -32.13
CA LYS B 192 -8.05 -6.65 -33.53
C LYS B 192 -8.16 -5.14 -33.77
N ILE B 193 -7.34 -4.62 -34.69
CA ILE B 193 -7.35 -3.19 -35.00
C ILE B 193 -8.05 -2.88 -36.34
N TYR B 194 -8.78 -1.76 -36.40
CA TYR B 194 -9.46 -1.34 -37.61
C TYR B 194 -9.36 0.14 -37.86
N TYR B 195 -8.60 0.54 -38.88
CA TYR B 195 -8.48 1.94 -39.23
C TYR B 195 -9.56 2.22 -40.29
N GLN B 196 -10.07 3.44 -40.35
CA GLN B 196 -11.12 3.78 -41.30
C GLN B 196 -10.98 5.13 -41.98
N THR B 197 -10.19 6.02 -41.42
CA THR B 197 -9.97 7.33 -42.04
C THR B 197 -8.56 7.79 -41.78
N ARG B 198 -8.15 8.87 -42.42
CA ARG B 198 -6.82 9.36 -42.20
C ARG B 198 -6.82 10.88 -42.08
N LEU B 199 -6.02 11.42 -41.17
CA LEU B 199 -5.96 12.87 -41.01
C LEU B 199 -5.61 13.51 -42.36
N ASP B 200 -6.32 14.55 -42.74
CA ASP B 200 -6.06 15.20 -44.01
C ASP B 200 -5.52 16.62 -43.79
N LYS B 201 -4.44 16.72 -43.02
CA LYS B 201 -3.78 17.98 -42.70
C LYS B 201 -2.25 17.78 -42.67
N VAL B 202 -1.48 18.85 -42.50
CA VAL B 202 0.00 18.75 -42.47
C VAL B 202 0.54 18.32 -41.11
N HIS B 203 1.57 17.47 -41.11
CA HIS B 203 2.14 16.97 -39.86
C HIS B 203 3.45 16.20 -39.97
N THR B 204 4.03 15.93 -38.80
CA THR B 204 5.30 15.19 -38.65
C THR B 204 6.34 15.34 -39.74
N THR B 205 6.61 14.22 -40.41
CA THR B 205 7.57 14.13 -41.50
C THR B 205 7.57 15.39 -42.39
N ARG B 206 6.40 16.00 -42.57
CA ARG B 206 6.29 17.19 -43.39
C ARG B 206 5.98 18.47 -42.63
N SER B 207 6.47 18.60 -41.39
CA SER B 207 6.26 19.83 -40.63
C SER B 207 7.44 20.75 -40.83
N VAL B 208 7.17 22.04 -41.02
CA VAL B 208 8.24 23.01 -41.25
C VAL B 208 8.85 23.45 -39.95
N PHE B 209 8.23 23.07 -38.85
CA PHE B 209 8.74 23.44 -37.56
C PHE B 209 9.75 22.38 -37.13
N ASP B 210 10.79 22.83 -36.43
CA ASP B 210 11.84 21.96 -35.93
C ASP B 210 12.32 22.62 -34.64
N VAL B 211 12.12 21.94 -33.53
CA VAL B 211 12.48 22.49 -32.23
C VAL B 211 13.81 21.94 -31.72
N THR B 212 14.45 21.11 -32.53
CA THR B 212 15.72 20.47 -32.16
C THR B 212 16.87 21.35 -31.63
N ASN B 213 16.89 22.65 -31.94
CA ASN B 213 17.96 23.51 -31.46
C ASN B 213 17.60 24.71 -30.58
N VAL B 214 16.33 24.86 -30.18
CA VAL B 214 15.95 25.99 -29.34
C VAL B 214 16.06 25.62 -27.86
N ASP B 215 15.67 26.53 -26.97
CA ASP B 215 15.76 26.26 -25.54
C ASP B 215 14.75 27.02 -24.67
N LYS B 216 13.95 27.89 -25.31
CA LYS B 216 12.95 28.67 -24.59
C LYS B 216 11.90 29.20 -25.55
N LEU B 217 10.65 28.80 -25.35
CA LEU B 217 9.55 29.23 -26.21
C LEU B 217 9.00 30.58 -25.76
N PRO B 218 8.31 31.30 -26.66
CA PRO B 218 7.72 32.61 -26.34
C PRO B 218 6.50 32.51 -25.41
N ALA B 219 6.12 33.65 -24.82
CA ALA B 219 4.98 33.67 -23.93
C ALA B 219 3.66 33.95 -24.66
N VAL B 220 2.64 33.16 -24.37
CA VAL B 220 1.33 33.31 -24.99
C VAL B 220 0.19 33.11 -23.96
N ASP B 221 -0.66 34.13 -23.78
CA ASP B 221 -1.79 34.09 -22.84
C ASP B 221 -3.16 33.71 -23.49
N ILE B 222 -4.19 33.54 -22.66
CA ILE B 222 -5.53 33.20 -23.17
C ILE B 222 -6.60 33.98 -22.39
N ILE B 223 -7.40 34.79 -23.10
CA ILE B 223 -8.47 35.61 -22.51
C ILE B 223 -9.82 35.06 -22.97
N TYR B 224 -10.80 35.08 -22.07
CA TYR B 224 -12.14 34.56 -22.32
C TYR B 224 -13.10 35.66 -22.81
N GLY B 225 -14.23 35.27 -23.39
CA GLY B 225 -15.22 36.22 -23.87
C GLY B 225 -16.61 35.91 -23.27
N TYR B 226 -17.20 36.89 -22.59
CA TYR B 226 -18.52 36.73 -21.95
C TYR B 226 -19.20 38.09 -21.76
N GLN B 227 -20.49 38.07 -21.42
CA GLN B 227 -21.25 39.30 -21.19
C GLN B 227 -20.55 40.13 -20.11
N ASP B 228 -20.48 41.45 -20.30
CA ASP B 228 -19.85 42.38 -19.36
C ASP B 228 -18.33 42.22 -19.19
N ASP B 229 -17.66 41.48 -20.08
CA ASP B 229 -16.21 41.25 -19.93
C ASP B 229 -15.32 42.51 -19.76
N PRO B 230 -14.36 42.44 -18.83
CA PRO B 230 -13.46 43.56 -18.56
C PRO B 230 -12.40 43.72 -19.63
N GLU B 231 -11.74 44.88 -19.66
CA GLU B 231 -10.69 45.11 -20.64
C GLU B 231 -9.32 45.30 -20.01
N TYR B 232 -9.27 45.38 -18.69
CA TYR B 232 -7.97 45.53 -18.03
C TYR B 232 -7.21 44.19 -18.07
N MET B 233 -7.88 43.14 -18.53
CA MET B 233 -7.25 41.82 -18.64
C MET B 233 -6.14 41.91 -19.68
N TYR B 234 -6.46 42.54 -20.81
CA TYR B 234 -5.50 42.69 -21.90
C TYR B 234 -4.30 43.52 -21.48
N ASP B 235 -4.56 44.64 -20.80
CA ASP B 235 -3.49 45.52 -20.35
C ASP B 235 -2.50 44.78 -19.48
N ALA B 236 -2.99 43.76 -18.79
CA ALA B 236 -2.15 42.97 -17.90
C ALA B 236 -1.08 42.19 -18.66
N SER B 237 -1.48 41.55 -19.75
CA SER B 237 -0.56 40.77 -20.56
C SER B 237 0.40 41.68 -21.31
N ILE B 238 -0.11 42.78 -21.85
CA ILE B 238 0.74 43.71 -22.59
C ILE B 238 1.86 44.16 -21.65
N LYS B 239 1.47 44.50 -20.42
CA LYS B 239 2.42 44.97 -19.42
C LYS B 239 3.40 43.91 -18.90
N HIS B 240 3.27 42.67 -19.37
CA HIS B 240 4.17 41.60 -18.94
C HIS B 240 4.94 40.97 -20.10
N GLY B 241 4.78 41.56 -21.29
CA GLY B 241 5.51 41.09 -22.46
C GLY B 241 5.05 39.89 -23.27
N VAL B 242 3.78 39.58 -23.21
CA VAL B 242 3.27 38.45 -23.97
C VAL B 242 3.57 38.66 -25.45
N LYS B 243 3.90 37.56 -26.15
CA LYS B 243 4.23 37.61 -27.57
C LYS B 243 3.05 37.22 -28.46
N GLY B 244 1.88 37.01 -27.85
CA GLY B 244 0.71 36.65 -28.61
C GLY B 244 -0.47 36.34 -27.70
N ILE B 245 -1.69 36.58 -28.17
CA ILE B 245 -2.86 36.30 -27.35
C ILE B 245 -3.93 35.52 -28.09
N VAL B 246 -4.48 34.51 -27.44
CA VAL B 246 -5.57 33.70 -27.98
C VAL B 246 -6.85 34.17 -27.32
N TYR B 247 -7.88 34.44 -28.12
CA TYR B 247 -9.14 34.89 -27.57
C TYR B 247 -10.21 33.85 -27.80
N ALA B 248 -11.02 33.58 -26.78
CA ALA B 248 -12.10 32.61 -26.88
C ALA B 248 -13.40 33.36 -27.15
N GLY B 249 -13.67 33.64 -28.43
CA GLY B 249 -14.86 34.38 -28.82
C GLY B 249 -16.18 33.88 -28.27
N MET B 250 -17.26 34.61 -28.50
CA MET B 250 -18.55 34.20 -27.99
C MET B 250 -19.36 33.38 -28.98
N GLY B 251 -18.92 33.35 -30.22
CA GLY B 251 -19.60 32.58 -31.24
C GLY B 251 -18.60 32.31 -32.34
N ALA B 252 -18.75 33.01 -33.47
CA ALA B 252 -17.81 32.86 -34.56
C ALA B 252 -16.67 33.76 -34.15
N GLY B 253 -16.38 33.71 -32.85
CA GLY B 253 -15.30 34.52 -32.28
C GLY B 253 -15.61 35.99 -32.07
N SER B 254 -16.89 36.34 -32.05
CA SER B 254 -17.29 37.73 -31.86
C SER B 254 -16.58 38.42 -30.68
N VAL B 255 -16.41 39.74 -30.79
CA VAL B 255 -15.79 40.54 -29.73
C VAL B 255 -16.72 41.68 -29.33
N SER B 256 -16.75 41.98 -28.04
CA SER B 256 -17.58 43.05 -27.51
C SER B 256 -16.91 44.40 -27.68
N LYS B 257 -17.64 45.46 -27.36
CA LYS B 257 -17.14 46.83 -27.44
C LYS B 257 -15.78 46.97 -26.74
N ARG B 258 -15.69 46.47 -25.51
CA ARG B 258 -14.48 46.52 -24.69
C ARG B 258 -13.45 45.54 -25.25
N GLY B 259 -13.94 44.42 -25.78
CA GLY B 259 -13.05 43.42 -26.35
C GLY B 259 -12.37 43.93 -27.60
N ASP B 260 -13.11 44.68 -28.40
CA ASP B 260 -12.59 45.27 -29.65
C ASP B 260 -11.41 46.14 -29.27
N ALA B 261 -11.62 46.96 -28.24
CA ALA B 261 -10.63 47.88 -27.72
C ALA B 261 -9.33 47.24 -27.26
N GLY B 262 -9.43 46.24 -26.40
CA GLY B 262 -8.22 45.58 -25.92
C GLY B 262 -7.35 44.97 -27.00
N ILE B 263 -7.98 44.18 -27.87
CA ILE B 263 -7.29 43.51 -28.97
C ILE B 263 -6.40 44.45 -29.78
N ARG B 264 -6.86 45.67 -30.00
CA ARG B 264 -6.11 46.65 -30.77
C ARG B 264 -4.87 47.19 -30.08
N LYS B 265 -4.99 47.52 -28.79
CA LYS B 265 -3.84 48.01 -28.02
C LYS B 265 -2.68 47.02 -28.15
N ALA B 266 -3.02 45.73 -28.17
CA ALA B 266 -2.03 44.69 -28.27
C ALA B 266 -1.40 44.66 -29.66
N GLU B 267 -2.23 44.69 -30.69
CA GLU B 267 -1.73 44.65 -32.07
C GLU B 267 -0.91 45.90 -32.36
N SER B 268 -1.24 46.99 -31.70
CA SER B 268 -0.54 48.26 -31.89
C SER B 268 0.83 48.23 -31.22
N LYS B 269 1.17 47.12 -30.58
CA LYS B 269 2.45 47.04 -29.90
C LYS B 269 3.33 45.86 -30.29
N GLY B 270 3.03 45.25 -31.43
CA GLY B 270 3.83 44.13 -31.90
C GLY B 270 3.30 42.76 -31.52
N ILE B 271 2.22 42.73 -30.75
CA ILE B 271 1.64 41.46 -30.32
C ILE B 271 0.63 40.94 -31.33
N VAL B 272 0.77 39.66 -31.65
CA VAL B 272 -0.13 39.03 -32.59
C VAL B 272 -1.25 38.31 -31.79
N VAL B 273 -2.50 38.50 -32.23
CA VAL B 273 -3.63 37.90 -31.54
C VAL B 273 -4.52 37.08 -32.47
N VAL B 274 -4.79 35.84 -32.08
CA VAL B 274 -5.62 34.95 -32.88
C VAL B 274 -6.97 34.73 -32.19
N ARG B 275 -8.07 34.80 -32.96
CA ARG B 275 -9.41 34.60 -32.44
C ARG B 275 -9.91 33.16 -32.58
N SER B 276 -10.19 32.51 -31.46
CA SER B 276 -10.68 31.13 -31.49
C SER B 276 -12.17 31.11 -31.09
N SER B 277 -12.61 30.08 -30.39
CA SER B 277 -14.00 30.04 -29.96
C SER B 277 -14.27 29.26 -28.67
N ARG B 278 -15.18 29.79 -27.87
CA ARG B 278 -15.52 29.17 -26.60
C ARG B 278 -16.60 28.07 -26.69
N THR B 279 -17.14 27.80 -27.87
CA THR B 279 -18.18 26.79 -27.97
C THR B 279 -17.71 25.34 -27.73
N GLY B 280 -16.83 24.83 -28.56
CA GLY B 280 -16.40 23.46 -28.34
C GLY B 280 -15.99 22.82 -29.63
N SER B 281 -16.76 23.07 -30.69
CA SER B 281 -16.45 22.54 -32.00
C SER B 281 -16.90 23.59 -33.00
N GLY B 282 -16.41 23.52 -34.23
CA GLY B 282 -16.82 24.47 -35.25
C GLY B 282 -15.73 25.30 -35.91
N ILE B 283 -16.13 26.12 -36.88
CA ILE B 283 -15.22 26.98 -37.64
C ILE B 283 -15.45 28.50 -37.49
N VAL B 284 -14.39 29.25 -37.19
CA VAL B 284 -14.45 30.71 -37.07
C VAL B 284 -14.06 31.22 -38.45
N PRO B 285 -14.96 31.95 -39.12
CA PRO B 285 -14.65 32.46 -40.45
C PRO B 285 -13.95 33.82 -40.50
N PRO B 286 -13.34 34.15 -41.65
CA PRO B 286 -12.65 35.42 -41.80
C PRO B 286 -13.65 36.58 -41.81
N ASP B 287 -13.30 37.68 -41.14
CA ASP B 287 -14.16 38.86 -41.14
C ASP B 287 -13.29 40.10 -41.02
N ALA B 288 -13.36 40.96 -42.02
CA ALA B 288 -12.58 42.19 -42.04
C ALA B 288 -13.21 43.26 -41.15
N GLY B 289 -14.27 42.88 -40.44
CA GLY B 289 -14.92 43.82 -39.55
C GLY B 289 -14.49 43.62 -38.12
N GLN B 290 -13.36 42.94 -37.93
CA GLN B 290 -12.85 42.69 -36.59
C GLN B 290 -11.34 42.55 -36.64
N PRO B 291 -10.66 42.79 -35.50
CA PRO B 291 -9.21 42.70 -35.33
C PRO B 291 -8.61 41.29 -35.26
N GLY B 292 -7.29 41.20 -35.37
CA GLY B 292 -6.61 39.92 -35.27
C GLY B 292 -6.83 38.89 -36.38
N LEU B 293 -6.30 37.69 -36.18
CA LEU B 293 -6.44 36.62 -37.15
C LEU B 293 -7.54 35.66 -36.69
N VAL B 294 -7.84 34.67 -37.53
CA VAL B 294 -8.86 33.67 -37.19
C VAL B 294 -8.22 32.32 -37.05
N ALA B 295 -8.66 31.53 -36.09
CA ALA B 295 -8.09 30.20 -35.93
C ALA B 295 -8.96 29.40 -36.89
N ASP B 296 -8.42 28.31 -37.41
CA ASP B 296 -9.23 27.58 -38.36
C ASP B 296 -10.40 27.03 -37.56
N SER B 297 -10.19 25.84 -37.00
CA SER B 297 -11.18 25.14 -36.22
C SER B 297 -10.49 24.57 -35.01
N LEU B 298 -9.34 25.16 -34.68
CA LEU B 298 -8.56 24.73 -33.53
C LEU B 298 -9.21 25.29 -32.26
N SER B 299 -9.05 24.56 -31.17
CA SER B 299 -9.61 24.99 -29.88
C SER B 299 -8.66 25.98 -29.20
N PRO B 300 -9.20 26.89 -28.38
CA PRO B 300 -8.32 27.83 -27.70
C PRO B 300 -7.05 27.20 -27.19
N ALA B 301 -7.17 26.03 -26.56
CA ALA B 301 -6.00 25.37 -26.06
C ALA B 301 -5.01 25.07 -27.17
N LYS B 302 -5.42 24.28 -28.16
CA LYS B 302 -4.55 23.91 -29.29
C LYS B 302 -3.99 25.08 -30.08
N SER B 303 -4.79 26.15 -30.25
CA SER B 303 -4.37 27.35 -30.97
C SER B 303 -3.14 27.99 -30.30
N ARG B 304 -3.15 28.06 -28.96
CA ARG B 304 -2.04 28.61 -28.21
C ARG B 304 -0.71 27.84 -28.51
N ILE B 305 -0.79 26.51 -28.57
CA ILE B 305 0.39 25.68 -28.87
C ILE B 305 0.96 25.98 -30.26
N LEU B 306 0.09 26.16 -31.24
CA LEU B 306 0.51 26.44 -32.61
C LEU B 306 1.11 27.83 -32.78
N LEU B 307 0.70 28.77 -31.94
CA LEU B 307 1.23 30.12 -32.04
C LEU B 307 2.62 30.23 -31.39
N MET B 308 2.87 29.47 -30.33
CA MET B 308 4.18 29.50 -29.69
C MET B 308 5.21 29.20 -30.75
N LEU B 309 5.04 28.05 -31.40
CA LEU B 309 5.96 27.60 -32.45
C LEU B 309 6.03 28.58 -33.63
N ALA B 310 4.88 29.03 -34.09
CA ALA B 310 4.85 29.99 -35.19
C ALA B 310 5.84 31.12 -34.92
N LEU B 311 5.76 31.72 -33.74
CA LEU B 311 6.62 32.83 -33.36
C LEU B 311 8.11 32.54 -33.20
N THR B 312 8.51 31.28 -33.28
CA THR B 312 9.93 30.97 -33.15
C THR B 312 10.54 30.96 -34.56
N LYS B 313 9.71 31.22 -35.56
CA LYS B 313 10.20 31.20 -36.94
C LYS B 313 9.81 32.45 -37.72
N THR B 314 8.83 33.21 -37.23
CA THR B 314 8.44 34.40 -37.95
C THR B 314 7.56 35.37 -37.16
N THR B 315 7.13 36.43 -37.85
CA THR B 315 6.31 37.47 -37.28
C THR B 315 5.39 38.08 -38.32
N ASN B 316 5.60 37.75 -39.59
CA ASN B 316 4.75 38.29 -40.64
C ASN B 316 3.36 37.69 -40.45
N PRO B 317 2.41 38.50 -39.94
CA PRO B 317 1.03 38.07 -39.70
C PRO B 317 0.43 37.27 -40.85
N ALA B 318 0.73 37.72 -42.07
CA ALA B 318 0.24 37.10 -43.29
C ALA B 318 0.60 35.63 -43.39
N VAL B 319 1.84 35.30 -43.02
CA VAL B 319 2.33 33.92 -43.06
C VAL B 319 1.75 33.11 -41.93
N ILE B 320 1.46 33.78 -40.81
CA ILE B 320 0.89 33.13 -39.64
C ILE B 320 -0.50 32.59 -39.96
N GLN B 321 -1.29 33.42 -40.65
CA GLN B 321 -2.65 33.05 -41.02
C GLN B 321 -2.70 31.76 -41.82
N ASP B 322 -1.75 31.59 -42.72
CA ASP B 322 -1.66 30.41 -43.58
C ASP B 322 -1.50 29.08 -42.84
N TYR B 323 -0.72 29.06 -41.76
CA TYR B 323 -0.54 27.81 -41.03
C TYR B 323 -1.84 27.31 -40.47
N PHE B 324 -2.48 28.17 -39.67
CA PHE B 324 -3.74 27.85 -39.05
C PHE B 324 -4.68 27.13 -40.00
N HIS B 325 -4.58 27.46 -41.29
CA HIS B 325 -5.40 26.83 -42.32
C HIS B 325 -4.84 25.50 -42.84
N ALA B 326 -3.56 25.26 -42.65
CA ALA B 326 -2.92 24.03 -43.13
C ALA B 326 -2.52 22.97 -42.09
N TYR B 327 -2.32 23.39 -40.84
CA TYR B 327 -1.92 22.47 -39.77
C TYR B 327 -3.03 21.99 -38.81
N ASN C 3 -0.31 21.63 43.59
CA ASN C 3 1.00 21.17 44.12
C ASN C 3 1.64 20.15 43.18
N LEU C 4 2.85 20.44 42.71
CA LEU C 4 3.56 19.55 41.81
C LEU C 4 5.08 19.76 41.98
N PRO C 5 5.89 18.79 41.54
CA PRO C 5 7.35 18.97 41.69
C PRO C 5 7.96 19.87 40.61
N ASN C 6 9.18 20.29 40.85
CA ASN C 6 9.87 21.15 39.90
C ASN C 6 11.27 20.60 39.65
N ILE C 7 11.49 20.18 38.41
CA ILE C 7 12.76 19.60 37.99
C ILE C 7 13.46 20.47 36.96
N VAL C 8 14.79 20.42 36.94
CA VAL C 8 15.58 21.17 35.98
C VAL C 8 16.27 20.19 35.04
N ILE C 9 16.11 20.41 33.74
CA ILE C 9 16.75 19.58 32.74
C ILE C 9 18.02 20.28 32.30
N LEU C 10 19.04 19.51 31.97
CA LEU C 10 20.28 20.12 31.52
C LEU C 10 20.79 19.46 30.25
N ALA C 11 21.07 20.31 29.26
CA ALA C 11 21.54 19.84 27.98
C ALA C 11 23.05 19.73 27.86
N THR C 12 23.45 18.86 26.94
CA THR C 12 24.82 18.56 26.60
C THR C 12 24.72 18.15 25.13
N GLY C 13 23.56 17.63 24.76
CA GLY C 13 23.29 17.19 23.41
C GLY C 13 23.88 15.82 23.14
N GLY C 14 24.47 15.66 21.96
CA GLY C 14 25.10 14.39 21.63
C GLY C 14 24.30 13.30 20.96
N THR C 15 24.86 12.08 21.07
CA THR C 15 24.32 10.85 20.51
C THR C 15 22.82 10.67 20.73
N ILE C 16 22.24 11.50 21.60
CA ILE C 16 20.82 11.47 21.93
C ILE C 16 20.02 12.44 21.06
N ALA C 17 20.30 13.73 21.19
CA ALA C 17 19.62 14.76 20.42
C ALA C 17 20.04 14.71 18.96
N GLY C 18 19.87 13.54 18.36
CA GLY C 18 20.26 13.32 16.97
C GLY C 18 19.52 14.13 15.92
N SER C 19 20.08 14.15 14.72
CA SER C 19 19.52 14.87 13.57
C SER C 19 19.76 14.05 12.32
N ALA C 20 18.68 13.74 11.59
CA ALA C 20 18.81 12.94 10.38
C ALA C 20 17.83 13.32 9.27
N ALA C 21 18.17 12.91 8.05
CA ALA C 21 17.34 13.20 6.89
C ALA C 21 16.25 12.15 6.72
N ALA C 22 16.65 10.92 6.46
CA ALA C 22 15.70 9.82 6.25
C ALA C 22 15.34 9.09 7.53
N ASN C 23 14.10 8.61 7.57
CA ASN C 23 13.57 7.87 8.72
C ASN C 23 14.34 6.59 8.98
N THR C 24 14.72 5.91 7.90
CA THR C 24 15.48 4.65 7.99
C THR C 24 16.97 4.88 8.24
N GLN C 25 17.44 6.10 8.05
CA GLN C 25 18.84 6.43 8.28
C GLN C 25 19.09 6.62 9.76
N THR C 26 20.00 5.80 10.32
CA THR C 26 20.34 5.88 11.73
C THR C 26 21.85 5.70 11.90
N THR C 27 22.56 5.72 10.77
CA THR C 27 24.02 5.57 10.74
C THR C 27 24.60 6.83 10.08
N GLY C 28 25.33 7.63 10.86
CA GLY C 28 25.92 8.85 10.34
C GLY C 28 24.93 10.00 10.40
N TYR C 29 24.96 10.75 11.49
CA TYR C 29 24.02 11.86 11.67
C TYR C 29 24.60 13.11 12.32
N LYS C 30 23.75 14.12 12.48
CA LYS C 30 24.11 15.40 13.07
C LYS C 30 23.79 15.35 14.58
N ALA C 31 24.83 15.33 15.42
CA ALA C 31 24.63 15.27 16.87
C ALA C 31 24.60 16.65 17.54
N GLY C 32 23.91 16.74 18.67
CA GLY C 32 23.78 18.00 19.39
C GLY C 32 23.26 19.11 18.50
N ALA C 33 22.12 18.88 17.86
CA ALA C 33 21.52 19.88 16.97
C ALA C 33 20.35 20.61 17.64
N LEU C 34 19.30 19.88 17.99
CA LEU C 34 18.16 20.50 18.65
C LEU C 34 18.51 20.87 20.08
N GLY C 35 17.77 21.83 20.64
CA GLY C 35 18.01 22.26 22.00
C GLY C 35 17.05 21.62 22.99
N VAL C 36 17.03 22.12 24.22
CA VAL C 36 16.13 21.54 25.23
C VAL C 36 14.68 21.78 24.88
N GLU C 37 14.34 23.04 24.61
CA GLU C 37 12.97 23.40 24.32
C GLU C 37 12.27 22.60 23.21
N THR C 38 12.99 22.29 22.14
CA THR C 38 12.38 21.55 21.05
C THR C 38 11.99 20.13 21.48
N LEU C 39 12.73 19.58 22.43
CA LEU C 39 12.45 18.23 22.92
C LEU C 39 11.29 18.14 23.92
N ILE C 40 11.39 18.88 25.01
CA ILE C 40 10.34 18.88 26.02
C ILE C 40 9.03 19.40 25.46
N GLN C 41 9.05 19.66 24.15
CA GLN C 41 7.90 20.19 23.45
C GLN C 41 7.29 19.08 22.59
N ALA C 42 8.01 17.98 22.48
CA ALA C 42 7.55 16.84 21.70
C ALA C 42 6.75 15.88 22.55
N VAL C 43 6.82 16.06 23.87
CA VAL C 43 6.09 15.19 24.80
C VAL C 43 5.23 15.99 25.78
N PRO C 44 3.90 16.00 25.57
CA PRO C 44 2.96 16.72 26.43
C PRO C 44 2.73 16.06 27.80
N GLU C 45 3.06 14.78 27.89
CA GLU C 45 2.88 14.02 29.12
C GLU C 45 3.84 14.49 30.21
N LEU C 46 4.88 15.21 29.81
CA LEU C 46 5.85 15.72 30.78
C LEU C 46 5.22 16.76 31.68
N LYS C 47 4.21 17.47 31.16
CA LYS C 47 3.54 18.52 31.92
C LYS C 47 2.85 17.94 33.13
N THR C 48 2.43 16.68 33.04
CA THR C 48 1.72 16.05 34.14
C THR C 48 2.60 15.43 35.21
N LEU C 49 3.90 15.37 34.98
CA LEU C 49 4.81 14.79 35.97
C LEU C 49 5.32 15.86 36.96
N ALA C 50 5.70 17.02 36.43
CA ALA C 50 6.22 18.12 37.24
C ALA C 50 6.29 19.34 36.34
N ASN C 51 6.52 20.52 36.91
CA ASN C 51 6.67 21.74 36.11
C ASN C 51 8.17 21.76 35.86
N ILE C 52 8.58 21.83 34.60
CA ILE C 52 10.01 21.79 34.33
C ILE C 52 10.64 22.97 33.63
N LYS C 53 11.97 22.98 33.67
CA LYS C 53 12.80 24.01 33.08
C LYS C 53 13.93 23.39 32.25
N GLY C 54 14.29 24.04 31.15
CA GLY C 54 15.37 23.54 30.30
C GLY C 54 16.55 24.50 30.36
N GLU C 55 17.76 24.01 30.09
CA GLU C 55 18.94 24.85 30.15
C GLU C 55 20.14 24.26 29.41
N GLN C 56 20.33 24.70 28.16
CA GLN C 56 21.43 24.23 27.32
C GLN C 56 22.81 24.57 27.91
N VAL C 57 23.50 23.58 28.44
CA VAL C 57 24.83 23.79 29.01
C VAL C 57 25.87 23.62 27.92
N ALA C 58 25.49 22.95 26.84
CA ALA C 58 26.40 22.71 25.73
C ALA C 58 25.64 22.11 24.54
N SER C 59 26.36 21.77 23.47
CA SER C 59 25.71 21.20 22.29
C SER C 59 26.69 20.38 21.43
N ILE C 60 27.41 19.46 22.06
CA ILE C 60 28.39 18.64 21.34
C ILE C 60 27.95 17.19 21.17
N GLY C 61 28.96 16.35 20.93
CA GLY C 61 28.79 14.92 20.76
C GLY C 61 29.47 14.25 21.96
N SER C 62 28.83 13.22 22.47
CA SER C 62 29.32 12.51 23.64
C SER C 62 30.80 12.16 23.64
N GLU C 63 31.41 12.10 22.46
CA GLU C 63 32.81 11.73 22.33
C GLU C 63 33.90 12.79 22.54
N ASN C 64 33.52 14.07 22.58
CA ASN C 64 34.52 15.11 22.76
C ASN C 64 34.54 15.70 24.15
N MET C 65 33.58 15.28 24.97
CA MET C 65 33.49 15.74 26.34
C MET C 65 34.88 15.68 26.98
N THR C 66 35.35 16.80 27.51
CA THR C 66 36.67 16.82 28.16
C THR C 66 36.54 17.03 29.65
N SER C 67 37.66 16.86 30.34
CA SER C 67 37.70 17.00 31.79
C SER C 67 37.27 18.37 32.26
N ASP C 68 37.47 19.38 31.43
CA ASP C 68 37.11 20.75 31.78
C ASP C 68 35.62 20.90 32.08
N VAL C 69 34.81 20.61 31.07
CA VAL C 69 33.37 20.72 31.19
C VAL C 69 32.78 20.02 32.42
N LEU C 70 33.15 18.76 32.65
CA LEU C 70 32.64 18.01 33.79
C LEU C 70 32.97 18.70 35.11
N LEU C 71 34.13 19.33 35.14
CA LEU C 71 34.61 20.07 36.30
C LEU C 71 33.62 21.21 36.57
N THR C 72 33.04 21.72 35.48
CA THR C 72 32.08 22.81 35.53
C THR C 72 30.70 22.29 35.84
N LEU C 73 30.34 21.18 35.20
CA LEU C 73 29.04 20.57 35.38
C LEU C 73 28.70 20.23 36.83
N SER C 74 29.62 19.55 37.50
CA SER C 74 29.39 19.15 38.89
C SER C 74 29.18 20.37 39.79
N LYS C 75 29.65 21.53 39.35
CA LYS C 75 29.50 22.75 40.13
C LYS C 75 28.09 23.32 40.00
N ARG C 76 27.62 23.46 38.76
CA ARG C 76 26.30 24.02 38.51
C ARG C 76 25.24 23.14 39.17
N VAL C 77 25.49 21.83 39.15
CA VAL C 77 24.56 20.87 39.74
C VAL C 77 24.39 21.14 41.23
N ASN C 78 25.50 21.20 41.96
CA ASN C 78 25.44 21.45 43.40
C ASN C 78 24.60 22.70 43.64
N GLU C 79 25.04 23.83 43.09
CA GLU C 79 24.33 25.10 43.21
C GLU C 79 22.81 24.89 43.13
N LEU C 80 22.37 24.23 42.07
CA LEU C 80 20.94 23.97 41.88
C LEU C 80 20.27 23.21 43.03
N LEU C 81 20.80 22.05 43.39
CA LEU C 81 20.22 21.25 44.48
C LEU C 81 20.34 21.94 45.84
N ALA C 82 21.34 22.80 45.98
CA ALA C 82 21.59 23.53 47.23
C ALA C 82 20.33 24.26 47.68
N ARG C 83 19.57 24.73 46.70
CA ARG C 83 18.34 25.47 46.98
C ARG C 83 17.19 24.55 47.37
N SER C 84 16.06 25.14 47.73
CA SER C 84 14.91 24.34 48.15
C SER C 84 13.75 24.34 47.16
N ASP C 85 13.84 25.15 46.12
CA ASP C 85 12.77 25.18 45.12
C ASP C 85 13.12 24.26 43.94
N VAL C 86 14.18 23.46 44.14
CA VAL C 86 14.67 22.50 43.15
C VAL C 86 14.71 21.11 43.80
N ASP C 87 13.84 20.22 43.34
CA ASP C 87 13.74 18.86 43.87
C ASP C 87 14.77 17.85 43.31
N GLY C 88 14.97 17.85 41.99
CA GLY C 88 15.93 16.96 41.36
C GLY C 88 16.27 17.37 39.94
N VAL C 89 17.36 16.83 39.38
CA VAL C 89 17.75 17.17 38.00
C VAL C 89 17.90 16.00 37.05
N VAL C 90 17.59 16.25 35.79
CA VAL C 90 17.71 15.28 34.71
C VAL C 90 18.77 15.83 33.79
N ILE C 91 19.77 15.02 33.47
CA ILE C 91 20.88 15.46 32.61
C ILE C 91 20.97 14.71 31.28
N THR C 92 20.76 15.45 30.19
CA THR C 92 20.80 14.89 28.85
C THR C 92 22.27 14.68 28.44
N HIS C 93 22.63 13.44 28.08
CA HIS C 93 24.03 13.13 27.71
C HIS C 93 24.18 12.18 26.51
N GLY C 94 25.38 12.13 25.94
CA GLY C 94 25.62 11.25 24.81
C GLY C 94 25.83 9.83 25.31
N THR C 95 26.07 8.87 24.42
CA THR C 95 26.27 7.49 24.86
C THR C 95 27.69 6.92 24.84
N ASP C 96 28.61 7.56 24.11
CA ASP C 96 29.97 7.06 24.02
C ASP C 96 30.81 7.12 25.31
N THR C 97 30.79 8.26 26.02
CA THR C 97 31.53 8.37 27.28
C THR C 97 30.57 8.48 28.49
N LEU C 98 29.40 7.85 28.33
CA LEU C 98 28.36 7.80 29.35
C LEU C 98 28.82 6.94 30.53
N ASP C 99 29.95 6.26 30.33
CA ASP C 99 30.55 5.41 31.34
C ASP C 99 31.23 6.24 32.40
N GLU C 100 31.85 7.32 31.96
CA GLU C 100 32.61 8.20 32.84
C GLU C 100 31.83 9.32 33.51
N SER C 101 31.19 10.17 32.71
CA SER C 101 30.43 11.30 33.22
C SER C 101 29.59 11.03 34.49
N PRO C 102 28.65 10.07 34.43
CA PRO C 102 27.79 9.75 35.59
C PRO C 102 28.49 9.32 36.88
N TYR C 103 29.70 8.82 36.74
CA TYR C 103 30.45 8.37 37.90
C TYR C 103 31.21 9.54 38.52
N PHE C 104 31.57 10.51 37.68
CA PHE C 104 32.30 11.69 38.16
C PHE C 104 31.43 12.41 39.20
N LEU C 105 30.20 12.76 38.82
CA LEU C 105 29.28 13.46 39.71
C LEU C 105 28.91 12.65 40.95
N ASN C 106 28.87 11.32 40.80
CA ASN C 106 28.53 10.44 41.90
C ASN C 106 29.54 10.58 43.01
N LEU C 107 30.68 11.17 42.71
CA LEU C 107 31.73 11.37 43.71
C LEU C 107 31.88 12.84 44.13
N THR C 108 31.14 13.73 43.48
CA THR C 108 31.26 15.15 43.81
C THR C 108 29.96 15.94 44.04
N VAL C 109 28.81 15.29 43.89
CA VAL C 109 27.53 15.97 44.13
C VAL C 109 27.10 15.77 45.58
N LYS C 110 26.99 16.88 46.32
CA LYS C 110 26.64 16.86 47.75
C LYS C 110 25.16 17.06 48.12
N SER C 111 24.39 15.98 48.15
CA SER C 111 22.98 16.06 48.48
C SER C 111 22.26 14.75 48.21
N ASP C 112 21.29 14.42 49.06
CA ASP C 112 20.55 13.18 48.87
C ASP C 112 19.45 13.33 47.82
N LYS C 113 19.46 14.45 47.10
CA LYS C 113 18.45 14.68 46.05
C LYS C 113 18.81 13.92 44.75
N PRO C 114 17.78 13.54 43.95
CA PRO C 114 17.91 12.82 42.67
C PRO C 114 18.60 13.51 41.49
N VAL C 115 19.63 12.87 40.97
CA VAL C 115 20.37 13.35 39.81
C VAL C 115 20.42 12.20 38.80
N VAL C 116 19.75 12.37 37.66
CA VAL C 116 19.73 11.31 36.65
C VAL C 116 20.25 11.75 35.30
N PHE C 117 20.94 10.82 34.64
CA PHE C 117 21.49 10.99 33.30
C PHE C 117 20.59 10.20 32.37
N VAL C 118 20.24 10.80 31.24
CA VAL C 118 19.37 10.14 30.26
C VAL C 118 19.99 10.29 28.87
N ALA C 119 19.83 9.26 28.03
CA ALA C 119 20.37 9.28 26.67
C ALA C 119 19.57 8.37 25.76
N ALA C 120 20.05 8.23 24.54
CA ALA C 120 19.38 7.39 23.55
C ALA C 120 20.34 6.92 22.47
N MET C 121 19.98 5.84 21.80
CA MET C 121 20.82 5.29 20.77
C MET C 121 20.33 5.61 19.35
N ARG C 122 19.05 5.96 19.21
CA ARG C 122 18.47 6.28 17.90
C ARG C 122 18.18 7.76 17.64
N PRO C 123 18.61 8.27 16.46
CA PRO C 123 18.42 9.67 16.07
C PRO C 123 16.96 10.02 16.22
N ALA C 124 16.70 11.25 16.69
CA ALA C 124 15.34 11.72 16.91
C ALA C 124 14.49 11.69 15.64
N THR C 125 15.15 11.75 14.49
CA THR C 125 14.48 11.72 13.21
C THR C 125 14.49 10.28 12.71
N ALA C 126 14.30 9.34 13.63
CA ALA C 126 14.32 7.92 13.29
C ALA C 126 12.99 7.23 13.60
N ILE C 127 12.62 6.26 12.77
CA ILE C 127 11.39 5.48 12.96
C ILE C 127 11.55 4.69 14.26
N SER C 128 10.59 4.83 15.17
CA SER C 128 10.65 4.13 16.45
C SER C 128 11.89 4.56 17.25
N ALA C 129 12.01 5.85 17.50
CA ALA C 129 13.15 6.40 18.25
C ALA C 129 12.95 6.16 19.74
N ASP C 130 13.92 5.50 20.35
CA ASP C 130 13.85 5.19 21.77
C ASP C 130 13.93 6.45 22.63
N GLY C 131 14.26 7.58 22.01
CA GLY C 131 14.38 8.84 22.73
C GLY C 131 13.27 9.26 23.68
N PRO C 132 12.04 9.47 23.19
CA PRO C 132 10.90 9.88 24.00
C PRO C 132 10.62 9.12 25.30
N MET C 133 10.24 7.85 25.19
CA MET C 133 9.93 7.06 26.38
C MET C 133 10.97 7.17 27.46
N ASN C 134 12.22 7.39 27.05
CA ASN C 134 13.34 7.50 27.98
C ASN C 134 13.28 8.71 28.91
N LEU C 135 13.17 9.90 28.31
CA LEU C 135 13.09 11.11 29.09
C LEU C 135 11.82 11.11 29.93
N TYR C 136 10.80 10.39 29.47
CA TYR C 136 9.57 10.33 30.24
C TYR C 136 9.91 9.55 31.52
N GLY C 137 10.53 8.40 31.38
CA GLY C 137 10.88 7.62 32.55
C GLY C 137 11.89 8.35 33.41
N ALA C 138 12.84 9.01 32.77
CA ALA C 138 13.89 9.75 33.47
C ALA C 138 13.38 10.87 34.38
N VAL C 139 12.35 11.59 33.93
CA VAL C 139 11.75 12.68 34.72
C VAL C 139 10.92 12.10 35.86
N LYS C 140 10.10 11.11 35.53
CA LYS C 140 9.24 10.43 36.49
C LYS C 140 10.00 9.93 37.71
N VAL C 141 11.17 9.31 37.48
CA VAL C 141 11.95 8.78 38.58
C VAL C 141 12.54 9.85 39.48
N ALA C 142 13.16 10.87 38.89
CA ALA C 142 13.78 11.94 39.66
C ALA C 142 12.74 12.81 40.39
N ALA C 143 11.52 12.83 39.85
CA ALA C 143 10.44 13.59 40.46
C ALA C 143 9.83 12.76 41.59
N ASP C 144 10.36 11.56 41.80
CA ASP C 144 9.90 10.65 42.85
C ASP C 144 10.62 10.90 44.17
N LYS C 145 10.01 10.44 45.26
CA LYS C 145 10.60 10.63 46.58
C LYS C 145 11.58 9.54 47.01
N ASN C 146 11.21 8.28 46.81
CA ASN C 146 12.07 7.16 47.20
C ASN C 146 13.48 7.26 46.63
N SER C 147 13.61 7.94 45.48
CA SER C 147 14.87 8.12 44.79
C SER C 147 15.95 8.79 45.63
N ARG C 148 15.54 9.53 46.64
CA ARG C 148 16.51 10.20 47.51
C ARG C 148 17.51 9.20 48.13
N GLY C 149 18.79 9.58 48.13
CA GLY C 149 19.84 8.76 48.74
C GLY C 149 20.28 7.44 48.12
N ARG C 150 19.96 7.23 46.85
CA ARG C 150 20.32 5.99 46.18
C ARG C 150 21.55 6.10 45.25
N GLY C 151 22.24 7.22 45.28
CA GLY C 151 23.38 7.40 44.40
C GLY C 151 22.97 8.01 43.07
N VAL C 152 23.90 8.14 42.13
CA VAL C 152 23.54 8.70 40.84
C VAL C 152 22.87 7.60 40.03
N LEU C 153 21.88 7.99 39.22
CA LEU C 153 21.12 7.03 38.42
C LEU C 153 21.26 7.17 36.92
N VAL C 154 21.18 6.06 36.20
CA VAL C 154 21.25 6.04 34.74
C VAL C 154 20.00 5.32 34.20
N VAL C 155 19.26 6.00 33.32
CA VAL C 155 18.01 5.47 32.82
C VAL C 155 17.89 5.32 31.31
N LEU C 156 17.65 4.09 30.86
CA LEU C 156 17.50 3.77 29.44
C LEU C 156 16.82 2.42 29.23
N ASN C 157 16.00 2.34 28.18
CA ASN C 157 15.33 1.11 27.83
C ASN C 157 14.60 0.55 29.04
N ASP C 158 14.02 1.45 29.84
CA ASP C 158 13.23 1.09 31.04
C ASP C 158 14.00 0.62 32.28
N ARG C 159 15.33 0.69 32.30
CA ARG C 159 16.09 0.21 33.45
C ARG C 159 16.71 1.34 34.27
N ILE C 160 16.79 1.14 35.59
CA ILE C 160 17.40 2.13 36.46
C ILE C 160 18.63 1.46 37.06
N GLY C 161 19.81 1.96 36.73
CA GLY C 161 21.03 1.35 37.25
C GLY C 161 22.02 2.31 37.88
N SER C 162 22.96 1.76 38.65
CA SER C 162 23.95 2.60 39.33
C SER C 162 25.16 3.00 38.49
N ALA C 163 25.58 4.25 38.65
CA ALA C 163 26.72 4.77 37.92
C ALA C 163 28.05 4.18 38.39
N ARG C 164 27.99 3.13 39.20
CA ARG C 164 29.20 2.51 39.69
C ARG C 164 29.31 1.10 39.10
N PHE C 165 28.27 0.65 38.39
CA PHE C 165 28.28 -0.69 37.79
C PHE C 165 27.93 -0.73 36.32
N ILE C 166 27.32 0.33 35.81
CA ILE C 166 26.91 0.36 34.41
C ILE C 166 27.97 0.81 33.42
N SER C 167 27.81 0.34 32.18
CA SER C 167 28.71 0.68 31.08
C SER C 167 28.12 0.15 29.79
N LYS C 168 28.60 0.69 28.66
CA LYS C 168 28.13 0.27 27.35
C LYS C 168 28.80 -1.06 27.06
N THR C 169 28.00 -2.12 27.02
CA THR C 169 28.51 -3.47 26.79
C THR C 169 28.46 -3.88 25.32
N ASN C 170 27.47 -3.39 24.58
CA ASN C 170 27.36 -3.69 23.16
C ASN C 170 27.49 -2.40 22.38
N ALA C 171 28.08 -2.47 21.20
CA ALA C 171 28.30 -1.28 20.41
C ALA C 171 27.10 -0.61 19.74
N SER C 172 26.05 -1.36 19.39
CA SER C 172 24.93 -0.73 18.69
C SER C 172 23.52 -1.17 19.05
N THR C 173 23.35 -2.02 20.05
CA THR C 173 22.00 -2.48 20.40
C THR C 173 21.27 -1.54 21.35
N LEU C 174 19.93 -1.51 21.26
CA LEU C 174 19.11 -0.65 22.10
C LEU C 174 19.22 -0.98 23.59
N ASP C 175 19.60 -2.21 23.89
CA ASP C 175 19.74 -2.65 25.27
C ASP C 175 21.21 -2.78 25.72
N THR C 176 22.09 -2.03 25.08
CA THR C 176 23.52 -2.11 25.40
C THR C 176 23.95 -1.96 26.86
N PHE C 177 23.36 -1.02 27.59
CA PHE C 177 23.73 -0.77 28.99
C PHE C 177 23.27 -1.85 30.00
N LYS C 178 24.18 -2.77 30.31
CA LYS C 178 23.91 -3.86 31.25
C LYS C 178 24.99 -3.82 32.32
N ALA C 179 24.90 -4.73 33.28
CA ALA C 179 25.87 -4.85 34.36
C ALA C 179 25.84 -6.29 34.85
N PRO C 180 26.39 -7.19 34.03
CA PRO C 180 26.49 -8.65 34.22
C PRO C 180 26.53 -9.24 35.62
N GLU C 181 27.34 -8.70 36.52
CA GLU C 181 27.41 -9.32 37.85
C GLU C 181 26.70 -8.60 38.99
N GLU C 182 26.09 -7.46 38.71
CA GLU C 182 25.43 -6.70 39.76
C GLU C 182 23.98 -6.40 39.49
N GLY C 183 23.61 -6.45 38.23
CA GLY C 183 22.23 -6.20 37.85
C GLY C 183 21.78 -4.76 37.79
N TYR C 184 20.52 -4.58 38.16
CA TYR C 184 19.86 -3.29 38.12
C TYR C 184 19.29 -2.92 39.49
N LEU C 185 19.12 -1.62 39.74
CA LEU C 185 18.58 -1.14 41.01
C LEU C 185 17.07 -1.31 40.99
N GLY C 186 16.45 -0.87 39.89
CA GLY C 186 15.02 -0.98 39.74
C GLY C 186 14.56 -1.13 38.29
N VAL C 187 13.25 -1.00 38.07
CA VAL C 187 12.63 -1.13 36.75
C VAL C 187 11.45 -0.15 36.62
N ILE C 188 11.01 0.14 35.39
CA ILE C 188 9.87 1.04 35.17
C ILE C 188 8.86 0.32 34.27
N ILE C 189 7.69 -0.02 34.81
CA ILE C 189 6.68 -0.70 34.00
C ILE C 189 5.27 -0.33 34.42
N GLY C 190 4.37 -0.32 33.45
CA GLY C 190 2.98 0.00 33.72
C GLY C 190 2.86 1.36 34.39
N ASP C 191 3.80 2.25 34.05
CA ASP C 191 3.80 3.59 34.61
C ASP C 191 3.89 3.49 36.14
N LYS C 192 4.88 2.74 36.61
CA LYS C 192 5.09 2.53 38.05
C LYS C 192 6.52 2.07 38.31
N ILE C 193 7.11 2.60 39.37
CA ILE C 193 8.49 2.29 39.74
C ILE C 193 8.63 1.13 40.71
N TYR C 194 9.57 0.26 40.42
CA TYR C 194 9.84 -0.90 41.26
C TYR C 194 11.32 -0.98 41.57
N TYR C 195 11.68 -0.81 42.84
CA TYR C 195 13.08 -0.90 43.26
C TYR C 195 13.40 -2.31 43.78
N GLN C 196 14.69 -2.64 43.88
CA GLN C 196 15.11 -3.98 44.33
C GLN C 196 16.37 -4.05 45.16
N THR C 197 17.36 -3.23 44.82
CA THR C 197 18.61 -3.26 45.56
C THR C 197 19.17 -1.89 45.84
N ARG C 198 20.27 -1.84 46.57
CA ARG C 198 20.92 -0.59 46.93
C ARG C 198 22.44 -0.69 46.82
N LEU C 199 23.09 0.37 46.29
CA LEU C 199 24.54 0.37 46.16
C LEU C 199 25.17 0.27 47.55
N ASP C 200 26.15 -0.61 47.71
CA ASP C 200 26.79 -0.77 49.01
C ASP C 200 28.23 -0.23 49.00
N LYS C 201 28.39 1.03 48.58
CA LYS C 201 29.71 1.68 48.53
C LYS C 201 29.54 3.13 49.01
N VAL C 202 30.64 3.89 49.04
CA VAL C 202 30.58 5.27 49.49
C VAL C 202 30.21 6.18 48.31
N HIS C 203 29.37 7.18 48.55
CA HIS C 203 28.98 8.09 47.48
C HIS C 203 28.35 9.41 47.92
N THR C 204 28.33 10.36 46.98
CA THR C 204 27.74 11.67 47.17
C THR C 204 28.10 12.44 48.45
N THR C 205 27.32 12.22 49.51
CA THR C 205 27.53 12.92 50.78
C THR C 205 28.49 12.29 51.76
N ARG C 206 28.64 10.97 51.77
CA ARG C 206 29.60 10.35 52.68
C ARG C 206 30.99 10.33 52.03
N SER C 207 31.15 11.10 50.96
CA SER C 207 32.38 11.17 50.19
C SER C 207 33.41 12.17 50.70
N VAL C 208 34.68 11.82 50.51
CA VAL C 208 35.79 12.65 50.94
C VAL C 208 36.44 13.32 49.73
N PHE C 209 35.63 13.92 48.88
CA PHE C 209 36.11 14.58 47.65
C PHE C 209 35.31 15.83 47.32
N ASP C 210 35.98 16.97 47.16
CA ASP C 210 35.28 18.22 46.83
C ASP C 210 36.00 19.08 45.79
N VAL C 211 35.35 19.27 44.65
CA VAL C 211 35.91 20.05 43.54
C VAL C 211 35.65 21.55 43.64
N THR C 212 34.69 21.95 44.46
CA THR C 212 34.32 23.37 44.61
C THR C 212 35.39 24.40 44.22
N ASN C 213 36.57 24.32 44.83
CA ASN C 213 37.64 25.28 44.54
C ASN C 213 38.70 24.76 43.57
N VAL C 214 38.30 23.92 42.62
CA VAL C 214 39.24 23.34 41.66
C VAL C 214 39.12 23.92 40.25
N ASP C 215 40.26 24.19 39.63
CA ASP C 215 40.30 24.74 38.28
C ASP C 215 40.90 23.78 37.27
N LYS C 216 41.95 23.05 37.67
CA LYS C 216 42.59 22.09 36.80
C LYS C 216 42.79 20.78 37.57
N LEU C 217 42.70 19.66 36.87
CA LEU C 217 42.87 18.36 37.48
C LEU C 217 44.19 17.72 37.04
N PRO C 218 44.61 16.63 37.70
CA PRO C 218 45.86 15.97 37.32
C PRO C 218 45.67 15.28 35.97
N ALA C 219 46.77 14.90 35.33
CA ALA C 219 46.69 14.22 34.04
C ALA C 219 46.93 12.72 34.24
N VAL C 220 46.06 11.89 33.66
CA VAL C 220 46.19 10.44 33.79
C VAL C 220 45.90 9.75 32.46
N ASP C 221 46.72 8.76 32.11
CA ASP C 221 46.56 8.03 30.84
C ASP C 221 46.26 6.53 30.98
N ILE C 222 45.86 5.93 29.85
CA ILE C 222 45.53 4.50 29.80
C ILE C 222 46.32 3.73 28.74
N ILE C 223 46.99 2.66 29.15
CA ILE C 223 47.77 1.81 28.25
C ILE C 223 47.13 0.41 28.18
N TYR C 224 47.01 -0.14 26.98
CA TYR C 224 46.40 -1.46 26.78
C TYR C 224 47.43 -2.55 26.99
N GLY C 225 46.95 -3.78 27.17
CA GLY C 225 47.81 -4.94 27.39
C GLY C 225 47.51 -6.04 26.39
N TYR C 226 48.52 -6.37 25.57
CA TYR C 226 48.41 -7.40 24.53
C TYR C 226 49.74 -8.10 24.29
N GLN C 227 49.72 -9.12 23.42
CA GLN C 227 50.92 -9.88 23.06
C GLN C 227 51.89 -8.93 22.37
N ASP C 228 53.19 -9.21 22.46
CA ASP C 228 54.21 -8.37 21.83
C ASP C 228 53.98 -6.87 22.14
N ASP C 229 53.78 -6.53 23.40
CA ASP C 229 53.51 -5.13 23.75
C ASP C 229 54.74 -4.25 23.94
N PRO C 230 54.77 -3.10 23.23
CA PRO C 230 55.86 -2.14 23.28
C PRO C 230 56.10 -1.42 24.61
N GLU C 231 57.37 -1.13 24.87
CA GLU C 231 57.81 -0.44 26.07
C GLU C 231 57.92 1.04 25.76
N TYR C 232 57.95 1.36 24.47
CA TYR C 232 58.06 2.74 24.04
C TYR C 232 56.73 3.46 24.22
N MET C 233 55.81 2.82 24.94
CA MET C 233 54.48 3.41 25.16
C MET C 233 54.35 4.09 26.53
N TYR C 234 55.15 3.62 27.50
CA TYR C 234 55.14 4.20 28.83
C TYR C 234 55.99 5.44 28.81
N ASP C 235 57.11 5.35 28.07
CA ASP C 235 58.04 6.46 27.91
C ASP C 235 57.29 7.70 27.45
N ALA C 236 56.41 7.52 26.46
CA ALA C 236 55.61 8.60 25.91
C ALA C 236 54.94 9.40 27.01
N SER C 237 54.39 8.71 27.99
CA SER C 237 53.71 9.37 29.11
C SER C 237 54.72 10.03 30.05
N ILE C 238 55.73 9.28 30.48
CA ILE C 238 56.78 9.81 31.35
C ILE C 238 57.16 11.19 30.81
N LYS C 239 57.67 11.18 29.58
CA LYS C 239 58.13 12.36 28.84
C LYS C 239 57.15 13.54 28.80
N HIS C 240 55.90 13.34 29.17
CA HIS C 240 54.94 14.43 29.14
C HIS C 240 54.49 14.94 30.52
N GLY C 241 54.64 14.12 31.56
CA GLY C 241 54.26 14.58 32.88
C GLY C 241 52.97 14.09 33.52
N VAL C 242 52.34 13.09 32.94
CA VAL C 242 51.13 12.57 33.55
C VAL C 242 51.61 12.09 34.92
N LYS C 243 50.81 12.30 35.96
CA LYS C 243 51.21 11.89 37.31
C LYS C 243 50.59 10.55 37.73
N GLY C 244 49.90 9.93 36.77
CA GLY C 244 49.26 8.65 37.01
C GLY C 244 48.94 7.91 35.73
N ILE C 245 48.99 6.58 35.77
CA ILE C 245 48.68 5.76 34.61
C ILE C 245 47.84 4.54 34.96
N VAL C 246 46.79 4.29 34.20
CA VAL C 246 45.95 3.12 34.42
C VAL C 246 46.39 2.07 33.41
N TYR C 247 46.29 0.80 33.79
CA TYR C 247 46.70 -0.30 32.92
C TYR C 247 45.55 -1.29 32.70
N ALA C 248 45.10 -1.39 31.45
CA ALA C 248 44.03 -2.33 31.10
C ALA C 248 44.74 -3.64 30.75
N GLY C 249 45.21 -4.33 31.77
CA GLY C 249 45.96 -5.56 31.56
C GLY C 249 45.22 -6.79 31.11
N MET C 250 45.98 -7.74 30.57
CA MET C 250 45.40 -8.99 30.10
C MET C 250 44.99 -9.79 31.32
N GLY C 251 43.87 -10.51 31.23
CA GLY C 251 43.37 -11.29 32.35
C GLY C 251 43.15 -10.36 33.52
N ALA C 252 43.43 -10.83 34.72
CA ALA C 252 43.25 -9.99 35.89
C ALA C 252 44.50 -9.13 36.02
N GLY C 253 44.69 -8.23 35.07
CA GLY C 253 45.84 -7.34 35.09
C GLY C 253 47.24 -7.93 35.07
N SER C 254 47.49 -8.92 34.20
CA SER C 254 48.81 -9.52 34.11
C SER C 254 49.82 -8.61 33.40
N VAL C 255 51.10 -8.85 33.67
CA VAL C 255 52.17 -8.07 33.08
C VAL C 255 53.15 -8.90 32.28
N SER C 256 53.67 -8.31 31.20
CA SER C 256 54.63 -8.98 30.33
C SER C 256 56.03 -8.51 30.68
N LYS C 257 57.03 -9.27 30.23
CA LYS C 257 58.42 -8.91 30.49
C LYS C 257 58.62 -7.42 30.21
N ARG C 258 57.92 -6.92 29.19
CA ARG C 258 58.02 -5.52 28.75
C ARG C 258 57.23 -4.52 29.55
N GLY C 259 55.95 -4.82 29.78
CA GLY C 259 55.11 -3.91 30.53
C GLY C 259 55.55 -3.80 31.99
N ASP C 260 56.36 -4.76 32.42
CA ASP C 260 56.87 -4.78 33.79
C ASP C 260 57.94 -3.70 33.95
N ALA C 261 58.99 -3.80 33.14
CA ALA C 261 60.09 -2.84 33.16
C ALA C 261 59.55 -1.46 32.82
N GLY C 262 58.42 -1.43 32.12
CA GLY C 262 57.82 -0.18 31.73
C GLY C 262 57.14 0.54 32.87
N ILE C 263 56.60 -0.20 33.83
CA ILE C 263 55.93 0.43 34.96
C ILE C 263 56.90 0.88 36.04
N ARG C 264 57.84 0.01 36.38
CA ARG C 264 58.85 0.30 37.39
C ARG C 264 59.51 1.64 37.06
N LYS C 265 59.79 1.85 35.78
CA LYS C 265 60.40 3.10 35.35
C LYS C 265 59.50 4.23 35.78
N ALA C 266 58.20 4.09 35.54
CA ALA C 266 57.25 5.13 35.90
C ALA C 266 57.09 5.28 37.41
N GLU C 267 57.12 4.16 38.14
CA GLU C 267 56.96 4.22 39.57
C GLU C 267 58.12 4.85 40.30
N SER C 268 59.29 4.88 39.66
CA SER C 268 60.46 5.49 40.30
C SER C 268 60.50 7.00 40.04
N LYS C 269 59.75 7.44 39.02
CA LYS C 269 59.69 8.86 38.68
C LYS C 269 58.55 9.58 39.42
N GLY C 270 57.84 8.85 40.28
CA GLY C 270 56.76 9.46 41.04
C GLY C 270 55.36 9.38 40.45
N ILE C 271 55.14 8.44 39.55
CA ILE C 271 53.83 8.31 38.93
C ILE C 271 53.08 7.13 39.54
N VAL C 272 51.83 7.37 39.94
CA VAL C 272 50.99 6.32 40.54
C VAL C 272 50.38 5.47 39.42
N VAL C 273 50.47 4.15 39.54
CA VAL C 273 49.91 3.27 38.53
C VAL C 273 48.93 2.26 39.11
N VAL C 274 47.80 2.06 38.43
CA VAL C 274 46.78 1.11 38.88
C VAL C 274 46.59 0.02 37.82
N ARG C 275 46.59 -1.25 38.26
CA ARG C 275 46.42 -2.38 37.35
C ARG C 275 44.93 -2.81 37.28
N SER C 276 44.30 -2.52 36.15
CA SER C 276 42.91 -2.88 35.93
C SER C 276 42.84 -4.05 34.94
N SER C 277 41.67 -4.33 34.38
CA SER C 277 41.50 -5.43 33.44
C SER C 277 40.81 -5.04 32.15
N ARG C 278 41.22 -5.68 31.06
CA ARG C 278 40.67 -5.45 29.74
C ARG C 278 39.42 -6.28 29.49
N THR C 279 39.29 -7.39 30.20
CA THR C 279 38.14 -8.27 29.99
C THR C 279 36.82 -7.50 30.16
N GLY C 280 36.81 -6.55 31.09
CA GLY C 280 35.62 -5.75 31.30
C GLY C 280 34.70 -6.11 32.46
N SER C 281 35.05 -7.14 33.23
CA SER C 281 34.21 -7.53 34.35
C SER C 281 34.95 -8.38 35.39
N GLY C 282 34.72 -8.08 36.68
CA GLY C 282 35.35 -8.85 37.74
C GLY C 282 36.40 -8.20 38.64
N ILE C 283 36.91 -8.98 39.59
CA ILE C 283 37.90 -8.48 40.53
C ILE C 283 39.35 -8.85 40.20
N VAL C 284 40.22 -7.85 40.31
CA VAL C 284 41.65 -8.03 40.08
C VAL C 284 42.25 -7.99 41.49
N PRO C 285 42.67 -9.15 42.01
CA PRO C 285 43.26 -9.30 43.34
C PRO C 285 44.64 -8.69 43.54
N PRO C 286 45.08 -8.61 44.80
CA PRO C 286 46.39 -8.07 45.17
C PRO C 286 47.42 -9.15 44.94
N ASP C 287 48.60 -8.76 44.50
CA ASP C 287 49.64 -9.73 44.25
C ASP C 287 50.98 -9.10 44.59
N ALA C 288 51.62 -9.64 45.61
CA ALA C 288 52.91 -9.14 46.09
C ALA C 288 54.02 -9.34 45.08
N GLY C 289 53.69 -9.93 43.93
CA GLY C 289 54.71 -10.16 42.91
C GLY C 289 54.76 -9.14 41.79
N GLN C 290 53.66 -8.43 41.56
CA GLN C 290 53.58 -7.45 40.49
C GLN C 290 53.54 -6.00 40.98
N PRO C 291 54.10 -5.07 40.18
CA PRO C 291 54.19 -3.63 40.45
C PRO C 291 52.82 -2.92 40.34
N GLY C 292 52.69 -1.79 41.02
CA GLY C 292 51.43 -1.03 40.96
C GLY C 292 50.30 -1.35 41.94
N LEU C 293 49.25 -0.54 41.87
CA LEU C 293 48.08 -0.72 42.73
C LEU C 293 47.05 -1.53 41.96
N VAL C 294 46.09 -2.12 42.68
CA VAL C 294 45.05 -2.91 42.00
C VAL C 294 43.66 -2.25 42.02
N ALA C 295 43.07 -2.11 40.84
CA ALA C 295 41.75 -1.52 40.72
C ALA C 295 40.86 -2.54 41.37
N ASP C 296 39.78 -2.14 41.99
CA ASP C 296 38.95 -3.14 42.64
C ASP C 296 38.31 -4.00 41.56
N SER C 297 37.34 -3.41 40.88
CA SER C 297 36.62 -4.06 39.83
C SER C 297 36.13 -2.89 39.01
N LEU C 298 36.97 -1.87 38.99
CA LEU C 298 36.71 -0.64 38.27
C LEU C 298 37.28 -0.71 36.85
N SER C 299 36.43 -0.45 35.87
CA SER C 299 36.88 -0.48 34.50
C SER C 299 38.01 0.55 34.35
N PRO C 300 38.93 0.31 33.40
CA PRO C 300 40.06 1.22 33.15
C PRO C 300 39.58 2.66 33.06
N ALA C 301 38.39 2.82 32.48
CA ALA C 301 37.78 4.13 32.29
C ALA C 301 37.43 4.85 33.59
N LYS C 302 36.79 4.11 34.50
CA LYS C 302 36.40 4.67 35.79
C LYS C 302 37.66 4.84 36.61
N SER C 303 38.50 3.80 36.60
CA SER C 303 39.76 3.80 37.31
C SER C 303 40.51 5.13 37.16
N ARG C 304 40.60 5.62 35.92
CA ARG C 304 41.26 6.89 35.68
C ARG C 304 40.59 7.98 36.50
N ILE C 305 39.33 8.30 36.18
CA ILE C 305 38.59 9.34 36.90
C ILE C 305 38.91 9.38 38.40
N LEU C 306 38.58 8.30 39.10
CA LEU C 306 38.84 8.21 40.53
C LEU C 306 40.30 8.61 40.82
N LEU C 307 41.26 7.98 40.14
CA LEU C 307 42.67 8.31 40.35
C LEU C 307 42.87 9.80 40.21
N MET C 308 42.18 10.40 39.25
CA MET C 308 42.26 11.82 38.98
C MET C 308 41.81 12.66 40.17
N LEU C 309 40.86 12.14 40.94
CA LEU C 309 40.37 12.87 42.11
C LEU C 309 41.25 12.65 43.36
N ALA C 310 41.68 11.41 43.57
CA ALA C 310 42.53 11.06 44.72
C ALA C 310 43.83 11.86 44.74
N LEU C 311 44.37 12.14 43.56
CA LEU C 311 45.61 12.90 43.43
C LEU C 311 45.46 14.33 43.90
N THR C 312 44.32 14.95 43.62
CA THR C 312 44.07 16.32 44.03
C THR C 312 43.99 16.39 45.54
N LYS C 313 44.20 15.25 46.21
CA LYS C 313 44.14 15.22 47.66
C LYS C 313 45.31 14.54 48.36
N THR C 314 45.76 13.40 47.85
CA THR C 314 46.87 12.67 48.46
C THR C 314 47.89 12.25 47.42
N THR C 315 49.06 11.83 47.90
CA THR C 315 50.15 11.35 47.06
C THR C 315 50.59 10.00 47.62
N ASN C 316 50.06 9.68 48.79
CA ASN C 316 50.37 8.44 49.50
C ASN C 316 49.74 7.22 48.81
N PRO C 317 50.57 6.31 48.29
CA PRO C 317 50.12 5.10 47.60
C PRO C 317 49.18 4.22 48.42
N ALA C 318 49.60 3.89 49.63
CA ALA C 318 48.78 3.07 50.51
C ALA C 318 47.40 3.68 50.67
N VAL C 319 47.37 5.01 50.77
CA VAL C 319 46.10 5.74 50.92
C VAL C 319 45.22 5.48 49.72
N ILE C 320 45.74 5.77 48.53
CA ILE C 320 45.03 5.58 47.28
C ILE C 320 44.45 4.17 47.15
N GLN C 321 45.27 3.15 47.38
CA GLN C 321 44.80 1.77 47.27
C GLN C 321 43.57 1.51 48.16
N ASP C 322 43.37 2.36 49.15
CA ASP C 322 42.23 2.19 50.05
C ASP C 322 41.00 2.85 49.46
N TYR C 323 41.22 3.85 48.61
CA TYR C 323 40.11 4.52 47.96
C TYR C 323 39.49 3.53 46.98
N PHE C 324 40.33 2.95 46.11
CA PHE C 324 39.87 1.98 45.12
C PHE C 324 39.09 0.80 45.70
N HIS C 325 39.14 0.61 47.01
CA HIS C 325 38.40 -0.50 47.62
C HIS C 325 37.04 -0.13 48.18
N ALA C 326 36.84 1.15 48.50
CA ALA C 326 35.58 1.60 49.11
C ALA C 326 34.61 2.38 48.22
N TYR C 327 35.09 2.94 47.11
CA TYR C 327 34.22 3.69 46.21
C TYR C 327 33.77 2.93 44.97
N ASN D 3 12.41 -6.84 -11.17
CA ASN D 3 13.23 -5.88 -10.39
C ASN D 3 13.11 -6.11 -8.89
N LEU D 4 11.91 -5.89 -8.36
CA LEU D 4 11.68 -6.10 -6.92
C LEU D 4 10.90 -7.37 -6.61
N PRO D 5 11.18 -7.96 -5.44
CA PRO D 5 10.59 -9.19 -4.90
C PRO D 5 9.08 -9.15 -4.62
N ASN D 6 8.52 -10.33 -4.36
CA ASN D 6 7.10 -10.46 -4.05
C ASN D 6 6.89 -11.29 -2.77
N ILE D 7 6.53 -10.57 -1.71
CA ILE D 7 6.26 -11.18 -0.42
C ILE D 7 4.87 -10.79 0.02
N VAL D 8 4.29 -11.60 0.91
CA VAL D 8 2.95 -11.37 1.41
C VAL D 8 2.94 -11.37 2.94
N ILE D 9 2.02 -10.62 3.52
CA ILE D 9 1.93 -10.49 4.96
C ILE D 9 0.63 -11.09 5.56
N LEU D 10 0.76 -12.26 6.18
CA LEU D 10 -0.37 -12.94 6.82
C LEU D 10 -0.43 -12.46 8.26
N ALA D 11 -1.60 -11.98 8.67
CA ALA D 11 -1.79 -11.45 10.02
C ALA D 11 -2.68 -12.26 10.95
N THR D 12 -2.52 -12.05 12.26
CA THR D 12 -3.30 -12.74 13.27
C THR D 12 -3.43 -11.93 14.56
N GLY D 13 -4.13 -10.80 14.50
CA GLY D 13 -4.32 -9.95 15.66
C GLY D 13 -3.00 -9.43 16.20
N GLY D 14 -2.38 -10.21 17.09
CA GLY D 14 -1.09 -9.82 17.65
C GLY D 14 -1.07 -8.50 18.40
N THR D 15 0.12 -7.89 18.44
CA THR D 15 0.32 -6.61 19.13
C THR D 15 0.81 -5.50 18.18
N ILE D 16 1.54 -5.89 17.14
CA ILE D 16 2.09 -4.94 16.17
C ILE D 16 1.02 -3.98 15.66
N ALA D 17 -0.20 -4.48 15.59
CA ALA D 17 -1.34 -3.69 15.15
C ALA D 17 -2.42 -3.86 16.21
N GLY D 18 -2.22 -3.18 17.35
CA GLY D 18 -3.15 -3.23 18.46
C GLY D 18 -3.05 -1.93 19.25
N SER D 19 -4.17 -1.23 19.40
CA SER D 19 -4.20 0.05 20.11
C SER D 19 -4.45 -0.03 21.61
N ALA D 20 -4.48 1.14 22.26
CA ALA D 20 -4.71 1.24 23.70
C ALA D 20 -5.78 2.29 24.03
N ALA D 21 -5.78 2.78 25.28
CA ALA D 21 -6.74 3.78 25.72
C ALA D 21 -6.17 5.19 25.65
N ALA D 22 -4.86 5.30 25.49
CA ALA D 22 -4.21 6.60 25.41
C ALA D 22 -2.75 6.51 24.96
N ASN D 23 -1.96 7.48 25.40
CA ASN D 23 -0.54 7.56 25.05
C ASN D 23 0.33 6.64 25.90
N THR D 24 0.86 7.16 27.01
CA THR D 24 1.70 6.36 27.91
C THR D 24 0.86 5.24 28.49
N GLN D 25 0.54 4.27 27.65
CA GLN D 25 -0.28 3.14 28.08
C GLN D 25 0.16 1.85 27.41
N THR D 26 1.13 1.17 28.01
CA THR D 26 1.64 -0.09 27.49
C THR D 26 1.06 -1.23 28.32
N THR D 27 0.15 -0.88 29.22
CA THR D 27 -0.51 -1.84 30.11
C THR D 27 -2.03 -1.60 30.06
N GLY D 28 -2.68 -2.18 29.07
CA GLY D 28 -4.12 -2.04 28.93
C GLY D 28 -4.52 -1.82 27.47
N TYR D 29 -4.66 -2.92 26.73
CA TYR D 29 -5.03 -2.85 25.32
C TYR D 29 -5.63 -4.15 24.77
N LYS D 30 -5.89 -4.16 23.47
CA LYS D 30 -6.47 -5.33 22.81
C LYS D 30 -6.27 -5.27 21.28
N ALA D 31 -6.40 -6.41 20.61
CA ALA D 31 -6.23 -6.49 19.17
C ALA D 31 -7.53 -6.96 18.49
N GLY D 32 -7.39 -7.88 17.53
CA GLY D 32 -8.54 -8.41 16.81
C GLY D 32 -9.49 -7.35 16.27
N ALA D 33 -8.94 -6.27 15.75
CA ALA D 33 -9.75 -5.18 15.20
C ALA D 33 -9.04 -4.44 14.08
N LEU D 34 -7.71 -4.58 14.02
CA LEU D 34 -6.92 -3.92 12.99
C LEU D 34 -6.62 -4.84 11.82
N GLY D 35 -6.73 -4.31 10.60
CA GLY D 35 -6.46 -5.10 9.42
C GLY D 35 -5.14 -4.79 8.75
N VAL D 36 -4.51 -5.82 8.20
CA VAL D 36 -3.23 -5.66 7.51
C VAL D 36 -3.34 -4.57 6.45
N GLU D 37 -4.58 -4.29 6.05
CA GLU D 37 -4.86 -3.28 5.03
C GLU D 37 -4.56 -1.86 5.50
N THR D 38 -4.59 -1.65 6.82
CA THR D 38 -4.33 -0.33 7.37
C THR D 38 -2.88 -0.12 7.85
N LEU D 39 -2.18 -1.21 8.15
CA LEU D 39 -0.80 -1.09 8.61
C LEU D 39 0.15 -0.58 7.51
N ILE D 40 -0.18 -0.88 6.26
CA ILE D 40 0.66 -0.44 5.15
C ILE D 40 0.60 1.08 4.99
N GLN D 41 -0.52 1.67 5.38
CA GLN D 41 -0.67 3.12 5.33
C GLN D 41 0.39 3.65 6.29
N ALA D 42 0.30 3.13 7.51
CA ALA D 42 1.19 3.50 8.61
C ALA D 42 2.66 3.51 8.26
N VAL D 43 3.07 2.66 7.32
CA VAL D 43 4.48 2.61 6.93
C VAL D 43 4.71 2.72 5.42
N PRO D 44 4.99 3.93 4.93
CA PRO D 44 5.24 4.18 3.51
C PRO D 44 6.57 3.55 3.12
N GLU D 45 7.54 3.72 4.01
CA GLU D 45 8.92 3.21 3.83
C GLU D 45 9.02 1.81 3.23
N LEU D 46 8.17 0.91 3.68
CA LEU D 46 8.18 -0.47 3.19
C LEU D 46 8.14 -0.60 1.67
N LYS D 47 7.20 0.12 1.04
CA LYS D 47 7.07 0.08 -0.40
C LYS D 47 8.27 0.74 -1.08
N THR D 48 9.45 0.24 -0.74
CA THR D 48 10.72 0.71 -1.26
C THR D 48 11.62 -0.54 -1.25
N LEU D 49 11.20 -1.52 -0.45
CA LEU D 49 11.93 -2.78 -0.30
C LEU D 49 11.33 -3.90 -1.18
N ALA D 50 10.01 -3.88 -1.38
CA ALA D 50 9.38 -4.94 -2.16
C ALA D 50 7.94 -4.66 -2.63
N ASN D 51 7.34 -5.68 -3.26
CA ASN D 51 5.96 -5.65 -3.75
C ASN D 51 5.13 -6.22 -2.60
N ILE D 52 4.36 -5.37 -1.93
CA ILE D 52 3.55 -5.81 -0.79
C ILE D 52 2.12 -6.26 -1.10
N LYS D 53 1.73 -7.34 -0.44
CA LYS D 53 0.40 -7.93 -0.61
C LYS D 53 -0.21 -8.27 0.76
N GLY D 54 -1.36 -7.68 1.07
CA GLY D 54 -2.00 -7.95 2.34
C GLY D 54 -2.78 -9.26 2.29
N GLU D 55 -3.16 -9.77 3.45
CA GLU D 55 -3.93 -11.02 3.54
C GLU D 55 -4.10 -11.37 5.01
N GLN D 56 -5.32 -11.25 5.51
CA GLN D 56 -5.58 -11.53 6.92
C GLN D 56 -6.21 -12.89 7.19
N VAL D 57 -5.44 -13.75 7.85
CA VAL D 57 -5.92 -15.09 8.20
C VAL D 57 -6.76 -15.07 9.47
N ALA D 58 -6.33 -14.31 10.46
CA ALA D 58 -7.06 -14.24 11.71
C ALA D 58 -6.74 -12.94 12.44
N SER D 59 -7.38 -12.74 13.60
CA SER D 59 -7.16 -11.55 14.40
C SER D 59 -7.62 -11.73 15.84
N ILE D 60 -6.76 -12.32 16.65
CA ILE D 60 -7.07 -12.54 18.06
C ILE D 60 -5.82 -12.47 18.91
N GLY D 61 -5.99 -12.66 20.21
CA GLY D 61 -4.86 -12.61 21.13
C GLY D 61 -4.07 -13.89 21.20
N SER D 62 -2.80 -13.82 20.83
CA SER D 62 -1.91 -14.98 20.83
C SER D 62 -2.21 -16.00 21.94
N GLU D 63 -2.71 -15.53 23.07
CA GLU D 63 -3.02 -16.43 24.19
C GLU D 63 -4.30 -17.24 23.95
N ASN D 64 -4.93 -17.01 22.81
CA ASN D 64 -6.14 -17.72 22.45
C ASN D 64 -5.96 -18.39 21.10
N MET D 65 -4.70 -18.69 20.78
CA MET D 65 -4.35 -19.35 19.54
C MET D 65 -4.43 -20.86 19.84
N THR D 66 -4.97 -21.62 18.89
CA THR D 66 -5.13 -23.06 19.06
C THR D 66 -4.42 -23.86 17.99
N SER D 67 -4.24 -25.16 18.23
CA SER D 67 -3.56 -25.99 17.24
C SER D 67 -4.40 -25.98 15.97
N ASP D 68 -5.71 -25.90 16.14
CA ASP D 68 -6.66 -25.86 15.04
C ASP D 68 -6.25 -24.87 13.94
N VAL D 69 -6.33 -23.58 14.26
CA VAL D 69 -5.99 -22.52 13.33
C VAL D 69 -4.56 -22.62 12.80
N LEU D 70 -3.71 -23.34 13.51
CA LEU D 70 -2.33 -23.49 13.07
C LEU D 70 -2.27 -24.17 11.72
N LEU D 71 -2.79 -25.40 11.66
CA LEU D 71 -2.80 -26.14 10.40
C LEU D 71 -3.28 -25.28 9.23
N THR D 72 -4.32 -24.50 9.43
CA THR D 72 -4.85 -23.62 8.39
C THR D 72 -3.79 -22.60 7.95
N LEU D 73 -2.86 -22.29 8.86
CA LEU D 73 -1.79 -21.35 8.56
C LEU D 73 -0.69 -22.06 7.78
N SER D 74 -0.30 -23.23 8.29
CA SER D 74 0.74 -24.03 7.67
C SER D 74 0.30 -24.56 6.32
N LYS D 75 -0.99 -24.86 6.19
CA LYS D 75 -1.52 -25.38 4.93
C LYS D 75 -1.60 -24.29 3.88
N ARG D 76 -1.80 -23.06 4.33
CA ARG D 76 -1.91 -21.95 3.39
C ARG D 76 -0.58 -21.34 2.99
N VAL D 77 0.33 -21.21 3.95
CA VAL D 77 1.64 -20.64 3.64
C VAL D 77 2.32 -21.56 2.63
N ASN D 78 1.92 -22.83 2.66
CA ASN D 78 2.46 -23.81 1.74
C ASN D 78 1.94 -23.54 0.33
N GLU D 79 0.65 -23.75 0.14
CA GLU D 79 0.03 -23.54 -1.16
C GLU D 79 0.03 -22.06 -1.47
N LEU D 80 1.20 -21.45 -1.33
CA LEU D 80 1.33 -20.03 -1.59
C LEU D 80 2.79 -19.81 -1.97
N LEU D 81 3.65 -20.70 -1.47
CA LEU D 81 5.08 -20.64 -1.74
C LEU D 81 5.41 -21.47 -2.96
N ALA D 82 4.58 -22.47 -3.23
CA ALA D 82 4.77 -23.35 -4.38
C ALA D 82 4.71 -22.54 -5.67
N ARG D 83 4.06 -21.38 -5.60
CA ARG D 83 3.91 -20.51 -6.75
C ARG D 83 5.24 -19.86 -7.13
N SER D 84 5.34 -19.42 -8.39
CA SER D 84 6.56 -18.81 -8.91
C SER D 84 6.61 -17.28 -8.82
N ASP D 85 5.55 -16.66 -8.30
CA ASP D 85 5.51 -15.20 -8.19
C ASP D 85 5.63 -14.67 -6.76
N VAL D 86 5.99 -15.55 -5.82
CA VAL D 86 6.18 -15.16 -4.43
C VAL D 86 7.63 -15.49 -4.05
N ASP D 87 8.22 -14.67 -3.20
CA ASP D 87 9.59 -14.90 -2.79
C ASP D 87 9.70 -15.32 -1.32
N GLY D 88 8.95 -14.64 -0.46
CA GLY D 88 8.94 -14.94 0.97
C GLY D 88 7.64 -14.47 1.61
N VAL D 89 7.45 -14.75 2.90
CA VAL D 89 6.23 -14.34 3.58
C VAL D 89 6.44 -13.95 5.05
N VAL D 90 5.84 -12.83 5.46
CA VAL D 90 5.94 -12.32 6.82
C VAL D 90 4.66 -12.54 7.64
N ILE D 91 4.81 -13.15 8.80
CA ILE D 91 3.66 -13.42 9.66
C ILE D 91 3.64 -12.55 10.90
N THR D 92 2.49 -11.94 11.18
CA THR D 92 2.33 -11.08 12.35
C THR D 92 1.54 -11.80 13.45
N HIS D 93 2.24 -12.17 14.51
CA HIS D 93 1.67 -12.90 15.63
C HIS D 93 1.66 -12.05 16.91
N GLY D 94 1.05 -12.60 17.95
CA GLY D 94 1.03 -11.92 19.23
C GLY D 94 2.32 -12.38 19.88
N THR D 95 2.59 -11.97 21.11
CA THR D 95 3.82 -12.37 21.77
C THR D 95 3.68 -13.47 22.84
N ASP D 96 2.61 -13.41 23.61
CA ASP D 96 2.33 -14.37 24.69
C ASP D 96 2.67 -15.82 24.37
N THR D 97 2.30 -16.30 23.18
CA THR D 97 2.58 -17.68 22.78
C THR D 97 3.39 -17.77 21.48
N LEU D 98 4.13 -16.71 21.19
CA LEU D 98 4.95 -16.62 19.98
C LEU D 98 6.14 -17.60 19.97
N ASP D 99 6.30 -18.39 21.04
CA ASP D 99 7.39 -19.36 21.06
C ASP D 99 6.89 -20.79 20.86
N GLU D 100 5.69 -20.92 20.30
CA GLU D 100 5.10 -22.22 20.01
C GLU D 100 4.84 -22.35 18.51
N SER D 101 4.17 -21.34 17.95
CA SER D 101 3.82 -21.29 16.53
C SER D 101 4.95 -21.44 15.50
N PRO D 102 6.07 -20.70 15.67
CA PRO D 102 7.16 -20.82 14.70
C PRO D 102 7.76 -22.22 14.57
N TYR D 103 7.81 -22.94 15.68
CA TYR D 103 8.39 -24.27 15.65
C TYR D 103 7.42 -25.23 14.97
N PHE D 104 6.16 -24.81 14.80
CA PHE D 104 5.16 -25.65 14.14
C PHE D 104 5.50 -25.68 12.66
N LEU D 105 5.30 -24.54 11.99
CA LEU D 105 5.58 -24.41 10.57
C LEU D 105 7.00 -24.90 10.26
N ASN D 106 7.97 -24.50 11.07
CA ASN D 106 9.35 -24.91 10.88
C ASN D 106 9.47 -26.43 10.73
N LEU D 107 8.40 -27.15 11.08
CA LEU D 107 8.38 -28.60 10.97
C LEU D 107 7.46 -29.06 9.85
N THR D 108 6.65 -28.15 9.31
CA THR D 108 5.71 -28.52 8.26
C THR D 108 5.62 -27.59 7.06
N VAL D 109 6.66 -26.79 6.82
CA VAL D 109 6.65 -25.87 5.69
C VAL D 109 7.84 -26.10 4.77
N LYS D 110 7.78 -27.19 4.00
CA LYS D 110 8.86 -27.55 3.08
C LYS D 110 8.94 -26.62 1.87
N SER D 111 9.94 -25.74 1.91
CA SER D 111 10.20 -24.76 0.86
C SER D 111 11.26 -23.85 1.45
N ASP D 112 12.48 -23.97 0.94
CA ASP D 112 13.58 -23.16 1.45
C ASP D 112 13.35 -21.64 1.34
N LYS D 113 12.15 -21.25 0.93
CA LYS D 113 11.81 -19.83 0.84
C LYS D 113 11.71 -19.25 2.25
N PRO D 114 12.14 -18.00 2.43
CA PRO D 114 12.10 -17.33 3.73
C PRO D 114 10.70 -17.16 4.35
N VAL D 115 10.68 -17.15 5.68
CA VAL D 115 9.46 -16.96 6.48
C VAL D 115 9.84 -16.43 7.88
N VAL D 116 9.64 -15.13 8.07
CA VAL D 116 9.98 -14.51 9.33
C VAL D 116 8.77 -14.01 10.10
N PHE D 117 8.63 -14.44 11.35
CA PHE D 117 7.52 -13.97 12.17
C PHE D 117 7.94 -12.60 12.70
N VAL D 118 6.97 -11.73 12.88
CA VAL D 118 7.24 -10.39 13.38
C VAL D 118 6.18 -10.04 14.42
N ALA D 119 6.58 -9.37 15.51
CA ALA D 119 5.67 -9.00 16.59
C ALA D 119 6.15 -7.79 17.39
N ALA D 120 5.27 -7.23 18.20
CA ALA D 120 5.63 -6.06 19.02
C ALA D 120 5.32 -6.24 20.52
N MET D 121 6.02 -5.48 21.35
CA MET D 121 5.88 -5.53 22.80
C MET D 121 5.15 -4.34 23.40
N ARG D 122 4.66 -3.44 22.54
CA ARG D 122 3.93 -2.27 23.00
C ARG D 122 2.73 -2.00 22.13
N PRO D 123 1.78 -1.21 22.62
CA PRO D 123 0.60 -0.90 21.82
C PRO D 123 1.11 -0.02 20.69
N ALA D 124 0.58 -0.19 19.49
CA ALA D 124 1.01 0.61 18.37
C ALA D 124 0.70 2.08 18.62
N THR D 125 -0.01 2.36 19.71
CA THR D 125 -0.38 3.72 20.05
C THR D 125 0.34 4.29 21.26
N ALA D 126 1.45 3.65 21.66
CA ALA D 126 2.22 4.11 22.81
C ALA D 126 3.24 5.15 22.37
N ILE D 127 4.01 5.70 23.32
CA ILE D 127 5.00 6.71 23.01
C ILE D 127 6.04 6.25 21.99
N SER D 128 6.98 5.43 22.43
CA SER D 128 8.04 4.95 21.54
C SER D 128 7.78 3.51 21.11
N ALA D 129 6.69 3.30 20.36
CA ALA D 129 6.30 1.97 19.89
C ALA D 129 7.28 1.29 18.94
N ASP D 130 7.65 0.06 19.26
CA ASP D 130 8.59 -0.70 18.45
C ASP D 130 7.96 -1.29 17.19
N GLY D 131 6.66 -1.51 17.21
CA GLY D 131 5.98 -2.09 16.06
C GLY D 131 6.51 -1.72 14.68
N PRO D 132 6.61 -0.42 14.35
CA PRO D 132 7.09 0.04 13.05
C PRO D 132 8.42 -0.55 12.58
N MET D 133 9.51 -0.23 13.27
CA MET D 133 10.82 -0.75 12.87
C MET D 133 10.77 -2.27 12.67
N ASN D 134 10.36 -3.00 13.70
CA ASN D 134 10.28 -4.46 13.60
C ASN D 134 9.70 -4.93 12.26
N LEU D 135 8.65 -4.25 11.80
CA LEU D 135 8.00 -4.61 10.55
C LEU D 135 8.94 -4.30 9.38
N TYR D 136 9.61 -3.16 9.46
CA TYR D 136 10.56 -2.76 8.42
C TYR D 136 11.65 -3.82 8.32
N GLY D 137 12.22 -4.18 9.46
CA GLY D 137 13.27 -5.17 9.49
C GLY D 137 12.84 -6.54 9.00
N ALA D 138 11.61 -6.94 9.29
CA ALA D 138 11.09 -8.25 8.87
C ALA D 138 10.88 -8.32 7.36
N VAL D 139 10.26 -7.28 6.81
CA VAL D 139 10.01 -7.24 5.38
C VAL D 139 11.36 -7.19 4.69
N LYS D 140 12.30 -6.49 5.31
CA LYS D 140 13.65 -6.35 4.78
C LYS D 140 14.39 -7.69 4.76
N VAL D 141 14.35 -8.40 5.88
CA VAL D 141 15.00 -9.71 6.01
C VAL D 141 14.37 -10.71 5.04
N ALA D 142 13.08 -10.95 5.23
CA ALA D 142 12.37 -11.88 4.36
C ALA D 142 12.70 -11.61 2.90
N ALA D 143 12.71 -10.32 2.52
CA ALA D 143 12.97 -9.93 1.14
C ALA D 143 14.43 -10.07 0.68
N ASP D 144 15.27 -10.69 1.51
CA ASP D 144 16.66 -10.83 1.11
C ASP D 144 16.88 -12.12 0.32
N LYS D 145 18.01 -12.18 -0.38
CA LYS D 145 18.37 -13.32 -1.20
C LYS D 145 19.10 -14.37 -0.38
N ASN D 146 19.65 -13.93 0.74
CA ASN D 146 20.43 -14.81 1.61
C ASN D 146 19.66 -15.47 2.76
N SER D 147 18.53 -14.88 3.12
CA SER D 147 17.70 -15.42 4.19
C SER D 147 17.35 -16.88 3.91
N ARG D 148 17.32 -17.23 2.63
CA ARG D 148 16.99 -18.58 2.15
C ARG D 148 17.76 -19.76 2.76
N GLY D 149 17.01 -20.76 3.22
CA GLY D 149 17.62 -21.96 3.77
C GLY D 149 18.02 -22.05 5.23
N ARG D 150 17.48 -21.21 6.11
CA ARG D 150 17.86 -21.29 7.51
C ARG D 150 16.66 -21.54 8.41
N GLY D 151 15.64 -22.20 7.86
CA GLY D 151 14.46 -22.48 8.65
C GLY D 151 13.66 -21.22 8.95
N VAL D 152 12.53 -21.40 9.63
CA VAL D 152 11.69 -20.28 9.98
C VAL D 152 12.52 -19.33 10.83
N LEU D 153 12.14 -18.05 10.84
CA LEU D 153 12.89 -17.06 11.60
C LEU D 153 12.01 -16.12 12.41
N VAL D 154 12.62 -15.55 13.45
CA VAL D 154 11.95 -14.62 14.33
C VAL D 154 12.73 -13.32 14.35
N VAL D 155 12.05 -12.21 14.06
CA VAL D 155 12.70 -10.90 14.01
C VAL D 155 12.16 -9.92 15.04
N LEU D 156 13.07 -9.25 15.73
CA LEU D 156 12.64 -8.30 16.75
C LEU D 156 13.81 -7.55 17.42
N ASN D 157 13.62 -6.25 17.67
CA ASN D 157 14.62 -5.42 18.32
C ASN D 157 15.99 -5.54 17.62
N ASP D 158 15.95 -5.51 16.29
CA ASP D 158 17.14 -5.61 15.45
C ASP D 158 17.85 -6.94 15.52
N ARG D 159 17.15 -7.96 15.99
CA ARG D 159 17.74 -9.29 16.11
C ARG D 159 17.07 -10.37 15.25
N ILE D 160 17.87 -11.37 14.86
CA ILE D 160 17.42 -12.48 14.02
C ILE D 160 17.72 -13.79 14.75
N GLY D 161 16.68 -14.53 15.11
CA GLY D 161 16.88 -15.77 15.84
C GLY D 161 16.22 -16.98 15.25
N SER D 162 16.74 -18.16 15.61
CA SER D 162 16.21 -19.44 15.15
C SER D 162 14.91 -19.78 15.86
N ALA D 163 13.89 -20.16 15.10
CA ALA D 163 12.63 -20.52 15.71
C ALA D 163 12.77 -21.81 16.51
N ARG D 164 14.00 -22.30 16.63
CA ARG D 164 14.26 -23.54 17.38
C ARG D 164 14.90 -23.25 18.74
N PHE D 165 15.40 -22.03 18.91
CA PHE D 165 16.05 -21.65 20.17
C PHE D 165 15.38 -20.49 20.91
N ILE D 166 14.89 -19.50 20.16
CA ILE D 166 14.25 -18.31 20.71
C ILE D 166 13.02 -18.53 21.62
N SER D 167 12.92 -17.70 22.66
CA SER D 167 11.84 -17.74 23.64
C SER D 167 11.71 -16.39 24.36
N LYS D 168 10.56 -16.16 24.99
CA LYS D 168 10.29 -14.93 25.74
C LYS D 168 10.95 -15.09 27.12
N THR D 169 12.14 -14.52 27.29
CA THR D 169 12.91 -14.63 28.55
C THR D 169 12.39 -13.78 29.70
N ASN D 170 11.71 -12.69 29.36
CA ASN D 170 11.15 -11.77 30.36
C ASN D 170 9.64 -11.65 30.18
N ALA D 171 8.96 -11.15 31.20
CA ALA D 171 7.52 -10.99 31.13
C ALA D 171 7.03 -9.71 30.47
N SER D 172 7.88 -8.68 30.46
CA SER D 172 7.47 -7.39 29.90
C SER D 172 8.52 -6.43 29.30
N THR D 173 9.79 -6.79 29.26
CA THR D 173 10.78 -5.89 28.67
C THR D 173 10.67 -5.86 27.15
N LEU D 174 11.40 -4.93 26.53
CA LEU D 174 11.36 -4.73 25.08
C LEU D 174 12.34 -5.65 24.35
N ASP D 175 13.23 -6.30 25.09
CA ASP D 175 14.21 -7.20 24.49
C ASP D 175 14.06 -8.66 24.93
N THR D 176 13.00 -8.94 25.68
CA THR D 176 12.71 -10.25 26.22
C THR D 176 13.06 -11.49 25.38
N PHE D 177 12.98 -11.38 24.06
CA PHE D 177 13.27 -12.54 23.21
C PHE D 177 14.74 -12.84 22.97
N LYS D 178 15.24 -13.86 23.66
CA LYS D 178 16.64 -14.26 23.53
C LYS D 178 16.87 -15.75 23.75
N ALA D 179 18.12 -16.16 23.63
CA ALA D 179 18.51 -17.56 23.79
C ALA D 179 19.97 -17.63 24.22
N PRO D 180 20.24 -17.56 25.53
CA PRO D 180 21.57 -17.59 26.13
C PRO D 180 22.61 -18.58 25.60
N GLU D 181 22.44 -19.87 25.89
CA GLU D 181 23.41 -20.87 25.43
C GLU D 181 23.61 -20.87 23.94
N GLU D 182 22.55 -20.55 23.21
CA GLU D 182 22.60 -20.55 21.75
C GLU D 182 23.01 -19.24 21.08
N GLY D 183 22.24 -18.18 21.26
CA GLY D 183 22.60 -16.91 20.63
C GLY D 183 21.75 -16.54 19.42
N TYR D 184 22.12 -15.46 18.75
CA TYR D 184 21.35 -15.00 17.59
C TYR D 184 22.02 -15.48 16.33
N LEU D 185 21.23 -15.65 15.27
CA LEU D 185 21.74 -16.10 13.99
C LEU D 185 22.28 -14.95 13.13
N GLY D 186 21.84 -13.74 13.45
CA GLY D 186 22.26 -12.55 12.73
C GLY D 186 21.64 -11.30 13.34
N VAL D 187 22.03 -10.13 12.85
CA VAL D 187 21.49 -8.90 13.39
C VAL D 187 21.40 -7.75 12.36
N ILE D 188 20.39 -6.89 12.50
CA ILE D 188 20.19 -5.78 11.59
C ILE D 188 20.80 -4.44 12.04
N ILE D 189 21.97 -4.07 11.50
CA ILE D 189 22.63 -2.82 11.90
C ILE D 189 22.86 -1.78 10.80
N GLY D 190 22.15 -0.66 10.88
CA GLY D 190 22.30 0.40 9.91
C GLY D 190 21.77 0.11 8.52
N ASP D 191 20.55 -0.43 8.46
CA ASP D 191 19.90 -0.76 7.19
C ASP D 191 20.70 -1.83 6.44
N LYS D 192 21.55 -2.55 7.18
CA LYS D 192 22.37 -3.60 6.60
C LYS D 192 22.35 -4.88 7.46
N ILE D 193 22.00 -6.00 6.84
CA ILE D 193 21.91 -7.31 7.51
C ILE D 193 23.25 -8.01 7.77
N TYR D 194 23.33 -8.78 8.86
CA TYR D 194 24.55 -9.53 9.22
C TYR D 194 24.24 -10.93 9.79
N TYR D 195 24.79 -11.96 9.13
CA TYR D 195 24.60 -13.35 9.55
C TYR D 195 25.91 -13.89 10.12
N GLN D 196 25.84 -14.71 11.17
CA GLN D 196 27.04 -15.27 11.79
C GLN D 196 27.03 -16.76 12.07
N THR D 197 25.84 -17.37 12.21
CA THR D 197 25.77 -18.81 12.46
C THR D 197 24.59 -19.50 11.79
N ARG D 198 24.71 -20.82 11.59
CA ARG D 198 23.66 -21.60 10.96
C ARG D 198 23.11 -22.67 11.90
N LEU D 199 21.80 -22.91 11.86
CA LEU D 199 21.16 -23.93 12.71
C LEU D 199 21.65 -25.34 12.35
N ASP D 200 22.12 -26.11 13.33
CA ASP D 200 22.61 -27.46 13.03
C ASP D 200 21.61 -28.54 13.43
N LYS D 201 20.40 -28.44 12.88
CA LYS D 201 19.36 -29.42 13.16
C LYS D 201 18.36 -29.55 12.01
N VAL D 202 17.60 -30.64 12.03
CA VAL D 202 16.61 -30.92 10.97
C VAL D 202 15.47 -29.91 10.88
N HIS D 203 15.13 -29.49 9.65
CA HIS D 203 14.04 -28.53 9.50
C HIS D 203 13.40 -28.40 8.11
N THR D 204 12.64 -27.33 7.94
CA THR D 204 11.93 -26.97 6.71
C THR D 204 11.56 -28.08 5.73
N THR D 205 12.37 -28.22 4.68
CA THR D 205 12.14 -29.22 3.63
C THR D 205 12.52 -30.65 4.02
N ARG D 206 13.60 -30.81 4.78
CA ARG D 206 14.06 -32.13 5.22
C ARG D 206 13.11 -32.76 6.25
N SER D 207 12.01 -32.10 6.58
CA SER D 207 11.11 -32.67 7.59
C SER D 207 10.22 -33.78 7.09
N VAL D 208 10.19 -34.88 7.85
CA VAL D 208 9.36 -36.03 7.51
C VAL D 208 7.98 -35.84 8.12
N PHE D 209 7.57 -34.59 8.30
CA PHE D 209 6.27 -34.30 8.89
C PHE D 209 5.36 -33.59 7.88
N ASP D 210 4.37 -34.30 7.37
CA ASP D 210 3.41 -33.70 6.44
C ASP D 210 2.09 -33.50 7.18
N VAL D 211 1.48 -32.33 7.01
CA VAL D 211 0.22 -32.02 7.70
C VAL D 211 -0.95 -31.74 6.78
N THR D 212 -0.65 -31.27 5.58
CA THR D 212 -1.69 -30.88 4.63
C THR D 212 -2.91 -31.81 4.47
N ASN D 213 -2.77 -33.09 4.82
CA ASN D 213 -3.87 -34.05 4.70
C ASN D 213 -4.81 -34.09 5.91
N VAL D 214 -4.19 -34.18 7.10
CA VAL D 214 -4.86 -34.26 8.41
C VAL D 214 -5.66 -33.01 8.78
N ASP D 215 -6.63 -33.15 9.68
CA ASP D 215 -7.39 -31.98 10.13
C ASP D 215 -7.92 -32.10 11.57
N LYS D 216 -7.28 -32.94 12.36
CA LYS D 216 -7.61 -33.13 13.77
C LYS D 216 -6.36 -33.65 14.47
N LEU D 217 -5.76 -32.79 15.30
CA LEU D 217 -4.54 -33.16 16.01
C LEU D 217 -4.71 -33.86 17.35
N PRO D 218 -3.79 -34.79 17.67
CA PRO D 218 -3.84 -35.54 18.94
C PRO D 218 -3.60 -34.61 20.11
N ALA D 219 -4.10 -34.99 21.28
CA ALA D 219 -4.00 -34.14 22.48
C ALA D 219 -2.85 -34.45 23.43
N VAL D 220 -2.18 -33.38 23.87
CA VAL D 220 -1.05 -33.49 24.80
C VAL D 220 -1.11 -32.38 25.86
N ASP D 221 -1.11 -32.78 27.12
CA ASP D 221 -1.16 -31.83 28.24
C ASP D 221 0.22 -31.60 28.86
N ILE D 222 0.29 -30.65 29.79
CA ILE D 222 1.55 -30.33 30.45
C ILE D 222 1.32 -30.24 31.95
N ILE D 223 2.28 -30.76 32.72
CA ILE D 223 2.19 -30.77 34.17
C ILE D 223 3.54 -30.43 34.81
N TYR D 224 3.47 -29.47 35.70
CA TYR D 224 4.62 -28.89 36.38
C TYR D 224 5.15 -29.78 37.52
N GLY D 225 6.31 -29.42 38.07
CA GLY D 225 6.92 -30.22 39.14
C GLY D 225 7.54 -29.40 40.28
N TYR D 226 6.90 -29.47 41.45
CA TYR D 226 7.34 -28.72 42.62
C TYR D 226 7.46 -29.57 43.89
N GLN D 227 7.73 -28.94 45.03
CA GLN D 227 7.92 -29.66 46.29
C GLN D 227 6.80 -30.50 46.88
N ASP D 228 5.55 -30.18 46.55
CA ASP D 228 4.42 -30.96 47.09
C ASP D 228 3.36 -31.29 46.02
N ASP D 229 3.80 -31.51 44.79
CA ASP D 229 2.90 -31.78 43.66
C ASP D 229 2.00 -33.00 43.75
N PRO D 230 0.68 -32.79 43.61
CA PRO D 230 -0.33 -33.84 43.67
C PRO D 230 -0.24 -34.80 42.50
N GLU D 231 -0.38 -36.08 42.78
CA GLU D 231 -0.31 -37.09 41.73
C GLU D 231 -1.70 -37.40 41.17
N TYR D 232 -2.61 -36.46 41.28
CA TYR D 232 -3.96 -36.67 40.77
C TYR D 232 -4.14 -35.80 39.53
N MET D 233 -3.20 -34.90 39.32
CA MET D 233 -3.26 -34.04 38.15
C MET D 233 -3.13 -35.01 36.98
N TYR D 234 -2.29 -36.02 37.17
CA TYR D 234 -2.08 -37.04 36.15
C TYR D 234 -3.37 -37.81 36.01
N ASP D 235 -3.93 -38.23 37.14
CA ASP D 235 -5.20 -38.98 37.13
C ASP D 235 -6.26 -38.16 36.42
N ALA D 236 -6.03 -36.85 36.36
CA ALA D 236 -6.96 -35.95 35.72
C ALA D 236 -6.95 -36.05 34.20
N SER D 237 -5.76 -36.14 33.61
CA SER D 237 -5.62 -36.23 32.15
C SER D 237 -5.72 -37.65 31.62
N ILE D 238 -5.06 -38.56 32.31
CA ILE D 238 -5.04 -39.97 31.92
C ILE D 238 -6.45 -40.53 31.88
N LYS D 239 -7.41 -39.69 32.24
CA LYS D 239 -8.81 -40.09 32.25
C LYS D 239 -9.67 -39.20 31.36
N HIS D 240 -9.02 -38.46 30.46
CA HIS D 240 -9.74 -37.59 29.54
C HIS D 240 -9.40 -37.85 28.06
N GLY D 241 -8.58 -38.87 27.81
CA GLY D 241 -8.23 -39.22 26.45
C GLY D 241 -6.90 -38.67 25.96
N VAL D 242 -6.13 -38.11 26.88
CA VAL D 242 -4.82 -37.53 26.56
C VAL D 242 -3.92 -38.56 25.90
N LYS D 243 -3.42 -38.20 24.72
CA LYS D 243 -2.56 -39.06 23.92
C LYS D 243 -1.10 -39.02 24.39
N GLY D 244 -0.71 -37.91 25.02
CA GLY D 244 0.65 -37.76 25.51
C GLY D 244 0.78 -36.71 26.61
N ILE D 245 1.92 -36.67 27.30
CA ILE D 245 2.10 -35.69 28.37
C ILE D 245 3.54 -35.15 28.53
N VAL D 246 3.66 -33.84 28.83
CA VAL D 246 4.98 -33.21 29.03
C VAL D 246 5.15 -32.83 30.49
N TYR D 247 6.32 -33.14 31.05
CA TYR D 247 6.59 -32.88 32.44
C TYR D 247 7.68 -31.88 32.78
N ALA D 248 7.33 -30.60 32.93
CA ALA D 248 8.32 -29.60 33.30
C ALA D 248 8.76 -29.94 34.71
N GLY D 249 9.85 -30.66 34.85
CA GLY D 249 10.30 -31.03 36.18
C GLY D 249 11.36 -30.17 36.82
N MET D 250 11.77 -30.55 38.02
CA MET D 250 12.80 -29.84 38.78
C MET D 250 14.17 -30.18 38.21
N GLY D 251 15.14 -29.29 38.43
CA GLY D 251 16.48 -29.53 37.94
C GLY D 251 16.59 -30.21 36.58
N ALA D 252 17.09 -31.45 36.56
CA ALA D 252 17.22 -32.18 35.31
C ALA D 252 16.06 -33.12 35.12
N GLY D 253 14.86 -32.57 35.00
CA GLY D 253 13.68 -33.40 34.83
C GLY D 253 13.43 -34.34 36.00
N SER D 254 14.29 -34.29 37.02
CA SER D 254 14.18 -35.15 38.20
C SER D 254 12.72 -35.38 38.56
N VAL D 255 12.42 -36.49 39.24
CA VAL D 255 11.04 -36.82 39.61
C VAL D 255 10.74 -36.94 41.11
N SER D 256 9.54 -36.54 41.52
CA SER D 256 9.10 -36.60 42.92
C SER D 256 8.45 -37.94 43.22
N LYS D 257 8.54 -38.39 44.47
CA LYS D 257 7.97 -39.67 44.88
C LYS D 257 6.65 -40.00 44.18
N ARG D 258 5.70 -39.07 44.26
CA ARG D 258 4.38 -39.23 43.67
C ARG D 258 4.38 -38.92 42.17
N GLY D 259 5.44 -38.28 41.70
CA GLY D 259 5.53 -37.96 40.28
C GLY D 259 5.83 -39.23 39.50
N ASP D 260 6.73 -40.03 40.06
CA ASP D 260 7.13 -41.29 39.48
C ASP D 260 5.86 -42.11 39.22
N ALA D 261 5.02 -42.19 40.25
CA ALA D 261 3.77 -42.94 40.19
C ALA D 261 2.80 -42.52 39.11
N GLY D 262 2.45 -41.23 39.07
CA GLY D 262 1.52 -40.76 38.07
C GLY D 262 1.95 -41.10 36.65
N ILE D 263 3.27 -40.98 36.38
CA ILE D 263 3.83 -41.27 35.06
C ILE D 263 3.71 -42.73 34.60
N ARG D 264 4.13 -43.66 35.46
CA ARG D 264 4.04 -45.08 35.16
C ARG D 264 2.57 -45.44 34.97
N LYS D 265 1.75 -44.91 35.86
CA LYS D 265 0.33 -45.13 35.83
C LYS D 265 -0.18 -44.72 34.45
N ALA D 266 0.62 -43.98 33.71
CA ALA D 266 0.23 -43.53 32.38
C ALA D 266 0.83 -44.44 31.31
N GLU D 267 2.02 -44.95 31.56
CA GLU D 267 2.70 -45.85 30.63
C GLU D 267 1.78 -47.07 30.50
N SER D 268 1.12 -47.40 31.61
CA SER D 268 0.22 -48.54 31.67
C SER D 268 -0.95 -48.42 30.69
N LYS D 269 -1.55 -47.24 30.59
CA LYS D 269 -2.67 -47.02 29.68
C LYS D 269 -2.15 -46.70 28.28
N GLY D 270 -0.85 -46.90 28.07
CA GLY D 270 -0.25 -46.66 26.76
C GLY D 270 0.28 -45.27 26.48
N ILE D 271 -0.45 -44.25 26.93
CA ILE D 271 -0.06 -42.85 26.71
C ILE D 271 1.44 -42.64 26.93
N VAL D 272 2.03 -41.77 26.10
CA VAL D 272 3.47 -41.49 26.17
C VAL D 272 3.81 -40.14 26.81
N VAL D 273 4.81 -40.16 27.68
CA VAL D 273 5.24 -38.95 28.37
C VAL D 273 6.72 -38.65 28.15
N VAL D 274 7.03 -37.35 28.06
CA VAL D 274 8.39 -36.85 27.87
C VAL D 274 8.74 -35.97 29.07
N ARG D 275 9.95 -36.09 29.59
CA ARG D 275 10.39 -35.29 30.73
C ARG D 275 11.30 -34.12 30.34
N SER D 276 10.76 -32.91 30.51
CA SER D 276 11.47 -31.67 30.20
C SER D 276 12.03 -31.03 31.48
N SER D 277 12.19 -29.72 31.49
CA SER D 277 12.69 -29.03 32.67
C SER D 277 12.03 -27.69 32.91
N ARG D 278 12.01 -27.26 34.16
CA ARG D 278 11.38 -26.00 34.52
C ARG D 278 12.39 -24.85 34.65
N THR D 279 13.67 -25.18 34.57
CA THR D 279 14.74 -24.21 34.71
C THR D 279 14.89 -23.13 33.61
N GLY D 280 14.75 -23.52 32.35
CA GLY D 280 14.87 -22.53 31.28
C GLY D 280 15.86 -22.86 30.18
N SER D 281 16.76 -23.79 30.44
CA SER D 281 17.76 -24.20 29.44
C SER D 281 18.47 -25.50 29.86
N GLY D 282 19.61 -25.80 29.22
CA GLY D 282 20.35 -27.01 29.57
C GLY D 282 19.87 -28.30 28.92
N ILE D 283 20.33 -29.44 29.41
CA ILE D 283 19.94 -30.73 28.83
C ILE D 283 19.47 -31.78 29.84
N VAL D 284 18.41 -32.50 29.47
CA VAL D 284 17.85 -33.59 30.30
C VAL D 284 18.51 -34.84 29.73
N PRO D 285 19.52 -35.38 30.43
CA PRO D 285 20.23 -36.58 29.96
C PRO D 285 19.42 -37.83 30.19
N PRO D 286 19.84 -38.95 29.58
CA PRO D 286 19.13 -40.22 29.75
C PRO D 286 19.48 -40.83 31.10
N ASP D 287 18.65 -41.76 31.54
CA ASP D 287 18.84 -42.45 32.82
C ASP D 287 17.69 -43.44 32.97
N ALA D 288 17.97 -44.70 32.68
CA ALA D 288 16.95 -45.73 32.77
C ALA D 288 16.39 -45.85 34.17
N GLY D 289 16.99 -45.14 35.12
CA GLY D 289 16.51 -45.20 36.49
C GLY D 289 15.14 -44.57 36.71
N GLN D 290 14.75 -43.64 35.84
CA GLN D 290 13.47 -42.94 35.93
C GLN D 290 12.61 -43.16 34.68
N PRO D 291 11.28 -43.18 34.85
CA PRO D 291 10.26 -43.37 33.82
C PRO D 291 10.26 -42.37 32.67
N GLY D 292 9.51 -42.69 31.62
CA GLY D 292 9.41 -41.80 30.48
C GLY D 292 10.66 -41.50 29.67
N LEU D 293 10.46 -40.69 28.62
CA LEU D 293 11.53 -40.25 27.72
C LEU D 293 12.18 -38.97 28.22
N VAL D 294 13.25 -38.56 27.56
CA VAL D 294 13.93 -37.33 27.94
C VAL D 294 14.00 -36.41 26.74
N ALA D 295 13.45 -35.20 26.90
CA ALA D 295 13.48 -34.22 25.84
C ALA D 295 14.95 -33.78 25.77
N ASP D 296 15.40 -33.39 24.60
CA ASP D 296 16.79 -33.01 24.48
C ASP D 296 16.98 -31.68 25.23
N SER D 297 17.02 -30.58 24.50
CA SER D 297 17.19 -29.26 25.10
C SER D 297 15.99 -28.38 24.78
N LEU D 298 14.86 -29.04 24.49
CA LEU D 298 13.65 -28.34 24.16
C LEU D 298 12.86 -28.02 25.42
N SER D 299 12.04 -26.99 25.30
CA SER D 299 11.22 -26.51 26.39
C SER D 299 9.84 -27.17 26.41
N PRO D 300 9.18 -27.20 27.58
CA PRO D 300 7.85 -27.78 27.75
C PRO D 300 6.95 -27.29 26.62
N ALA D 301 7.10 -26.02 26.27
CA ALA D 301 6.32 -25.41 25.21
C ALA D 301 6.64 -26.04 23.84
N LYS D 302 7.92 -26.12 23.48
CA LYS D 302 8.33 -26.71 22.20
C LYS D 302 8.15 -28.23 22.21
N SER D 303 8.61 -28.87 23.28
CA SER D 303 8.51 -30.31 23.43
C SER D 303 7.09 -30.80 23.15
N ARG D 304 6.11 -30.06 23.66
CA ARG D 304 4.71 -30.43 23.47
C ARG D 304 4.39 -30.39 21.98
N ILE D 305 4.85 -29.32 21.33
CA ILE D 305 4.66 -29.11 19.90
C ILE D 305 5.20 -30.24 19.03
N LEU D 306 6.33 -30.82 19.44
CA LEU D 306 6.94 -31.91 18.69
C LEU D 306 6.20 -33.23 18.89
N LEU D 307 6.03 -33.63 20.14
CA LEU D 307 5.32 -34.88 20.43
C LEU D 307 3.92 -34.86 19.79
N MET D 308 3.34 -33.67 19.70
CA MET D 308 2.01 -33.50 19.14
C MET D 308 1.95 -33.94 17.68
N LEU D 309 3.08 -33.83 16.98
CA LEU D 309 3.16 -34.25 15.58
C LEU D 309 3.79 -35.64 15.47
N ALA D 310 4.73 -35.92 16.35
CA ALA D 310 5.40 -37.22 16.36
C ALA D 310 4.39 -38.36 16.52
N LEU D 311 3.16 -38.03 16.88
CA LEU D 311 2.12 -39.03 17.06
C LEU D 311 1.31 -39.32 15.82
N THR D 312 1.10 -38.30 15.00
CA THR D 312 0.34 -38.50 13.77
C THR D 312 1.22 -39.30 12.79
N LYS D 313 2.22 -39.99 13.33
CA LYS D 313 3.12 -40.81 12.51
C LYS D 313 3.50 -42.16 13.14
N THR D 314 4.14 -42.13 14.30
CA THR D 314 4.54 -43.36 14.95
C THR D 314 3.99 -43.50 16.36
N THR D 315 4.39 -44.59 17.02
CA THR D 315 3.96 -44.89 18.38
C THR D 315 5.04 -45.71 19.06
N ASN D 316 6.17 -45.85 18.38
CA ASN D 316 7.31 -46.59 18.90
C ASN D 316 8.13 -45.65 19.79
N PRO D 317 8.24 -45.97 21.09
CA PRO D 317 9.00 -45.15 22.04
C PRO D 317 10.44 -44.86 21.61
N ALA D 318 11.01 -45.78 20.83
CA ALA D 318 12.40 -45.68 20.36
C ALA D 318 12.52 -44.69 19.21
N VAL D 319 11.63 -44.83 18.24
CA VAL D 319 11.62 -43.96 17.07
C VAL D 319 11.36 -42.51 17.49
N ILE D 320 10.37 -42.30 18.37
CA ILE D 320 10.00 -40.99 18.89
C ILE D 320 11.20 -40.34 19.58
N GLN D 321 11.86 -41.09 20.46
CA GLN D 321 13.03 -40.62 21.18
C GLN D 321 14.06 -39.97 20.25
N ASP D 322 14.38 -40.69 19.17
CA ASP D 322 15.34 -40.19 18.18
C ASP D 322 14.92 -38.83 17.66
N TYR D 323 13.65 -38.71 17.26
CA TYR D 323 13.12 -37.45 16.74
C TYR D 323 13.57 -36.29 17.62
N PHE D 324 13.38 -36.44 18.92
CA PHE D 324 13.76 -35.42 19.86
C PHE D 324 15.25 -35.10 19.81
N HIS D 325 16.09 -36.13 19.63
CA HIS D 325 17.54 -35.91 19.55
C HIS D 325 17.97 -35.24 18.23
N ALA D 326 17.13 -35.36 17.21
CA ALA D 326 17.42 -34.84 15.88
C ALA D 326 16.82 -33.50 15.48
N TYR D 327 15.59 -33.24 15.89
CA TYR D 327 14.94 -31.99 15.50
C TYR D 327 15.15 -30.88 16.52
N ASN E 3 -61.62 33.05 -27.59
CA ASN E 3 -61.04 32.21 -28.66
C ASN E 3 -59.52 32.13 -28.58
N LEU E 4 -58.83 32.87 -29.45
CA LEU E 4 -57.38 32.88 -29.49
C LEU E 4 -56.79 33.63 -28.30
N PRO E 5 -55.58 33.24 -27.87
CA PRO E 5 -54.92 33.90 -26.75
C PRO E 5 -54.10 35.10 -27.21
N ASN E 6 -53.86 36.04 -26.30
CA ASN E 6 -53.07 37.23 -26.61
C ASN E 6 -51.63 37.04 -26.14
N ILE E 7 -50.68 37.28 -27.04
CA ILE E 7 -49.27 37.13 -26.73
C ILE E 7 -48.46 38.38 -27.11
N VAL E 8 -47.36 38.61 -26.40
CA VAL E 8 -46.53 39.78 -26.66
C VAL E 8 -45.12 39.41 -27.09
N ILE E 9 -44.64 40.07 -28.12
CA ILE E 9 -43.28 39.82 -28.63
C ILE E 9 -42.35 40.95 -28.18
N LEU E 10 -41.30 40.61 -27.46
CA LEU E 10 -40.33 41.60 -27.01
C LEU E 10 -39.03 41.48 -27.81
N ALA E 11 -38.68 42.55 -28.52
CA ALA E 11 -37.48 42.55 -29.35
C ALA E 11 -36.24 43.15 -28.69
N THR E 12 -35.07 42.61 -29.06
CA THR E 12 -33.77 43.05 -28.54
C THR E 12 -32.75 43.11 -29.67
N GLY E 13 -33.18 42.65 -30.85
CA GLY E 13 -32.29 42.61 -32.01
C GLY E 13 -32.12 41.17 -32.46
N GLY E 14 -30.91 40.80 -32.87
CA GLY E 14 -30.66 39.44 -33.30
C GLY E 14 -30.36 39.24 -34.77
N THR E 15 -30.49 38.00 -35.24
CA THR E 15 -30.24 37.66 -36.64
C THR E 15 -31.57 37.56 -37.40
N ILE E 16 -32.55 36.90 -36.77
CA ILE E 16 -33.88 36.73 -37.35
C ILE E 16 -34.42 38.05 -37.87
N ALA E 17 -34.03 39.12 -37.19
CA ALA E 17 -34.44 40.47 -37.54
C ALA E 17 -33.20 41.21 -38.01
N GLY E 18 -32.55 40.67 -39.02
CA GLY E 18 -31.34 41.29 -39.55
C GLY E 18 -31.02 40.82 -40.96
N SER E 19 -30.98 41.77 -41.89
CA SER E 19 -30.67 41.48 -43.27
C SER E 19 -29.16 41.54 -43.49
N ALA E 20 -28.68 40.91 -44.56
CA ALA E 20 -27.26 40.90 -44.88
C ALA E 20 -26.95 41.88 -46.02
N ALA E 21 -26.54 41.33 -47.16
CA ALA E 21 -26.23 42.14 -48.32
C ALA E 21 -26.16 41.24 -49.55
N ALA E 22 -26.49 39.95 -49.35
CA ALA E 22 -26.48 38.98 -50.43
C ALA E 22 -27.40 37.80 -50.16
N ASN E 23 -27.79 37.10 -51.23
CA ASN E 23 -28.67 35.94 -51.13
C ASN E 23 -28.02 34.83 -50.29
N THR E 24 -26.71 34.71 -50.36
CA THR E 24 -25.98 33.69 -49.60
C THR E 24 -24.78 34.28 -48.85
N GLN E 25 -25.00 35.41 -48.19
CA GLN E 25 -23.93 36.05 -47.43
C GLN E 25 -24.04 35.71 -45.95
N THR E 26 -23.17 34.83 -45.48
CA THR E 26 -23.15 34.43 -44.09
C THR E 26 -21.83 34.96 -43.51
N THR E 27 -21.51 36.20 -43.84
CA THR E 27 -20.28 36.87 -43.39
C THR E 27 -20.55 37.99 -42.39
N GLY E 28 -19.53 38.35 -41.62
CA GLY E 28 -19.65 39.40 -40.63
C GLY E 28 -20.27 40.69 -41.14
N TYR E 29 -21.58 40.81 -40.92
CA TYR E 29 -22.34 41.99 -41.36
C TYR E 29 -22.94 42.68 -40.14
N LYS E 30 -23.81 43.66 -40.38
CA LYS E 30 -24.46 44.38 -39.30
C LYS E 30 -25.77 43.68 -38.95
N ALA E 31 -25.82 43.04 -37.78
CA ALA E 31 -27.00 42.30 -37.34
C ALA E 31 -27.85 42.96 -36.24
N GLY E 32 -29.16 42.70 -36.30
CA GLY E 32 -30.08 43.26 -35.32
C GLY E 32 -30.81 44.50 -35.80
N ALA E 33 -30.79 44.73 -37.12
CA ALA E 33 -31.43 45.91 -37.70
C ALA E 33 -32.85 45.72 -38.21
N LEU E 34 -33.75 45.31 -37.32
CA LEU E 34 -35.15 45.14 -37.70
C LEU E 34 -36.11 45.45 -36.54
N GLY E 35 -37.11 46.27 -36.83
CA GLY E 35 -38.09 46.63 -35.83
C GLY E 35 -39.04 45.48 -35.61
N VAL E 36 -39.87 45.58 -34.58
CA VAL E 36 -40.84 44.52 -34.28
C VAL E 36 -42.09 44.64 -35.15
N GLU E 37 -42.22 45.76 -35.85
CA GLU E 37 -43.36 46.01 -36.72
C GLU E 37 -43.35 45.15 -37.97
N THR E 38 -42.20 45.07 -38.64
CA THR E 38 -42.08 44.30 -39.86
C THR E 38 -42.34 42.82 -39.62
N LEU E 39 -41.62 42.24 -38.66
CA LEU E 39 -41.75 40.83 -38.34
C LEU E 39 -43.20 40.30 -38.45
N ILE E 40 -44.17 41.10 -38.02
CA ILE E 40 -45.57 40.70 -38.09
C ILE E 40 -45.91 40.37 -39.54
N GLN E 41 -45.43 41.23 -40.43
CA GLN E 41 -45.66 41.08 -41.86
C GLN E 41 -45.14 39.75 -42.39
N ALA E 42 -43.82 39.65 -42.54
CA ALA E 42 -43.17 38.45 -43.06
C ALA E 42 -43.88 37.11 -42.81
N VAL E 43 -44.52 36.94 -41.66
CA VAL E 43 -45.23 35.69 -41.38
C VAL E 43 -46.67 35.96 -40.93
N PRO E 44 -47.58 36.12 -41.90
CA PRO E 44 -49.00 36.36 -41.68
C PRO E 44 -49.74 35.12 -41.19
N GLU E 45 -49.02 34.01 -41.16
CA GLU E 45 -49.60 32.74 -40.72
C GLU E 45 -49.63 32.72 -39.20
N LEU E 46 -48.89 33.66 -38.61
CA LEU E 46 -48.84 33.80 -37.16
C LEU E 46 -50.23 34.09 -36.61
N LYS E 47 -51.01 34.87 -37.34
CA LYS E 47 -52.37 35.24 -36.94
C LYS E 47 -53.32 34.07 -36.67
N THR E 48 -53.11 32.94 -37.32
CA THR E 48 -53.97 31.76 -37.10
C THR E 48 -53.68 31.23 -35.73
N LEU E 49 -52.42 31.36 -35.31
CA LEU E 49 -52.03 30.88 -34.01
C LEU E 49 -52.66 31.71 -32.90
N ALA E 50 -52.34 33.00 -32.88
CA ALA E 50 -52.86 33.90 -31.85
C ALA E 50 -52.62 35.36 -32.23
N ASN E 51 -53.53 36.23 -31.82
CA ASN E 51 -53.38 37.66 -32.10
C ASN E 51 -52.23 38.14 -31.21
N ILE E 52 -51.33 38.94 -31.78
CA ILE E 52 -50.16 39.40 -31.04
C ILE E 52 -49.90 40.92 -31.02
N LYS E 53 -49.26 41.38 -29.95
CA LYS E 53 -48.91 42.79 -29.76
C LYS E 53 -47.38 42.85 -29.61
N GLY E 54 -46.74 43.87 -30.17
CA GLY E 54 -45.29 43.94 -30.08
C GLY E 54 -44.69 45.16 -29.42
N GLU E 55 -43.52 44.98 -28.82
CA GLU E 55 -42.79 46.06 -28.15
C GLU E 55 -41.34 46.06 -28.60
N GLN E 56 -40.66 47.17 -28.38
CA GLN E 56 -39.25 47.28 -28.75
C GLN E 56 -38.43 47.57 -27.49
N VAL E 57 -37.79 46.55 -26.93
CA VAL E 57 -37.00 46.71 -25.72
C VAL E 57 -35.57 47.20 -25.99
N ALA E 58 -35.08 47.03 -27.22
CA ALA E 58 -33.73 47.45 -27.59
C ALA E 58 -33.31 46.98 -28.97
N SER E 59 -32.12 47.40 -29.37
CA SER E 59 -31.56 47.03 -30.67
C SER E 59 -30.04 47.09 -30.55
N ILE E 60 -29.47 46.02 -29.98
CA ILE E 60 -28.03 45.94 -29.78
C ILE E 60 -27.57 44.49 -29.99
N GLY E 61 -26.36 44.31 -30.50
CA GLY E 61 -25.84 42.97 -30.74
C GLY E 61 -25.73 42.18 -29.45
N SER E 62 -26.03 40.88 -29.52
CA SER E 62 -25.97 40.02 -28.33
C SER E 62 -24.58 39.95 -27.72
N GLU E 63 -23.56 40.30 -28.49
CA GLU E 63 -22.19 40.26 -27.97
C GLU E 63 -22.11 41.33 -26.91
N ASN E 64 -22.89 42.39 -27.08
CA ASN E 64 -22.88 43.49 -26.14
C ASN E 64 -24.06 43.54 -25.19
N MET E 65 -24.75 42.41 -25.02
CA MET E 65 -25.86 42.39 -24.09
C MET E 65 -25.17 42.63 -22.74
N THR E 66 -25.81 43.42 -21.86
CA THR E 66 -25.23 43.74 -20.55
C THR E 66 -26.17 43.51 -19.38
N SER E 67 -25.58 43.30 -18.22
CA SER E 67 -26.35 43.05 -17.01
C SER E 67 -27.43 44.11 -16.76
N ASP E 68 -27.13 45.35 -17.12
CA ASP E 68 -28.08 46.44 -16.91
C ASP E 68 -29.40 46.15 -17.57
N VAL E 69 -29.33 45.65 -18.80
CA VAL E 69 -30.53 45.32 -19.58
C VAL E 69 -31.28 44.14 -18.98
N LEU E 70 -30.57 43.08 -18.65
CA LEU E 70 -31.24 41.92 -18.07
C LEU E 70 -32.09 42.32 -16.89
N LEU E 71 -31.64 43.35 -16.19
CA LEU E 71 -32.36 43.85 -15.02
C LEU E 71 -33.67 44.51 -15.45
N THR E 72 -33.60 45.30 -16.51
CA THR E 72 -34.77 46.00 -17.03
C THR E 72 -35.72 45.03 -17.71
N LEU E 73 -35.19 43.92 -18.21
CA LEU E 73 -36.01 42.95 -18.89
C LEU E 73 -36.79 42.07 -17.95
N SER E 74 -36.10 41.49 -16.97
CA SER E 74 -36.76 40.63 -16.02
C SER E 74 -37.95 41.34 -15.39
N LYS E 75 -37.73 42.57 -14.94
CA LYS E 75 -38.76 43.40 -14.29
C LYS E 75 -39.97 43.58 -15.20
N ARG E 76 -39.73 44.06 -16.40
CA ARG E 76 -40.80 44.28 -17.35
C ARG E 76 -41.59 43.00 -17.52
N VAL E 77 -40.88 41.91 -17.79
CA VAL E 77 -41.50 40.61 -17.98
C VAL E 77 -42.52 40.26 -16.89
N ASN E 78 -42.11 40.45 -15.63
CA ASN E 78 -42.98 40.17 -14.49
C ASN E 78 -44.19 41.09 -14.52
N GLU E 79 -43.95 42.32 -14.98
CA GLU E 79 -44.99 43.34 -15.06
C GLU E 79 -46.14 42.97 -15.99
N LEU E 80 -45.80 42.51 -17.20
CA LEU E 80 -46.82 42.13 -18.17
C LEU E 80 -47.42 40.76 -17.89
N LEU E 81 -46.62 39.84 -17.38
CA LEU E 81 -47.12 38.49 -17.09
C LEU E 81 -48.17 38.55 -15.99
N ALA E 82 -48.18 39.66 -15.26
CA ALA E 82 -49.12 39.82 -14.17
C ALA E 82 -50.57 40.17 -14.56
N ARG E 83 -50.77 40.66 -15.78
CA ARG E 83 -52.12 41.02 -16.23
C ARG E 83 -52.99 39.83 -16.64
N SER E 84 -54.23 40.13 -17.03
CA SER E 84 -55.18 39.10 -17.45
C SER E 84 -55.26 39.01 -18.97
N ASP E 85 -54.75 40.03 -19.65
CA ASP E 85 -54.78 40.03 -21.10
C ASP E 85 -53.45 39.63 -21.72
N VAL E 86 -52.57 39.08 -20.89
CA VAL E 86 -51.25 38.60 -21.31
C VAL E 86 -51.12 37.11 -20.96
N ASP E 87 -51.23 36.24 -21.97
CA ASP E 87 -51.13 34.81 -21.75
C ASP E 87 -49.71 34.25 -21.88
N GLY E 88 -48.86 34.91 -22.67
CA GLY E 88 -47.50 34.43 -22.84
C GLY E 88 -46.58 35.50 -23.40
N VAL E 89 -45.29 35.20 -23.47
CA VAL E 89 -44.30 36.15 -23.98
C VAL E 89 -43.20 35.51 -24.82
N VAL E 90 -42.89 36.11 -25.96
CA VAL E 90 -41.80 35.63 -26.82
C VAL E 90 -40.75 36.72 -26.85
N ILE E 91 -39.48 36.32 -26.91
CA ILE E 91 -38.40 37.30 -26.91
C ILE E 91 -37.36 37.00 -27.99
N THR E 92 -37.14 37.94 -28.89
CA THR E 92 -36.14 37.75 -29.94
C THR E 92 -34.80 38.12 -29.29
N HIS E 93 -33.75 37.35 -29.58
CA HIS E 93 -32.43 37.61 -28.97
C HIS E 93 -31.25 37.12 -29.83
N GLY E 94 -30.05 37.57 -29.48
CA GLY E 94 -28.86 37.18 -30.22
C GLY E 94 -28.40 35.75 -29.98
N THR E 95 -27.63 35.24 -30.95
CA THR E 95 -27.08 33.88 -30.92
C THR E 95 -25.80 33.66 -30.09
N ASP E 96 -24.98 34.70 -29.92
CA ASP E 96 -23.73 34.56 -29.17
C ASP E 96 -23.81 34.44 -27.64
N THR E 97 -24.81 35.04 -27.02
CA THR E 97 -24.93 34.98 -25.56
C THR E 97 -26.22 34.36 -25.10
N LEU E 98 -26.88 33.63 -25.99
CA LEU E 98 -28.14 32.98 -25.62
C LEU E 98 -27.85 31.92 -24.52
N ASP E 99 -26.59 31.87 -24.08
CA ASP E 99 -26.13 30.96 -23.03
C ASP E 99 -26.50 31.51 -21.66
N GLU E 100 -26.47 32.84 -21.54
CA GLU E 100 -26.76 33.51 -20.28
C GLU E 100 -28.17 34.07 -20.12
N SER E 101 -28.56 34.97 -21.02
CA SER E 101 -29.87 35.62 -20.97
C SER E 101 -31.12 34.78 -20.64
N PRO E 102 -31.30 33.62 -21.27
CA PRO E 102 -32.51 32.87 -20.92
C PRO E 102 -32.43 32.17 -19.56
N TYR E 103 -31.23 32.06 -19.00
CA TYR E 103 -31.07 31.41 -17.69
C TYR E 103 -31.28 32.42 -16.57
N PHE E 104 -31.01 33.69 -16.85
CA PHE E 104 -31.16 34.78 -15.86
C PHE E 104 -32.63 34.97 -15.52
N LEU E 105 -33.51 34.94 -16.53
CA LEU E 105 -34.92 35.10 -16.26
C LEU E 105 -35.47 33.84 -15.60
N ASN E 106 -34.79 32.72 -15.79
CA ASN E 106 -35.21 31.46 -15.19
C ASN E 106 -35.14 31.57 -13.66
N LEU E 107 -34.27 32.46 -13.18
CA LEU E 107 -34.12 32.67 -11.74
C LEU E 107 -34.81 33.92 -11.22
N THR E 108 -35.61 34.57 -12.04
CA THR E 108 -36.27 35.80 -11.60
C THR E 108 -37.68 36.16 -12.07
N VAL E 109 -38.32 35.31 -12.89
CA VAL E 109 -39.70 35.60 -13.31
C VAL E 109 -40.59 34.84 -12.35
N LYS E 110 -41.56 35.52 -11.75
CA LYS E 110 -42.43 34.89 -10.78
C LYS E 110 -43.79 34.50 -11.33
N SER E 111 -43.84 33.57 -12.27
CA SER E 111 -45.12 33.15 -12.84
C SER E 111 -45.10 31.80 -13.56
N ASP E 112 -46.27 31.24 -13.81
CA ASP E 112 -46.40 29.97 -14.51
C ASP E 112 -46.61 30.20 -15.99
N LYS E 113 -46.99 31.43 -16.35
CA LYS E 113 -47.21 31.75 -17.75
C LYS E 113 -45.89 31.74 -18.52
N PRO E 114 -45.85 31.00 -19.64
CA PRO E 114 -44.74 30.79 -20.59
C PRO E 114 -43.88 31.98 -21.02
N VAL E 115 -42.56 31.77 -20.98
CA VAL E 115 -41.56 32.74 -21.41
C VAL E 115 -40.64 31.97 -22.35
N VAL E 116 -40.66 32.36 -23.63
CA VAL E 116 -39.90 31.64 -24.66
C VAL E 116 -38.93 32.53 -25.42
N PHE E 117 -37.71 32.05 -25.61
CA PHE E 117 -36.69 32.81 -26.36
C PHE E 117 -36.66 32.19 -27.75
N VAL E 118 -36.27 32.98 -28.75
CA VAL E 118 -36.20 32.50 -30.13
C VAL E 118 -35.11 33.31 -30.87
N ALA E 119 -34.52 32.74 -31.92
CA ALA E 119 -33.49 33.44 -32.68
C ALA E 119 -33.15 32.71 -33.99
N ALA E 120 -32.04 33.09 -34.64
CA ALA E 120 -31.64 32.47 -35.91
C ALA E 120 -30.13 32.54 -36.22
N MET E 121 -29.63 31.49 -36.85
CA MET E 121 -28.22 31.40 -37.23
C MET E 121 -27.99 32.03 -38.57
N ARG E 122 -28.98 31.94 -39.45
CA ARG E 122 -28.87 32.52 -40.79
C ARG E 122 -29.56 33.89 -40.85
N PRO E 123 -28.98 34.83 -41.61
CA PRO E 123 -29.55 36.17 -41.76
C PRO E 123 -30.93 36.06 -42.39
N ALA E 124 -31.74 37.10 -42.25
CA ALA E 124 -33.10 37.08 -42.79
C ALA E 124 -33.17 37.25 -44.31
N THR E 125 -32.01 37.36 -44.95
CA THR E 125 -31.94 37.53 -46.40
C THR E 125 -31.10 36.42 -47.01
N ALA E 126 -30.67 35.50 -46.17
CA ALA E 126 -29.87 34.38 -46.59
C ALA E 126 -30.72 33.37 -47.34
N ILE E 127 -30.07 32.60 -48.21
CA ILE E 127 -30.78 31.56 -48.95
C ILE E 127 -31.16 30.51 -47.92
N SER E 128 -32.46 30.23 -47.81
CA SER E 128 -32.98 29.25 -46.85
C SER E 128 -32.82 29.73 -45.41
N ALA E 129 -33.33 30.92 -45.11
CA ALA E 129 -33.29 31.53 -43.77
C ALA E 129 -34.21 30.81 -42.75
N ASP E 130 -33.68 30.59 -41.55
CA ASP E 130 -34.45 29.89 -40.52
C ASP E 130 -35.31 30.74 -39.60
N GLY E 131 -35.02 32.03 -39.52
CA GLY E 131 -35.81 32.90 -38.66
C GLY E 131 -37.33 32.73 -38.78
N PRO E 132 -37.86 32.73 -39.99
CA PRO E 132 -39.31 32.56 -40.18
C PRO E 132 -39.90 31.38 -39.42
N MET E 133 -39.50 30.17 -39.83
CA MET E 133 -40.01 28.96 -39.20
C MET E 133 -39.67 28.81 -37.72
N ASN E 134 -38.57 29.41 -37.26
CA ASN E 134 -38.21 29.32 -35.85
C ASN E 134 -39.12 30.22 -35.05
N LEU E 135 -39.43 31.36 -35.63
CA LEU E 135 -40.33 32.29 -34.99
C LEU E 135 -41.72 31.66 -34.98
N TYR E 136 -42.13 31.12 -36.13
CA TYR E 136 -43.46 30.50 -36.23
C TYR E 136 -43.74 29.48 -35.13
N GLY E 137 -42.79 28.59 -34.88
CA GLY E 137 -42.98 27.59 -33.86
C GLY E 137 -42.75 28.13 -32.47
N ALA E 138 -41.98 29.21 -32.34
CA ALA E 138 -41.71 29.78 -31.01
C ALA E 138 -42.99 30.34 -30.39
N VAL E 139 -43.91 30.78 -31.23
CA VAL E 139 -45.16 31.33 -30.75
C VAL E 139 -46.10 30.18 -30.43
N LYS E 140 -46.22 29.23 -31.34
CA LYS E 140 -47.10 28.11 -31.12
C LYS E 140 -46.97 27.54 -29.71
N VAL E 141 -45.74 27.30 -29.25
CA VAL E 141 -45.57 26.75 -27.90
C VAL E 141 -46.02 27.74 -26.84
N ALA E 142 -45.87 29.03 -27.13
CA ALA E 142 -46.26 30.05 -26.17
C ALA E 142 -47.75 29.96 -25.89
N ALA E 143 -48.55 29.87 -26.94
CA ALA E 143 -50.01 29.80 -26.80
C ALA E 143 -50.59 28.48 -26.29
N ASP E 144 -49.75 27.47 -26.10
CA ASP E 144 -50.25 26.17 -25.64
C ASP E 144 -50.43 26.12 -24.14
N LYS E 145 -51.53 25.50 -23.72
CA LYS E 145 -51.88 25.36 -22.33
C LYS E 145 -50.91 24.44 -21.61
N ASN E 146 -50.68 23.26 -22.20
CA ASN E 146 -49.80 22.26 -21.61
C ASN E 146 -48.38 22.79 -21.40
N SER E 147 -47.98 23.75 -22.21
CA SER E 147 -46.66 24.35 -22.12
C SER E 147 -46.45 25.28 -20.90
N ARG E 148 -47.29 25.13 -19.89
CA ARG E 148 -47.21 25.95 -18.69
C ARG E 148 -46.50 25.26 -17.54
N GLY E 149 -45.76 26.05 -16.77
CA GLY E 149 -45.03 25.55 -15.62
C GLY E 149 -43.87 24.62 -15.90
N ARG E 150 -43.10 24.90 -16.96
CA ARG E 150 -41.95 24.08 -17.31
C ARG E 150 -40.61 24.83 -17.23
N GLY E 151 -40.66 26.10 -16.84
CA GLY E 151 -39.45 26.90 -16.73
C GLY E 151 -39.23 27.73 -17.97
N VAL E 152 -38.20 28.58 -18.00
CA VAL E 152 -37.94 29.38 -19.19
C VAL E 152 -37.46 28.47 -20.33
N LEU E 153 -38.02 28.69 -21.52
CA LEU E 153 -37.67 27.83 -22.64
C LEU E 153 -36.96 28.50 -23.79
N VAL E 154 -36.24 27.67 -24.54
CA VAL E 154 -35.49 28.10 -25.71
C VAL E 154 -35.99 27.24 -26.88
N VAL E 155 -36.24 27.88 -28.03
CA VAL E 155 -36.76 27.14 -29.18
C VAL E 155 -36.09 27.47 -30.51
N LEU E 156 -35.36 26.50 -31.04
CA LEU E 156 -34.63 26.62 -32.30
C LEU E 156 -34.56 25.27 -33.01
N ASN E 157 -34.53 25.28 -34.34
CA ASN E 157 -34.39 24.07 -35.15
C ASN E 157 -35.40 22.97 -34.81
N ASP E 158 -36.66 23.36 -34.58
CA ASP E 158 -37.72 22.40 -34.28
C ASP E 158 -37.57 21.70 -32.93
N ARG E 159 -36.72 22.22 -32.06
CA ARG E 159 -36.53 21.61 -30.75
C ARG E 159 -36.97 22.55 -29.62
N ILE E 160 -37.31 21.96 -28.48
CA ILE E 160 -37.72 22.71 -27.29
C ILE E 160 -36.86 22.24 -26.13
N GLY E 161 -35.97 23.12 -25.66
CA GLY E 161 -35.06 22.80 -24.56
C GLY E 161 -35.05 23.81 -23.42
N SER E 162 -34.67 23.36 -22.22
CA SER E 162 -34.65 24.24 -21.04
C SER E 162 -33.41 25.12 -20.95
N ALA E 163 -33.57 26.27 -20.31
CA ALA E 163 -32.48 27.24 -20.15
C ALA E 163 -31.39 26.78 -19.20
N ARG E 164 -31.67 25.74 -18.42
CA ARG E 164 -30.69 25.26 -17.47
C ARG E 164 -29.63 24.38 -18.17
N PHE E 165 -30.01 23.70 -19.24
CA PHE E 165 -29.10 22.81 -19.93
C PHE E 165 -28.51 23.23 -21.27
N ILE E 166 -29.33 23.79 -22.14
CA ILE E 166 -28.88 24.20 -23.48
C ILE E 166 -27.77 25.25 -23.56
N SER E 167 -27.03 25.19 -24.67
CA SER E 167 -25.93 26.11 -24.96
C SER E 167 -25.54 25.97 -26.45
N LYS E 168 -24.75 26.92 -26.95
CA LYS E 168 -24.31 26.93 -28.34
C LYS E 168 -23.03 26.10 -28.46
N THR E 169 -23.17 24.85 -28.87
CA THR E 169 -22.03 23.93 -28.97
C THR E 169 -21.13 24.04 -30.18
N ASN E 170 -21.63 24.63 -31.27
CA ASN E 170 -20.83 24.78 -32.49
C ASN E 170 -20.80 26.26 -32.88
N ALA E 171 -19.70 26.69 -33.48
CA ALA E 171 -19.55 28.08 -33.89
C ALA E 171 -20.55 28.67 -34.90
N SER E 172 -20.74 28.01 -36.03
CA SER E 172 -21.66 28.50 -37.05
C SER E 172 -22.67 27.56 -37.71
N THR E 173 -23.02 26.45 -37.06
CA THR E 173 -24.00 25.54 -37.67
C THR E 173 -25.44 25.76 -37.20
N LEU E 174 -26.40 25.34 -38.03
CA LEU E 174 -27.82 25.48 -37.74
C LEU E 174 -28.32 24.70 -36.53
N ASP E 175 -27.64 23.62 -36.21
CA ASP E 175 -28.00 22.78 -35.09
C ASP E 175 -27.06 22.89 -33.89
N THR E 176 -26.39 24.03 -33.72
CA THR E 176 -25.47 24.18 -32.59
C THR E 176 -26.05 23.89 -31.20
N PHE E 177 -27.11 24.59 -30.85
CA PHE E 177 -27.71 24.41 -29.55
C PHE E 177 -28.19 23.00 -29.21
N LYS E 178 -27.65 22.49 -28.10
CA LYS E 178 -27.99 21.16 -27.62
C LYS E 178 -27.36 20.87 -26.24
N ALA E 179 -27.59 19.67 -25.73
CA ALA E 179 -27.06 19.26 -24.44
C ALA E 179 -26.89 17.74 -24.45
N PRO E 180 -25.67 17.29 -24.75
CA PRO E 180 -25.34 15.87 -24.82
C PRO E 180 -26.04 15.04 -23.77
N GLU E 181 -25.69 15.32 -22.52
CA GLU E 181 -26.18 14.60 -21.34
C GLU E 181 -27.65 14.77 -20.98
N GLU E 182 -28.17 15.99 -21.04
CA GLU E 182 -29.55 16.23 -20.63
C GLU E 182 -30.66 16.07 -21.66
N GLY E 183 -30.35 16.15 -22.95
CA GLY E 183 -31.40 16.01 -23.95
C GLY E 183 -32.35 17.19 -24.09
N TYR E 184 -33.47 16.99 -24.78
CA TYR E 184 -34.45 18.04 -25.01
C TYR E 184 -35.70 17.82 -24.18
N LEU E 185 -36.55 18.85 -24.11
CA LEU E 185 -37.81 18.78 -23.36
C LEU E 185 -38.88 18.21 -24.27
N GLY E 186 -38.93 18.73 -25.50
CA GLY E 186 -39.90 18.28 -26.49
C GLY E 186 -39.55 18.69 -27.91
N VAL E 187 -40.41 18.32 -28.87
CA VAL E 187 -40.19 18.65 -30.28
C VAL E 187 -41.46 19.12 -30.98
N ILE E 188 -41.29 19.80 -32.12
CA ILE E 188 -42.43 20.30 -32.90
C ILE E 188 -42.44 19.69 -34.31
N ILE E 189 -43.35 18.74 -34.54
CA ILE E 189 -43.44 18.08 -35.84
C ILE E 189 -44.85 18.00 -36.41
N GLY E 190 -44.99 18.33 -37.69
CA GLY E 190 -46.29 18.28 -38.33
C GLY E 190 -47.35 19.20 -37.74
N ASP E 191 -46.92 20.38 -37.31
CA ASP E 191 -47.82 21.38 -36.73
C ASP E 191 -48.30 21.00 -35.33
N LYS E 192 -47.86 19.85 -34.84
CA LYS E 192 -48.26 19.41 -33.51
C LYS E 192 -47.04 19.42 -32.56
N ILE E 193 -47.27 19.60 -31.25
CA ILE E 193 -46.18 19.63 -30.27
C ILE E 193 -46.12 18.35 -29.41
N TYR E 194 -44.91 17.84 -29.16
CA TYR E 194 -44.73 16.62 -28.35
C TYR E 194 -43.78 16.80 -27.16
N TYR E 195 -44.28 16.69 -25.93
CA TYR E 195 -43.42 16.83 -24.76
C TYR E 195 -42.88 15.48 -24.29
N GLN E 196 -41.65 15.46 -23.82
CA GLN E 196 -41.02 14.22 -23.40
C GLN E 196 -40.44 14.17 -22.01
N THR E 197 -40.01 15.32 -21.50
CA THR E 197 -39.38 15.31 -20.19
C THR E 197 -39.57 16.62 -19.41
N ARG E 198 -39.31 16.57 -18.10
CA ARG E 198 -39.42 17.76 -17.24
C ARG E 198 -38.17 18.07 -16.42
N LEU E 199 -37.86 19.37 -16.25
CA LEU E 199 -36.68 19.80 -15.48
C LEU E 199 -36.81 19.37 -14.01
N ASP E 200 -35.73 18.88 -13.43
CA ASP E 200 -35.75 18.42 -12.03
C ASP E 200 -34.85 19.29 -11.13
N LYS E 201 -35.03 20.60 -11.23
CA LYS E 201 -34.28 21.57 -10.44
C LYS E 201 -35.30 22.65 -10.03
N VAL E 202 -34.91 23.55 -9.11
CA VAL E 202 -35.81 24.62 -8.66
C VAL E 202 -35.77 25.80 -9.62
N HIS E 203 -36.93 26.40 -9.89
CA HIS E 203 -37.00 27.51 -10.84
C HIS E 203 -38.27 28.35 -10.73
N THR E 204 -38.23 29.53 -11.37
CA THR E 204 -39.35 30.47 -11.43
C THR E 204 -40.17 30.75 -10.15
N THR E 205 -41.20 29.95 -9.90
CA THR E 205 -42.03 30.14 -8.73
C THR E 205 -41.24 29.84 -7.45
N ARG E 206 -40.82 28.58 -7.28
CA ARG E 206 -40.06 28.18 -6.09
C ARG E 206 -38.72 28.92 -5.97
N SER E 207 -38.42 29.79 -6.92
CA SER E 207 -37.18 30.55 -6.89
C SER E 207 -37.13 31.49 -5.67
N VAL E 208 -35.97 31.59 -5.03
CA VAL E 208 -35.81 32.45 -3.87
C VAL E 208 -35.22 33.79 -4.29
N PHE E 209 -34.76 33.88 -5.52
CA PHE E 209 -34.18 35.12 -6.01
C PHE E 209 -35.23 36.10 -6.55
N ASP E 210 -35.17 37.32 -6.04
CA ASP E 210 -36.08 38.39 -6.44
C ASP E 210 -35.22 39.63 -6.61
N VAL E 211 -35.47 40.40 -7.66
CA VAL E 211 -34.73 41.63 -7.91
C VAL E 211 -35.72 42.77 -8.17
N THR E 212 -36.90 42.66 -7.57
CA THR E 212 -37.98 43.64 -7.72
C THR E 212 -37.43 45.05 -7.54
N ASN E 213 -36.43 45.19 -6.69
CA ASN E 213 -35.81 46.48 -6.47
C ASN E 213 -34.33 46.35 -6.16
N VAL E 214 -33.56 46.20 -7.25
CA VAL E 214 -32.11 46.09 -7.20
C VAL E 214 -31.61 47.14 -8.20
N ASP E 215 -30.53 47.82 -7.87
CA ASP E 215 -29.99 48.85 -8.76
C ASP E 215 -28.84 48.31 -9.60
N LYS E 216 -27.85 47.74 -8.94
CA LYS E 216 -26.69 47.17 -9.63
C LYS E 216 -26.31 45.84 -9.03
N LEU E 217 -25.76 44.97 -9.86
CA LEU E 217 -25.33 43.64 -9.42
C LEU E 217 -23.85 43.77 -9.12
N PRO E 218 -23.27 42.73 -8.49
CA PRO E 218 -21.84 42.73 -8.14
C PRO E 218 -21.02 42.44 -9.40
N ALA E 219 -19.70 42.51 -9.27
CA ALA E 219 -18.82 42.25 -10.39
C ALA E 219 -18.20 40.84 -10.28
N VAL E 220 -18.32 40.05 -11.35
CA VAL E 220 -17.78 38.69 -11.38
C VAL E 220 -16.98 38.39 -12.65
N ASP E 221 -15.70 38.06 -12.50
CA ASP E 221 -14.80 37.76 -13.63
C ASP E 221 -14.62 36.26 -13.92
N ILE E 222 -14.15 35.94 -15.13
CA ILE E 222 -13.91 34.56 -15.52
C ILE E 222 -12.46 34.42 -15.97
N ILE E 223 -11.75 33.47 -15.37
CA ILE E 223 -10.35 33.23 -15.72
C ILE E 223 -10.19 31.79 -16.20
N TYR E 224 -9.57 31.64 -17.37
CA TYR E 224 -9.34 30.36 -18.03
C TYR E 224 -8.17 29.63 -17.40
N GLY E 225 -8.20 28.30 -17.45
CA GLY E 225 -7.11 27.50 -16.90
C GLY E 225 -6.41 26.69 -17.98
N TYR E 226 -5.10 26.86 -18.13
CA TYR E 226 -4.36 26.12 -19.15
C TYR E 226 -2.97 25.68 -18.68
N GLN E 227 -2.12 25.19 -19.60
CA GLN E 227 -0.82 24.69 -19.19
C GLN E 227 0.15 25.61 -18.44
N ASP E 228 0.39 26.82 -18.90
CA ASP E 228 1.32 27.69 -18.15
C ASP E 228 0.67 28.96 -17.59
N ASP E 229 -0.61 28.86 -17.17
CA ASP E 229 -1.37 30.01 -16.67
C ASP E 229 -0.65 30.97 -15.71
N PRO E 230 -0.81 32.29 -15.94
CA PRO E 230 -0.24 33.42 -15.21
C PRO E 230 -0.93 33.76 -13.89
N GLU E 231 -0.12 33.88 -12.84
CA GLU E 231 -0.59 34.21 -11.50
C GLU E 231 -1.08 35.66 -11.51
N TYR E 232 -0.35 36.51 -12.23
CA TYR E 232 -0.67 37.93 -12.31
C TYR E 232 -2.02 38.26 -12.93
N MET E 233 -2.61 37.30 -13.64
CA MET E 233 -3.91 37.52 -14.26
C MET E 233 -4.90 37.69 -13.12
N TYR E 234 -4.55 37.11 -11.98
CA TYR E 234 -5.37 37.17 -10.77
C TYR E 234 -5.26 38.51 -10.07
N ASP E 235 -4.04 39.00 -9.94
CA ASP E 235 -3.80 40.26 -9.26
C ASP E 235 -4.66 41.41 -9.74
N ALA E 236 -5.06 41.36 -11.01
CA ALA E 236 -5.88 42.40 -11.65
C ALA E 236 -7.31 42.51 -11.10
N SER E 237 -8.10 41.45 -11.30
CA SER E 237 -9.48 41.44 -10.81
C SER E 237 -9.48 41.87 -9.35
N ILE E 238 -8.54 41.35 -8.57
CA ILE E 238 -8.43 41.70 -7.16
C ILE E 238 -8.23 43.21 -7.04
N LYS E 239 -7.20 43.72 -7.70
CA LYS E 239 -6.90 45.14 -7.66
C LYS E 239 -8.00 45.97 -8.29
N HIS E 240 -9.13 45.36 -8.60
CA HIS E 240 -10.27 46.07 -9.18
C HIS E 240 -11.51 45.80 -8.34
N GLY E 241 -11.31 45.13 -7.22
CA GLY E 241 -12.39 44.82 -6.33
C GLY E 241 -13.64 44.26 -6.99
N VAL E 242 -13.60 42.98 -7.37
CA VAL E 242 -14.75 42.31 -7.95
C VAL E 242 -15.25 41.42 -6.82
N LYS E 243 -16.54 41.11 -6.81
CA LYS E 243 -17.08 40.28 -5.74
C LYS E 243 -16.70 38.80 -5.86
N GLY E 244 -16.82 38.24 -7.05
CA GLY E 244 -16.47 36.84 -7.23
C GLY E 244 -15.74 36.50 -8.52
N ILE E 245 -15.09 35.35 -8.53
CA ILE E 245 -14.35 34.89 -9.70
C ILE E 245 -14.69 33.43 -10.02
N VAL E 246 -14.89 33.14 -11.29
CA VAL E 246 -15.22 31.79 -11.73
C VAL E 246 -14.09 31.18 -12.55
N TYR E 247 -13.41 30.22 -11.93
CA TYR E 247 -12.29 29.54 -12.56
C TYR E 247 -12.81 28.49 -13.54
N ALA E 248 -12.51 28.69 -14.82
CA ALA E 248 -12.90 27.73 -15.86
C ALA E 248 -11.62 26.93 -16.05
N GLY E 249 -11.49 25.87 -15.26
CA GLY E 249 -10.27 25.09 -15.28
C GLY E 249 -10.16 23.80 -16.03
N MET E 250 -8.95 23.27 -16.03
CA MET E 250 -8.60 22.02 -16.69
C MET E 250 -9.27 20.86 -16.01
N GLY E 251 -9.58 19.83 -16.81
CA GLY E 251 -10.23 18.65 -16.31
C GLY E 251 -11.38 19.08 -15.43
N ALA E 252 -11.57 18.36 -14.33
CA ALA E 252 -12.64 18.66 -13.41
C ALA E 252 -12.27 19.81 -12.48
N GLY E 253 -11.91 20.95 -13.07
CA GLY E 253 -11.55 22.14 -12.30
C GLY E 253 -10.28 22.05 -11.47
N SER E 254 -9.22 21.49 -12.06
CA SER E 254 -7.95 21.35 -11.35
C SER E 254 -7.11 22.61 -11.50
N VAL E 255 -6.24 22.85 -10.53
CA VAL E 255 -5.40 24.04 -10.54
C VAL E 255 -3.91 23.74 -10.58
N SER E 256 -3.13 24.67 -11.12
CA SER E 256 -1.68 24.53 -11.18
C SER E 256 -1.14 25.22 -9.92
N LYS E 257 0.14 25.04 -9.62
CA LYS E 257 0.69 25.67 -8.43
C LYS E 257 0.64 27.20 -8.51
N ARG E 258 0.30 27.71 -9.69
CA ARG E 258 0.17 29.16 -9.91
C ARG E 258 -1.26 29.59 -9.64
N GLY E 259 -2.20 28.70 -9.92
CA GLY E 259 -3.61 28.99 -9.69
C GLY E 259 -3.99 28.69 -8.25
N ASP E 260 -3.47 27.60 -7.70
CA ASP E 260 -3.76 27.24 -6.31
C ASP E 260 -3.33 28.40 -5.44
N ALA E 261 -2.32 29.12 -5.90
CA ALA E 261 -1.79 30.26 -5.18
C ALA E 261 -2.66 31.51 -5.31
N GLY E 262 -2.97 31.89 -6.55
CA GLY E 262 -3.80 33.07 -6.81
C GLY E 262 -5.16 33.03 -6.13
N ILE E 263 -5.82 31.88 -6.16
CA ILE E 263 -7.14 31.69 -5.55
C ILE E 263 -7.12 32.01 -4.06
N ARG E 264 -6.13 31.45 -3.37
CA ARG E 264 -6.00 31.69 -1.94
C ARG E 264 -5.87 33.20 -1.75
N LYS E 265 -4.92 33.81 -2.44
CA LYS E 265 -4.73 35.26 -2.33
C LYS E 265 -6.07 35.97 -2.45
N ALA E 266 -6.93 35.46 -3.31
CA ALA E 266 -8.23 36.07 -3.53
C ALA E 266 -9.18 35.84 -2.35
N GLU E 267 -9.29 34.59 -1.93
CA GLU E 267 -10.19 34.26 -0.83
C GLU E 267 -9.90 35.10 0.40
N SER E 268 -8.63 35.16 0.78
CA SER E 268 -8.23 35.94 1.95
C SER E 268 -8.88 37.32 1.88
N LYS E 269 -8.82 37.94 0.71
CA LYS E 269 -9.41 39.27 0.51
C LYS E 269 -10.94 39.32 0.57
N GLY E 270 -11.58 38.19 0.85
CA GLY E 270 -13.02 38.15 0.93
C GLY E 270 -13.71 37.97 -0.41
N ILE E 271 -12.98 37.51 -1.41
CA ILE E 271 -13.58 37.30 -2.72
C ILE E 271 -14.04 35.85 -2.86
N VAL E 272 -15.22 35.64 -3.42
CA VAL E 272 -15.74 34.30 -3.59
C VAL E 272 -15.30 33.70 -4.93
N VAL E 273 -14.74 32.50 -4.87
CA VAL E 273 -14.27 31.80 -6.05
C VAL E 273 -15.02 30.48 -6.24
N VAL E 274 -15.27 30.11 -7.50
CA VAL E 274 -16.00 28.88 -7.83
C VAL E 274 -15.33 28.11 -8.96
N ARG E 275 -15.11 26.81 -8.74
CA ARG E 275 -14.45 25.95 -9.72
C ARG E 275 -15.39 25.22 -10.70
N SER E 276 -15.31 25.65 -11.95
CA SER E 276 -16.09 25.13 -13.08
C SER E 276 -15.13 24.48 -14.08
N SER E 277 -15.66 23.71 -15.02
CA SER E 277 -14.82 23.04 -16.03
C SER E 277 -14.71 23.78 -17.34
N ARG E 278 -13.66 23.47 -18.10
CA ARG E 278 -13.45 24.09 -19.40
C ARG E 278 -13.76 23.10 -20.52
N THR E 279 -14.29 21.93 -20.16
CA THR E 279 -14.62 20.89 -21.12
C THR E 279 -15.95 21.04 -21.85
N GLY E 280 -16.96 21.54 -21.14
CA GLY E 280 -18.25 21.74 -21.75
C GLY E 280 -19.35 20.78 -21.34
N SER E 281 -19.06 19.89 -20.40
CA SER E 281 -20.06 18.93 -19.92
C SER E 281 -19.55 18.11 -18.72
N GLY E 282 -20.49 17.60 -17.91
CA GLY E 282 -20.12 16.80 -16.76
C GLY E 282 -20.16 17.54 -15.43
N ILE E 283 -19.95 16.82 -14.33
CA ILE E 283 -19.98 17.46 -13.02
C ILE E 283 -18.61 17.55 -12.40
N VAL E 284 -18.39 18.65 -11.69
CA VAL E 284 -17.14 18.87 -10.99
C VAL E 284 -17.48 18.44 -9.55
N PRO E 285 -16.71 17.50 -9.00
CA PRO E 285 -16.98 17.05 -7.63
C PRO E 285 -16.09 17.80 -6.65
N PRO E 286 -16.40 17.70 -5.35
CA PRO E 286 -15.60 18.39 -4.34
C PRO E 286 -14.38 17.61 -3.83
N ASP E 287 -13.37 18.35 -3.36
CA ASP E 287 -12.14 17.77 -2.83
C ASP E 287 -11.42 18.77 -1.89
N ALA E 288 -11.38 18.43 -0.61
CA ALA E 288 -10.76 19.29 0.40
C ALA E 288 -9.27 19.52 0.20
N GLY E 289 -8.69 18.85 -0.79
CA GLY E 289 -7.27 19.02 -1.05
C GLY E 289 -7.04 20.27 -1.87
N GLN E 290 -8.13 20.82 -2.41
CA GLN E 290 -8.07 22.02 -3.24
C GLN E 290 -8.93 23.16 -2.71
N PRO E 291 -8.57 24.41 -3.06
CA PRO E 291 -9.24 25.67 -2.68
C PRO E 291 -10.55 25.92 -3.43
N GLY E 292 -11.22 27.02 -3.08
CA GLY E 292 -12.47 27.43 -3.71
C GLY E 292 -13.71 26.59 -3.51
N LEU E 293 -14.81 27.06 -4.11
CA LEU E 293 -16.09 26.35 -4.07
C LEU E 293 -16.17 25.59 -5.39
N VAL E 294 -17.11 24.67 -5.50
CA VAL E 294 -17.24 23.86 -6.71
C VAL E 294 -18.58 24.00 -7.43
N ALA E 295 -18.52 24.30 -8.73
CA ALA E 295 -19.74 24.43 -9.53
C ALA E 295 -20.28 23.01 -9.68
N ASP E 296 -21.59 22.85 -9.82
CA ASP E 296 -22.13 21.51 -9.94
C ASP E 296 -21.81 21.00 -11.36
N SER E 297 -22.76 21.20 -12.26
CA SER E 297 -22.61 20.83 -13.65
C SER E 297 -22.98 22.09 -14.41
N LEU E 298 -22.74 23.24 -13.78
CA LEU E 298 -23.02 24.53 -14.40
C LEU E 298 -21.77 24.91 -15.17
N SER E 299 -21.96 25.60 -16.29
CA SER E 299 -20.84 25.99 -17.10
C SER E 299 -20.31 27.36 -16.72
N PRO E 300 -19.04 27.63 -17.04
CA PRO E 300 -18.43 28.92 -16.72
C PRO E 300 -19.41 30.09 -16.93
N ALA E 301 -19.98 30.17 -18.12
CA ALA E 301 -20.93 31.23 -18.45
C ALA E 301 -22.14 31.30 -17.53
N LYS E 302 -22.75 30.15 -17.26
CA LYS E 302 -23.91 30.11 -16.39
C LYS E 302 -23.56 30.23 -14.90
N SER E 303 -22.35 29.82 -14.54
CA SER E 303 -21.85 29.89 -13.17
C SER E 303 -21.74 31.34 -12.74
N ARG E 304 -21.29 32.19 -13.66
CA ARG E 304 -21.16 33.61 -13.37
C ARG E 304 -22.54 34.17 -13.06
N ILE E 305 -23.52 33.80 -13.88
CA ILE E 305 -24.89 34.27 -13.70
C ILE E 305 -25.49 33.83 -12.36
N LEU E 306 -25.01 32.73 -11.80
CA LEU E 306 -25.55 32.26 -10.54
C LEU E 306 -24.92 33.02 -9.39
N LEU E 307 -23.60 33.02 -9.36
CA LEU E 307 -22.86 33.67 -8.30
C LEU E 307 -23.20 35.14 -8.17
N MET E 308 -23.52 35.77 -9.29
CA MET E 308 -23.88 37.18 -9.35
C MET E 308 -25.13 37.49 -8.51
N LEU E 309 -26.11 36.58 -8.56
CA LEU E 309 -27.34 36.75 -7.83
C LEU E 309 -27.24 36.12 -6.44
N ALA E 310 -26.37 35.12 -6.31
CA ALA E 310 -26.19 34.46 -5.04
C ALA E 310 -25.46 35.38 -4.06
N LEU E 311 -24.85 36.42 -4.58
CA LEU E 311 -24.11 37.39 -3.77
C LEU E 311 -24.92 38.59 -3.28
N THR E 312 -26.13 38.76 -3.78
CA THR E 312 -26.95 39.88 -3.35
C THR E 312 -27.73 39.38 -2.14
N LYS E 313 -27.82 38.07 -2.04
CA LYS E 313 -28.51 37.41 -0.95
C LYS E 313 -27.59 37.25 0.25
N THR E 314 -26.53 36.46 0.08
CA THR E 314 -25.56 36.19 1.13
C THR E 314 -24.10 36.21 0.66
N THR E 315 -23.20 35.96 1.59
CA THR E 315 -21.77 35.94 1.32
C THR E 315 -21.16 34.79 2.12
N ASN E 316 -22.03 33.87 2.56
CA ASN E 316 -21.59 32.71 3.34
C ASN E 316 -21.38 31.50 2.45
N PRO E 317 -20.14 31.00 2.38
CA PRO E 317 -19.77 29.83 1.58
C PRO E 317 -20.79 28.68 1.58
N ALA E 318 -21.00 28.09 2.77
CA ALA E 318 -21.94 26.99 2.95
C ALA E 318 -23.27 27.13 2.20
N VAL E 319 -23.93 28.26 2.40
CA VAL E 319 -25.21 28.52 1.73
C VAL E 319 -25.01 28.61 0.23
N ILE E 320 -23.96 29.31 -0.18
CA ILE E 320 -23.65 29.49 -1.60
C ILE E 320 -23.50 28.11 -2.24
N GLN E 321 -22.58 27.34 -1.69
CA GLN E 321 -22.31 26.02 -2.20
C GLN E 321 -23.59 25.24 -2.41
N ASP E 322 -24.46 25.29 -1.41
CA ASP E 322 -25.73 24.58 -1.47
C ASP E 322 -26.65 25.13 -2.57
N TYR E 323 -26.37 26.33 -3.06
CA TYR E 323 -27.18 26.90 -4.14
C TYR E 323 -26.86 26.22 -5.47
N PHE E 324 -25.58 25.95 -5.69
CA PHE E 324 -25.15 25.30 -6.91
C PHE E 324 -25.68 23.87 -7.09
N HIS E 325 -26.01 23.19 -6.00
CA HIS E 325 -26.51 21.82 -6.15
C HIS E 325 -28.01 21.74 -6.30
N ALA E 326 -28.72 22.77 -5.85
CA ALA E 326 -30.19 22.76 -5.92
C ALA E 326 -30.72 23.40 -7.19
N TYR E 327 -29.90 24.22 -7.82
CA TYR E 327 -30.30 24.89 -9.05
C TYR E 327 -29.52 24.35 -10.26
N ASN F 3 -13.21 28.42 -69.08
CA ASN F 3 -12.92 28.96 -67.72
C ASN F 3 -13.89 28.39 -66.71
N LEU F 4 -15.11 28.92 -66.71
CA LEU F 4 -16.16 28.49 -65.80
C LEU F 4 -16.45 26.99 -65.95
N PRO F 5 -16.37 26.24 -64.83
CA PRO F 5 -16.64 24.80 -64.92
C PRO F 5 -18.06 24.60 -65.43
N ASN F 6 -18.42 23.37 -65.73
CA ASN F 6 -19.76 23.08 -66.20
C ASN F 6 -20.17 21.68 -65.74
N ILE F 7 -21.33 21.61 -65.09
CA ILE F 7 -21.78 20.33 -64.59
C ILE F 7 -23.20 19.94 -65.01
N VAL F 8 -23.54 18.67 -64.84
CA VAL F 8 -24.85 18.16 -65.21
C VAL F 8 -25.66 17.67 -64.03
N ILE F 9 -26.96 17.94 -64.06
CA ILE F 9 -27.83 17.53 -62.96
C ILE F 9 -28.80 16.41 -63.32
N LEU F 10 -28.79 15.35 -62.52
CA LEU F 10 -29.66 14.20 -62.73
C LEU F 10 -30.68 14.18 -61.61
N ALA F 11 -31.96 14.25 -61.97
CA ALA F 11 -33.02 14.25 -60.97
C ALA F 11 -33.80 12.94 -60.93
N THR F 12 -34.26 12.56 -59.75
CA THR F 12 -35.03 11.34 -59.61
C THR F 12 -36.17 11.54 -58.61
N GLY F 13 -36.74 12.74 -58.62
CA GLY F 13 -37.83 13.05 -57.71
C GLY F 13 -37.37 13.36 -56.31
N GLY F 14 -38.12 12.87 -55.31
CA GLY F 14 -37.77 13.09 -53.92
C GLY F 14 -38.51 14.18 -53.17
N THR F 15 -38.33 14.16 -51.85
CA THR F 15 -38.94 15.12 -50.94
C THR F 15 -38.45 16.56 -51.19
N ILE F 16 -37.70 16.76 -52.27
CA ILE F 16 -37.14 18.08 -52.61
C ILE F 16 -37.83 18.59 -53.86
N ALA F 17 -38.71 17.75 -54.39
CA ALA F 17 -39.44 18.10 -55.59
C ALA F 17 -40.91 18.05 -55.25
N GLY F 18 -41.21 17.93 -53.96
CA GLY F 18 -42.60 17.86 -53.54
C GLY F 18 -43.21 19.20 -53.17
N SER F 19 -44.48 19.39 -53.55
CA SER F 19 -45.22 20.61 -53.24
C SER F 19 -46.32 20.23 -52.25
N ALA F 20 -46.88 21.24 -51.58
CA ALA F 20 -47.94 21.01 -50.60
C ALA F 20 -49.05 22.03 -50.70
N ALA F 21 -50.22 21.65 -50.22
CA ALA F 21 -51.41 22.50 -50.24
C ALA F 21 -51.16 23.89 -49.63
N ALA F 22 -50.41 23.93 -48.53
CA ALA F 22 -50.10 25.16 -47.84
C ALA F 22 -48.59 25.36 -47.73
N ASN F 23 -48.18 26.38 -46.98
CA ASN F 23 -46.76 26.65 -46.80
C ASN F 23 -46.30 26.28 -45.40
N THR F 24 -47.24 25.85 -44.57
CA THR F 24 -46.93 25.43 -43.20
C THR F 24 -47.13 23.93 -43.08
N GLN F 25 -47.20 23.26 -44.24
CA GLN F 25 -47.37 21.82 -44.26
C GLN F 25 -45.99 21.16 -44.32
N THR F 26 -45.52 20.66 -43.17
CA THR F 26 -44.23 19.98 -43.08
C THR F 26 -44.44 18.56 -43.60
N THR F 27 -45.58 18.00 -43.22
CA THR F 27 -45.98 16.64 -43.61
C THR F 27 -47.19 16.64 -44.54
N GLY F 28 -47.40 15.53 -45.25
CA GLY F 28 -48.54 15.41 -46.16
C GLY F 28 -48.38 16.14 -47.48
N TYR F 29 -47.41 15.73 -48.28
CA TYR F 29 -47.14 16.36 -49.56
C TYR F 29 -46.95 15.29 -50.62
N LYS F 30 -47.04 15.69 -51.89
CA LYS F 30 -46.84 14.76 -52.99
C LYS F 30 -45.41 14.91 -53.48
N ALA F 31 -44.62 13.87 -53.28
CA ALA F 31 -43.23 13.86 -53.69
C ALA F 31 -43.08 13.60 -55.19
N GLY F 32 -42.14 14.29 -55.83
CA GLY F 32 -41.91 14.12 -57.25
C GLY F 32 -42.93 14.86 -58.10
N ALA F 33 -43.16 16.12 -57.76
CA ALA F 33 -44.13 16.97 -58.45
C ALA F 33 -43.49 17.90 -59.47
N LEU F 34 -42.33 18.44 -59.11
CA LEU F 34 -41.62 19.36 -59.99
C LEU F 34 -40.48 18.69 -60.74
N GLY F 35 -40.09 19.32 -61.84
CA GLY F 35 -39.01 18.76 -62.65
C GLY F 35 -37.77 19.62 -62.62
N VAL F 36 -36.61 18.96 -62.78
CA VAL F 36 -35.31 19.62 -62.78
C VAL F 36 -35.38 21.08 -63.26
N GLU F 37 -36.15 21.32 -64.32
CA GLU F 37 -36.32 22.66 -64.89
C GLU F 37 -36.56 23.72 -63.80
N THR F 38 -37.66 23.55 -63.08
CA THR F 38 -38.07 24.45 -62.00
C THR F 38 -37.02 24.65 -60.91
N LEU F 39 -36.46 23.56 -60.42
CA LEU F 39 -35.45 23.61 -59.36
C LEU F 39 -34.30 24.57 -59.63
N ILE F 40 -33.88 24.67 -60.89
CA ILE F 40 -32.81 25.57 -61.26
C ILE F 40 -33.29 27.00 -61.34
N GLN F 41 -34.53 27.19 -61.82
CA GLN F 41 -35.12 28.53 -61.94
C GLN F 41 -35.36 29.21 -60.60
N ALA F 42 -35.43 28.41 -59.54
CA ALA F 42 -35.67 28.94 -58.20
C ALA F 42 -34.43 29.61 -57.60
N VAL F 43 -33.26 29.12 -57.96
CA VAL F 43 -32.01 29.68 -57.45
C VAL F 43 -31.17 30.25 -58.58
N PRO F 44 -31.28 31.56 -58.82
CA PRO F 44 -30.52 32.23 -59.88
C PRO F 44 -29.04 32.40 -59.57
N GLU F 45 -28.63 31.96 -58.38
CA GLU F 45 -27.23 32.08 -57.98
C GLU F 45 -26.36 30.97 -58.60
N LEU F 46 -26.96 29.82 -58.82
CA LEU F 46 -26.26 28.68 -59.41
C LEU F 46 -25.49 29.05 -60.66
N LYS F 47 -26.10 29.89 -61.49
CA LYS F 47 -25.50 30.33 -62.74
C LYS F 47 -24.16 31.04 -62.55
N THR F 48 -23.85 31.45 -61.33
CA THR F 48 -22.59 32.13 -61.05
C THR F 48 -21.53 31.15 -60.57
N LEU F 49 -21.88 29.87 -60.51
CA LEU F 49 -20.93 28.86 -60.06
C LEU F 49 -20.53 27.90 -61.17
N ALA F 50 -21.35 27.82 -62.21
CA ALA F 50 -21.06 26.90 -63.31
C ALA F 50 -22.12 26.93 -64.40
N ASN F 51 -21.89 26.12 -65.44
CA ASN F 51 -22.80 25.98 -66.57
C ASN F 51 -23.60 24.71 -66.33
N ILE F 52 -24.82 24.89 -65.85
CA ILE F 52 -25.71 23.78 -65.51
C ILE F 52 -26.54 23.18 -66.64
N LYS F 53 -26.97 21.94 -66.42
CA LYS F 53 -27.79 21.18 -67.38
C LYS F 53 -28.48 20.05 -66.63
N GLY F 54 -29.72 19.72 -67.01
CA GLY F 54 -30.43 18.64 -66.32
C GLY F 54 -31.09 17.56 -67.16
N GLU F 55 -31.43 16.45 -66.52
CA GLU F 55 -32.06 15.31 -67.20
C GLU F 55 -33.00 14.57 -66.26
N GLN F 56 -34.30 14.79 -66.44
CA GLN F 56 -35.31 14.13 -65.61
C GLN F 56 -35.34 12.64 -65.88
N VAL F 57 -34.41 11.92 -65.24
CA VAL F 57 -34.31 10.46 -65.38
C VAL F 57 -35.59 9.76 -64.89
N ALA F 58 -36.11 10.24 -63.75
CA ALA F 58 -37.32 9.70 -63.12
C ALA F 58 -38.03 10.76 -62.30
N SER F 59 -39.24 10.44 -61.84
CA SER F 59 -40.01 11.37 -61.03
C SER F 59 -40.86 10.64 -60.00
N ILE F 60 -40.19 10.06 -59.01
CA ILE F 60 -40.89 9.32 -57.97
C ILE F 60 -40.46 9.74 -56.57
N GLY F 61 -40.74 8.87 -55.62
CA GLY F 61 -40.40 9.12 -54.24
C GLY F 61 -39.47 8.03 -53.76
N SER F 62 -38.42 8.47 -53.06
CA SER F 62 -37.37 7.63 -52.50
C SER F 62 -37.69 6.14 -52.27
N GLU F 63 -38.75 5.87 -51.51
CA GLU F 63 -39.15 4.49 -51.17
C GLU F 63 -39.63 3.57 -52.29
N ASN F 64 -39.73 4.06 -53.51
CA ASN F 64 -40.16 3.19 -54.61
C ASN F 64 -39.04 2.94 -55.61
N MET F 65 -37.82 3.30 -55.21
CA MET F 65 -36.62 3.10 -56.02
C MET F 65 -36.39 1.61 -56.18
N THR F 66 -35.84 1.20 -57.32
CA THR F 66 -35.60 -0.22 -57.60
C THR F 66 -34.27 -0.48 -58.29
N SER F 67 -33.67 -1.63 -57.97
CA SER F 67 -32.40 -2.03 -58.56
C SER F 67 -32.36 -1.77 -60.05
N ASP F 68 -33.51 -1.90 -60.70
CA ASP F 68 -33.59 -1.62 -62.13
C ASP F 68 -33.08 -0.21 -62.33
N VAL F 69 -33.75 0.72 -61.67
CA VAL F 69 -33.41 2.12 -61.77
C VAL F 69 -31.96 2.43 -61.40
N LEU F 70 -31.43 1.74 -60.39
CA LEU F 70 -30.06 1.97 -59.95
C LEU F 70 -29.05 1.66 -61.04
N LEU F 71 -29.15 0.43 -61.53
CA LEU F 71 -28.30 -0.10 -62.57
C LEU F 71 -28.25 0.89 -63.75
N THR F 72 -29.40 1.45 -64.11
CA THR F 72 -29.46 2.42 -65.20
C THR F 72 -28.61 3.64 -64.85
N LEU F 73 -29.03 4.30 -63.77
CA LEU F 73 -28.39 5.49 -63.24
C LEU F 73 -26.87 5.43 -63.21
N SER F 74 -26.31 4.31 -62.80
CA SER F 74 -24.86 4.20 -62.75
C SER F 74 -24.26 4.24 -64.15
N LYS F 75 -24.90 3.56 -65.10
CA LYS F 75 -24.45 3.55 -66.48
C LYS F 75 -24.46 4.95 -67.11
N ARG F 76 -25.57 5.67 -66.96
CA ARG F 76 -25.67 7.00 -67.53
C ARG F 76 -24.65 8.00 -66.96
N VAL F 77 -24.13 7.76 -65.77
CA VAL F 77 -23.16 8.71 -65.22
C VAL F 77 -21.74 8.34 -65.63
N ASN F 78 -21.46 7.05 -65.69
CA ASN F 78 -20.14 6.58 -66.07
C ASN F 78 -19.71 7.25 -67.37
N GLU F 79 -20.46 6.96 -68.43
CA GLU F 79 -20.15 7.49 -69.75
C GLU F 79 -20.52 8.95 -70.00
N LEU F 80 -20.49 9.75 -68.96
CA LEU F 80 -20.81 11.16 -69.07
C LEU F 80 -19.69 11.85 -68.30
N LEU F 81 -18.99 11.06 -67.50
CA LEU F 81 -17.85 11.54 -66.74
C LEU F 81 -16.67 11.17 -67.63
N ALA F 82 -16.96 10.30 -68.59
CA ALA F 82 -15.94 9.85 -69.53
C ALA F 82 -15.68 10.95 -70.53
N ARG F 83 -16.69 11.81 -70.70
CA ARG F 83 -16.60 12.92 -71.64
C ARG F 83 -15.63 13.99 -71.17
N SER F 84 -15.31 14.90 -72.07
CA SER F 84 -14.40 16.00 -71.80
C SER F 84 -15.15 17.30 -71.50
N ASP F 85 -16.43 17.31 -71.86
CA ASP F 85 -17.28 18.48 -71.66
C ASP F 85 -18.02 18.40 -70.32
N VAL F 86 -17.74 17.37 -69.54
CA VAL F 86 -18.37 17.20 -68.23
C VAL F 86 -17.34 17.08 -67.11
N ASP F 87 -17.36 18.02 -66.17
CA ASP F 87 -16.41 18.00 -65.07
C ASP F 87 -17.01 17.35 -63.81
N GLY F 88 -18.33 17.41 -63.68
CA GLY F 88 -18.97 16.83 -62.52
C GLY F 88 -20.47 16.64 -62.66
N VAL F 89 -21.05 15.83 -61.79
CA VAL F 89 -22.47 15.59 -61.88
C VAL F 89 -23.11 15.52 -60.49
N VAL F 90 -24.21 16.25 -60.31
CA VAL F 90 -24.96 16.31 -59.06
C VAL F 90 -26.21 15.47 -59.24
N ILE F 91 -26.69 14.86 -58.16
CA ILE F 91 -27.89 14.04 -58.23
C ILE F 91 -28.91 14.36 -57.15
N THR F 92 -30.18 14.41 -57.51
CA THR F 92 -31.23 14.70 -56.53
C THR F 92 -31.92 13.37 -56.19
N HIS F 93 -32.22 13.15 -54.91
CA HIS F 93 -32.81 11.89 -54.47
C HIS F 93 -33.59 12.03 -53.16
N GLY F 94 -34.46 11.08 -52.87
CA GLY F 94 -35.23 11.14 -51.63
C GLY F 94 -34.30 10.79 -50.48
N THR F 95 -34.73 11.01 -49.24
CA THR F 95 -33.88 10.69 -48.11
C THR F 95 -34.31 9.37 -47.48
N ASP F 96 -35.49 8.90 -47.88
CA ASP F 96 -36.03 7.65 -47.38
C ASP F 96 -35.15 6.43 -47.65
N THR F 97 -34.23 6.52 -48.60
CA THR F 97 -33.32 5.40 -48.92
C THR F 97 -31.96 5.88 -49.40
N LEU F 98 -31.55 7.06 -48.93
CA LEU F 98 -30.28 7.62 -49.33
C LEU F 98 -29.14 6.84 -48.68
N ASP F 99 -29.51 5.80 -47.94
CA ASP F 99 -28.56 4.93 -47.25
C ASP F 99 -28.02 3.98 -48.30
N GLU F 100 -28.88 3.64 -49.27
CA GLU F 100 -28.56 2.67 -50.31
C GLU F 100 -28.05 3.14 -51.67
N SER F 101 -28.59 4.25 -52.18
CA SER F 101 -28.18 4.73 -53.50
C SER F 101 -26.74 5.22 -53.67
N PRO F 102 -26.25 6.09 -52.76
CA PRO F 102 -24.87 6.58 -52.86
C PRO F 102 -23.82 5.48 -52.77
N TYR F 103 -24.01 4.56 -51.83
CA TYR F 103 -23.07 3.45 -51.65
C TYR F 103 -22.97 2.54 -52.87
N PHE F 104 -24.08 2.40 -53.60
CA PHE F 104 -24.09 1.56 -54.80
C PHE F 104 -23.10 2.13 -55.82
N LEU F 105 -23.28 3.41 -56.15
CA LEU F 105 -22.39 4.04 -57.10
C LEU F 105 -20.97 4.10 -56.57
N ASN F 106 -20.82 4.25 -55.25
CA ASN F 106 -19.49 4.32 -54.67
C ASN F 106 -18.66 3.08 -55.05
N LEU F 107 -19.35 2.03 -55.46
CA LEU F 107 -18.69 0.79 -55.84
C LEU F 107 -18.61 0.55 -57.34
N THR F 108 -19.44 1.25 -58.12
CA THR F 108 -19.46 1.05 -59.58
C THR F 108 -19.08 2.19 -60.52
N VAL F 109 -18.64 3.33 -60.00
CA VAL F 109 -18.25 4.44 -60.85
C VAL F 109 -16.73 4.43 -61.13
N LYS F 110 -16.34 4.53 -62.38
CA LYS F 110 -14.92 4.50 -62.71
C LYS F 110 -14.36 5.87 -63.09
N SER F 111 -14.24 6.76 -62.10
CA SER F 111 -13.72 8.10 -62.37
C SER F 111 -13.37 8.85 -61.09
N ASP F 112 -12.40 9.75 -61.19
CA ASP F 112 -11.98 10.53 -60.04
C ASP F 112 -12.73 11.86 -59.97
N LYS F 113 -13.63 12.07 -60.92
CA LYS F 113 -14.42 13.31 -60.97
C LYS F 113 -15.55 13.22 -59.94
N PRO F 114 -15.97 14.38 -59.40
CA PRO F 114 -17.03 14.55 -58.41
C PRO F 114 -18.44 14.05 -58.74
N VAL F 115 -19.00 13.24 -57.85
CA VAL F 115 -20.35 12.73 -57.99
C VAL F 115 -21.06 13.00 -56.64
N VAL F 116 -21.89 14.05 -56.64
CA VAL F 116 -22.61 14.50 -55.45
C VAL F 116 -24.12 14.24 -55.38
N PHE F 117 -24.56 13.67 -54.26
CA PHE F 117 -25.96 13.39 -54.00
C PHE F 117 -26.55 14.47 -53.10
N VAL F 118 -27.78 14.93 -53.37
CA VAL F 118 -28.39 15.98 -52.56
C VAL F 118 -29.89 15.78 -52.31
N ALA F 119 -30.42 16.37 -51.23
CA ALA F 119 -31.83 16.24 -50.88
C ALA F 119 -32.29 17.32 -49.89
N ALA F 120 -33.47 17.14 -49.30
CA ALA F 120 -34.02 18.09 -48.32
C ALA F 120 -35.07 17.42 -47.42
N MET F 121 -35.22 17.87 -46.18
CA MET F 121 -36.22 17.24 -45.29
C MET F 121 -37.62 17.84 -45.33
N ARG F 122 -37.77 19.11 -45.75
CA ARG F 122 -39.12 19.70 -45.83
C ARG F 122 -39.48 20.21 -47.24
N PRO F 123 -40.76 20.05 -47.64
CA PRO F 123 -41.37 20.43 -48.92
C PRO F 123 -40.90 21.75 -49.51
N ALA F 124 -40.80 21.77 -50.84
CA ALA F 124 -40.35 22.95 -51.57
C ALA F 124 -41.29 24.11 -51.32
N THR F 125 -42.50 23.78 -50.91
CA THR F 125 -43.53 24.77 -50.63
C THR F 125 -43.54 25.30 -49.18
N ALA F 126 -42.74 24.68 -48.32
CA ALA F 126 -42.66 25.04 -46.89
C ALA F 126 -42.00 26.39 -46.59
N ILE F 127 -42.26 26.90 -45.38
CA ILE F 127 -41.76 28.20 -44.94
C ILE F 127 -40.26 28.42 -45.10
N SER F 128 -39.46 27.44 -44.68
CA SER F 128 -38.00 27.53 -44.82
C SER F 128 -37.41 26.28 -45.48
N ALA F 129 -37.86 25.97 -46.70
CA ALA F 129 -37.38 24.79 -47.38
C ALA F 129 -35.85 24.72 -47.46
N ASP F 130 -35.28 23.65 -46.93
CA ASP F 130 -33.84 23.46 -46.94
C ASP F 130 -33.25 23.21 -48.33
N GLY F 131 -34.09 22.89 -49.31
CA GLY F 131 -33.62 22.61 -50.65
C GLY F 131 -32.75 23.64 -51.36
N PRO F 132 -33.22 24.89 -51.49
CA PRO F 132 -32.42 25.92 -52.16
C PRO F 132 -30.94 25.96 -51.78
N MET F 133 -30.65 26.12 -50.48
CA MET F 133 -29.28 26.16 -50.02
C MET F 133 -28.58 24.80 -50.22
N ASN F 134 -29.25 23.70 -49.89
CA ASN F 134 -28.62 22.40 -50.10
C ASN F 134 -28.12 22.29 -51.55
N LEU F 135 -29.00 22.64 -52.49
CA LEU F 135 -28.68 22.57 -53.92
C LEU F 135 -27.56 23.54 -54.28
N TYR F 136 -27.50 24.66 -53.60
CA TYR F 136 -26.46 25.62 -53.90
C TYR F 136 -25.10 25.04 -53.53
N GLY F 137 -25.04 24.36 -52.40
CA GLY F 137 -23.79 23.79 -51.95
C GLY F 137 -23.38 22.58 -52.75
N ALA F 138 -24.34 21.76 -53.14
CA ALA F 138 -24.04 20.55 -53.91
C ALA F 138 -23.27 20.88 -55.17
N VAL F 139 -23.73 21.89 -55.89
CA VAL F 139 -23.08 22.30 -57.13
C VAL F 139 -21.71 22.84 -56.80
N LYS F 140 -21.61 23.53 -55.67
CA LYS F 140 -20.36 24.13 -55.20
C LYS F 140 -19.23 23.11 -55.02
N VAL F 141 -19.55 21.97 -54.40
CA VAL F 141 -18.58 20.92 -54.12
C VAL F 141 -18.21 20.11 -55.37
N ALA F 142 -19.12 20.12 -56.34
CA ALA F 142 -18.91 19.39 -57.58
C ALA F 142 -18.06 20.25 -58.49
N ALA F 143 -18.20 21.57 -58.36
CA ALA F 143 -17.47 22.54 -59.16
C ALA F 143 -16.04 22.76 -58.68
N ASP F 144 -15.75 22.25 -57.49
CA ASP F 144 -14.42 22.39 -56.92
C ASP F 144 -13.51 21.33 -57.56
N LYS F 145 -12.20 21.51 -57.44
CA LYS F 145 -11.29 20.55 -58.05
C LYS F 145 -10.50 19.79 -56.99
N ASN F 146 -10.59 20.26 -55.75
CA ASN F 146 -9.90 19.63 -54.67
C ASN F 146 -10.78 18.57 -54.05
N SER F 147 -11.88 18.27 -54.75
CA SER F 147 -12.82 17.26 -54.26
C SER F 147 -12.60 15.98 -55.04
N ARG F 148 -11.56 15.94 -55.87
CA ARG F 148 -11.27 14.75 -56.67
C ARG F 148 -10.81 13.54 -55.85
N GLY F 149 -10.97 12.35 -56.42
CA GLY F 149 -10.56 11.11 -55.77
C GLY F 149 -10.92 10.89 -54.32
N ARG F 150 -12.06 11.38 -53.88
CA ARG F 150 -12.46 11.21 -52.49
C ARG F 150 -13.60 10.21 -52.30
N GLY F 151 -14.22 9.79 -53.40
CA GLY F 151 -15.33 8.86 -53.31
C GLY F 151 -16.64 9.56 -53.63
N VAL F 152 -17.75 8.88 -53.42
CA VAL F 152 -19.06 9.48 -53.71
C VAL F 152 -19.54 10.31 -52.52
N LEU F 153 -19.75 11.58 -52.75
CA LEU F 153 -20.16 12.45 -51.68
C LEU F 153 -21.65 12.68 -51.59
N VAL F 154 -22.10 13.03 -50.38
CA VAL F 154 -23.51 13.33 -50.13
C VAL F 154 -23.56 14.58 -49.24
N VAL F 155 -24.01 15.70 -49.82
CA VAL F 155 -24.10 17.00 -49.12
C VAL F 155 -25.48 17.39 -48.59
N LEU F 156 -25.58 17.66 -47.29
CA LEU F 156 -26.87 18.04 -46.71
C LEU F 156 -26.72 18.80 -45.40
N ASN F 157 -27.40 19.94 -45.29
CA ASN F 157 -27.32 20.76 -44.08
C ASN F 157 -25.93 21.34 -43.86
N ASP F 158 -25.21 21.69 -44.93
CA ASP F 158 -23.88 22.28 -44.79
C ASP F 158 -22.73 21.34 -44.48
N ARG F 159 -22.97 20.03 -44.49
CA ARG F 159 -21.91 19.05 -44.18
C ARG F 159 -21.59 18.18 -45.39
N ILE F 160 -20.35 17.68 -45.49
CA ILE F 160 -19.97 16.79 -46.60
C ILE F 160 -19.71 15.41 -46.02
N GLY F 161 -20.60 14.43 -46.24
CA GLY F 161 -20.40 13.10 -45.66
C GLY F 161 -20.09 12.00 -46.65
N SER F 162 -19.29 11.00 -46.25
CA SER F 162 -18.94 9.91 -47.16
C SER F 162 -20.02 8.88 -47.34
N ALA F 163 -20.25 8.50 -48.59
CA ALA F 163 -21.28 7.52 -48.94
C ALA F 163 -21.08 6.14 -48.36
N ARG F 164 -20.25 6.00 -47.34
CA ARG F 164 -20.03 4.68 -46.77
C ARG F 164 -20.31 4.70 -45.28
N PHE F 165 -20.36 5.90 -44.69
CA PHE F 165 -20.61 6.02 -43.26
C PHE F 165 -21.92 6.72 -42.93
N ILE F 166 -22.36 7.65 -43.77
CA ILE F 166 -23.60 8.42 -43.55
C ILE F 166 -24.92 7.64 -43.60
N SER F 167 -25.92 8.09 -42.83
CA SER F 167 -27.24 7.44 -42.84
C SER F 167 -28.31 8.28 -42.11
N LYS F 168 -29.59 8.06 -42.43
CA LYS F 168 -30.65 8.80 -41.78
C LYS F 168 -30.82 8.20 -40.39
N THR F 169 -30.42 8.94 -39.37
CA THR F 169 -30.48 8.48 -37.99
C THR F 169 -31.73 8.88 -37.24
N ASN F 170 -32.48 9.83 -37.78
CA ASN F 170 -33.70 10.28 -37.12
C ASN F 170 -34.81 10.39 -38.16
N ALA F 171 -36.01 9.94 -37.80
CA ALA F 171 -37.14 9.96 -38.72
C ALA F 171 -37.49 11.29 -39.37
N SER F 172 -37.68 12.36 -38.59
CA SER F 172 -38.09 13.64 -39.16
C SER F 172 -37.22 14.89 -38.97
N THR F 173 -36.13 14.81 -38.21
CA THR F 173 -35.32 16.00 -37.98
C THR F 173 -34.58 16.52 -39.24
N LEU F 174 -34.20 17.79 -39.22
CA LEU F 174 -33.53 18.43 -40.36
C LEU F 174 -32.01 18.39 -40.27
N ASP F 175 -31.47 17.40 -39.57
CA ASP F 175 -30.02 17.24 -39.39
C ASP F 175 -29.81 15.77 -39.13
N THR F 176 -30.73 15.00 -39.69
CA THR F 176 -30.79 13.56 -39.53
C THR F 176 -29.62 12.70 -40.07
N PHE F 177 -28.82 13.22 -41.00
CA PHE F 177 -27.71 12.46 -41.55
C PHE F 177 -26.38 12.69 -40.82
N LYS F 178 -25.85 11.64 -40.20
CA LYS F 178 -24.59 11.75 -39.46
C LYS F 178 -23.91 10.40 -39.20
N ALA F 179 -22.62 10.44 -38.88
CA ALA F 179 -21.86 9.22 -38.63
C ALA F 179 -21.14 9.24 -37.28
N PRO F 180 -21.88 9.00 -36.20
CA PRO F 180 -21.41 8.97 -34.82
C PRO F 180 -19.95 8.61 -34.53
N GLU F 181 -19.38 7.63 -35.23
CA GLU F 181 -17.99 7.24 -34.96
C GLU F 181 -16.97 7.68 -36.01
N GLU F 182 -17.43 8.13 -37.17
CA GLU F 182 -16.53 8.53 -38.25
C GLU F 182 -16.57 10.01 -38.68
N GLY F 183 -17.55 10.75 -38.19
CA GLY F 183 -17.65 12.16 -38.52
C GLY F 183 -18.05 12.45 -39.94
N TYR F 184 -17.56 13.59 -40.43
CA TYR F 184 -17.80 14.10 -41.79
C TYR F 184 -16.46 14.37 -42.47
N LEU F 185 -16.46 14.41 -43.79
CA LEU F 185 -15.24 14.68 -44.55
C LEU F 185 -14.87 16.18 -44.56
N GLY F 186 -15.87 17.04 -44.73
CA GLY F 186 -15.59 18.47 -44.75
C GLY F 186 -16.81 19.27 -44.39
N VAL F 187 -16.66 20.59 -44.32
CA VAL F 187 -17.77 21.46 -43.94
C VAL F 187 -17.85 22.73 -44.80
N ILE F 188 -19.05 23.09 -45.23
CA ILE F 188 -19.21 24.29 -46.05
C ILE F 188 -19.60 25.48 -45.18
N ILE F 189 -18.72 26.46 -45.07
CA ILE F 189 -18.99 27.62 -44.23
C ILE F 189 -18.44 28.91 -44.84
N GLY F 190 -19.25 29.98 -44.77
CA GLY F 190 -18.84 31.27 -45.29
C GLY F 190 -18.45 31.31 -46.75
N ASP F 191 -19.12 30.51 -47.57
CA ASP F 191 -18.82 30.46 -49.00
C ASP F 191 -17.45 29.84 -49.24
N LYS F 192 -17.07 28.90 -48.37
CA LYS F 192 -15.80 28.18 -48.47
C LYS F 192 -16.02 26.75 -48.02
N ILE F 193 -15.22 25.83 -48.54
CA ILE F 193 -15.36 24.43 -48.15
C ILE F 193 -14.06 24.04 -47.46
N TYR F 194 -14.17 23.34 -46.34
CA TYR F 194 -13.01 22.92 -45.55
C TYR F 194 -12.94 21.40 -45.44
N TYR F 195 -11.91 20.79 -46.03
CA TYR F 195 -11.77 19.35 -45.97
C TYR F 195 -10.87 18.92 -44.81
N GLN F 196 -11.32 17.91 -44.05
CA GLN F 196 -10.56 17.45 -42.89
C GLN F 196 -10.05 16.01 -42.92
N THR F 197 -10.80 15.09 -43.53
CA THR F 197 -10.38 13.69 -43.56
C THR F 197 -10.54 12.99 -44.91
N ARG F 198 -10.15 11.72 -44.94
CA ARG F 198 -10.22 10.91 -46.15
C ARG F 198 -10.63 9.48 -45.83
N LEU F 199 -11.56 8.95 -46.61
CA LEU F 199 -12.02 7.58 -46.43
C LEU F 199 -10.85 6.63 -46.63
N ASP F 200 -10.78 5.59 -45.82
CA ASP F 200 -9.69 4.63 -45.92
C ASP F 200 -10.19 3.21 -46.21
N LYS F 201 -10.86 3.04 -47.36
CA LYS F 201 -11.38 1.74 -47.80
C LYS F 201 -11.45 1.85 -49.33
N VAL F 202 -11.58 0.73 -50.05
CA VAL F 202 -11.63 0.78 -51.51
C VAL F 202 -12.87 1.50 -52.08
N HIS F 203 -12.74 2.04 -53.28
CA HIS F 203 -13.86 2.72 -53.92
C HIS F 203 -13.59 3.16 -55.37
N THR F 204 -14.66 3.54 -56.07
CA THR F 204 -14.59 4.01 -57.45
C THR F 204 -13.51 3.43 -58.36
N THR F 205 -12.55 4.25 -58.76
CA THR F 205 -11.49 3.83 -59.67
C THR F 205 -10.80 2.50 -59.38
N ARG F 206 -10.64 2.15 -58.10
CA ARG F 206 -9.96 0.90 -57.74
C ARG F 206 -10.89 -0.26 -57.38
N SER F 207 -12.17 -0.16 -57.77
CA SER F 207 -13.16 -1.20 -57.47
C SER F 207 -13.22 -2.30 -58.52
N VAL F 208 -13.48 -3.53 -58.10
CA VAL F 208 -13.53 -4.66 -59.03
C VAL F 208 -14.93 -5.02 -59.47
N PHE F 209 -15.87 -4.13 -59.23
CA PHE F 209 -17.23 -4.40 -59.63
C PHE F 209 -17.58 -3.50 -60.81
N ASP F 210 -17.94 -4.12 -61.93
CA ASP F 210 -18.33 -3.39 -63.14
C ASP F 210 -19.63 -3.97 -63.68
N VAL F 211 -20.73 -3.23 -63.55
CA VAL F 211 -22.03 -3.69 -64.04
C VAL F 211 -22.31 -3.27 -65.48
N THR F 212 -21.35 -2.61 -66.12
CA THR F 212 -21.56 -2.16 -67.48
C THR F 212 -22.22 -3.19 -68.38
N ASN F 213 -21.88 -4.47 -68.22
CA ASN F 213 -22.50 -5.48 -69.08
C ASN F 213 -23.37 -6.48 -68.35
N VAL F 214 -24.17 -5.97 -67.43
CA VAL F 214 -25.09 -6.76 -66.60
C VAL F 214 -26.50 -6.18 -66.73
N ASP F 215 -27.53 -7.01 -66.61
CA ASP F 215 -28.88 -6.48 -66.70
C ASP F 215 -29.81 -7.04 -65.63
N LYS F 216 -29.26 -7.85 -64.72
CA LYS F 216 -30.06 -8.41 -63.65
C LYS F 216 -29.20 -8.88 -62.48
N LEU F 217 -29.52 -8.35 -61.30
CA LEU F 217 -28.78 -8.66 -60.08
C LEU F 217 -29.59 -9.62 -59.24
N PRO F 218 -28.89 -10.42 -58.41
CA PRO F 218 -29.49 -11.42 -57.51
C PRO F 218 -30.43 -10.79 -56.47
N ALA F 219 -31.42 -11.56 -56.05
CA ALA F 219 -32.38 -11.09 -55.06
C ALA F 219 -31.88 -11.42 -53.64
N VAL F 220 -31.86 -10.40 -52.79
CA VAL F 220 -31.41 -10.57 -51.42
C VAL F 220 -32.41 -9.93 -50.45
N ASP F 221 -32.74 -10.66 -49.38
CA ASP F 221 -33.69 -10.22 -48.36
C ASP F 221 -32.98 -9.78 -47.07
N ILE F 222 -33.80 -9.37 -46.09
CA ILE F 222 -33.25 -8.96 -44.80
C ILE F 222 -34.18 -9.42 -43.69
N ILE F 223 -33.62 -10.11 -42.70
CA ILE F 223 -34.41 -10.61 -41.58
C ILE F 223 -33.96 -9.92 -40.29
N TYR F 224 -34.94 -9.50 -39.48
CA TYR F 224 -34.72 -8.81 -38.22
C TYR F 224 -34.56 -9.79 -37.07
N GLY F 225 -33.82 -9.39 -36.03
CA GLY F 225 -33.63 -10.25 -34.87
C GLY F 225 -34.21 -9.64 -33.59
N TYR F 226 -35.22 -10.29 -33.02
CA TYR F 226 -35.80 -9.80 -31.77
C TYR F 226 -36.09 -10.97 -30.82
N GLN F 227 -36.59 -10.68 -29.62
CA GLN F 227 -36.83 -11.71 -28.63
C GLN F 227 -37.55 -13.00 -29.00
N ASP F 228 -38.73 -12.92 -29.60
CA ASP F 228 -39.43 -14.15 -29.97
C ASP F 228 -39.46 -14.40 -31.48
N ASP F 229 -38.36 -14.09 -32.15
CA ASP F 229 -38.24 -14.22 -33.59
C ASP F 229 -38.54 -15.64 -34.10
N PRO F 230 -39.52 -15.75 -35.02
CA PRO F 230 -39.96 -17.02 -35.62
C PRO F 230 -39.01 -17.56 -36.72
N GLU F 231 -38.90 -18.88 -36.83
CA GLU F 231 -38.00 -19.46 -37.83
C GLU F 231 -38.63 -19.75 -39.18
N TYR F 232 -39.92 -19.48 -39.32
CA TYR F 232 -40.59 -19.75 -40.57
C TYR F 232 -40.40 -18.65 -41.61
N MET F 233 -39.86 -17.51 -41.19
CA MET F 233 -39.63 -16.39 -42.08
C MET F 233 -38.49 -16.75 -43.04
N TYR F 234 -37.54 -17.55 -42.54
CA TYR F 234 -36.42 -18.00 -43.35
C TYR F 234 -36.90 -19.01 -44.37
N ASP F 235 -37.81 -19.88 -43.96
CA ASP F 235 -38.38 -20.90 -44.84
C ASP F 235 -39.01 -20.20 -46.04
N ALA F 236 -39.81 -19.18 -45.74
CA ALA F 236 -40.51 -18.41 -46.74
C ALA F 236 -39.60 -17.72 -47.72
N SER F 237 -38.41 -17.31 -47.27
CA SER F 237 -37.49 -16.63 -48.16
C SER F 237 -36.77 -17.68 -49.01
N ILE F 238 -36.56 -18.85 -48.42
CA ILE F 238 -35.89 -19.95 -49.10
C ILE F 238 -36.76 -20.50 -50.22
N LYS F 239 -38.07 -20.49 -50.01
CA LYS F 239 -38.99 -20.98 -51.01
C LYS F 239 -39.36 -19.91 -52.04
N HIS F 240 -38.44 -18.99 -52.31
CA HIS F 240 -38.69 -17.96 -53.30
C HIS F 240 -37.49 -17.73 -54.21
N GLY F 241 -36.44 -18.52 -53.95
CA GLY F 241 -35.24 -18.44 -54.76
C GLY F 241 -34.06 -17.60 -54.30
N VAL F 242 -34.31 -16.56 -53.52
CA VAL F 242 -33.27 -15.66 -53.03
C VAL F 242 -31.85 -16.27 -52.90
N LYS F 243 -30.86 -15.53 -53.38
CA LYS F 243 -29.48 -15.98 -53.30
C LYS F 243 -28.72 -15.19 -52.24
N GLY F 244 -29.07 -15.41 -50.97
CA GLY F 244 -28.41 -14.71 -49.88
C GLY F 244 -29.33 -13.82 -49.05
N ILE F 245 -29.08 -13.79 -47.74
CA ILE F 245 -29.88 -12.97 -46.82
C ILE F 245 -28.99 -12.19 -45.86
N VAL F 246 -29.37 -10.95 -45.59
CA VAL F 246 -28.61 -10.15 -44.65
C VAL F 246 -29.37 -10.29 -43.34
N TYR F 247 -28.66 -10.63 -42.27
CA TYR F 247 -29.28 -10.78 -40.97
C TYR F 247 -29.16 -9.48 -40.19
N ALA F 248 -30.20 -9.09 -39.48
CA ALA F 248 -30.17 -7.86 -38.68
C ALA F 248 -30.26 -8.26 -37.20
N GLY F 249 -29.18 -8.90 -36.74
CA GLY F 249 -29.09 -9.38 -35.37
C GLY F 249 -29.12 -8.45 -34.19
N MET F 250 -29.54 -9.02 -33.07
CA MET F 250 -29.68 -8.32 -31.79
C MET F 250 -28.43 -7.64 -31.26
N GLY F 251 -27.49 -8.44 -30.77
CA GLY F 251 -26.31 -7.82 -30.24
C GLY F 251 -25.33 -7.47 -31.33
N ALA F 252 -24.17 -8.11 -31.30
CA ALA F 252 -23.16 -7.90 -32.30
C ALA F 252 -23.33 -9.05 -33.29
N GLY F 253 -24.59 -9.29 -33.66
CA GLY F 253 -24.92 -10.35 -34.59
C GLY F 253 -25.35 -11.61 -33.89
N SER F 254 -25.74 -11.48 -32.63
CA SER F 254 -26.15 -12.64 -31.85
C SER F 254 -27.33 -13.37 -32.49
N VAL F 255 -27.29 -14.70 -32.40
CA VAL F 255 -28.31 -15.56 -32.97
C VAL F 255 -29.18 -16.23 -31.92
N SER F 256 -30.42 -16.52 -32.33
CA SER F 256 -31.41 -17.18 -31.49
C SER F 256 -31.41 -18.65 -31.85
N LYS F 257 -32.09 -19.48 -31.05
CA LYS F 257 -32.17 -20.91 -31.36
C LYS F 257 -32.91 -21.01 -32.68
N ARG F 258 -33.96 -20.21 -32.79
CA ARG F 258 -34.77 -20.17 -33.98
C ARG F 258 -33.97 -19.59 -35.15
N GLY F 259 -32.91 -18.85 -34.83
CA GLY F 259 -32.09 -18.27 -35.86
C GLY F 259 -30.95 -19.19 -36.27
N ASP F 260 -30.41 -19.94 -35.30
CA ASP F 260 -29.34 -20.87 -35.57
C ASP F 260 -29.95 -21.88 -36.53
N ALA F 261 -31.06 -22.48 -36.13
CA ALA F 261 -31.74 -23.46 -36.98
C ALA F 261 -32.00 -22.82 -38.33
N GLY F 262 -32.44 -21.57 -38.30
CA GLY F 262 -32.73 -20.84 -39.53
C GLY F 262 -31.54 -20.73 -40.46
N ILE F 263 -30.52 -19.97 -40.07
CA ILE F 263 -29.34 -19.82 -40.90
C ILE F 263 -28.84 -21.20 -41.35
N ARG F 264 -28.44 -22.03 -40.38
CA ARG F 264 -27.93 -23.37 -40.67
C ARG F 264 -28.69 -24.04 -41.80
N LYS F 265 -30.01 -23.85 -41.83
CA LYS F 265 -30.86 -24.47 -42.85
C LYS F 265 -30.62 -23.94 -44.26
N ALA F 266 -30.56 -22.63 -44.41
CA ALA F 266 -30.36 -22.07 -45.73
C ALA F 266 -28.93 -22.28 -46.26
N GLU F 267 -27.95 -22.23 -45.37
CA GLU F 267 -26.56 -22.40 -45.80
C GLU F 267 -26.37 -23.71 -46.54
N SER F 268 -26.88 -24.80 -45.98
CA SER F 268 -26.77 -26.10 -46.63
C SER F 268 -27.44 -26.02 -47.99
N LYS F 269 -28.51 -25.23 -48.07
CA LYS F 269 -29.25 -25.07 -49.31
C LYS F 269 -28.49 -24.24 -50.35
N GLY F 270 -27.19 -24.07 -50.13
CA GLY F 270 -26.35 -23.31 -51.05
C GLY F 270 -26.81 -21.88 -51.25
N ILE F 271 -26.40 -21.01 -50.35
CA ILE F 271 -26.77 -19.59 -50.38
C ILE F 271 -26.02 -18.86 -49.26
N VAL F 272 -25.53 -17.66 -49.55
CA VAL F 272 -24.74 -16.90 -48.58
C VAL F 272 -25.49 -15.95 -47.65
N VAL F 273 -25.18 -16.03 -46.35
CA VAL F 273 -25.81 -15.17 -45.36
C VAL F 273 -24.77 -14.38 -44.54
N VAL F 274 -24.98 -13.07 -44.43
CA VAL F 274 -24.08 -12.22 -43.67
C VAL F 274 -24.76 -11.80 -42.38
N ARG F 275 -23.98 -11.73 -41.30
CA ARG F 275 -24.51 -11.32 -40.01
C ARG F 275 -24.23 -9.85 -39.69
N SER F 276 -25.29 -9.06 -39.59
CA SER F 276 -25.18 -7.63 -39.27
C SER F 276 -25.93 -7.32 -37.97
N SER F 277 -25.89 -6.06 -37.54
CA SER F 277 -26.53 -5.66 -36.28
C SER F 277 -27.57 -4.56 -36.39
N ARG F 278 -28.57 -4.61 -35.51
CA ARG F 278 -29.66 -3.63 -35.50
C ARG F 278 -29.37 -2.35 -34.73
N THR F 279 -28.26 -2.31 -34.00
CA THR F 279 -27.94 -1.13 -33.22
C THR F 279 -27.58 0.12 -34.00
N GLY F 280 -27.20 -0.04 -35.27
CA GLY F 280 -26.89 1.12 -36.11
C GLY F 280 -25.47 1.69 -36.16
N SER F 281 -24.49 0.92 -35.68
CA SER F 281 -23.10 1.36 -35.68
C SER F 281 -22.25 0.42 -34.83
N GLY F 282 -20.99 0.24 -35.22
CA GLY F 282 -20.11 -0.65 -34.49
C GLY F 282 -19.53 -1.80 -35.29
N ILE F 283 -18.76 -2.66 -34.62
CA ILE F 283 -18.15 -3.78 -35.30
C ILE F 283 -18.75 -5.12 -34.91
N VAL F 284 -18.75 -6.03 -35.88
CA VAL F 284 -19.29 -7.35 -35.68
C VAL F 284 -18.19 -8.39 -35.77
N PRO F 285 -17.52 -8.67 -34.66
CA PRO F 285 -16.43 -9.68 -34.60
C PRO F 285 -16.69 -11.12 -35.04
N PRO F 286 -15.68 -11.79 -35.65
CA PRO F 286 -15.74 -13.17 -36.09
C PRO F 286 -16.06 -14.02 -34.90
N ASP F 287 -16.52 -15.22 -35.17
CA ASP F 287 -16.84 -16.12 -34.09
C ASP F 287 -17.19 -17.47 -34.67
N ALA F 288 -16.16 -18.27 -34.89
CA ALA F 288 -16.33 -19.60 -35.44
C ALA F 288 -17.45 -20.41 -34.81
N GLY F 289 -18.01 -19.92 -33.70
CA GLY F 289 -19.09 -20.64 -33.06
C GLY F 289 -20.48 -20.16 -33.42
N GLN F 290 -20.58 -19.42 -34.52
CA GLN F 290 -21.85 -18.88 -34.98
C GLN F 290 -21.91 -18.83 -36.51
N PRO F 291 -22.94 -19.42 -37.09
CA PRO F 291 -23.21 -19.49 -38.54
C PRO F 291 -23.03 -18.19 -39.31
N GLY F 292 -23.17 -18.29 -40.62
CA GLY F 292 -23.04 -17.13 -41.49
C GLY F 292 -21.74 -16.36 -41.36
N LEU F 293 -21.61 -15.33 -42.18
CA LEU F 293 -20.42 -14.50 -42.17
C LEU F 293 -20.69 -13.27 -41.30
N VAL F 294 -19.77 -12.32 -41.29
CA VAL F 294 -19.96 -11.12 -40.47
C VAL F 294 -19.73 -9.83 -41.23
N ALA F 295 -20.72 -8.94 -41.22
CA ALA F 295 -20.56 -7.66 -41.88
C ALA F 295 -19.60 -6.90 -40.98
N ASP F 296 -18.61 -6.24 -41.56
CA ASP F 296 -17.62 -5.50 -40.77
C ASP F 296 -18.40 -4.47 -39.93
N SER F 297 -18.49 -3.25 -40.45
CA SER F 297 -19.22 -2.22 -39.77
C SER F 297 -20.21 -1.65 -40.78
N LEU F 298 -20.83 -2.54 -41.56
CA LEU F 298 -21.80 -2.13 -42.57
C LEU F 298 -23.21 -2.33 -42.04
N SER F 299 -24.10 -1.38 -42.31
CA SER F 299 -25.47 -1.49 -41.86
C SER F 299 -26.25 -2.44 -42.75
N PRO F 300 -27.32 -3.05 -42.22
CA PRO F 300 -28.12 -3.98 -43.02
C PRO F 300 -28.31 -3.57 -44.48
N ALA F 301 -28.66 -2.32 -44.70
CA ALA F 301 -28.88 -1.85 -46.06
C ALA F 301 -27.59 -1.77 -46.89
N LYS F 302 -26.53 -1.21 -46.31
CA LYS F 302 -25.24 -1.10 -47.01
C LYS F 302 -24.76 -2.52 -47.31
N SER F 303 -24.99 -3.43 -46.38
CA SER F 303 -24.60 -4.83 -46.52
C SER F 303 -25.34 -5.55 -47.65
N ARG F 304 -26.61 -5.20 -47.88
CA ARG F 304 -27.40 -5.82 -48.94
C ARG F 304 -26.84 -5.39 -50.30
N ILE F 305 -26.46 -4.12 -50.40
CA ILE F 305 -25.90 -3.56 -51.61
C ILE F 305 -24.56 -4.22 -51.92
N LEU F 306 -23.82 -4.58 -50.88
CA LEU F 306 -22.54 -5.22 -51.09
C LEU F 306 -22.66 -6.69 -51.42
N LEU F 307 -23.81 -7.30 -51.14
CA LEU F 307 -23.96 -8.73 -51.44
C LEU F 307 -24.49 -8.98 -52.84
N MET F 308 -25.33 -8.08 -53.35
CA MET F 308 -25.83 -8.24 -54.70
C MET F 308 -24.61 -8.23 -55.62
N LEU F 309 -23.90 -7.11 -55.60
CA LEU F 309 -22.72 -6.94 -56.42
C LEU F 309 -21.70 -8.06 -56.17
N ALA F 310 -21.53 -8.45 -54.92
CA ALA F 310 -20.58 -9.51 -54.59
C ALA F 310 -20.86 -10.78 -55.36
N LEU F 311 -22.12 -11.19 -55.39
CA LEU F 311 -22.50 -12.43 -56.05
C LEU F 311 -22.51 -12.46 -57.57
N THR F 312 -22.14 -11.36 -58.21
CA THR F 312 -22.10 -11.34 -59.67
C THR F 312 -20.72 -11.80 -60.07
N LYS F 313 -19.77 -11.69 -59.14
CA LYS F 313 -18.40 -12.08 -59.41
C LYS F 313 -17.93 -13.34 -58.74
N THR F 314 -18.72 -13.91 -57.83
CA THR F 314 -18.28 -15.10 -57.15
C THR F 314 -19.36 -15.80 -56.35
N THR F 315 -18.98 -16.90 -55.71
CA THR F 315 -19.88 -17.67 -54.89
C THR F 315 -19.12 -18.20 -53.68
N ASN F 316 -17.80 -18.13 -53.77
CA ASN F 316 -16.92 -18.59 -52.71
C ASN F 316 -17.20 -17.80 -51.42
N PRO F 317 -17.52 -18.50 -50.33
CA PRO F 317 -17.79 -17.76 -49.10
C PRO F 317 -16.57 -16.92 -48.71
N ALA F 318 -15.43 -17.61 -48.59
CA ALA F 318 -14.14 -17.02 -48.19
C ALA F 318 -13.79 -15.70 -48.85
N VAL F 319 -14.02 -15.58 -50.14
CA VAL F 319 -13.66 -14.35 -50.82
C VAL F 319 -14.61 -13.22 -50.49
N ILE F 320 -15.90 -13.52 -50.41
CA ILE F 320 -16.91 -12.53 -50.09
C ILE F 320 -16.61 -11.97 -48.70
N GLN F 321 -16.04 -12.82 -47.84
CA GLN F 321 -15.66 -12.43 -46.49
C GLN F 321 -14.46 -11.48 -46.42
N ASP F 322 -13.89 -11.11 -47.56
CA ASP F 322 -12.76 -10.20 -47.56
C ASP F 322 -13.20 -8.86 -48.11
N TYR F 323 -14.23 -8.90 -48.95
CA TYR F 323 -14.77 -7.69 -49.52
C TYR F 323 -15.39 -6.91 -48.37
N PHE F 324 -15.96 -7.63 -47.41
CA PHE F 324 -16.57 -6.95 -46.27
C PHE F 324 -15.58 -6.24 -45.32
N HIS F 325 -14.30 -6.58 -45.41
CA HIS F 325 -13.30 -5.95 -44.54
C HIS F 325 -12.53 -4.83 -45.25
N ALA F 326 -12.63 -4.78 -46.58
CA ALA F 326 -11.91 -3.82 -47.40
C ALA F 326 -12.74 -2.72 -48.06
N TYR F 327 -13.99 -3.04 -48.37
CA TYR F 327 -14.89 -2.12 -49.01
C TYR F 327 -15.74 -1.35 -47.97
N ASN G 3 39.29 -19.16 70.46
CA ASN G 3 38.80 -17.77 70.19
C ASN G 3 38.38 -17.56 68.73
N LEU G 4 37.67 -18.54 68.19
CA LEU G 4 37.19 -18.47 66.81
C LEU G 4 35.69 -18.67 66.79
N PRO G 5 35.03 -18.25 65.69
CA PRO G 5 33.59 -18.39 65.57
C PRO G 5 33.16 -19.84 65.72
N ASN G 6 31.96 -20.04 66.25
CA ASN G 6 31.41 -21.38 66.43
C ASN G 6 30.27 -21.53 65.43
N ILE G 7 30.35 -22.56 64.59
CA ILE G 7 29.33 -22.78 63.58
C ILE G 7 28.68 -24.16 63.65
N VAL G 8 27.38 -24.21 63.45
CA VAL G 8 26.69 -25.48 63.46
C VAL G 8 26.29 -25.78 62.03
N ILE G 9 26.61 -26.99 61.59
CA ILE G 9 26.30 -27.41 60.24
C ILE G 9 25.15 -28.41 60.27
N LEU G 10 24.06 -28.09 59.57
CA LEU G 10 22.92 -28.98 59.52
C LEU G 10 22.89 -29.68 58.15
N ALA G 11 22.58 -30.97 58.14
CA ALA G 11 22.56 -31.70 56.88
C ALA G 11 21.24 -32.36 56.51
N THR G 12 20.86 -32.21 55.25
CA THR G 12 19.63 -32.80 54.74
C THR G 12 20.07 -33.82 53.69
N GLY G 13 21.31 -34.27 53.80
CA GLY G 13 21.85 -35.23 52.84
C GLY G 13 22.72 -34.44 51.88
N GLY G 14 22.07 -33.74 50.95
CA GLY G 14 22.79 -32.92 49.98
C GLY G 14 23.30 -33.59 48.73
N THR G 15 24.16 -32.87 48.01
CA THR G 15 24.75 -33.38 46.77
C THR G 15 26.26 -33.51 46.96
N ILE G 16 26.86 -32.55 47.66
CA ILE G 16 28.30 -32.55 47.94
C ILE G 16 28.67 -33.85 48.65
N ALA G 17 27.62 -34.54 49.06
CA ALA G 17 27.72 -35.82 49.75
C ALA G 17 26.94 -36.82 48.92
N GLY G 18 27.63 -37.85 48.42
CA GLY G 18 26.98 -38.86 47.62
C GLY G 18 27.87 -39.44 46.53
N SER G 19 28.33 -40.67 46.75
CA SER G 19 29.19 -41.36 45.79
C SER G 19 28.49 -41.50 44.45
N ALA G 20 29.13 -42.21 43.52
CA ALA G 20 28.57 -42.43 42.18
C ALA G 20 28.75 -43.87 41.73
N ALA G 21 28.58 -44.11 40.42
CA ALA G 21 28.73 -45.44 39.86
C ALA G 21 30.09 -45.56 39.16
N ALA G 22 30.45 -44.55 38.39
CA ALA G 22 31.73 -44.54 37.69
C ALA G 22 32.58 -43.36 38.14
N ASN G 23 33.62 -43.06 37.37
CA ASN G 23 34.53 -41.96 37.70
C ASN G 23 34.19 -40.70 36.90
N THR G 24 34.17 -40.83 35.58
CA THR G 24 33.85 -39.71 34.70
C THR G 24 32.33 -39.55 34.54
N GLN G 25 31.59 -40.43 35.21
CA GLN G 25 30.13 -40.41 35.16
C GLN G 25 29.50 -39.57 36.27
N THR G 26 28.35 -38.97 35.96
CA THR G 26 27.60 -38.15 36.91
C THR G 26 26.10 -38.29 36.61
N THR G 27 25.53 -39.45 36.94
CA THR G 27 24.11 -39.72 36.70
C THR G 27 23.43 -40.57 37.78
N GLY G 28 23.68 -41.87 37.76
CA GLY G 28 23.06 -42.76 38.73
C GLY G 28 23.79 -42.94 40.05
N TYR G 29 23.15 -42.53 41.14
CA TYR G 29 23.71 -42.65 42.48
C TYR G 29 22.79 -42.01 43.51
N LYS G 30 22.75 -42.58 44.72
CA LYS G 30 21.89 -42.06 45.77
C LYS G 30 22.30 -40.63 46.13
N ALA G 31 21.48 -39.67 45.71
CA ALA G 31 21.74 -38.26 45.95
C ALA G 31 21.51 -37.87 47.41
N GLY G 32 22.59 -37.79 48.19
CA GLY G 32 22.47 -37.41 49.59
C GLY G 32 22.93 -38.43 50.60
N ALA G 33 23.64 -39.47 50.15
CA ALA G 33 24.13 -40.52 51.03
C ALA G 33 25.59 -40.35 51.43
N LEU G 34 25.81 -39.54 52.47
CA LEU G 34 27.14 -39.28 53.01
C LEU G 34 26.98 -38.47 54.29
N GLY G 35 27.39 -39.08 55.40
CA GLY G 35 27.26 -38.45 56.72
C GLY G 35 27.85 -37.08 56.95
N VAL G 36 28.00 -36.74 58.23
CA VAL G 36 28.54 -35.46 58.64
C VAL G 36 30.01 -35.57 59.06
N GLU G 37 30.28 -36.42 60.05
CA GLU G 37 31.63 -36.61 60.57
C GLU G 37 32.69 -36.58 59.45
N THR G 38 32.40 -37.28 58.35
CA THR G 38 33.32 -37.38 57.22
C THR G 38 33.69 -36.08 56.53
N LEU G 39 32.69 -35.42 55.94
CA LEU G 39 32.88 -34.18 55.19
C LEU G 39 33.70 -33.11 55.92
N ILE G 40 33.70 -33.17 57.24
CA ILE G 40 34.45 -32.23 58.05
C ILE G 40 35.93 -32.57 57.90
N GLN G 41 36.23 -33.85 58.11
CA GLN G 41 37.59 -34.37 58.01
C GLN G 41 38.11 -34.28 56.59
N ALA G 42 37.19 -34.12 55.65
CA ALA G 42 37.52 -34.02 54.23
C ALA G 42 38.37 -32.78 53.94
N VAL G 43 37.89 -31.62 54.36
CA VAL G 43 38.63 -30.38 54.15
C VAL G 43 39.08 -29.83 55.50
N PRO G 44 40.02 -30.52 56.14
CA PRO G 44 40.54 -30.11 57.45
C PRO G 44 40.98 -28.66 57.50
N GLU G 45 41.08 -28.03 56.33
CA GLU G 45 41.48 -26.63 56.24
C GLU G 45 40.40 -25.78 56.92
N LEU G 46 39.32 -26.43 57.34
CA LEU G 46 38.22 -25.76 58.01
C LEU G 46 38.58 -25.37 59.43
N LYS G 47 39.34 -26.22 60.12
CA LYS G 47 39.75 -25.92 61.49
C LYS G 47 40.36 -24.54 61.51
N THR G 48 40.97 -24.18 60.39
CA THR G 48 41.63 -22.88 60.23
C THR G 48 40.60 -21.78 60.22
N LEU G 49 39.42 -22.08 59.71
CA LEU G 49 38.37 -21.07 59.66
C LEU G 49 37.54 -20.96 60.93
N ALA G 50 37.31 -22.06 61.63
CA ALA G 50 36.50 -21.98 62.85
C ALA G 50 36.47 -23.21 63.73
N ASN G 51 35.30 -23.41 64.34
CA ASN G 51 34.95 -24.51 65.22
C ASN G 51 33.75 -25.13 64.48
N ILE G 52 33.57 -26.44 64.60
CA ILE G 52 32.49 -27.10 63.88
C ILE G 52 31.78 -28.20 64.63
N LYS G 53 30.48 -28.31 64.42
CA LYS G 53 29.68 -29.32 65.08
C LYS G 53 28.48 -29.59 64.18
N GLY G 54 28.42 -30.79 63.59
CA GLY G 54 27.33 -31.13 62.68
C GLY G 54 26.09 -31.73 63.28
N GLU G 55 25.08 -32.02 62.45
CA GLU G 55 23.82 -32.60 62.93
C GLU G 55 22.86 -33.02 61.79
N GLN G 56 22.72 -34.33 61.57
CA GLN G 56 21.83 -34.82 60.51
C GLN G 56 20.37 -34.53 60.87
N VAL G 57 19.64 -33.89 59.95
CA VAL G 57 18.24 -33.55 60.19
C VAL G 57 17.28 -34.41 59.37
N ALA G 58 17.84 -35.02 58.32
CA ALA G 58 17.10 -35.90 57.42
C ALA G 58 18.03 -36.17 56.26
N SER G 59 17.74 -37.18 55.44
CA SER G 59 18.60 -37.51 54.32
C SER G 59 17.86 -37.92 53.05
N ILE G 60 17.10 -36.98 52.47
CA ILE G 60 16.36 -37.25 51.24
C ILE G 60 16.89 -36.33 50.16
N GLY G 61 16.41 -36.56 48.93
CA GLY G 61 16.83 -35.76 47.80
C GLY G 61 15.97 -34.52 47.64
N SER G 62 16.61 -33.42 47.28
CA SER G 62 15.95 -32.15 47.08
C SER G 62 14.58 -32.31 46.44
N GLU G 63 14.45 -33.19 45.46
CA GLU G 63 13.16 -33.37 44.79
C GLU G 63 12.05 -33.92 45.67
N ASN G 64 12.36 -34.25 46.92
CA ASN G 64 11.36 -34.78 47.86
C ASN G 64 11.11 -33.89 49.08
N MET G 65 12.05 -33.00 49.37
CA MET G 65 11.96 -32.08 50.51
C MET G 65 10.59 -31.42 50.59
N THR G 66 10.01 -31.35 51.80
CA THR G 66 8.70 -30.72 51.99
C THR G 66 8.40 -29.90 53.25
N SER G 67 7.32 -29.13 53.14
CA SER G 67 6.82 -28.25 54.18
C SER G 67 6.85 -28.87 55.56
N ASP G 68 6.40 -30.12 55.65
CA ASP G 68 6.38 -30.83 56.92
C ASP G 68 7.79 -30.68 57.47
N VAL G 69 8.76 -30.99 56.61
CA VAL G 69 10.16 -30.93 56.95
C VAL G 69 10.58 -29.47 57.12
N LEU G 70 10.24 -28.63 56.13
CA LEU G 70 10.59 -27.22 56.19
C LEU G 70 10.19 -26.63 57.54
N LEU G 71 8.97 -26.93 57.97
CA LEU G 71 8.45 -26.45 59.24
C LEU G 71 9.38 -26.80 60.38
N THR G 72 9.81 -28.05 60.41
CA THR G 72 10.72 -28.50 61.47
C THR G 72 12.10 -27.84 61.32
N LEU G 73 12.51 -27.65 60.07
CA LEU G 73 13.80 -27.05 59.76
C LEU G 73 13.88 -25.63 60.31
N SER G 74 12.88 -24.83 59.98
CA SER G 74 12.81 -23.45 60.42
C SER G 74 12.85 -23.27 61.94
N LYS G 75 12.08 -24.08 62.65
CA LYS G 75 12.03 -23.99 64.11
C LYS G 75 13.35 -24.40 64.72
N ARG G 76 13.99 -25.38 64.13
CA ARG G 76 15.26 -25.84 64.65
C ARG G 76 16.29 -24.70 64.55
N VAL G 77 16.35 -24.08 63.38
CA VAL G 77 17.27 -22.98 63.13
C VAL G 77 17.09 -21.87 64.19
N ASN G 78 15.88 -21.34 64.27
CA ASN G 78 15.54 -20.28 65.21
C ASN G 78 16.08 -20.56 66.63
N GLU G 79 15.89 -21.80 67.08
CA GLU G 79 16.33 -22.21 68.40
C GLU G 79 17.84 -22.07 68.47
N LEU G 80 18.53 -22.80 67.60
CA LEU G 80 19.99 -22.77 67.58
C LEU G 80 20.56 -21.36 67.57
N LEU G 81 19.94 -20.48 66.79
CA LEU G 81 20.41 -19.10 66.70
C LEU G 81 20.23 -18.29 67.98
N ALA G 82 19.27 -18.68 68.81
CA ALA G 82 19.02 -17.94 70.05
C ALA G 82 20.22 -17.96 71.00
N ARG G 83 20.83 -19.13 71.15
CA ARG G 83 21.97 -19.31 72.04
C ARG G 83 23.12 -18.33 71.85
N SER G 84 24.14 -18.42 72.71
CA SER G 84 25.28 -17.53 72.64
C SER G 84 26.54 -18.23 72.16
N ASP G 85 26.49 -19.55 72.11
CA ASP G 85 27.64 -20.31 71.65
C ASP G 85 27.46 -20.63 70.17
N VAL G 86 26.26 -20.32 69.66
CA VAL G 86 25.92 -20.54 68.25
C VAL G 86 25.70 -19.20 67.56
N ASP G 87 26.49 -18.92 66.53
CA ASP G 87 26.38 -17.66 65.80
C ASP G 87 26.73 -17.79 64.32
N GLY G 88 26.08 -18.73 63.64
CA GLY G 88 26.31 -18.96 62.23
C GLY G 88 25.85 -20.36 61.88
N VAL G 89 25.05 -20.49 60.83
CA VAL G 89 24.55 -21.80 60.46
C VAL G 89 24.61 -22.14 58.98
N VAL G 90 25.31 -23.23 58.65
CA VAL G 90 25.40 -23.64 57.26
C VAL G 90 24.47 -24.85 57.06
N ILE G 91 23.75 -24.86 55.96
CA ILE G 91 22.81 -25.94 55.68
C ILE G 91 23.07 -26.63 54.35
N THR G 92 23.10 -27.97 54.38
CA THR G 92 23.32 -28.82 53.20
C THR G 92 21.97 -29.10 52.54
N HIS G 93 21.91 -29.07 51.21
CA HIS G 93 20.63 -29.27 50.50
C HIS G 93 20.82 -29.60 49.00
N GLY G 94 19.82 -30.24 48.40
CA GLY G 94 19.90 -30.60 47.00
C GLY G 94 19.74 -29.35 46.14
N THR G 95 20.08 -29.44 44.86
CA THR G 95 19.97 -28.27 43.98
C THR G 95 18.67 -28.15 43.19
N ASP G 96 17.98 -29.27 42.96
CA ASP G 96 16.74 -29.25 42.19
C ASP G 96 15.60 -28.40 42.78
N THR G 97 15.39 -28.46 44.09
CA THR G 97 14.34 -27.68 44.74
C THR G 97 14.92 -26.53 45.54
N LEU G 98 16.18 -26.21 45.27
CA LEU G 98 16.86 -25.14 45.97
C LEU G 98 16.22 -23.74 45.75
N ASP G 99 15.26 -23.66 44.83
CA ASP G 99 14.57 -22.41 44.55
C ASP G 99 13.69 -22.09 45.74
N GLU G 100 13.00 -23.11 46.25
CA GLU G 100 12.09 -22.97 47.36
C GLU G 100 12.76 -22.85 48.72
N SER G 101 13.25 -23.96 49.25
CA SER G 101 13.86 -23.99 50.57
C SER G 101 14.46 -22.70 51.18
N PRO G 102 15.45 -22.06 50.52
CA PRO G 102 15.98 -20.84 51.14
C PRO G 102 15.01 -19.66 51.30
N TYR G 103 14.07 -19.50 50.36
CA TYR G 103 13.11 -18.40 50.40
C TYR G 103 12.16 -18.50 51.59
N PHE G 104 11.95 -19.72 52.08
CA PHE G 104 11.06 -19.99 53.21
C PHE G 104 11.68 -19.54 54.54
N LEU G 105 12.94 -19.92 54.76
CA LEU G 105 13.59 -19.52 56.00
C LEU G 105 13.89 -18.03 55.96
N ASN G 106 13.65 -17.41 54.81
CA ASN G 106 13.89 -15.97 54.66
C ASN G 106 12.67 -15.21 55.15
N LEU G 107 11.57 -15.93 55.31
CA LEU G 107 10.32 -15.34 55.77
C LEU G 107 9.90 -15.86 57.13
N THR G 108 10.79 -16.57 57.82
CA THR G 108 10.47 -17.14 59.14
C THR G 108 11.58 -17.20 60.20
N VAL G 109 12.63 -16.39 60.04
CA VAL G 109 13.70 -16.37 61.06
C VAL G 109 13.65 -15.10 61.90
N LYS G 110 13.49 -15.26 63.20
CA LYS G 110 13.43 -14.12 64.09
C LYS G 110 14.79 -13.46 64.26
N SER G 111 15.87 -14.17 63.91
CA SER G 111 17.21 -13.61 64.06
C SER G 111 17.86 -13.02 62.81
N ASP G 112 18.86 -12.19 63.04
CA ASP G 112 19.57 -11.57 61.94
C ASP G 112 20.99 -12.11 61.81
N LYS G 113 21.25 -13.28 62.39
CA LYS G 113 22.57 -13.90 62.29
C LYS G 113 22.66 -14.65 60.95
N PRO G 114 23.89 -14.88 60.46
CA PRO G 114 24.25 -15.57 59.21
C PRO G 114 23.65 -16.95 58.94
N VAL G 115 22.95 -17.09 57.80
CA VAL G 115 22.35 -18.35 57.38
C VAL G 115 22.58 -18.61 55.88
N VAL G 116 23.54 -19.47 55.58
CA VAL G 116 23.90 -19.80 54.20
C VAL G 116 23.62 -21.26 53.80
N PHE G 117 23.22 -21.44 52.55
CA PHE G 117 22.95 -22.77 52.02
C PHE G 117 24.11 -23.13 51.08
N VAL G 118 24.44 -24.42 50.99
CA VAL G 118 25.50 -24.92 50.11
C VAL G 118 25.02 -26.20 49.45
N ALA G 119 25.45 -26.41 48.21
CA ALA G 119 25.08 -27.59 47.45
C ALA G 119 26.15 -27.77 46.38
N ALA G 120 25.93 -28.72 45.48
CA ALA G 120 26.85 -28.99 44.40
C ALA G 120 26.13 -29.69 43.26
N MET G 121 26.69 -29.62 42.06
CA MET G 121 26.08 -30.25 40.91
C MET G 121 26.91 -31.45 40.47
N ARG G 122 28.10 -31.59 41.06
CA ARG G 122 28.99 -32.71 40.77
C ARG G 122 29.12 -33.63 41.99
N PRO G 123 28.98 -34.94 41.77
CA PRO G 123 29.07 -35.98 42.79
C PRO G 123 30.39 -35.87 43.54
N ALA G 124 30.41 -36.25 44.82
CA ALA G 124 31.64 -36.18 45.62
C ALA G 124 32.71 -37.02 44.94
N THR G 125 32.25 -37.95 44.11
CA THR G 125 33.13 -38.87 43.40
C THR G 125 33.16 -38.58 41.91
N ALA G 126 33.84 -37.51 41.52
CA ALA G 126 33.93 -37.16 40.13
C ALA G 126 35.10 -36.20 39.92
N ILE G 127 35.83 -36.44 38.82
CA ILE G 127 36.98 -35.61 38.48
C ILE G 127 36.56 -34.15 38.50
N SER G 128 37.25 -33.36 39.30
CA SER G 128 36.95 -31.94 39.43
C SER G 128 35.54 -31.72 40.03
N ALA G 129 35.35 -32.10 41.29
CA ALA G 129 34.05 -31.92 41.94
C ALA G 129 34.04 -30.59 42.72
N ASP G 130 32.98 -29.82 42.52
CA ASP G 130 32.81 -28.50 43.16
C ASP G 130 32.46 -28.47 44.66
N GLY G 131 31.80 -29.51 45.16
CA GLY G 131 31.41 -29.58 46.55
C GLY G 131 32.40 -29.04 47.58
N PRO G 132 33.62 -29.59 47.63
CA PRO G 132 34.68 -29.20 48.56
C PRO G 132 34.94 -27.69 48.62
N MET G 133 35.08 -27.05 47.46
CA MET G 133 35.31 -25.62 47.42
C MET G 133 34.08 -24.83 47.85
N ASN G 134 32.90 -25.31 47.49
CA ASN G 134 31.64 -24.66 47.85
C ASN G 134 31.49 -24.62 49.36
N LEU G 135 31.84 -25.74 49.99
CA LEU G 135 31.78 -25.90 51.44
C LEU G 135 32.78 -24.94 52.08
N TYR G 136 34.04 -25.09 51.71
CA TYR G 136 35.05 -24.19 52.24
C TYR G 136 34.56 -22.77 52.01
N GLY G 137 33.68 -22.61 51.03
CA GLY G 137 33.15 -21.29 50.73
C GLY G 137 32.13 -20.85 51.76
N ALA G 138 30.96 -21.48 51.73
CA ALA G 138 29.87 -21.15 52.66
C ALA G 138 30.26 -20.92 54.12
N VAL G 139 31.27 -21.63 54.61
CA VAL G 139 31.71 -21.45 55.98
C VAL G 139 32.33 -20.04 56.07
N LYS G 140 33.30 -19.78 55.22
CA LYS G 140 33.95 -18.48 55.20
C LYS G 140 32.95 -17.33 55.41
N VAL G 141 31.76 -17.45 54.83
CA VAL G 141 30.74 -16.40 54.96
C VAL G 141 30.08 -16.44 56.33
N ALA G 142 29.85 -17.63 56.85
CA ALA G 142 29.23 -17.77 58.17
C ALA G 142 30.06 -17.06 59.22
N ALA G 143 31.37 -17.34 59.22
CA ALA G 143 32.27 -16.75 60.19
C ALA G 143 32.66 -15.29 59.91
N ASP G 144 31.81 -14.56 59.20
CA ASP G 144 32.14 -13.17 58.92
C ASP G 144 31.05 -12.25 59.42
N LYS G 145 31.36 -11.47 60.45
CA LYS G 145 30.39 -10.56 61.04
C LYS G 145 29.83 -9.57 60.02
N ASN G 146 30.53 -9.42 58.89
CA ASN G 146 30.08 -8.51 57.85
C ASN G 146 28.90 -9.09 57.09
N SER G 147 28.65 -10.39 57.27
CA SER G 147 27.54 -11.04 56.59
C SER G 147 26.22 -10.85 57.36
N ARG G 148 26.32 -10.68 58.66
CA ARG G 148 25.18 -10.48 59.52
C ARG G 148 24.22 -9.36 59.06
N GLY G 149 22.92 -9.70 58.95
CA GLY G 149 21.90 -8.73 58.56
C GLY G 149 21.62 -8.47 57.09
N ARG G 150 21.82 -9.48 56.24
CA ARG G 150 21.59 -9.31 54.81
C ARG G 150 20.63 -10.35 54.23
N GLY G 151 19.87 -11.00 55.11
CA GLY G 151 18.91 -12.01 54.68
C GLY G 151 19.52 -13.37 54.43
N VAL G 152 18.67 -14.37 54.20
CA VAL G 152 19.13 -15.74 53.92
C VAL G 152 20.09 -15.75 52.74
N LEU G 153 21.16 -16.52 52.87
CA LEU G 153 22.18 -16.58 51.83
C LEU G 153 22.37 -17.92 51.12
N VAL G 154 22.66 -17.83 49.83
CA VAL G 154 22.90 -18.97 48.97
C VAL G 154 24.34 -18.85 48.48
N VAL G 155 25.12 -19.93 48.59
CA VAL G 155 26.52 -19.86 48.14
C VAL G 155 27.08 -21.06 47.39
N LEU G 156 27.42 -20.81 46.13
CA LEU G 156 28.02 -21.80 45.24
C LEU G 156 28.60 -21.20 43.97
N ASN G 157 29.84 -21.58 43.68
CA ASN G 157 30.59 -21.13 42.52
C ASN G 157 31.16 -19.74 42.75
N ASP G 158 31.80 -19.58 43.90
CA ASP G 158 32.41 -18.31 44.23
C ASP G 158 31.41 -17.18 44.16
N ARG G 159 30.12 -17.52 44.24
CA ARG G 159 29.06 -16.52 44.18
C ARG G 159 28.24 -16.42 45.47
N ILE G 160 27.72 -15.22 45.74
CA ILE G 160 26.89 -14.94 46.93
C ILE G 160 25.56 -14.31 46.49
N GLY G 161 24.50 -15.11 46.45
CA GLY G 161 23.22 -14.57 46.02
C GLY G 161 22.05 -14.64 46.99
N SER G 162 21.24 -13.60 46.95
CA SER G 162 20.07 -13.48 47.81
C SER G 162 19.03 -14.56 47.54
N ALA G 163 18.33 -14.98 48.58
CA ALA G 163 17.30 -16.01 48.45
C ALA G 163 16.01 -15.51 47.77
N ARG G 164 15.88 -14.20 47.61
CA ARG G 164 14.67 -13.63 46.99
C ARG G 164 14.79 -13.60 45.48
N PHE G 165 16.01 -13.63 44.96
CA PHE G 165 16.21 -13.57 43.51
C PHE G 165 16.73 -14.83 42.81
N ILE G 166 17.66 -15.55 43.44
CA ILE G 166 18.27 -16.73 42.85
C ILE G 166 17.35 -17.88 42.46
N SER G 167 17.82 -18.70 41.52
CA SER G 167 17.12 -19.88 41.02
C SER G 167 17.99 -20.68 40.03
N LYS G 168 17.63 -21.95 39.83
CA LYS G 168 18.36 -22.83 38.92
C LYS G 168 17.94 -22.50 37.49
N THR G 169 18.72 -21.63 36.83
CA THR G 169 18.44 -21.19 35.47
C THR G 169 18.60 -22.23 34.37
N ASN G 170 19.69 -23.00 34.44
CA ASN G 170 19.97 -24.06 33.47
C ASN G 170 19.72 -25.42 34.12
N ALA G 171 19.65 -26.47 33.31
CA ALA G 171 19.35 -27.81 33.82
C ALA G 171 20.50 -28.75 34.18
N SER G 172 21.73 -28.47 33.75
CA SER G 172 22.83 -29.40 34.06
C SER G 172 24.22 -28.78 34.26
N THR G 173 24.33 -27.48 34.04
CA THR G 173 25.59 -26.73 34.14
C THR G 173 26.06 -26.41 35.59
N LEU G 174 27.32 -25.98 35.76
CA LEU G 174 27.85 -25.63 37.10
C LEU G 174 27.59 -24.19 37.58
N ASP G 175 27.33 -23.30 36.64
CA ASP G 175 27.04 -21.92 36.97
C ASP G 175 25.55 -21.66 36.79
N THR G 176 24.75 -22.71 36.98
CA THR G 176 23.30 -22.64 36.82
C THR G 176 22.57 -21.58 37.67
N PHE G 177 23.08 -21.30 38.86
CA PHE G 177 22.45 -20.33 39.74
C PHE G 177 22.94 -18.90 39.51
N LYS G 178 22.00 -18.04 39.12
CA LYS G 178 22.28 -16.65 38.81
C LYS G 178 20.99 -15.81 38.81
N ALA G 179 21.14 -14.51 39.10
CA ALA G 179 20.00 -13.58 39.12
C ALA G 179 20.05 -12.64 37.91
N PRO G 180 19.47 -13.08 36.80
CA PRO G 180 19.44 -12.29 35.55
C PRO G 180 19.25 -10.81 35.78
N GLU G 181 18.05 -10.44 36.18
CA GLU G 181 17.67 -9.04 36.39
C GLU G 181 18.15 -8.36 37.68
N GLU G 182 18.72 -9.11 38.62
CA GLU G 182 19.17 -8.54 39.90
C GLU G 182 20.64 -8.72 40.31
N GLY G 183 21.35 -9.67 39.70
CA GLY G 183 22.74 -9.88 40.03
C GLY G 183 23.03 -10.62 41.32
N TYR G 184 24.28 -10.57 41.75
CA TYR G 184 24.74 -11.23 42.97
C TYR G 184 24.99 -10.20 44.06
N LEU G 185 24.86 -10.60 45.32
CA LEU G 185 25.08 -9.70 46.45
C LEU G 185 26.56 -9.37 46.60
N GLY G 186 27.40 -10.39 46.51
CA GLY G 186 28.82 -10.19 46.63
C GLY G 186 29.55 -11.39 46.05
N VAL G 187 30.87 -11.31 45.93
CA VAL G 187 31.63 -12.42 45.39
C VAL G 187 32.86 -12.76 46.25
N ILE G 188 33.32 -14.01 46.14
CA ILE G 188 34.48 -14.42 46.91
C ILE G 188 35.68 -14.78 46.03
N ILE G 189 36.62 -13.86 45.94
CA ILE G 189 37.79 -14.06 45.12
C ILE G 189 39.07 -13.88 45.91
N GLY G 190 40.09 -14.63 45.52
CA GLY G 190 41.35 -14.57 46.23
C GLY G 190 41.08 -15.31 47.51
N ASP G 191 41.25 -14.65 48.64
CA ASP G 191 40.99 -15.31 49.90
C ASP G 191 40.23 -14.34 50.79
N LYS G 192 39.60 -13.36 50.15
CA LYS G 192 38.82 -12.35 50.84
C LYS G 192 37.45 -12.26 50.18
N ILE G 193 36.44 -11.87 50.95
CA ILE G 193 35.08 -11.74 50.46
C ILE G 193 34.82 -10.30 50.00
N TYR G 194 33.87 -10.11 49.07
CA TYR G 194 33.52 -8.77 48.55
C TYR G 194 32.01 -8.57 48.42
N TYR G 195 31.47 -7.59 49.13
CA TYR G 195 30.04 -7.33 49.06
C TYR G 195 29.72 -6.13 48.16
N GLN G 196 28.80 -6.31 47.21
CA GLN G 196 28.49 -5.23 46.28
C GLN G 196 27.11 -4.56 46.41
N THR G 197 26.13 -5.25 46.98
CA THR G 197 24.80 -4.65 47.10
C THR G 197 23.98 -5.18 48.27
N ARG G 198 22.88 -4.50 48.57
CA ARG G 198 21.98 -4.89 49.67
C ARG G 198 20.55 -5.16 49.19
N LEU G 199 19.97 -6.25 49.67
CA LEU G 199 18.60 -6.61 49.28
C LEU G 199 17.65 -5.50 49.74
N ASP G 200 16.78 -5.03 48.84
CA ASP G 200 15.87 -3.96 49.21
C ASP G 200 14.42 -4.39 49.40
N LYS G 201 14.21 -5.40 50.25
CA LYS G 201 12.87 -5.94 50.56
C LYS G 201 12.74 -6.33 52.05
N VAL G 202 11.51 -6.60 52.50
CA VAL G 202 11.27 -6.99 53.89
C VAL G 202 11.69 -8.44 54.16
N HIS G 203 12.56 -8.65 55.15
CA HIS G 203 13.04 -10.00 55.45
C HIS G 203 13.48 -10.21 56.90
N THR G 204 13.84 -11.45 57.20
CA THR G 204 14.30 -11.85 58.53
C THR G 204 13.67 -11.19 59.79
N THR G 205 14.37 -10.24 60.40
CA THR G 205 13.82 -9.64 61.61
C THR G 205 12.59 -8.77 61.40
N ARG G 206 12.56 -7.98 60.32
CA ARG G 206 11.41 -7.12 60.06
C ARG G 206 10.14 -7.88 59.62
N SER G 207 10.29 -9.16 59.31
CA SER G 207 9.14 -9.94 58.86
C SER G 207 8.03 -10.02 59.91
N VAL G 208 6.84 -10.38 59.45
CA VAL G 208 5.67 -10.50 60.32
C VAL G 208 5.05 -11.88 60.18
N PHE G 209 5.82 -12.82 59.65
CA PHE G 209 5.34 -14.18 59.48
C PHE G 209 6.00 -15.09 60.51
N ASP G 210 5.19 -15.70 61.38
CA ASP G 210 5.72 -16.59 62.40
C ASP G 210 4.90 -17.87 62.40
N VAL G 211 5.57 -19.01 62.51
CA VAL G 211 4.89 -20.30 62.52
C VAL G 211 5.22 -21.22 63.69
N THR G 212 5.89 -20.70 64.72
CA THR G 212 6.25 -21.54 65.87
C THR G 212 5.07 -22.34 66.38
N ASN G 213 3.86 -21.90 66.04
CA ASN G 213 2.64 -22.60 66.47
C ASN G 213 1.86 -23.16 65.30
N VAL G 214 2.56 -23.56 64.24
CA VAL G 214 1.88 -24.13 63.07
C VAL G 214 2.22 -25.61 62.98
N ASP G 215 1.20 -26.44 62.75
CA ASP G 215 1.39 -27.88 62.64
C ASP G 215 1.28 -28.38 61.20
N LYS G 216 0.35 -27.80 60.46
CA LYS G 216 0.12 -28.19 59.08
C LYS G 216 -0.14 -26.91 58.25
N LEU G 217 0.43 -26.84 57.05
CA LEU G 217 0.26 -25.69 56.16
C LEU G 217 -0.82 -25.94 55.12
N PRO G 218 -1.36 -24.87 54.53
CA PRO G 218 -2.42 -24.96 53.50
C PRO G 218 -1.84 -25.54 52.22
N ALA G 219 -2.66 -26.19 51.42
CA ALA G 219 -2.18 -26.78 50.18
C ALA G 219 -2.37 -25.84 49.00
N VAL G 220 -1.30 -25.60 48.25
CA VAL G 220 -1.34 -24.72 47.08
C VAL G 220 -0.80 -25.38 45.81
N ASP G 221 -1.57 -25.31 44.72
CA ASP G 221 -1.16 -25.92 43.46
C ASP G 221 -0.72 -24.89 42.41
N ILE G 222 0.11 -25.36 41.47
CA ILE G 222 0.64 -24.53 40.38
C ILE G 222 0.12 -25.09 39.06
N ILE G 223 -0.53 -24.26 38.27
CA ILE G 223 -1.04 -24.75 36.99
C ILE G 223 -0.45 -23.95 35.82
N TYR G 224 0.06 -24.70 34.84
CA TYR G 224 0.68 -24.16 33.66
C TYR G 224 -0.31 -23.60 32.64
N GLY G 225 0.12 -22.59 31.89
CA GLY G 225 -0.73 -21.97 30.88
C GLY G 225 -0.12 -22.06 29.49
N TYR G 226 -0.74 -22.85 28.61
CA TYR G 226 -0.23 -23.01 27.26
C TYR G 226 -1.27 -22.90 26.14
N GLN G 227 -0.80 -23.04 24.90
CA GLN G 227 -1.64 -22.89 23.72
C GLN G 227 -2.96 -23.67 23.68
N ASP G 228 -3.05 -24.78 24.40
CA ASP G 228 -4.30 -25.54 24.43
C ASP G 228 -4.58 -26.11 25.83
N ASP G 229 -4.64 -25.23 26.83
CA ASP G 229 -4.86 -25.68 28.21
C ASP G 229 -6.29 -26.06 28.57
N PRO G 230 -6.45 -27.18 29.30
CA PRO G 230 -7.72 -27.76 29.77
C PRO G 230 -8.33 -27.14 31.04
N GLU G 231 -9.64 -27.00 31.06
CA GLU G 231 -10.35 -26.47 32.22
C GLU G 231 -10.31 -27.51 33.34
N TYR G 232 -10.62 -28.74 32.96
CA TYR G 232 -10.66 -29.84 33.91
C TYR G 232 -9.42 -29.97 34.77
N MET G 233 -8.43 -29.12 34.55
CA MET G 233 -7.21 -29.17 35.33
C MET G 233 -7.45 -28.41 36.62
N TYR G 234 -8.30 -27.41 36.55
CA TYR G 234 -8.64 -26.59 37.70
C TYR G 234 -9.57 -27.34 38.63
N ASP G 235 -10.58 -28.00 38.06
CA ASP G 235 -11.52 -28.79 38.84
C ASP G 235 -10.77 -29.68 39.82
N ALA G 236 -9.89 -30.53 39.29
CA ALA G 236 -9.11 -31.44 40.12
C ALA G 236 -8.61 -30.78 41.41
N SER G 237 -8.08 -29.57 41.30
CA SER G 237 -7.59 -28.88 42.49
C SER G 237 -8.77 -28.44 43.36
N ILE G 238 -9.85 -28.07 42.70
CA ILE G 238 -11.06 -27.64 43.40
C ILE G 238 -11.64 -28.86 44.16
N LYS G 239 -11.94 -29.93 43.41
CA LYS G 239 -12.48 -31.17 43.96
C LYS G 239 -11.78 -31.58 45.24
N HIS G 240 -10.49 -31.30 45.31
CA HIS G 240 -9.70 -31.67 46.48
C HIS G 240 -9.48 -30.49 47.42
N GLY G 241 -10.41 -29.55 47.37
CA GLY G 241 -10.36 -28.36 48.21
C GLY G 241 -9.01 -27.79 48.62
N VAL G 242 -8.31 -27.15 47.68
CA VAL G 242 -7.02 -26.53 47.98
C VAL G 242 -7.29 -25.07 48.36
N LYS G 243 -6.43 -24.50 49.19
CA LYS G 243 -6.59 -23.11 49.61
C LYS G 243 -6.28 -22.12 48.51
N GLY G 244 -5.20 -22.35 47.77
CA GLY G 244 -4.87 -21.43 46.69
C GLY G 244 -4.32 -22.09 45.43
N ILE G 245 -4.11 -21.28 44.40
CA ILE G 245 -3.57 -21.77 43.14
C ILE G 245 -2.67 -20.69 42.53
N VAL G 246 -1.51 -21.11 42.01
CA VAL G 246 -0.58 -20.18 41.38
C VAL G 246 -0.56 -20.48 39.87
N TYR G 247 -0.97 -19.50 39.08
CA TYR G 247 -1.00 -19.67 37.65
C TYR G 247 0.30 -19.20 37.05
N ALA G 248 0.99 -20.13 36.39
CA ALA G 248 2.25 -19.86 35.72
C ALA G 248 1.82 -19.67 34.29
N GLY G 249 1.41 -18.45 33.96
CA GLY G 249 0.90 -18.16 32.63
C GLY G 249 1.80 -17.63 31.54
N MET G 250 1.30 -17.71 30.31
CA MET G 250 2.03 -17.24 29.14
C MET G 250 2.24 -15.72 29.16
N GLY G 251 3.50 -15.31 29.08
CA GLY G 251 3.82 -13.90 29.11
C GLY G 251 3.53 -13.35 30.49
N ALA G 252 2.86 -12.20 30.54
CA ALA G 252 2.50 -11.55 31.80
C ALA G 252 1.33 -12.22 32.53
N GLY G 253 1.24 -13.54 32.46
CA GLY G 253 0.16 -14.24 33.12
C GLY G 253 -1.20 -14.05 32.47
N SER G 254 -1.22 -13.91 31.15
CA SER G 254 -2.48 -13.71 30.44
C SER G 254 -3.24 -15.03 30.40
N VAL G 255 -4.56 -14.97 30.24
CA VAL G 255 -5.37 -16.19 30.22
C VAL G 255 -6.21 -16.36 28.95
N SER G 256 -6.64 -17.60 28.72
CA SER G 256 -7.47 -17.93 27.55
C SER G 256 -8.92 -18.11 28.00
N LYS G 257 -9.82 -18.36 27.06
CA LYS G 257 -11.23 -18.53 27.38
C LYS G 257 -11.47 -19.67 28.38
N ARG G 258 -10.48 -20.55 28.55
CA ARG G 258 -10.59 -21.67 29.48
C ARG G 258 -9.97 -21.33 30.83
N GLY G 259 -8.99 -20.44 30.81
CA GLY G 259 -8.34 -20.03 32.05
C GLY G 259 -9.20 -19.03 32.78
N ASP G 260 -9.63 -17.98 32.08
CA ASP G 260 -10.47 -16.95 32.67
C ASP G 260 -11.70 -17.61 33.29
N ALA G 261 -12.12 -18.71 32.70
CA ALA G 261 -13.28 -19.46 33.18
C ALA G 261 -12.97 -20.22 34.47
N GLY G 262 -11.98 -21.11 34.42
CA GLY G 262 -11.63 -21.86 35.62
C GLY G 262 -11.36 -20.97 36.81
N ILE G 263 -10.51 -19.96 36.63
CA ILE G 263 -10.14 -19.01 37.68
C ILE G 263 -11.35 -18.51 38.50
N ARG G 264 -12.33 -17.93 37.82
CA ARG G 264 -13.53 -17.41 38.48
C ARG G 264 -14.17 -18.58 39.21
N LYS G 265 -14.38 -19.66 38.47
CA LYS G 265 -14.98 -20.86 39.02
C LYS G 265 -14.37 -21.07 40.42
N ALA G 266 -13.05 -21.17 40.46
CA ALA G 266 -12.32 -21.39 41.72
C ALA G 266 -12.42 -20.25 42.73
N GLU G 267 -12.27 -19.01 42.26
CA GLU G 267 -12.34 -17.88 43.17
C GLU G 267 -13.63 -17.91 43.97
N SER G 268 -14.76 -17.89 43.27
CA SER G 268 -16.07 -17.91 43.92
C SER G 268 -16.18 -18.99 44.98
N LYS G 269 -15.64 -20.17 44.69
CA LYS G 269 -15.70 -21.27 45.64
C LYS G 269 -14.87 -20.96 46.89
N GLY G 270 -14.46 -19.69 47.02
CA GLY G 270 -13.67 -19.25 48.16
C GLY G 270 -12.16 -19.44 48.08
N ILE G 271 -11.64 -19.73 46.89
CA ILE G 271 -10.20 -19.94 46.74
C ILE G 271 -9.46 -18.73 46.17
N VAL G 272 -8.27 -18.47 46.70
CA VAL G 272 -7.46 -17.34 46.22
C VAL G 272 -6.61 -17.75 45.02
N VAL G 273 -6.39 -16.82 44.10
CA VAL G 273 -5.59 -17.11 42.92
C VAL G 273 -4.56 -16.02 42.55
N VAL G 274 -3.33 -16.44 42.27
CA VAL G 274 -2.24 -15.52 41.90
C VAL G 274 -1.61 -15.86 40.56
N ARG G 275 -1.34 -14.81 39.79
CA ARG G 275 -0.77 -14.95 38.46
C ARG G 275 0.70 -14.54 38.37
N SER G 276 1.54 -15.44 37.85
CA SER G 276 2.96 -15.12 37.63
C SER G 276 3.27 -15.61 36.21
N SER G 277 4.52 -15.51 35.79
CA SER G 277 4.86 -15.92 34.43
C SER G 277 5.65 -17.21 34.31
N ARG G 278 5.55 -17.80 33.13
CA ARG G 278 6.24 -19.04 32.75
C ARG G 278 7.54 -18.70 32.03
N THR G 279 7.83 -17.40 31.94
CA THR G 279 9.00 -16.88 31.26
C THR G 279 10.32 -17.02 32.02
N GLY G 280 10.37 -16.56 33.26
CA GLY G 280 11.60 -16.68 34.05
C GLY G 280 12.07 -15.43 34.77
N SER G 281 11.54 -14.29 34.36
CA SER G 281 11.92 -13.03 34.98
C SER G 281 11.01 -11.89 34.52
N GLY G 282 11.15 -10.72 35.15
CA GLY G 282 10.32 -9.59 34.77
C GLY G 282 9.09 -9.41 35.65
N ILE G 283 8.35 -8.32 35.44
CA ILE G 283 7.17 -8.00 36.22
C ILE G 283 5.82 -8.31 35.56
N VAL G 284 4.86 -8.74 36.38
CA VAL G 284 3.51 -9.01 35.90
C VAL G 284 2.74 -7.83 36.47
N PRO G 285 2.38 -6.86 35.62
CA PRO G 285 1.65 -5.65 36.01
C PRO G 285 0.20 -5.87 36.40
N PRO G 286 -0.36 -4.93 37.18
CA PRO G 286 -1.75 -5.01 37.63
C PRO G 286 -2.69 -4.77 36.44
N ASP G 287 -3.91 -5.29 36.52
CA ASP G 287 -4.91 -5.15 35.46
C ASP G 287 -6.29 -5.66 35.88
N ALA G 288 -7.24 -4.74 36.05
CA ALA G 288 -8.59 -5.10 36.44
C ALA G 288 -9.41 -5.57 35.25
N GLY G 289 -8.74 -6.23 34.30
CA GLY G 289 -9.43 -6.74 33.13
C GLY G 289 -9.45 -8.26 33.20
N GLN G 290 -8.49 -8.81 33.95
CA GLN G 290 -8.36 -10.23 34.11
C GLN G 290 -8.44 -10.60 35.59
N PRO G 291 -9.08 -11.75 35.90
CA PRO G 291 -9.28 -12.31 37.24
C PRO G 291 -8.05 -12.45 38.14
N GLY G 292 -8.23 -13.09 39.28
CA GLY G 292 -7.16 -13.32 40.23
C GLY G 292 -6.32 -12.11 40.58
N LEU G 293 -5.40 -12.29 41.53
CA LEU G 293 -4.50 -11.22 41.95
C LEU G 293 -3.28 -11.39 41.07
N VAL G 294 -2.23 -10.61 41.32
CA VAL G 294 -1.02 -10.70 40.51
C VAL G 294 0.27 -10.70 41.33
N ALA G 295 1.22 -11.53 40.94
CA ALA G 295 2.49 -11.58 41.65
C ALA G 295 3.25 -10.33 41.25
N ASP G 296 4.55 -10.31 41.53
CA ASP G 296 5.34 -9.13 41.19
C ASP G 296 6.43 -9.63 40.25
N SER G 297 7.55 -9.99 40.86
CA SER G 297 8.71 -10.52 40.16
C SER G 297 9.04 -11.81 40.91
N LEU G 298 7.99 -12.56 41.22
CA LEU G 298 8.13 -13.82 41.93
C LEU G 298 7.82 -14.98 41.00
N SER G 299 8.70 -15.99 41.02
CA SER G 299 8.51 -17.18 40.19
C SER G 299 7.37 -18.00 40.75
N PRO G 300 6.71 -18.79 39.88
CA PRO G 300 5.60 -19.62 40.35
C PRO G 300 6.03 -20.49 41.53
N ALA G 301 7.33 -20.78 41.61
CA ALA G 301 7.87 -21.58 42.70
C ALA G 301 7.86 -20.81 43.99
N LYS G 302 8.25 -19.55 43.94
CA LYS G 302 8.31 -18.72 45.13
C LYS G 302 6.95 -18.12 45.52
N SER G 303 6.05 -18.02 44.56
CA SER G 303 4.73 -17.50 44.87
C SER G 303 3.97 -18.55 45.67
N ARG G 304 4.31 -19.83 45.46
CA ARG G 304 3.62 -20.91 46.17
C ARG G 304 4.18 -21.04 47.57
N ILE G 305 4.87 -20.01 48.02
CA ILE G 305 5.43 -20.04 49.37
C ILE G 305 4.92 -18.83 50.11
N LEU G 306 4.93 -17.70 49.43
CA LEU G 306 4.45 -16.48 50.03
C LEU G 306 2.95 -16.69 50.27
N LEU G 307 2.27 -17.24 49.27
CA LEU G 307 0.84 -17.47 49.39
C LEU G 307 0.53 -18.43 50.53
N MET G 308 1.23 -19.56 50.60
CA MET G 308 1.00 -20.50 51.68
C MET G 308 1.01 -19.77 53.02
N LEU G 309 2.09 -19.03 53.25
CA LEU G 309 2.26 -18.30 54.49
C LEU G 309 1.29 -17.13 54.65
N ALA G 310 0.88 -16.53 53.56
CA ALA G 310 -0.04 -15.41 53.66
C ALA G 310 -1.41 -15.92 54.05
N LEU G 311 -1.66 -17.20 53.78
CA LEU G 311 -2.95 -17.78 54.09
C LEU G 311 -3.10 -18.16 55.56
N THR G 312 -2.11 -17.83 56.37
CA THR G 312 -2.20 -18.14 57.79
C THR G 312 -2.12 -16.86 58.61
N LYS G 313 -2.68 -15.78 58.06
CA LYS G 313 -2.71 -14.48 58.70
C LYS G 313 -4.03 -13.84 58.36
N THR G 314 -4.44 -14.01 57.11
CA THR G 314 -5.68 -13.44 56.60
C THR G 314 -6.14 -14.18 55.36
N THR G 315 -7.33 -13.81 54.89
CA THR G 315 -7.89 -14.40 53.70
C THR G 315 -8.35 -13.24 52.81
N ASN G 316 -8.08 -12.02 53.24
CA ASN G 316 -8.50 -10.87 52.46
C ASN G 316 -7.57 -10.53 51.31
N PRO G 317 -8.13 -10.49 50.09
CA PRO G 317 -7.44 -10.17 48.84
C PRO G 317 -6.54 -8.93 48.90
N ALA G 318 -7.17 -7.78 49.12
CA ALA G 318 -6.45 -6.51 49.19
C ALA G 318 -5.21 -6.57 50.06
N VAL G 319 -5.31 -7.27 51.18
CA VAL G 319 -4.19 -7.38 52.09
C VAL G 319 -3.12 -8.28 51.52
N ILE G 320 -3.51 -9.35 50.81
CA ILE G 320 -2.55 -10.29 50.22
C ILE G 320 -1.82 -9.62 49.07
N GLN G 321 -2.59 -8.95 48.23
CA GLN G 321 -2.00 -8.26 47.10
C GLN G 321 -0.85 -7.36 47.54
N ASP G 322 -1.01 -6.75 48.70
CA ASP G 322 -0.02 -5.84 49.27
C ASP G 322 1.22 -6.62 49.68
N TYR G 323 1.03 -7.86 50.11
CA TYR G 323 2.14 -8.72 50.54
C TYR G 323 3.18 -8.98 49.42
N PHE G 324 2.69 -9.33 48.23
CA PHE G 324 3.56 -9.63 47.11
C PHE G 324 4.34 -8.41 46.61
N HIS G 325 3.81 -7.23 46.83
CA HIS G 325 4.47 -6.01 46.41
C HIS G 325 5.53 -5.55 47.42
N ALA G 326 5.60 -6.19 48.58
CA ALA G 326 6.56 -5.77 49.61
C ALA G 326 7.64 -6.78 50.03
N TYR G 327 7.34 -8.07 49.95
CA TYR G 327 8.32 -9.11 50.30
C TYR G 327 9.03 -9.61 49.06
N ASN H 3 42.72 -49.68 16.52
CA ASN H 3 42.24 -49.77 17.92
C ASN H 3 41.71 -48.43 18.43
N LEU H 4 42.61 -47.51 18.80
CA LEU H 4 42.20 -46.20 19.30
C LEU H 4 42.96 -45.03 18.69
N PRO H 5 42.23 -43.97 18.35
CA PRO H 5 42.78 -42.74 17.74
C PRO H 5 44.10 -42.29 18.37
N ASN H 6 45.05 -41.89 17.54
CA ASN H 6 46.34 -41.41 18.04
C ASN H 6 46.27 -39.89 18.12
N ILE H 7 46.12 -39.36 19.33
CA ILE H 7 46.04 -37.92 19.49
C ILE H 7 47.26 -37.34 20.19
N VAL H 8 47.76 -36.25 19.61
CA VAL H 8 48.94 -35.55 20.11
C VAL H 8 48.54 -34.36 20.96
N ILE H 9 49.36 -34.04 21.96
CA ILE H 9 49.08 -32.91 22.83
C ILE H 9 50.32 -32.04 23.06
N LEU H 10 50.37 -30.92 22.35
CA LEU H 10 51.47 -29.97 22.47
C LEU H 10 51.24 -29.04 23.65
N ALA H 11 52.23 -28.99 24.55
CA ALA H 11 52.14 -28.16 25.73
C ALA H 11 53.02 -26.93 25.60
N THR H 12 52.50 -25.78 25.99
CA THR H 12 53.26 -24.54 25.91
C THR H 12 53.32 -23.91 27.30
N GLY H 13 53.29 -24.76 28.33
CA GLY H 13 53.29 -24.26 29.69
C GLY H 13 51.84 -23.92 29.98
N GLY H 14 51.60 -22.82 30.69
CA GLY H 14 50.23 -22.43 30.98
C GLY H 14 49.78 -22.50 32.43
N THR H 15 48.51 -22.23 32.67
CA THR H 15 47.93 -22.25 34.01
C THR H 15 47.30 -23.60 34.38
N ILE H 16 47.19 -24.49 33.38
CA ILE H 16 46.63 -25.83 33.58
C ILE H 16 47.79 -26.78 33.93
N ALA H 17 48.98 -26.20 33.96
CA ALA H 17 50.20 -26.92 34.28
C ALA H 17 51.03 -26.02 35.20
N GLY H 18 50.58 -25.84 36.43
CA GLY H 18 51.30 -24.99 37.36
C GLY H 18 50.90 -25.15 38.81
N SER H 19 51.86 -25.53 39.65
CA SER H 19 51.62 -25.74 41.07
C SER H 19 51.66 -24.44 41.85
N ALA H 20 50.71 -24.29 42.78
CA ALA H 20 50.62 -23.10 43.61
C ALA H 20 51.51 -23.28 44.85
N ALA H 21 51.89 -22.17 45.47
CA ALA H 21 52.74 -22.21 46.65
C ALA H 21 52.17 -23.07 47.77
N ALA H 22 51.08 -22.62 48.37
CA ALA H 22 50.46 -23.36 49.48
C ALA H 22 49.41 -24.37 49.02
N ASN H 23 48.29 -24.42 49.74
CA ASN H 23 47.19 -25.35 49.45
C ASN H 23 45.99 -24.64 48.82
N THR H 24 45.21 -23.97 49.66
CA THR H 24 44.01 -23.25 49.20
C THR H 24 44.35 -22.05 48.34
N GLN H 25 45.58 -21.99 47.86
CA GLN H 25 46.03 -20.87 47.01
C GLN H 25 45.52 -20.95 45.57
N THR H 26 44.76 -19.94 45.16
CA THR H 26 44.23 -19.85 43.80
C THR H 26 44.64 -18.52 43.17
N THR H 27 45.83 -18.04 43.54
CA THR H 27 46.36 -16.77 43.03
C THR H 27 47.88 -16.75 42.99
N GLY H 28 48.51 -16.90 44.15
CA GLY H 28 49.96 -16.90 44.20
C GLY H 28 50.50 -18.24 43.74
N TYR H 29 50.61 -18.41 42.42
CA TYR H 29 51.09 -19.66 41.85
C TYR H 29 52.09 -19.48 40.71
N LYS H 30 52.17 -20.50 39.86
CA LYS H 30 53.05 -20.52 38.70
C LYS H 30 52.21 -20.88 37.47
N ALA H 31 52.25 -20.06 36.43
CA ALA H 31 51.46 -20.33 35.22
C ALA H 31 52.33 -20.80 34.04
N GLY H 32 52.95 -21.97 34.18
CA GLY H 32 53.78 -22.50 33.12
C GLY H 32 54.84 -23.52 33.54
N ALA H 33 54.99 -23.72 34.85
CA ALA H 33 55.97 -24.65 35.39
C ALA H 33 55.40 -26.01 35.81
N LEU H 34 55.49 -26.99 34.91
CA LEU H 34 54.98 -28.34 35.15
C LEU H 34 55.12 -29.18 33.88
N GLY H 35 55.88 -30.27 33.97
CA GLY H 35 56.11 -31.16 32.84
C GLY H 35 54.86 -31.61 32.10
N VAL H 36 55.03 -32.01 30.85
CA VAL H 36 53.93 -32.47 30.01
C VAL H 36 53.66 -33.96 30.27
N GLU H 37 54.41 -34.53 31.20
CA GLU H 37 54.25 -35.94 31.54
C GLU H 37 53.57 -36.09 32.90
N THR H 38 53.87 -35.16 33.82
CA THR H 38 53.27 -35.20 35.16
C THR H 38 51.77 -35.03 35.04
N LEU H 39 51.34 -34.29 34.02
CA LEU H 39 49.93 -34.06 33.78
C LEU H 39 49.39 -35.08 32.80
N ILE H 40 49.77 -36.33 32.99
CA ILE H 40 49.32 -37.43 32.15
C ILE H 40 48.71 -38.48 33.07
N GLN H 41 49.37 -38.68 34.21
CA GLN H 41 48.93 -39.63 35.21
C GLN H 41 47.76 -39.05 36.00
N ALA H 42 47.63 -37.73 35.97
CA ALA H 42 46.55 -37.03 36.66
C ALA H 42 45.19 -37.63 36.31
N VAL H 43 44.93 -37.74 35.01
CA VAL H 43 43.68 -38.32 34.54
C VAL H 43 44.04 -39.67 33.93
N PRO H 44 43.87 -40.75 34.70
CA PRO H 44 44.19 -42.08 34.17
C PRO H 44 43.02 -42.70 33.39
N GLU H 45 42.03 -41.86 33.07
CA GLU H 45 40.85 -42.29 32.35
C GLU H 45 40.99 -42.10 30.85
N LEU H 46 41.14 -40.85 30.44
CA LEU H 46 41.27 -40.48 29.04
C LEU H 46 42.16 -41.39 28.19
N LYS H 47 43.00 -42.20 28.83
CA LYS H 47 43.87 -43.12 28.07
C LYS H 47 42.97 -44.27 27.60
N THR H 48 41.71 -44.18 27.99
CA THR H 48 40.70 -45.16 27.61
C THR H 48 39.86 -44.51 26.51
N LEU H 49 40.30 -43.33 26.09
CA LEU H 49 39.65 -42.54 25.05
C LEU H 49 40.43 -42.64 23.74
N ALA H 50 41.75 -42.69 23.85
CA ALA H 50 42.62 -42.76 22.69
C ALA H 50 44.09 -42.86 23.11
N ASN H 51 44.97 -43.04 22.13
CA ASN H 51 46.40 -43.14 22.41
C ASN H 51 46.97 -41.73 22.48
N ILE H 52 47.39 -41.36 23.68
CA ILE H 52 47.93 -40.04 23.93
C ILE H 52 49.44 -40.04 23.77
N LYS H 53 50.01 -38.84 23.69
CA LYS H 53 51.45 -38.66 23.52
C LYS H 53 51.71 -37.15 23.48
N GLY H 54 52.63 -36.68 24.31
CA GLY H 54 52.94 -35.26 24.36
C GLY H 54 54.25 -34.82 23.74
N GLU H 55 54.50 -33.51 23.78
CA GLU H 55 55.71 -32.93 23.21
C GLU H 55 55.85 -31.49 23.71
N GLN H 56 56.70 -31.28 24.70
CA GLN H 56 56.89 -29.94 25.26
C GLN H 56 57.48 -28.95 24.25
N VAL H 57 56.63 -28.16 23.61
CA VAL H 57 57.13 -27.19 22.64
C VAL H 57 57.83 -26.02 23.34
N ALA H 58 57.26 -25.49 24.41
CA ALA H 58 57.89 -24.38 25.12
C ALA H 58 57.27 -24.17 26.49
N SER H 59 58.11 -24.00 27.50
CA SER H 59 57.63 -23.79 28.85
C SER H 59 57.57 -22.29 29.14
N ILE H 60 56.39 -21.71 28.98
CA ILE H 60 56.20 -20.28 29.21
C ILE H 60 54.82 -20.00 29.79
N GLY H 61 54.62 -18.77 30.26
CA GLY H 61 53.34 -18.38 30.85
C GLY H 61 52.51 -17.48 29.94
N SER H 62 51.24 -17.83 29.81
CA SER H 62 50.26 -17.11 28.98
C SER H 62 50.60 -15.68 28.54
N GLU H 63 50.98 -14.84 29.50
CA GLU H 63 51.27 -13.43 29.22
C GLU H 63 52.56 -13.03 28.48
N ASN H 64 53.54 -13.92 28.40
CA ASN H 64 54.76 -13.55 27.70
C ASN H 64 54.87 -14.22 26.33
N MET H 65 53.77 -14.84 25.91
CA MET H 65 53.68 -15.53 24.63
C MET H 65 53.96 -14.53 23.49
N THR H 66 54.98 -14.78 22.68
CA THR H 66 55.31 -13.90 21.56
C THR H 66 54.95 -14.49 20.20
N SER H 67 54.79 -13.63 19.21
CA SER H 67 54.44 -14.04 17.85
C SER H 67 55.40 -15.05 17.21
N ASP H 68 56.66 -15.04 17.64
CA ASP H 68 57.68 -15.95 17.12
C ASP H 68 57.32 -17.40 17.49
N VAL H 69 56.66 -17.56 18.63
CA VAL H 69 56.24 -18.86 19.10
C VAL H 69 54.99 -19.29 18.34
N LEU H 70 54.11 -18.31 18.06
CA LEU H 70 52.87 -18.57 17.33
C LEU H 70 53.21 -19.05 15.93
N LEU H 71 54.29 -18.49 15.40
CA LEU H 71 54.79 -18.85 14.10
C LEU H 71 55.23 -20.32 14.15
N THR H 72 56.32 -20.56 14.86
CA THR H 72 56.85 -21.91 15.01
C THR H 72 55.75 -22.91 15.30
N LEU H 73 54.89 -22.60 16.26
CA LEU H 73 53.81 -23.51 16.61
C LEU H 73 52.90 -23.78 15.43
N SER H 74 52.60 -22.75 14.65
CA SER H 74 51.72 -22.94 13.52
C SER H 74 52.32 -23.94 12.54
N LYS H 75 53.60 -23.80 12.23
CA LYS H 75 54.25 -24.71 11.31
C LYS H 75 54.25 -26.15 11.84
N ARG H 76 54.56 -26.32 13.12
CA ARG H 76 54.60 -27.65 13.72
C ARG H 76 53.27 -28.43 13.67
N VAL H 77 52.17 -27.71 13.79
CA VAL H 77 50.85 -28.33 13.79
C VAL H 77 50.46 -28.88 12.43
N ASN H 78 50.81 -28.13 11.40
CA ASN H 78 50.47 -28.48 10.03
C ASN H 78 51.05 -29.80 9.54
N GLU H 79 52.36 -29.96 9.69
CA GLU H 79 52.99 -31.19 9.26
C GLU H 79 52.50 -32.37 10.09
N LEU H 80 52.38 -32.14 11.40
CA LEU H 80 51.92 -33.17 12.31
C LEU H 80 50.49 -33.60 11.99
N LEU H 81 49.75 -32.71 11.32
CA LEU H 81 48.36 -33.00 10.96
C LEU H 81 48.26 -33.42 9.49
N ALA H 82 49.41 -33.56 8.86
CA ALA H 82 49.48 -33.98 7.46
C ALA H 82 49.56 -35.51 7.44
N ARG H 83 50.13 -36.06 8.52
CA ARG H 83 50.31 -37.49 8.70
C ARG H 83 48.99 -38.26 8.70
N SER H 84 49.10 -39.59 8.72
CA SER H 84 47.94 -40.46 8.74
C SER H 84 47.88 -41.16 10.09
N ASP H 85 48.99 -41.07 10.83
CA ASP H 85 49.09 -41.67 12.14
C ASP H 85 48.69 -40.61 13.17
N VAL H 86 48.07 -39.55 12.67
CA VAL H 86 47.61 -38.46 13.54
C VAL H 86 46.18 -38.03 13.21
N ASP H 87 45.28 -38.23 14.16
CA ASP H 87 43.87 -37.90 13.98
C ASP H 87 43.54 -36.45 14.34
N GLY H 88 43.94 -36.05 15.55
CA GLY H 88 43.67 -34.70 16.01
C GLY H 88 44.72 -34.27 17.01
N VAL H 89 44.51 -33.10 17.59
CA VAL H 89 45.49 -32.60 18.53
C VAL H 89 44.88 -31.64 19.57
N VAL H 90 45.47 -31.65 20.76
CA VAL H 90 45.09 -30.80 21.89
C VAL H 90 46.29 -29.91 22.20
N ILE H 91 46.04 -28.67 22.59
CA ILE H 91 47.10 -27.73 22.93
C ILE H 91 46.83 -27.10 24.29
N THR H 92 47.81 -27.15 25.19
CA THR H 92 47.66 -26.55 26.51
C THR H 92 48.26 -25.15 26.48
N HIS H 93 47.56 -24.20 27.11
CA HIS H 93 47.97 -22.80 27.09
C HIS H 93 47.47 -22.06 28.33
N GLY H 94 47.76 -20.76 28.37
CA GLY H 94 47.30 -19.93 29.47
C GLY H 94 45.92 -19.39 29.17
N THR H 95 45.42 -18.47 29.99
CA THR H 95 44.10 -17.91 29.76
C THR H 95 44.09 -16.42 29.54
N ASP H 96 45.18 -15.75 29.89
CA ASP H 96 45.24 -14.31 29.69
C ASP H 96 45.12 -13.91 28.21
N THR H 97 45.97 -14.47 27.34
CA THR H 97 45.90 -14.15 25.92
C THR H 97 45.30 -15.28 25.08
N LEU H 98 44.36 -16.02 25.68
CA LEU H 98 43.71 -17.11 24.98
C LEU H 98 42.72 -16.56 23.93
N ASP H 99 42.69 -15.23 23.82
CA ASP H 99 41.83 -14.53 22.86
C ASP H 99 42.55 -14.46 21.52
N GLU H 100 43.87 -14.45 21.58
CA GLU H 100 44.73 -14.32 20.41
C GLU H 100 45.25 -15.60 19.78
N SER H 101 45.79 -16.49 20.60
CA SER H 101 46.36 -17.68 20.07
C SER H 101 45.52 -18.57 19.14
N PRO H 102 44.36 -19.06 19.57
CA PRO H 102 43.54 -19.93 18.71
C PRO H 102 43.17 -19.32 17.36
N TYR H 103 42.55 -18.16 17.40
CA TYR H 103 42.14 -17.45 16.19
C TYR H 103 43.28 -17.31 15.14
N PHE H 104 44.54 -17.20 15.59
CA PHE H 104 45.66 -17.10 14.67
C PHE H 104 45.71 -18.45 13.93
N LEU H 105 45.76 -19.55 14.69
CA LEU H 105 45.76 -20.87 14.06
C LEU H 105 44.50 -21.10 13.26
N ASN H 106 43.40 -20.43 13.62
CA ASN H 106 42.13 -20.58 12.93
C ASN H 106 42.25 -20.10 11.49
N LEU H 107 43.24 -19.25 11.26
CA LEU H 107 43.46 -18.71 9.94
C LEU H 107 44.71 -19.28 9.23
N THR H 108 45.45 -20.17 9.89
CA THR H 108 46.65 -20.71 9.24
C THR H 108 46.76 -22.24 9.14
N VAL H 109 45.89 -22.98 9.84
CA VAL H 109 45.92 -24.44 9.79
C VAL H 109 45.16 -24.99 8.56
N LYS H 110 45.82 -25.89 7.82
CA LYS H 110 45.24 -26.49 6.62
C LYS H 110 44.81 -27.95 6.79
N SER H 111 43.65 -28.15 7.40
CA SER H 111 43.12 -29.50 7.61
C SER H 111 41.72 -29.42 8.20
N ASP H 112 40.94 -30.48 8.02
CA ASP H 112 39.60 -30.54 8.59
C ASP H 112 39.71 -31.43 9.85
N LYS H 113 40.92 -31.47 10.38
CA LYS H 113 41.20 -32.26 11.58
C LYS H 113 41.37 -31.40 12.85
N PRO H 114 40.81 -31.85 13.97
CA PRO H 114 40.81 -31.29 15.32
C PRO H 114 42.05 -30.70 15.91
N VAL H 115 41.92 -29.42 16.23
CA VAL H 115 42.97 -28.65 16.89
C VAL H 115 42.20 -27.99 18.05
N VAL H 116 42.38 -28.53 19.25
CA VAL H 116 41.68 -28.03 20.42
C VAL H 116 42.51 -27.36 21.53
N PHE H 117 42.15 -26.13 21.90
CA PHE H 117 42.83 -25.44 23.00
C PHE H 117 42.09 -25.72 24.33
N VAL H 118 42.88 -25.97 25.37
CA VAL H 118 42.40 -26.30 26.71
C VAL H 118 43.19 -25.48 27.74
N ALA H 119 42.53 -25.05 28.83
CA ALA H 119 43.21 -24.27 29.88
C ALA H 119 42.59 -24.45 31.28
N ALA H 120 43.10 -23.70 32.27
CA ALA H 120 42.57 -23.78 33.64
C ALA H 120 42.54 -22.44 34.38
N MET H 121 41.46 -22.19 35.10
CA MET H 121 41.32 -20.95 35.87
C MET H 121 41.85 -21.09 37.29
N ARG H 122 41.83 -22.31 37.83
CA ARG H 122 42.33 -22.57 39.18
C ARG H 122 43.54 -23.50 39.11
N PRO H 123 44.61 -23.18 39.86
CA PRO H 123 45.84 -23.99 39.88
C PRO H 123 45.56 -25.47 40.13
N ALA H 124 46.50 -26.31 39.73
CA ALA H 124 46.39 -27.76 39.90
C ALA H 124 46.62 -28.18 41.35
N THR H 125 46.96 -27.21 42.18
CA THR H 125 47.22 -27.46 43.58
C THR H 125 46.21 -26.67 44.42
N ALA H 126 44.93 -26.80 44.09
CA ALA H 126 43.88 -26.09 44.80
C ALA H 126 42.73 -27.00 45.22
N ILE H 127 41.79 -26.42 45.96
CA ILE H 127 40.64 -27.16 46.45
C ILE H 127 39.84 -27.84 45.34
N SER H 128 39.78 -27.24 44.16
CA SER H 128 39.04 -27.84 43.04
C SER H 128 39.54 -27.48 41.65
N ALA H 129 40.80 -27.83 41.37
CA ALA H 129 41.42 -27.56 40.08
C ALA H 129 40.55 -28.08 38.93
N ASP H 130 40.12 -27.17 38.08
CA ASP H 130 39.29 -27.50 36.95
C ASP H 130 40.08 -28.06 35.75
N GLY H 131 41.41 -28.03 35.84
CA GLY H 131 42.21 -28.56 34.76
C GLY H 131 41.84 -30.00 34.41
N PRO H 132 41.93 -30.93 35.38
CA PRO H 132 41.60 -32.33 35.11
C PRO H 132 40.38 -32.55 34.21
N MET H 133 39.20 -32.15 34.69
CA MET H 133 37.96 -32.32 33.93
C MET H 133 37.93 -31.59 32.58
N ASN H 134 38.55 -30.41 32.51
CA ASN H 134 38.61 -29.66 31.25
C ASN H 134 39.48 -30.50 30.29
N LEU H 135 40.56 -31.04 30.83
CA LEU H 135 41.47 -31.84 30.05
C LEU H 135 40.72 -33.03 29.52
N TYR H 136 40.22 -33.88 30.41
CA TYR H 136 39.49 -35.08 29.97
C TYR H 136 38.58 -34.75 28.79
N GLY H 137 37.86 -33.64 28.92
CA GLY H 137 36.93 -33.22 27.88
C GLY H 137 37.54 -32.75 26.58
N ALA H 138 38.76 -32.23 26.60
CA ALA H 138 39.43 -31.77 25.39
C ALA H 138 39.81 -32.95 24.50
N VAL H 139 40.25 -34.04 25.11
CA VAL H 139 40.64 -35.24 24.40
C VAL H 139 39.42 -35.84 23.74
N LYS H 140 38.36 -35.93 24.54
CA LYS H 140 37.08 -36.48 24.10
C LYS H 140 36.53 -35.80 22.83
N VAL H 141 36.74 -34.49 22.69
CA VAL H 141 36.22 -33.78 21.53
C VAL H 141 37.10 -33.96 20.31
N ALA H 142 38.41 -34.03 20.53
CA ALA H 142 39.35 -34.20 19.41
C ALA H 142 39.29 -35.64 18.91
N ALA H 143 39.06 -36.56 19.85
CA ALA H 143 38.99 -37.97 19.52
C ALA H 143 37.73 -38.35 18.76
N ASP H 144 36.88 -37.38 18.46
CA ASP H 144 35.65 -37.68 17.74
C ASP H 144 35.64 -37.09 16.34
N LYS H 145 35.41 -37.95 15.35
CA LYS H 145 35.39 -37.54 13.96
C LYS H 145 34.38 -36.44 13.66
N ASN H 146 33.20 -36.51 14.26
CA ASN H 146 32.16 -35.49 14.06
C ASN H 146 32.59 -34.06 14.43
N SER H 147 33.83 -33.90 14.87
CA SER H 147 34.39 -32.58 15.23
C SER H 147 35.30 -32.12 14.07
N ARG H 148 34.84 -32.30 12.84
CA ARG H 148 35.65 -31.92 11.69
C ARG H 148 35.04 -30.91 10.74
N GLY H 149 35.84 -29.94 10.34
CA GLY H 149 35.37 -28.90 9.46
C GLY H 149 34.63 -27.87 10.28
N ARG H 150 34.65 -28.05 11.60
CA ARG H 150 33.98 -27.13 12.52
C ARG H 150 34.75 -25.83 12.68
N GLY H 151 36.07 -25.92 12.64
CA GLY H 151 36.93 -24.75 12.81
C GLY H 151 37.81 -24.96 14.03
N VAL H 152 38.72 -24.05 14.32
CA VAL H 152 39.55 -24.21 15.52
C VAL H 152 38.61 -23.98 16.70
N LEU H 153 38.72 -24.79 17.75
CA LEU H 153 37.82 -24.59 18.88
C LEU H 153 38.44 -24.74 20.27
N VAL H 154 37.82 -24.04 21.22
CA VAL H 154 38.24 -23.98 22.63
C VAL H 154 37.30 -24.76 23.52
N VAL H 155 37.82 -25.31 24.61
CA VAL H 155 37.01 -26.08 25.56
C VAL H 155 37.33 -25.85 27.03
N LEU H 156 36.35 -25.28 27.74
CA LEU H 156 36.44 -25.00 29.17
C LEU H 156 35.03 -25.01 29.80
N ASN H 157 34.91 -25.67 30.95
CA ASN H 157 33.63 -25.76 31.67
C ASN H 157 32.49 -26.43 30.92
N ASP H 158 32.76 -27.59 30.32
CA ASP H 158 31.73 -28.34 29.60
C ASP H 158 31.18 -27.70 28.32
N ARG H 159 31.69 -26.53 27.95
CA ARG H 159 31.26 -25.84 26.72
C ARG H 159 32.32 -25.90 25.61
N ILE H 160 31.86 -25.93 24.37
CA ILE H 160 32.76 -25.95 23.21
C ILE H 160 32.50 -24.65 22.42
N GLY H 161 33.45 -23.72 22.47
CA GLY H 161 33.30 -22.46 21.76
C GLY H 161 34.20 -22.16 20.57
N SER H 162 33.67 -21.45 19.60
CA SER H 162 34.41 -21.08 18.40
C SER H 162 35.47 -20.03 18.69
N ALA H 163 36.69 -20.28 18.24
CA ALA H 163 37.79 -19.36 18.46
C ALA H 163 37.58 -17.99 17.83
N ARG H 164 36.51 -17.87 17.04
CA ARG H 164 36.19 -16.61 16.37
C ARG H 164 35.31 -15.69 17.21
N PHE H 165 34.62 -16.23 18.20
CA PHE H 165 33.75 -15.44 19.07
C PHE H 165 34.10 -15.49 20.56
N ILE H 166 34.70 -16.58 21.01
CA ILE H 166 35.03 -16.72 22.44
C ILE H 166 36.10 -15.73 22.91
N SER H 167 36.11 -15.49 24.22
CA SER H 167 37.07 -14.59 24.86
C SER H 167 36.85 -14.63 26.38
N LYS H 168 37.75 -13.99 27.12
CA LYS H 168 37.61 -13.93 28.57
C LYS H 168 36.80 -12.69 28.92
N THR H 169 35.60 -12.88 29.45
CA THR H 169 34.73 -11.76 29.81
C THR H 169 34.86 -11.38 31.29
N ASN H 170 35.51 -12.24 32.07
CA ASN H 170 35.70 -11.97 33.50
C ASN H 170 37.14 -12.20 33.90
N ALA H 171 37.59 -11.36 34.82
CA ALA H 171 38.95 -11.41 35.32
C ALA H 171 39.31 -12.70 36.08
N SER H 172 38.48 -13.10 37.03
CA SER H 172 38.80 -14.28 37.84
C SER H 172 37.75 -15.38 38.06
N THR H 173 36.63 -15.38 37.35
CA THR H 173 35.64 -16.42 37.58
C THR H 173 35.91 -17.69 36.77
N LEU H 174 35.29 -18.81 37.15
CA LEU H 174 35.49 -20.06 36.41
C LEU H 174 34.84 -19.99 35.04
N ASP H 175 33.55 -19.68 35.00
CA ASP H 175 32.77 -19.56 33.76
C ASP H 175 33.11 -18.30 32.96
N THR H 176 34.38 -17.91 32.97
CA THR H 176 34.79 -16.68 32.32
C THR H 176 34.60 -16.55 30.81
N PHE H 177 34.89 -17.60 30.03
CA PHE H 177 34.73 -17.52 28.56
C PHE H 177 33.31 -17.70 28.05
N LYS H 178 32.87 -16.77 27.21
CA LYS H 178 31.52 -16.82 26.65
C LYS H 178 31.30 -15.81 25.51
N ALA H 179 30.17 -15.93 24.84
CA ALA H 179 29.80 -15.05 23.72
C ALA H 179 28.30 -14.74 23.76
N PRO H 180 27.93 -13.63 24.41
CA PRO H 180 26.54 -13.19 24.55
C PRO H 180 25.70 -12.97 23.30
N GLU H 181 26.32 -12.62 22.18
CA GLU H 181 25.54 -12.38 20.98
C GLU H 181 25.56 -13.60 20.05
N GLU H 182 26.67 -14.30 20.11
CA GLU H 182 26.91 -15.49 19.31
C GLU H 182 26.36 -16.77 19.95
N GLY H 183 26.95 -17.19 21.06
CA GLY H 183 26.50 -18.39 21.75
C GLY H 183 27.63 -19.37 21.87
N TYR H 184 27.32 -20.67 22.03
CA TYR H 184 28.31 -21.74 22.12
C TYR H 184 28.03 -22.70 20.97
N LEU H 185 29.05 -23.48 20.57
CA LEU H 185 28.89 -24.45 19.48
C LEU H 185 28.43 -25.81 19.96
N GLY H 186 28.67 -26.09 21.23
CA GLY H 186 28.26 -27.36 21.79
C GLY H 186 28.61 -27.46 23.26
N VAL H 187 28.07 -28.48 23.92
CA VAL H 187 28.32 -28.70 25.34
C VAL H 187 28.72 -30.14 25.50
N ILE H 188 28.99 -30.56 26.73
CA ILE H 188 29.36 -31.95 27.03
C ILE H 188 28.62 -32.34 28.31
N ILE H 189 27.57 -33.14 28.17
CA ILE H 189 26.77 -33.58 29.31
C ILE H 189 26.65 -35.10 29.39
N GLY H 190 26.60 -35.62 30.61
CA GLY H 190 26.50 -37.05 30.79
C GLY H 190 27.83 -37.65 30.40
N ASP H 191 28.00 -37.89 29.10
CA ASP H 191 29.24 -38.42 28.58
C ASP H 191 29.15 -38.27 27.08
N LYS H 192 28.16 -37.48 26.65
CA LYS H 192 27.91 -37.24 25.24
C LYS H 192 28.33 -35.85 24.78
N ILE H 193 28.33 -35.66 23.47
CA ILE H 193 28.67 -34.39 22.86
C ILE H 193 27.36 -33.91 22.23
N TYR H 194 27.15 -32.59 22.25
CA TYR H 194 25.93 -32.00 21.69
C TYR H 194 26.25 -30.76 20.85
N TYR H 195 26.28 -30.93 19.53
CA TYR H 195 26.56 -29.80 18.64
C TYR H 195 25.27 -29.09 18.26
N GLN H 196 25.25 -27.79 18.51
CA GLN H 196 24.10 -26.94 18.27
C GLN H 196 24.23 -26.04 17.03
N THR H 197 25.31 -25.28 16.95
CA THR H 197 25.51 -24.35 15.84
C THR H 197 26.80 -24.56 15.04
N ARG H 198 26.93 -23.82 13.94
CA ARG H 198 28.10 -23.88 13.08
C ARG H 198 28.46 -22.48 12.55
N LEU H 199 29.73 -22.09 12.69
CA LEU H 199 30.23 -20.79 12.25
C LEU H 199 29.91 -20.54 10.76
N ASP H 200 29.63 -19.28 10.43
CA ASP H 200 29.32 -18.89 9.06
C ASP H 200 30.31 -17.85 8.52
N LYS H 201 31.61 -18.16 8.59
CA LYS H 201 32.69 -17.27 8.13
C LYS H 201 33.86 -18.11 7.59
N VAL H 202 34.73 -17.53 6.76
CA VAL H 202 35.86 -18.31 6.25
C VAL H 202 36.83 -18.74 7.36
N HIS H 203 37.26 -20.01 7.31
CA HIS H 203 38.20 -20.54 8.30
C HIS H 203 39.05 -21.72 7.79
N THR H 204 40.00 -22.15 8.60
CA THR H 204 40.89 -23.28 8.27
C THR H 204 41.26 -23.53 6.80
N THR H 205 40.82 -24.66 6.25
CA THR H 205 41.14 -25.03 4.88
C THR H 205 40.75 -24.03 3.79
N ARG H 206 39.83 -23.12 4.09
CA ARG H 206 39.41 -22.12 3.09
C ARG H 206 40.14 -20.77 3.23
N SER H 207 41.10 -20.72 4.15
CA SER H 207 41.88 -19.50 4.37
C SER H 207 42.91 -19.36 3.27
N VAL H 208 43.23 -18.13 2.92
CA VAL H 208 44.23 -17.92 1.89
C VAL H 208 45.59 -17.81 2.55
N PHE H 209 45.68 -16.97 3.57
CA PHE H 209 46.92 -16.76 4.31
C PHE H 209 47.64 -18.10 4.53
N ASP H 210 48.95 -18.09 4.29
CA ASP H 210 49.79 -19.27 4.46
C ASP H 210 51.15 -18.82 4.97
N VAL H 211 51.42 -19.14 6.23
CA VAL H 211 52.67 -18.74 6.88
C VAL H 211 53.74 -19.84 6.84
N THR H 212 53.81 -20.58 5.74
CA THR H 212 54.77 -21.65 5.61
C THR H 212 56.17 -21.16 5.24
N ASN H 213 56.25 -20.10 4.45
CA ASN H 213 57.54 -19.54 4.06
C ASN H 213 57.68 -18.13 4.58
N VAL H 214 57.41 -17.96 5.87
CA VAL H 214 57.48 -16.65 6.50
C VAL H 214 58.46 -16.64 7.67
N ASP H 215 59.40 -15.69 7.65
CA ASP H 215 60.40 -15.56 8.71
C ASP H 215 59.83 -14.90 9.95
N LYS H 216 59.38 -13.66 9.82
CA LYS H 216 58.77 -12.96 10.95
C LYS H 216 57.58 -12.16 10.46
N LEU H 217 56.71 -11.74 11.38
CA LEU H 217 55.51 -10.99 11.02
C LEU H 217 55.67 -9.49 11.16
N PRO H 218 54.68 -8.73 10.67
CA PRO H 218 54.72 -7.26 10.74
C PRO H 218 54.44 -6.77 12.16
N ALA H 219 54.18 -5.47 12.30
CA ALA H 219 53.91 -4.90 13.61
C ALA H 219 52.63 -4.06 13.62
N VAL H 220 51.83 -4.27 14.66
CA VAL H 220 50.60 -3.51 14.81
C VAL H 220 50.42 -3.19 16.28
N ASP H 221 49.93 -1.99 16.56
CA ASP H 221 49.69 -1.56 17.91
C ASP H 221 48.19 -1.46 18.19
N ILE H 222 47.88 -1.10 19.42
CA ILE H 222 46.51 -0.95 19.85
C ILE H 222 46.51 0.27 20.74
N ILE H 223 45.76 1.29 20.37
CA ILE H 223 45.69 2.50 21.16
C ILE H 223 44.26 2.61 21.67
N TYR H 224 44.12 2.76 22.98
CA TYR H 224 42.81 2.86 23.61
C TYR H 224 42.24 4.24 23.37
N GLY H 225 40.93 4.37 23.48
CA GLY H 225 40.30 5.66 23.32
C GLY H 225 39.61 6.08 24.61
N TYR H 226 39.57 7.37 24.91
CA TYR H 226 38.90 7.85 26.11
C TYR H 226 38.72 9.36 26.14
N GLN H 227 38.04 9.87 27.16
CA GLN H 227 37.77 11.30 27.24
C GLN H 227 38.88 12.31 26.92
N ASP H 228 40.04 12.22 27.57
CA ASP H 228 41.11 13.18 27.28
C ASP H 228 42.31 12.55 26.57
N ASP H 229 42.05 11.60 25.66
CA ASP H 229 43.11 10.90 24.95
C ASP H 229 44.19 11.80 24.35
N PRO H 230 45.47 11.41 24.55
CA PRO H 230 46.70 12.07 24.10
C PRO H 230 47.02 11.78 22.63
N GLU H 231 47.19 12.83 21.83
CA GLU H 231 47.49 12.62 20.41
C GLU H 231 48.96 12.23 20.22
N TYR H 232 49.77 12.41 21.25
CA TYR H 232 51.18 12.07 21.16
C TYR H 232 51.45 10.57 21.17
N MET H 233 50.45 9.79 21.55
CA MET H 233 50.61 8.35 21.60
C MET H 233 50.70 7.81 20.17
N TYR H 234 50.04 8.49 19.24
CA TYR H 234 50.11 8.06 17.85
C TYR H 234 51.53 8.29 17.32
N ASP H 235 52.08 9.48 17.57
CA ASP H 235 53.44 9.81 17.13
C ASP H 235 54.40 8.70 17.50
N ALA H 236 54.29 8.20 18.73
CA ALA H 236 55.15 7.13 19.19
C ALA H 236 55.26 6.00 18.14
N SER H 237 54.20 5.24 17.94
CA SER H 237 54.16 4.14 16.98
C SER H 237 54.76 4.49 15.61
N ILE H 238 54.42 5.68 15.10
CA ILE H 238 54.92 6.12 13.82
C ILE H 238 56.43 6.26 13.89
N LYS H 239 56.93 6.73 15.03
CA LYS H 239 58.35 6.91 15.23
C LYS H 239 59.11 5.58 15.22
N HIS H 240 58.42 4.47 15.47
CA HIS H 240 59.10 3.19 15.45
C HIS H 240 58.72 2.39 14.20
N GLY H 241 58.02 3.03 13.29
CA GLY H 241 57.63 2.38 12.04
C GLY H 241 56.78 1.12 12.19
N VAL H 242 55.47 1.31 12.29
CA VAL H 242 54.54 0.21 12.42
C VAL H 242 53.80 0.12 11.10
N LYS H 243 53.32 -1.06 10.75
CA LYS H 243 52.58 -1.21 9.51
C LYS H 243 51.09 -1.04 9.74
N GLY H 244 50.64 -1.35 10.96
CA GLY H 244 49.22 -1.23 11.26
C GLY H 244 48.95 -0.72 12.66
N ILE H 245 47.70 -0.33 12.90
CA ILE H 245 47.28 0.20 14.19
C ILE H 245 45.80 0.00 14.48
N VAL H 246 45.49 -0.85 15.46
CA VAL H 246 44.09 -1.08 15.82
C VAL H 246 43.65 0.00 16.81
N TYR H 247 42.41 0.48 16.69
CA TYR H 247 41.92 1.51 17.59
C TYR H 247 40.72 1.08 18.41
N ALA H 248 40.94 0.96 19.72
CA ALA H 248 39.90 0.58 20.66
C ALA H 248 38.99 1.80 20.82
N GLY H 249 38.00 1.90 19.93
CA GLY H 249 37.08 3.02 19.92
C GLY H 249 36.17 3.14 21.13
N MET H 250 35.76 4.37 21.42
CA MET H 250 34.91 4.67 22.56
C MET H 250 33.48 4.15 22.48
N GLY H 251 32.86 4.28 21.32
CA GLY H 251 31.51 3.78 21.20
C GLY H 251 31.51 2.79 20.07
N ALA H 252 30.97 3.21 18.94
CA ALA H 252 30.95 2.37 17.76
C ALA H 252 32.19 2.78 16.96
N GLY H 253 33.33 2.79 17.65
CA GLY H 253 34.60 3.14 17.03
C GLY H 253 34.82 4.63 16.83
N SER H 254 33.99 5.45 17.45
CA SER H 254 34.12 6.89 17.31
C SER H 254 35.55 7.39 17.58
N VAL H 255 35.81 8.65 17.24
CA VAL H 255 37.11 9.27 17.43
C VAL H 255 36.89 10.72 17.82
N SER H 256 37.71 11.22 18.75
CA SER H 256 37.58 12.61 19.18
C SER H 256 38.43 13.46 18.23
N LYS H 257 38.43 14.77 18.44
CA LYS H 257 39.21 15.69 17.62
C LYS H 257 40.67 15.29 17.75
N ARG H 258 41.10 15.03 18.97
CA ARG H 258 42.49 14.63 19.21
C ARG H 258 42.78 13.33 18.48
N GLY H 259 41.87 12.37 18.61
CA GLY H 259 42.04 11.08 17.97
C GLY H 259 41.98 11.14 16.46
N ASP H 260 41.06 11.96 15.95
CA ASP H 260 40.87 12.14 14.52
C ASP H 260 42.17 12.57 13.84
N ALA H 261 42.65 13.75 14.20
CA ALA H 261 43.88 14.27 13.64
C ALA H 261 45.07 13.38 13.96
N GLY H 262 44.89 12.42 14.85
CA GLY H 262 45.97 11.52 15.20
C GLY H 262 46.06 10.40 14.19
N ILE H 263 44.90 9.87 13.79
CA ILE H 263 44.82 8.78 12.83
C ILE H 263 45.08 9.32 11.44
N ARG H 264 44.54 10.50 11.17
CA ARG H 264 44.69 11.14 9.87
C ARG H 264 46.15 11.25 9.44
N LYS H 265 47.05 11.62 10.35
CA LYS H 265 48.46 11.75 9.97
C LYS H 265 49.24 10.43 9.94
N ALA H 266 48.70 9.41 10.59
CA ALA H 266 49.34 8.09 10.58
C ALA H 266 49.09 7.47 9.21
N GLU H 267 47.93 7.78 8.64
CA GLU H 267 47.53 7.27 7.33
C GLU H 267 48.48 7.76 6.23
N SER H 268 49.05 8.93 6.44
CA SER H 268 49.95 9.53 5.45
C SER H 268 51.32 8.86 5.34
N LYS H 269 51.68 8.07 6.34
CA LYS H 269 52.97 7.39 6.33
C LYS H 269 52.85 6.03 5.66
N GLY H 270 51.61 5.62 5.41
CA GLY H 270 51.34 4.35 4.77
C GLY H 270 50.94 3.26 5.76
N ILE H 271 50.52 3.67 6.94
CA ILE H 271 50.12 2.72 7.97
C ILE H 271 48.62 2.51 7.97
N VAL H 272 48.18 1.26 7.86
CA VAL H 272 46.75 0.97 7.87
C VAL H 272 46.19 1.00 9.28
N VAL H 273 45.09 1.70 9.47
CA VAL H 273 44.46 1.78 10.78
C VAL H 273 43.07 1.16 10.70
N VAL H 274 42.65 0.53 11.79
CA VAL H 274 41.33 -0.09 11.83
C VAL H 274 40.62 0.39 13.08
N ARG H 275 39.33 0.69 12.96
CA ARG H 275 38.56 1.16 14.09
C ARG H 275 37.75 0.03 14.75
N SER H 276 38.09 -0.32 15.99
CA SER H 276 37.36 -1.36 16.72
C SER H 276 36.60 -0.73 17.92
N SER H 277 36.39 -1.48 19.00
CA SER H 277 35.65 -0.95 20.14
C SER H 277 35.98 -1.53 21.52
N ARG H 278 35.99 -0.65 22.53
CA ARG H 278 36.28 -1.07 23.90
C ARG H 278 35.05 -1.66 24.63
N THR H 279 33.89 -1.68 23.97
CA THR H 279 32.70 -2.23 24.62
C THR H 279 32.75 -3.75 24.77
N GLY H 280 33.30 -4.44 23.77
CA GLY H 280 33.45 -5.88 23.86
C GLY H 280 32.48 -6.81 23.13
N SER H 281 31.55 -6.24 22.35
CA SER H 281 30.57 -7.03 21.61
C SER H 281 29.79 -6.08 20.72
N GLY H 282 29.33 -6.55 19.57
CA GLY H 282 28.57 -5.68 18.69
C GLY H 282 29.35 -5.20 17.48
N ILE H 283 28.62 -4.67 16.51
CA ILE H 283 29.21 -4.19 15.27
C ILE H 283 29.58 -2.71 15.22
N VAL H 284 30.63 -2.40 14.46
CA VAL H 284 31.08 -1.03 14.25
C VAL H 284 30.71 -0.78 12.79
N PRO H 285 29.76 0.13 12.55
CA PRO H 285 29.27 0.49 11.21
C PRO H 285 30.13 1.43 10.35
N PRO H 286 30.02 1.26 9.02
CA PRO H 286 30.71 2.01 7.97
C PRO H 286 30.25 3.47 8.00
N ASP H 287 31.17 4.38 8.31
CA ASP H 287 30.86 5.80 8.36
C ASP H 287 31.89 6.57 7.55
N ALA H 288 31.49 6.97 6.34
CA ALA H 288 32.37 7.69 5.41
C ALA H 288 32.86 9.02 5.94
N GLY H 289 32.22 9.52 6.99
CA GLY H 289 32.62 10.78 7.58
C GLY H 289 33.66 10.59 8.66
N GLN H 290 34.40 9.48 8.58
CA GLN H 290 35.45 9.14 9.54
C GLN H 290 36.59 8.32 8.91
N PRO H 291 37.83 8.48 9.44
CA PRO H 291 39.08 7.83 9.01
C PRO H 291 39.11 6.32 9.23
N GLY H 292 40.26 5.75 8.92
CA GLY H 292 40.49 4.32 9.09
C GLY H 292 39.41 3.39 8.57
N LEU H 293 39.74 2.09 8.49
CA LEU H 293 38.79 1.09 8.04
C LEU H 293 38.01 0.68 9.30
N VAL H 294 37.06 -0.24 9.17
CA VAL H 294 36.29 -0.65 10.34
C VAL H 294 36.23 -2.18 10.55
N ALA H 295 36.55 -2.63 11.76
CA ALA H 295 36.53 -4.06 12.11
C ALA H 295 35.10 -4.34 12.59
N ASP H 296 34.27 -4.92 11.75
CA ASP H 296 32.88 -5.10 12.14
C ASP H 296 32.62 -5.75 13.48
N SER H 297 32.44 -7.06 13.53
CA SER H 297 32.15 -7.71 14.81
C SER H 297 33.37 -8.30 15.48
N LEU H 298 34.56 -7.85 15.08
CA LEU H 298 35.81 -8.34 15.66
C LEU H 298 36.32 -7.41 16.75
N SER H 299 36.95 -7.98 17.77
CA SER H 299 37.51 -7.22 18.89
C SER H 299 38.91 -6.69 18.62
N PRO H 300 39.39 -5.74 19.43
CA PRO H 300 40.73 -5.15 19.31
C PRO H 300 41.86 -6.17 19.24
N ALA H 301 41.71 -7.26 19.99
CA ALA H 301 42.71 -8.32 20.05
C ALA H 301 42.74 -9.19 18.79
N LYS H 302 41.58 -9.74 18.46
CA LYS H 302 41.43 -10.59 17.27
C LYS H 302 41.81 -9.76 16.04
N SER H 303 41.37 -8.50 16.02
CA SER H 303 41.64 -7.60 14.91
C SER H 303 43.13 -7.41 14.72
N ARG H 304 43.88 -7.33 15.80
CA ARG H 304 45.32 -7.15 15.68
C ARG H 304 45.95 -8.38 15.02
N ILE H 305 45.29 -9.52 15.16
CA ILE H 305 45.78 -10.73 14.56
C ILE H 305 45.40 -10.77 13.08
N LEU H 306 44.17 -10.37 12.74
CA LEU H 306 43.75 -10.37 11.34
C LEU H 306 44.51 -9.30 10.55
N LEU H 307 44.95 -8.23 11.21
CA LEU H 307 45.67 -7.17 10.52
C LEU H 307 47.11 -7.51 10.19
N MET H 308 47.72 -8.36 11.01
CA MET H 308 49.12 -8.75 10.76
C MET H 308 49.19 -9.64 9.55
N LEU H 309 48.45 -10.73 9.62
CA LEU H 309 48.44 -11.72 8.55
C LEU H 309 48.15 -11.13 7.17
N ALA H 310 47.06 -10.39 7.05
CA ALA H 310 46.70 -9.78 5.77
C ALA H 310 47.77 -8.85 5.21
N LEU H 311 48.62 -8.29 6.07
CA LEU H 311 49.67 -7.37 5.62
C LEU H 311 50.85 -8.11 5.02
N THR H 312 50.74 -9.43 4.96
CA THR H 312 51.78 -10.26 4.40
C THR H 312 51.37 -10.59 2.98
N LYS H 313 50.19 -10.14 2.58
CA LYS H 313 49.66 -10.39 1.25
C LYS H 313 49.10 -9.21 0.50
N THR H 314 49.12 -8.02 1.09
CA THR H 314 48.57 -6.83 0.43
C THR H 314 48.77 -5.59 1.27
N THR H 315 48.29 -4.47 0.75
CA THR H 315 48.37 -3.19 1.43
C THR H 315 47.18 -2.37 0.93
N ASN H 316 46.50 -2.93 -0.06
CA ASN H 316 45.33 -2.28 -0.63
C ASN H 316 44.20 -2.20 0.37
N PRO H 317 43.90 -0.99 0.85
CA PRO H 317 42.82 -0.81 1.83
C PRO H 317 41.49 -1.38 1.32
N ALA H 318 41.35 -1.42 0.00
CA ALA H 318 40.15 -1.93 -0.63
C ALA H 318 39.94 -3.41 -0.33
N VAL H 319 41.01 -4.19 -0.34
CA VAL H 319 40.90 -5.63 -0.06
C VAL H 319 40.74 -5.92 1.41
N ILE H 320 41.64 -5.41 2.22
CA ILE H 320 41.62 -5.61 3.66
C ILE H 320 40.18 -5.46 4.18
N GLN H 321 39.56 -4.33 3.85
CA GLN H 321 38.19 -4.07 4.27
C GLN H 321 37.24 -5.19 3.83
N ASP H 322 37.75 -6.21 3.16
CA ASP H 322 36.91 -7.32 2.74
C ASP H 322 37.19 -8.55 3.60
N TYR H 323 38.34 -8.57 4.26
CA TYR H 323 38.66 -9.70 5.12
C TYR H 323 37.93 -9.52 6.43
N PHE H 324 37.94 -8.31 6.95
CA PHE H 324 37.26 -8.05 8.21
C PHE H 324 35.78 -8.42 8.15
N HIS H 325 35.17 -8.24 6.98
CA HIS H 325 33.75 -8.58 6.82
C HIS H 325 33.55 -10.07 6.54
N ALA H 326 34.57 -10.71 5.94
CA ALA H 326 34.49 -12.13 5.57
C ALA H 326 34.97 -13.15 6.61
N TYR H 327 36.02 -12.82 7.35
CA TYR H 327 36.54 -13.75 8.34
C TYR H 327 36.04 -13.46 9.75
#